data_3NNE
#
_entry.id   3NNE
#
_cell.length_a   69.258
_cell.length_b   346.029
_cell.length_c   105.919
_cell.angle_alpha   90.00
_cell.angle_beta   94.33
_cell.angle_gamma   90.00
#
_symmetry.space_group_name_H-M   'P 1 21 1'
#
loop_
_entity.id
_entity.type
_entity.pdbx_description
1 polymer 'Choline oxidase'
2 non-polymer 'FLAVIN-ADENINE DINUCLEOTIDE'
3 non-polymer 'ACETATE ION'
4 water water
#
_entity_poly.entity_id   1
_entity_poly.type   'polypeptide(L)'
_entity_poly.pdbx_seq_one_letter_code
;MHIDNIENLSDREFDYIVVGGGSAGAAVAARLSEDPAVSVALVEAGPDDRGVPEVLQLDRWMELLESGYDWDYPIEPQEN
GNSFMRHARAKVMGGCSSHNACIAFWAPREDLDEWEAKYGATGWNAEAAWPLYKRLETNEDAGPDAPHHGDSGPVHLMNV
PPKDPTGVALLDACEQAGIPRAKFNTGTTVVNGANFFQINRRADGTRSSSSVSYIHPIVEQENFTLLTGLRARQLVFDAD
RRCTGVDIVDSAFGHTHRLTARNEVVLSTGAIDTPKLLMLSGIGPAAHLAEHGIEVLVDSPGVGEHLQDHPEGVVQFEAK
QPMVAESTQWWEIGIFTPTEDGLDRPDLMMHYGSVPFDMNTLRHGYPTTENGFSLTPNVTHARSRGTVRLRSRDFRDKPM
VDPRYFTDPEGHDMRVMVAGIRKAREIAAQPAMAEWTGRELSPGVEAQTDEELQDYIRKTHNTVYHPVGTVRMGAVEDEM
SPLDPELRVKGVTGLRVADASVMPEHVTVNPNITVMMIGERCADLIRSARAGETTTADAELSAALA
;
_entity_poly.pdbx_strand_id   A,B,C,D,E,F,G,H
#
# COMPACT_ATOMS: atom_id res chain seq x y z
N MET A 1 -43.31 17.51 -51.40
CA MET A 1 -42.58 16.87 -50.26
C MET A 1 -43.39 16.85 -48.95
N HIS A 2 -43.17 15.82 -48.14
CA HIS A 2 -43.81 15.65 -46.85
C HIS A 2 -42.93 16.19 -45.72
N ILE A 3 -43.51 17.08 -44.92
CA ILE A 3 -42.84 17.67 -43.75
C ILE A 3 -43.51 17.27 -42.41
N ASP A 4 -42.80 16.49 -41.60
CA ASP A 4 -43.33 16.00 -40.31
C ASP A 4 -42.86 16.82 -39.08
N ASN A 5 -42.07 17.85 -39.33
CA ASN A 5 -41.46 18.68 -38.30
C ASN A 5 -41.18 20.09 -38.89
N ILE A 6 -41.94 21.08 -38.43
CA ILE A 6 -41.99 22.41 -39.06
C ILE A 6 -40.63 23.09 -39.27
N GLU A 7 -39.68 22.79 -38.41
CA GLU A 7 -38.31 23.33 -38.50
C GLU A 7 -37.61 23.12 -39.86
N ASN A 8 -37.94 22.02 -40.55
CA ASN A 8 -37.38 21.68 -41.88
C ASN A 8 -37.91 22.55 -43.03
N LEU A 9 -39.01 23.24 -42.79
CA LEU A 9 -39.59 24.16 -43.74
C LEU A 9 -38.94 25.53 -43.62
N SER A 10 -38.27 25.98 -44.68
CA SER A 10 -37.62 27.30 -44.65
C SER A 10 -38.50 28.37 -45.27
N ASP A 11 -39.20 28.02 -46.35
CA ASP A 11 -40.25 28.90 -46.93
C ASP A 11 -41.62 28.57 -46.29
N ARG A 12 -42.23 29.56 -45.65
CA ARG A 12 -43.56 29.39 -45.05
C ARG A 12 -44.58 30.22 -45.83
N GLU A 13 -44.15 30.73 -46.97
CA GLU A 13 -45.01 31.45 -47.86
C GLU A 13 -45.48 30.48 -48.94
N PHE A 14 -46.77 30.54 -49.24
CA PHE A 14 -47.37 29.70 -50.26
C PHE A 14 -48.41 30.52 -50.98
N ASP A 15 -48.79 30.06 -52.15
CA ASP A 15 -49.86 30.68 -52.90
C ASP A 15 -51.20 30.40 -52.23
N TYR A 16 -51.43 29.13 -51.88
CA TYR A 16 -52.66 28.69 -51.24
C TYR A 16 -52.36 27.80 -50.04
N ILE A 17 -53.04 28.04 -48.92
CA ILE A 17 -52.97 27.13 -47.78
C ILE A 17 -54.32 26.44 -47.53
N VAL A 18 -54.28 25.14 -47.34
CA VAL A 18 -55.51 24.41 -47.08
C VAL A 18 -55.40 23.77 -45.72
N VAL A 19 -56.27 24.20 -44.81
CA VAL A 19 -56.24 23.69 -43.45
C VAL A 19 -57.19 22.49 -43.24
N GLY A 20 -56.61 21.31 -43.01
CA GLY A 20 -57.36 20.13 -42.69
C GLY A 20 -57.46 19.28 -43.92
N GLY A 21 -56.80 18.13 -43.89
CA GLY A 21 -56.76 17.28 -45.07
C GLY A 21 -57.74 16.13 -44.92
N GLY A 22 -59.02 16.48 -44.79
CA GLY A 22 -60.05 15.48 -44.72
C GLY A 22 -60.74 15.24 -46.06
N SER A 23 -62.05 15.07 -46.00
CA SER A 23 -62.77 14.66 -47.18
C SER A 23 -62.67 15.73 -48.26
N ALA A 24 -63.09 16.95 -47.96
CA ALA A 24 -62.96 18.04 -48.89
C ALA A 24 -61.52 18.61 -49.05
N GLY A 25 -60.77 18.68 -47.94
CA GLY A 25 -59.51 19.44 -47.92
C GLY A 25 -58.47 18.89 -48.87
N ALA A 26 -58.23 17.59 -48.71
CA ALA A 26 -57.34 16.84 -49.58
C ALA A 26 -57.68 17.09 -51.03
N ALA A 27 -58.95 16.94 -51.33
CA ALA A 27 -59.44 17.10 -52.67
C ALA A 27 -59.11 18.47 -53.22
N VAL A 28 -59.37 19.52 -52.44
CA VAL A 28 -59.15 20.88 -52.91
C VAL A 28 -57.67 21.15 -53.06
N ALA A 29 -56.88 20.63 -52.12
CA ALA A 29 -55.43 20.73 -52.22
C ALA A 29 -54.92 19.99 -53.47
N ALA A 30 -55.25 18.70 -53.58
CA ALA A 30 -54.89 17.92 -54.76
C ALA A 30 -55.22 18.66 -56.06
N ARG A 31 -56.45 19.14 -56.20
CA ARG A 31 -56.87 19.81 -57.42
C ARG A 31 -56.15 21.16 -57.65
N LEU A 32 -56.06 22.01 -56.63
CA LEU A 32 -55.38 23.29 -56.78
C LEU A 32 -53.92 23.15 -57.18
N SER A 33 -53.30 22.07 -56.68
CA SER A 33 -51.91 21.74 -56.96
C SER A 33 -51.65 21.31 -58.42
N GLU A 34 -52.72 21.10 -59.19
CA GLU A 34 -52.54 20.67 -60.57
C GLU A 34 -51.90 21.74 -61.48
N ASP A 35 -52.06 23.02 -61.15
CA ASP A 35 -51.30 24.03 -61.87
C ASP A 35 -49.94 24.19 -61.24
N PRO A 36 -48.87 23.68 -61.91
CA PRO A 36 -47.58 23.55 -61.21
C PRO A 36 -46.87 24.88 -61.02
N ALA A 37 -47.37 25.93 -61.69
CA ALA A 37 -46.94 27.29 -61.43
C ALA A 37 -47.28 27.63 -59.97
N VAL A 38 -48.54 27.44 -59.62
CA VAL A 38 -49.07 27.69 -58.27
C VAL A 38 -48.61 26.71 -57.18
N SER A 39 -48.22 27.24 -56.02
CA SER A 39 -47.79 26.40 -54.87
C SER A 39 -48.90 26.17 -53.84
N VAL A 40 -48.90 24.97 -53.24
CA VAL A 40 -49.95 24.59 -52.30
C VAL A 40 -49.42 23.92 -51.02
N ALA A 41 -49.89 24.42 -49.87
CA ALA A 41 -49.66 23.77 -48.60
C ALA A 41 -50.97 23.21 -48.08
N LEU A 42 -50.88 22.00 -47.52
CA LEU A 42 -52.02 21.34 -46.91
C LEU A 42 -51.61 20.95 -45.51
N VAL A 43 -52.25 21.59 -44.53
CA VAL A 43 -51.88 21.43 -43.12
C VAL A 43 -52.90 20.57 -42.36
N GLU A 44 -52.47 19.53 -41.70
CA GLU A 44 -53.37 18.67 -40.91
C GLU A 44 -52.82 18.42 -39.50
N ALA A 45 -53.72 18.26 -38.53
CA ALA A 45 -53.30 18.04 -37.12
C ALA A 45 -52.93 16.62 -36.83
N GLY A 46 -53.62 15.70 -37.47
CA GLY A 46 -53.31 14.30 -37.30
C GLY A 46 -52.04 13.95 -38.04
N PRO A 47 -51.61 12.69 -37.87
CA PRO A 47 -50.46 12.17 -38.62
C PRO A 47 -50.84 11.64 -40.02
N ASP A 48 -49.86 11.61 -40.94
CA ASP A 48 -49.81 10.70 -42.12
C ASP A 48 -50.55 9.36 -41.94
N ASP A 49 -51.27 8.91 -42.99
CA ASP A 49 -51.98 7.60 -42.97
C ASP A 49 -51.26 6.45 -43.64
N ARG A 50 -50.28 6.75 -44.49
CA ARG A 50 -49.42 5.71 -45.08
C ARG A 50 -48.71 4.90 -43.98
N GLY A 51 -48.73 3.57 -44.12
CA GLY A 51 -48.09 2.67 -43.15
C GLY A 51 -48.80 2.53 -41.81
N VAL A 52 -49.85 3.32 -41.64
CA VAL A 52 -50.79 3.08 -40.57
C VAL A 52 -51.81 2.11 -41.16
N PRO A 53 -51.95 0.90 -40.58
CA PRO A 53 -52.97 0.00 -41.12
C PRO A 53 -54.36 -0.06 -40.43
N GLU A 54 -54.52 0.41 -39.20
CA GLU A 54 -55.88 0.48 -38.60
C GLU A 54 -56.75 1.47 -39.37
N VAL A 55 -56.09 2.41 -40.07
CA VAL A 55 -56.73 3.46 -40.89
C VAL A 55 -56.92 2.99 -42.33
N LEU A 56 -55.83 2.52 -42.96
CA LEU A 56 -55.83 2.09 -44.37
C LEU A 56 -56.81 0.96 -44.70
N GLN A 57 -56.89 -0.03 -43.81
CA GLN A 57 -57.68 -1.22 -44.02
C GLN A 57 -59.10 -1.01 -43.49
N LEU A 58 -60.07 -1.08 -44.41
CA LEU A 58 -61.47 -0.70 -44.14
C LEU A 58 -62.16 -1.53 -43.09
N ASP A 59 -61.92 -2.84 -43.07
CA ASP A 59 -62.74 -3.71 -42.22
C ASP A 59 -62.41 -3.57 -40.75
N ARG A 60 -61.38 -2.77 -40.50
CA ARG A 60 -60.90 -2.43 -39.18
C ARG A 60 -61.52 -1.14 -38.62
N TRP A 61 -62.31 -0.44 -39.43
CA TRP A 61 -62.71 0.94 -39.14
C TRP A 61 -63.23 1.24 -37.73
N MET A 62 -64.03 0.31 -37.22
CA MET A 62 -64.76 0.49 -35.96
C MET A 62 -63.81 0.58 -34.77
N GLU A 63 -62.57 0.14 -35.02
CA GLU A 63 -61.57 0.03 -33.99
C GLU A 63 -60.96 1.40 -33.74
N LEU A 64 -61.07 2.28 -34.73
CA LEU A 64 -60.56 3.64 -34.63
C LEU A 64 -61.39 4.49 -33.66
N LEU A 65 -62.68 4.24 -33.55
CA LEU A 65 -63.53 4.98 -32.61
C LEU A 65 -62.86 5.06 -31.22
N GLU A 66 -62.76 6.28 -30.67
CA GLU A 66 -62.20 6.50 -29.32
C GLU A 66 -60.69 6.13 -29.18
N SER A 67 -60.00 5.97 -30.30
CA SER A 67 -58.59 5.68 -30.30
C SER A 67 -57.80 6.96 -30.48
N GLY A 68 -56.48 6.88 -30.65
CA GLY A 68 -55.66 8.08 -30.83
C GLY A 68 -55.83 8.78 -32.16
N TYR A 69 -56.66 8.19 -33.00
CA TYR A 69 -56.97 8.75 -34.28
C TYR A 69 -58.28 9.53 -34.26
N ASP A 70 -58.99 9.51 -33.12
CA ASP A 70 -60.30 10.19 -32.93
C ASP A 70 -60.12 11.40 -32.06
N TRP A 71 -60.64 12.54 -32.49
CA TRP A 71 -60.65 13.73 -31.63
C TRP A 71 -61.53 13.51 -30.38
N ASP A 72 -62.63 12.76 -30.57
CA ASP A 72 -63.53 12.36 -29.48
C ASP A 72 -64.23 13.57 -28.85
N TYR A 73 -65.34 13.99 -29.46
CA TYR A 73 -66.12 15.09 -28.97
C TYR A 73 -67.41 14.53 -28.44
N PRO A 74 -67.56 14.49 -27.09
CA PRO A 74 -68.84 14.25 -26.42
C PRO A 74 -69.78 15.45 -26.56
N ILE A 75 -71.07 15.22 -26.40
CA ILE A 75 -72.02 16.30 -26.56
C ILE A 75 -72.46 16.94 -25.26
N GLU A 76 -73.00 18.14 -25.36
CA GLU A 76 -73.69 18.75 -24.24
C GLU A 76 -74.88 17.87 -23.79
N PRO A 77 -75.24 17.93 -22.50
CA PRO A 77 -76.46 17.28 -22.07
C PRO A 77 -77.67 17.60 -23.00
N GLN A 78 -78.55 16.64 -23.21
CA GLN A 78 -79.64 16.83 -24.14
C GLN A 78 -80.97 16.92 -23.42
N GLU A 79 -81.67 18.02 -23.67
CA GLU A 79 -83.09 18.14 -23.35
C GLU A 79 -83.88 16.82 -23.60
N ASN A 80 -83.72 16.27 -24.79
CA ASN A 80 -84.57 15.17 -25.27
C ASN A 80 -83.75 14.14 -26.01
N GLY A 81 -82.60 13.81 -25.45
CA GLY A 81 -81.70 12.87 -26.09
C GLY A 81 -80.70 12.17 -25.18
N ASN A 82 -79.83 11.39 -25.83
CA ASN A 82 -78.85 10.56 -25.17
C ASN A 82 -77.58 11.34 -24.81
N SER A 83 -77.50 11.71 -23.54
CA SER A 83 -76.43 12.56 -23.06
C SER A 83 -75.08 11.85 -23.04
N PHE A 84 -75.06 10.55 -23.35
CA PHE A 84 -73.82 9.78 -23.44
C PHE A 84 -73.29 9.62 -24.86
N MET A 85 -73.65 10.49 -25.78
CA MET A 85 -73.25 10.29 -27.18
C MET A 85 -71.93 11.00 -27.49
N ARG A 86 -71.04 10.32 -28.20
CA ARG A 86 -69.82 10.99 -28.71
C ARG A 86 -69.86 11.13 -30.23
N HIS A 87 -69.51 12.33 -30.69
CA HIS A 87 -69.28 12.54 -32.11
CA HIS A 87 -69.28 12.53 -32.11
C HIS A 87 -67.84 12.22 -32.39
N ALA A 88 -67.56 10.99 -32.80
CA ALA A 88 -66.20 10.66 -33.22
C ALA A 88 -65.86 11.55 -34.40
N ARG A 89 -64.58 11.89 -34.48
CA ARG A 89 -64.06 12.74 -35.55
C ARG A 89 -62.63 12.35 -35.78
N ALA A 90 -62.36 11.86 -36.97
CA ALA A 90 -61.04 11.38 -37.28
C ALA A 90 -59.99 12.48 -37.25
N LYS A 91 -58.78 12.07 -36.89
CA LYS A 91 -57.68 12.98 -36.65
C LYS A 91 -56.47 12.25 -37.24
N VAL A 92 -56.18 12.59 -38.49
CA VAL A 92 -55.33 11.80 -39.39
C VAL A 92 -55.63 12.31 -40.80
N MET A 93 -54.67 12.16 -41.71
CA MET A 93 -54.87 12.56 -43.11
C MET A 93 -56.05 11.80 -43.73
N GLY A 94 -56.82 12.51 -44.57
CA GLY A 94 -58.08 12.00 -45.10
C GLY A 94 -59.25 12.26 -44.18
N GLY A 95 -58.94 12.75 -42.98
CA GLY A 95 -59.95 13.17 -42.03
C GLY A 95 -60.92 12.05 -41.76
N CYS A 96 -62.21 12.37 -41.75
CA CYS A 96 -63.23 11.34 -41.51
C CYS A 96 -63.36 10.28 -42.62
N SER A 97 -63.04 10.67 -43.86
CA SER A 97 -62.88 9.68 -44.93
C SER A 97 -61.81 8.63 -44.62
N SER A 98 -61.03 8.82 -43.55
CA SER A 98 -60.09 7.81 -43.14
C SER A 98 -60.60 6.92 -41.99
N HIS A 99 -61.77 7.22 -41.43
CA HIS A 99 -62.26 6.39 -40.35
C HIS A 99 -63.69 5.91 -40.59
N ASN A 100 -64.32 6.47 -41.63
CA ASN A 100 -65.71 6.16 -41.95
C ASN A 100 -65.94 4.75 -42.49
N ALA A 101 -67.20 4.36 -42.67
CA ALA A 101 -67.55 3.02 -43.14
C ALA A 101 -67.53 2.92 -44.68
N CYS A 102 -67.01 3.94 -45.33
CA CYS A 102 -66.87 3.94 -46.79
C CYS A 102 -68.13 3.73 -47.65
N ILE A 103 -69.29 3.82 -47.02
CA ILE A 103 -70.56 3.79 -47.71
C ILE A 103 -70.64 5.01 -48.64
N ALA A 104 -70.78 4.77 -49.96
CA ALA A 104 -70.69 5.80 -51.02
C ALA A 104 -71.94 6.03 -51.84
N PHE A 105 -72.35 7.29 -51.83
CA PHE A 105 -73.63 7.73 -52.39
C PHE A 105 -73.49 9.06 -53.10
N TRP A 106 -74.07 9.13 -54.29
CA TRP A 106 -74.40 10.40 -54.90
C TRP A 106 -75.53 10.96 -54.09
N ALA A 107 -75.49 12.25 -53.82
CA ALA A 107 -76.64 12.89 -53.25
C ALA A 107 -77.70 12.91 -54.33
N PRO A 108 -78.98 12.71 -53.96
CA PRO A 108 -80.19 12.93 -54.71
C PRO A 108 -80.19 14.27 -55.39
N ARG A 109 -80.65 14.33 -56.63
CA ARG A 109 -80.72 15.57 -57.39
C ARG A 109 -81.61 16.62 -56.70
N GLU A 110 -82.60 16.16 -55.96
CA GLU A 110 -83.58 17.03 -55.32
C GLU A 110 -83.01 17.67 -54.05
N ASP A 111 -81.92 17.12 -53.55
CA ASP A 111 -81.26 17.75 -52.43
C ASP A 111 -80.47 18.94 -52.95
N LEU A 112 -79.72 18.69 -54.01
CA LEU A 112 -78.75 19.64 -54.49
C LEU A 112 -79.37 20.80 -55.24
N ASP A 113 -80.43 20.54 -56.02
CA ASP A 113 -81.18 21.59 -56.69
C ASP A 113 -81.79 22.56 -55.70
N GLU A 114 -82.18 22.05 -54.53
CA GLU A 114 -82.83 22.88 -53.52
C GLU A 114 -81.83 23.87 -52.88
N TRP A 115 -80.54 23.60 -53.02
CA TRP A 115 -79.54 24.52 -52.51
C TRP A 115 -79.66 25.88 -53.19
N GLU A 116 -79.85 25.85 -54.51
CA GLU A 116 -80.04 27.07 -55.27
C GLU A 116 -81.44 27.60 -55.06
N ALA A 117 -82.44 26.78 -55.37
CA ALA A 117 -83.81 27.24 -55.49
C ALA A 117 -84.40 27.55 -54.11
N LYS A 118 -84.15 26.69 -53.14
CA LYS A 118 -84.75 26.91 -51.82
C LYS A 118 -83.82 27.66 -50.84
N TYR A 119 -82.51 27.52 -50.99
CA TYR A 119 -81.61 28.04 -49.98
C TYR A 119 -80.62 29.15 -50.41
N GLY A 120 -80.78 29.70 -51.61
CA GLY A 120 -79.99 30.85 -52.02
C GLY A 120 -78.60 30.59 -52.56
N ALA A 121 -78.16 29.33 -52.50
CA ALA A 121 -76.85 28.97 -53.01
C ALA A 121 -76.77 28.98 -54.55
N THR A 122 -76.73 30.19 -55.11
CA THR A 122 -76.62 30.38 -56.54
C THR A 122 -75.57 29.45 -57.12
N GLY A 123 -75.95 28.70 -58.15
CA GLY A 123 -75.02 27.80 -58.83
C GLY A 123 -74.81 26.46 -58.16
N TRP A 124 -75.41 26.24 -56.99
CA TRP A 124 -75.37 24.92 -56.35
C TRP A 124 -76.63 24.12 -56.68
N ASN A 125 -76.44 23.17 -57.60
CA ASN A 125 -77.51 22.28 -58.07
C ASN A 125 -76.92 21.01 -58.70
N ALA A 126 -77.76 20.22 -59.36
CA ALA A 126 -77.35 18.95 -59.96
C ALA A 126 -76.45 19.13 -61.19
N GLU A 127 -76.69 20.14 -62.02
CA GLU A 127 -75.88 20.34 -63.23
C GLU A 127 -74.43 20.56 -62.82
N ALA A 128 -74.24 21.21 -61.68
CA ALA A 128 -72.92 21.46 -61.14
C ALA A 128 -72.29 20.22 -60.46
N ALA A 129 -73.11 19.48 -59.72
CA ALA A 129 -72.58 18.38 -58.91
C ALA A 129 -72.28 17.16 -59.77
N TRP A 130 -73.09 16.97 -60.81
CA TRP A 130 -72.97 15.82 -61.67
C TRP A 130 -71.65 15.63 -62.40
N PRO A 131 -71.08 16.66 -63.04
CA PRO A 131 -69.78 16.41 -63.70
C PRO A 131 -68.61 16.20 -62.74
N LEU A 132 -68.79 16.68 -61.50
CA LEU A 132 -67.81 16.52 -60.43
C LEU A 132 -67.86 15.14 -59.78
N TYR A 133 -69.07 14.68 -59.44
CA TYR A 133 -69.25 13.31 -58.98
C TYR A 133 -68.57 12.40 -60.00
N LYS A 134 -68.70 12.75 -61.29
CA LYS A 134 -68.15 11.97 -62.39
C LYS A 134 -66.64 11.90 -62.32
N ARG A 135 -66.04 13.10 -62.30
CA ARG A 135 -64.61 13.29 -62.16
C ARG A 135 -64.00 12.60 -60.93
N LEU A 136 -64.68 12.58 -59.79
CA LEU A 136 -63.96 12.13 -58.57
C LEU A 136 -63.86 10.62 -58.48
N GLU A 137 -64.75 9.92 -59.20
CA GLU A 137 -64.86 8.45 -59.09
C GLU A 137 -64.22 7.66 -60.24
N THR A 138 -63.64 6.52 -59.90
CA THR A 138 -63.61 5.43 -60.85
C THR A 138 -64.66 4.42 -60.35
N ASN A 139 -65.82 4.40 -61.00
CA ASN A 139 -66.93 3.56 -60.54
C ASN A 139 -67.10 2.26 -61.37
N GLU A 140 -67.28 1.14 -60.66
CA GLU A 140 -67.52 -0.15 -61.31
C GLU A 140 -68.68 -0.13 -62.32
N ASP A 141 -69.68 0.71 -62.06
CA ASP A 141 -70.88 0.72 -62.89
C ASP A 141 -70.70 1.56 -64.09
N ALA A 142 -69.51 2.15 -64.26
CA ALA A 142 -69.26 2.97 -65.48
C ALA A 142 -69.47 2.17 -66.75
N GLY A 143 -69.99 2.83 -67.78
CA GLY A 143 -70.16 2.20 -69.06
C GLY A 143 -70.89 3.11 -70.00
N PRO A 144 -71.09 2.66 -71.24
CA PRO A 144 -71.92 3.44 -72.13
C PRO A 144 -73.36 3.34 -71.65
N ASP A 145 -73.68 2.30 -70.91
CA ASP A 145 -75.03 2.12 -70.40
C ASP A 145 -75.25 2.75 -69.03
N ALA A 146 -74.26 3.53 -68.62
CA ALA A 146 -74.36 4.42 -67.45
C ALA A 146 -73.44 5.63 -67.58
N PRO A 147 -73.58 6.39 -68.68
CA PRO A 147 -72.63 7.48 -68.93
C PRO A 147 -72.49 8.54 -67.82
N HIS A 148 -73.37 8.53 -66.83
CA HIS A 148 -73.24 9.52 -65.75
C HIS A 148 -72.01 9.22 -64.86
N HIS A 149 -71.52 7.97 -64.89
CA HIS A 149 -70.39 7.55 -64.06
C HIS A 149 -69.01 7.88 -64.68
N GLY A 150 -68.08 8.34 -63.85
CA GLY A 150 -66.71 8.51 -64.28
C GLY A 150 -65.95 7.20 -64.19
N ASP A 151 -64.95 7.07 -65.06
CA ASP A 151 -64.20 5.83 -65.17
C ASP A 151 -62.71 5.98 -64.80
N SER A 152 -62.24 7.21 -64.66
CA SER A 152 -60.82 7.43 -64.43
C SER A 152 -60.48 8.28 -63.19
N GLY A 153 -61.45 8.43 -62.27
CA GLY A 153 -61.33 9.33 -61.14
C GLY A 153 -60.50 8.74 -60.01
N PRO A 154 -59.97 9.60 -59.11
CA PRO A 154 -59.12 9.13 -57.99
C PRO A 154 -59.81 8.23 -56.97
N VAL A 155 -61.09 8.45 -56.70
CA VAL A 155 -61.77 7.68 -55.65
C VAL A 155 -62.44 6.44 -56.25
N HIS A 156 -61.91 5.28 -55.93
CA HIS A 156 -62.50 4.03 -56.41
C HIS A 156 -63.79 3.65 -55.71
N LEU A 157 -64.89 3.59 -56.47
CA LEU A 157 -66.13 3.02 -55.92
C LEU A 157 -66.39 1.62 -56.47
N MET A 158 -66.68 0.68 -55.58
CA MET A 158 -66.97 -0.68 -55.98
C MET A 158 -68.30 -1.13 -55.38
N ASN A 159 -69.02 -1.98 -56.09
CA ASN A 159 -70.17 -2.67 -55.53
C ASN A 159 -69.77 -3.74 -54.55
N VAL A 160 -70.38 -3.67 -53.38
CA VAL A 160 -70.25 -4.71 -52.35
C VAL A 160 -70.89 -6.00 -52.85
N PRO A 161 -70.10 -7.08 -52.94
CA PRO A 161 -70.60 -8.37 -53.39
C PRO A 161 -71.62 -8.99 -52.43
N PRO A 162 -72.77 -9.42 -52.96
CA PRO A 162 -73.88 -9.92 -52.15
C PRO A 162 -73.61 -11.33 -51.67
N LYS A 163 -72.76 -11.45 -50.65
CA LYS A 163 -72.33 -12.75 -50.10
C LYS A 163 -72.95 -13.08 -48.72
N ASP A 164 -73.32 -12.07 -47.95
CA ASP A 164 -73.87 -12.33 -46.64
C ASP A 164 -75.27 -12.94 -46.76
N PRO A 165 -75.42 -14.22 -46.36
CA PRO A 165 -76.68 -14.95 -46.44
C PRO A 165 -77.82 -14.31 -45.66
N THR A 166 -77.50 -13.57 -44.59
CA THR A 166 -78.53 -12.86 -43.81
C THR A 166 -78.88 -11.56 -44.51
N GLY A 167 -77.86 -10.94 -45.11
CA GLY A 167 -78.05 -9.79 -45.97
C GLY A 167 -79.03 -10.12 -47.07
N VAL A 168 -78.66 -11.08 -47.92
CA VAL A 168 -79.54 -11.54 -48.99
C VAL A 168 -80.96 -11.81 -48.50
N ALA A 169 -81.10 -12.41 -47.33
CA ALA A 169 -82.43 -12.72 -46.81
C ALA A 169 -83.22 -11.49 -46.36
N LEU A 170 -82.49 -10.50 -45.86
CA LEU A 170 -83.06 -9.26 -45.37
C LEU A 170 -83.66 -8.50 -46.53
N LEU A 171 -82.96 -8.55 -47.65
CA LEU A 171 -83.50 -8.03 -48.89
C LEU A 171 -84.75 -8.82 -49.27
N ASP A 172 -84.67 -10.14 -49.24
CA ASP A 172 -85.84 -10.95 -49.58
C ASP A 172 -87.00 -10.57 -48.66
N ALA A 173 -86.68 -10.17 -47.43
CA ALA A 173 -87.71 -9.79 -46.46
C ALA A 173 -88.22 -8.40 -46.74
N CYS A 174 -87.32 -7.59 -47.32
CA CYS A 174 -87.63 -6.24 -47.72
C CYS A 174 -88.62 -6.24 -48.87
N GLU A 175 -88.35 -7.06 -49.89
CA GLU A 175 -89.29 -7.24 -51.02
C GLU A 175 -90.65 -7.61 -50.48
N GLN A 176 -90.68 -8.63 -49.61
CA GLN A 176 -91.93 -9.09 -49.00
C GLN A 176 -92.71 -7.97 -48.29
N ALA A 177 -92.01 -6.90 -47.92
CA ALA A 177 -92.62 -5.79 -47.19
C ALA A 177 -92.96 -4.53 -48.01
N GLY A 178 -92.59 -4.48 -49.29
CA GLY A 178 -92.98 -3.35 -50.10
C GLY A 178 -91.79 -2.50 -50.48
N ILE A 179 -90.62 -3.04 -50.19
CA ILE A 179 -89.38 -2.39 -50.47
C ILE A 179 -88.66 -3.23 -51.49
N PRO A 180 -88.64 -2.76 -52.75
CA PRO A 180 -87.90 -3.41 -53.84
C PRO A 180 -86.37 -3.29 -53.70
N ARG A 181 -85.63 -4.20 -54.33
CA ARG A 181 -84.21 -3.96 -54.59
C ARG A 181 -84.08 -2.78 -55.55
N ALA A 182 -83.13 -1.87 -55.26
CA ALA A 182 -82.82 -0.75 -56.16
C ALA A 182 -81.33 -0.69 -56.47
N LYS A 183 -80.96 -0.10 -57.61
CA LYS A 183 -79.54 0.15 -57.82
C LYS A 183 -79.24 1.49 -57.20
N PHE A 184 -78.09 1.60 -56.54
CA PHE A 184 -77.65 2.88 -56.05
C PHE A 184 -76.79 3.66 -57.04
N ASN A 185 -76.86 4.98 -56.93
CA ASN A 185 -76.04 5.90 -57.70
C ASN A 185 -76.26 5.78 -59.21
N THR A 186 -77.52 5.63 -59.63
CA THR A 186 -77.87 5.56 -61.05
C THR A 186 -78.23 6.93 -61.60
N GLY A 187 -78.29 7.91 -60.74
CA GLY A 187 -78.82 9.21 -61.10
C GLY A 187 -80.26 9.39 -60.70
N THR A 188 -80.99 8.30 -60.40
CA THR A 188 -82.35 8.48 -59.95
C THR A 188 -82.47 8.12 -58.49
N THR A 189 -82.86 9.09 -57.69
CA THR A 189 -83.02 8.98 -56.26
C THR A 189 -83.87 7.80 -55.82
N VAL A 190 -83.42 7.09 -54.77
CA VAL A 190 -84.19 5.97 -54.27
C VAL A 190 -85.07 6.43 -53.12
N VAL A 191 -86.38 6.27 -53.30
CA VAL A 191 -87.33 6.69 -52.27
C VAL A 191 -87.78 5.47 -51.45
N ASN A 192 -88.15 4.39 -52.17
CA ASN A 192 -88.57 3.11 -51.57
C ASN A 192 -87.81 1.98 -52.23
N GLY A 193 -86.74 1.54 -51.59
CA GLY A 193 -85.81 0.55 -52.15
C GLY A 193 -84.68 0.21 -51.20
N ALA A 194 -83.95 -0.85 -51.49
CA ALA A 194 -82.86 -1.31 -50.65
C ALA A 194 -81.89 -2.18 -51.44
N ASN A 195 -80.62 -2.17 -51.07
CA ASN A 195 -79.63 -3.03 -51.70
C ASN A 195 -78.32 -3.02 -50.90
N PHE A 196 -77.42 -3.95 -51.24
CA PHE A 196 -76.02 -3.85 -50.85
C PHE A 196 -75.49 -2.54 -51.40
N PHE A 197 -74.72 -1.83 -50.58
CA PHE A 197 -74.18 -0.52 -50.93
C PHE A 197 -73.14 -0.58 -52.04
N GLN A 198 -72.87 0.57 -52.65
CA GLN A 198 -71.57 0.79 -53.23
C GLN A 198 -70.67 1.29 -52.08
N ILE A 199 -69.36 1.10 -52.18
CA ILE A 199 -68.44 1.65 -51.16
C ILE A 199 -67.25 2.27 -51.85
N ASN A 200 -66.66 3.30 -51.29
CA ASN A 200 -65.41 3.74 -51.88
C ASN A 200 -64.28 2.95 -51.26
N ARG A 201 -63.87 1.87 -51.92
CA ARG A 201 -62.78 0.98 -51.46
C ARG A 201 -62.08 0.29 -52.64
N ARG A 202 -60.74 0.30 -52.63
CA ARG A 202 -59.91 -0.35 -53.65
C ARG A 202 -60.08 -1.86 -53.64
N ALA A 203 -59.54 -2.48 -54.70
CA ALA A 203 -59.61 -3.94 -54.86
C ALA A 203 -58.91 -4.68 -53.71
N ASP A 204 -57.78 -4.17 -53.24
CA ASP A 204 -57.00 -4.83 -52.18
C ASP A 204 -57.58 -4.85 -50.73
N GLY A 205 -58.60 -4.03 -50.44
CA GLY A 205 -59.09 -3.88 -49.06
C GLY A 205 -58.84 -2.51 -48.39
N THR A 206 -57.88 -1.76 -48.94
CA THR A 206 -57.56 -0.39 -48.57
C THR A 206 -58.71 0.51 -48.94
N ARG A 207 -59.17 1.33 -47.99
CA ARG A 207 -60.26 2.31 -48.20
C ARG A 207 -59.83 3.30 -49.25
N SER A 208 -60.79 3.96 -49.88
CA SER A 208 -60.53 4.94 -50.91
C SER A 208 -60.66 6.30 -50.32
N SER A 209 -59.96 6.54 -49.20
CA SER A 209 -59.99 7.84 -48.54
C SER A 209 -59.51 8.93 -49.46
N SER A 210 -59.84 10.17 -49.12
CA SER A 210 -59.43 11.31 -49.93
C SER A 210 -57.91 11.48 -49.85
N SER A 211 -57.28 10.83 -48.86
CA SER A 211 -55.82 10.87 -48.71
C SER A 211 -55.19 9.78 -49.57
N VAL A 212 -55.71 8.54 -49.46
CA VAL A 212 -55.33 7.48 -50.39
C VAL A 212 -55.68 7.90 -51.82
N SER A 213 -56.82 8.54 -52.00
CA SER A 213 -57.24 8.92 -53.35
C SER A 213 -56.56 10.15 -53.97
N TYR A 214 -56.41 11.23 -53.23
CA TYR A 214 -55.91 12.48 -53.79
C TYR A 214 -54.46 12.85 -53.50
N ILE A 215 -53.94 12.37 -52.38
CA ILE A 215 -52.72 12.96 -51.84
C ILE A 215 -51.48 12.08 -52.04
N HIS A 216 -51.52 10.87 -51.48
CA HIS A 216 -50.49 9.87 -51.70
C HIS A 216 -49.81 10.02 -53.07
N PRO A 217 -50.61 10.03 -54.16
CA PRO A 217 -49.91 10.03 -55.45
C PRO A 217 -49.20 11.35 -55.80
N ILE A 218 -49.50 12.44 -55.07
CA ILE A 218 -48.90 13.75 -55.37
C ILE A 218 -47.92 14.24 -54.28
N VAL A 219 -47.64 13.38 -53.30
CA VAL A 219 -46.72 13.70 -52.21
C VAL A 219 -45.40 14.31 -52.67
N GLU A 220 -44.72 13.66 -53.61
CA GLU A 220 -43.42 14.15 -54.02
C GLU A 220 -43.52 15.26 -55.08
N GLN A 221 -44.73 15.72 -55.40
CA GLN A 221 -44.94 16.76 -56.41
C GLN A 221 -44.29 18.08 -56.01
N GLU A 222 -43.66 18.72 -57.00
CA GLU A 222 -42.78 19.90 -56.81
C GLU A 222 -43.44 21.10 -56.13
N ASN A 223 -44.68 21.41 -56.51
CA ASN A 223 -45.39 22.61 -56.03
C ASN A 223 -46.24 22.38 -54.76
N PHE A 224 -46.17 21.17 -54.20
CA PHE A 224 -47.11 20.77 -53.17
C PHE A 224 -46.41 20.37 -51.88
N THR A 225 -46.92 20.84 -50.76
CA THR A 225 -46.29 20.52 -49.48
C THR A 225 -47.29 19.94 -48.46
N LEU A 226 -46.97 18.76 -47.93
CA LEU A 226 -47.80 18.12 -46.90
C LEU A 226 -47.24 18.25 -45.48
N LEU A 227 -47.83 19.16 -44.71
CA LEU A 227 -47.50 19.37 -43.30
C LEU A 227 -48.51 18.64 -42.44
N THR A 228 -48.04 17.70 -41.64
CA THR A 228 -48.91 16.95 -40.77
C THR A 228 -48.46 17.15 -39.33
N GLY A 229 -49.19 16.57 -38.38
CA GLY A 229 -48.97 16.76 -36.93
C GLY A 229 -48.90 18.22 -36.57
N LEU A 230 -49.51 19.06 -37.39
CA LEU A 230 -49.54 20.50 -37.14
C LEU A 230 -50.96 20.95 -36.94
N ARG A 231 -51.19 21.69 -35.85
CA ARG A 231 -52.53 22.09 -35.51
C ARG A 231 -52.66 23.58 -35.65
N ALA A 232 -53.75 24.02 -36.29
CA ALA A 232 -54.07 25.43 -36.47
C ALA A 232 -54.81 25.95 -35.25
N ARG A 233 -54.49 27.17 -34.84
CA ARG A 233 -55.13 27.78 -33.69
C ARG A 233 -55.78 29.12 -34.02
N GLN A 234 -55.42 29.67 -35.17
CA GLN A 234 -55.88 31.00 -35.53
C GLN A 234 -55.69 31.30 -37.00
N LEU A 235 -56.61 32.05 -37.56
CA LEU A 235 -56.41 32.66 -38.86
C LEU A 235 -55.90 34.08 -38.65
N VAL A 236 -55.15 34.58 -39.62
CA VAL A 236 -54.47 35.86 -39.50
C VAL A 236 -54.86 36.75 -40.68
N PHE A 237 -55.23 38.00 -40.38
CA PHE A 237 -55.72 38.96 -41.36
C PHE A 237 -54.99 40.32 -41.38
N ASP A 238 -55.44 41.17 -42.30
CA ASP A 238 -54.88 42.48 -42.63
C ASP A 238 -55.63 43.61 -42.00
N ALA A 239 -55.02 44.80 -42.04
CA ALA A 239 -55.74 46.03 -41.77
C ALA A 239 -56.80 46.19 -42.86
N ASP A 240 -56.50 45.69 -44.07
CA ASP A 240 -57.47 45.55 -45.16
C ASP A 240 -58.48 44.41 -44.96
N ARG A 241 -58.19 43.50 -44.02
CA ARG A 241 -59.01 42.31 -43.74
C ARG A 241 -58.86 41.18 -44.77
N ARG A 242 -57.73 41.18 -45.49
CA ARG A 242 -57.37 40.03 -46.30
C ARG A 242 -56.67 39.00 -45.42
N CYS A 243 -57.14 37.76 -45.51
CA CYS A 243 -56.54 36.66 -44.78
C CYS A 243 -55.16 36.37 -45.33
N THR A 244 -54.14 36.49 -44.47
CA THR A 244 -52.75 36.42 -44.92
C THR A 244 -52.10 35.10 -44.57
N GLY A 245 -52.70 34.38 -43.64
CA GLY A 245 -52.15 33.09 -43.26
C GLY A 245 -52.83 32.41 -42.10
N VAL A 246 -52.14 31.48 -41.48
CA VAL A 246 -52.62 30.79 -40.29
C VAL A 246 -51.47 30.52 -39.32
N ASP A 247 -51.72 30.70 -38.02
CA ASP A 247 -50.77 30.29 -36.97
C ASP A 247 -51.05 28.86 -36.57
N ILE A 248 -49.99 28.06 -36.42
CA ILE A 248 -50.07 26.62 -36.14
C ILE A 248 -49.10 26.15 -35.03
N VAL A 249 -49.31 24.95 -34.49
CA VAL A 249 -48.58 24.48 -33.32
C VAL A 249 -48.11 23.02 -33.43
N ASP A 250 -46.91 22.73 -32.92
CA ASP A 250 -46.28 21.40 -33.10
C ASP A 250 -46.67 20.26 -32.11
N SER A 251 -47.24 20.61 -30.94
CA SER A 251 -47.66 19.59 -29.92
C SER A 251 -48.79 19.99 -28.93
N ALA A 252 -49.29 21.22 -29.08
CA ALA A 252 -50.23 21.90 -28.15
C ALA A 252 -49.50 22.93 -27.26
N PHE A 253 -48.58 22.45 -26.43
CA PHE A 253 -47.81 23.30 -25.52
C PHE A 253 -46.49 23.81 -26.16
N GLY A 254 -46.18 23.29 -27.37
CA GLY A 254 -45.08 23.76 -28.22
C GLY A 254 -45.44 25.03 -28.96
N HIS A 255 -44.55 25.47 -29.85
CA HIS A 255 -44.55 26.87 -30.27
C HIS A 255 -45.56 27.23 -31.38
N THR A 256 -45.56 28.49 -31.79
CA THR A 256 -46.53 29.00 -32.75
C THR A 256 -45.85 29.61 -34.00
N HIS A 257 -46.08 29.00 -35.15
CA HIS A 257 -45.39 29.39 -36.37
C HIS A 257 -46.44 29.83 -37.37
N ARG A 258 -46.09 30.77 -38.24
CA ARG A 258 -47.06 31.31 -39.17
C ARG A 258 -46.74 31.00 -40.63
N LEU A 259 -47.60 30.19 -41.23
CA LEU A 259 -47.59 30.04 -42.69
C LEU A 259 -48.45 31.14 -43.25
N THR A 260 -48.05 31.64 -44.41
CA THR A 260 -48.63 32.85 -44.96
C THR A 260 -49.08 32.54 -46.37
N ALA A 261 -50.15 33.18 -46.81
CA ALA A 261 -50.73 32.87 -48.10
C ALA A 261 -50.78 34.10 -48.99
N ARG A 262 -50.21 33.94 -50.18
CA ARG A 262 -50.18 35.01 -51.20
C ARG A 262 -51.56 35.14 -51.83
N ASN A 263 -52.21 33.99 -52.07
CA ASN A 263 -53.55 34.03 -52.67
C ASN A 263 -54.75 33.79 -51.75
N GLU A 264 -54.90 32.58 -51.22
CA GLU A 264 -56.09 32.24 -50.42
C GLU A 264 -55.85 31.17 -49.38
N VAL A 265 -56.73 31.17 -48.38
CA VAL A 265 -56.80 30.10 -47.42
C VAL A 265 -58.14 29.38 -47.55
N VAL A 266 -58.09 28.08 -47.35
CA VAL A 266 -59.28 27.28 -47.36
C VAL A 266 -59.33 26.51 -46.07
N LEU A 267 -60.41 26.73 -45.35
CA LEU A 267 -60.63 26.04 -44.09
C LEU A 267 -61.37 24.76 -44.41
N SER A 268 -60.86 23.63 -43.96
CA SER A 268 -61.49 22.34 -44.23
C SER A 268 -61.39 21.49 -43.04
N THR A 269 -61.60 22.08 -41.88
CA THR A 269 -61.43 21.38 -40.60
C THR A 269 -62.75 20.71 -40.18
N GLY A 270 -63.78 20.88 -41.03
CA GLY A 270 -65.03 20.12 -40.94
C GLY A 270 -66.09 20.76 -40.07
N ALA A 271 -67.23 20.08 -39.94
CA ALA A 271 -68.40 20.64 -39.24
C ALA A 271 -68.23 21.05 -37.74
N ILE A 272 -67.33 20.41 -37.03
CA ILE A 272 -67.10 20.76 -35.63
C ILE A 272 -65.95 21.74 -35.44
N ASP A 273 -64.84 21.49 -36.11
CA ASP A 273 -63.65 22.32 -35.97
C ASP A 273 -63.60 23.59 -36.81
N THR A 274 -64.26 23.62 -37.97
CA THR A 274 -64.22 24.84 -38.78
C THR A 274 -64.85 25.99 -38.00
N PRO A 275 -66.11 25.84 -37.54
CA PRO A 275 -66.68 26.96 -36.80
C PRO A 275 -65.88 27.35 -35.52
N LYS A 276 -65.26 26.38 -34.85
CA LYS A 276 -64.39 26.70 -33.73
C LYS A 276 -63.31 27.68 -34.19
N LEU A 277 -62.57 27.28 -35.22
CA LEU A 277 -61.42 28.02 -35.69
C LEU A 277 -61.79 29.38 -36.15
N LEU A 278 -62.92 29.50 -36.82
CA LEU A 278 -63.38 30.82 -37.25
C LEU A 278 -63.68 31.73 -36.03
N MET A 279 -64.27 31.15 -34.98
CA MET A 279 -64.65 31.93 -33.79
C MET A 279 -63.37 32.36 -33.02
N LEU A 280 -62.41 31.47 -32.87
CA LEU A 280 -61.12 31.81 -32.31
C LEU A 280 -60.41 32.89 -33.10
N SER A 281 -60.84 33.10 -34.35
CA SER A 281 -60.13 34.01 -35.23
C SER A 281 -60.85 35.33 -35.35
N GLY A 282 -61.89 35.49 -34.53
CA GLY A 282 -62.70 36.70 -34.51
C GLY A 282 -63.92 36.68 -35.40
N ILE A 283 -64.28 35.51 -35.93
CA ILE A 283 -65.45 35.44 -36.82
C ILE A 283 -66.60 34.60 -36.26
N GLY A 284 -67.62 35.29 -35.78
CA GLY A 284 -68.82 34.63 -35.33
C GLY A 284 -69.82 35.59 -34.73
N PRO A 285 -70.80 35.05 -33.97
CA PRO A 285 -71.75 35.85 -33.22
C PRO A 285 -70.96 36.66 -32.21
N ALA A 286 -71.15 37.97 -32.21
CA ALA A 286 -70.33 38.87 -31.41
C ALA A 286 -70.48 38.70 -29.90
N ALA A 287 -71.71 38.56 -29.42
CA ALA A 287 -71.95 38.47 -27.99
C ALA A 287 -71.20 37.29 -27.46
N HIS A 288 -71.02 36.27 -28.30
CA HIS A 288 -70.36 35.04 -27.88
C HIS A 288 -68.85 35.19 -27.89
N LEU A 289 -68.31 35.93 -28.84
CA LEU A 289 -66.87 36.23 -28.85
C LEU A 289 -66.54 37.14 -27.67
N ALA A 290 -67.48 38.02 -27.32
CA ALA A 290 -67.35 38.90 -26.16
C ALA A 290 -67.32 38.09 -24.86
N GLU A 291 -68.09 37.01 -24.82
CA GLU A 291 -68.24 36.21 -23.60
C GLU A 291 -66.91 35.54 -23.22
N HIS A 292 -66.03 35.39 -24.20
CA HIS A 292 -64.77 34.66 -24.05
C HIS A 292 -63.55 35.54 -24.32
N GLY A 293 -63.76 36.83 -24.52
CA GLY A 293 -62.66 37.76 -24.65
C GLY A 293 -61.95 37.69 -25.99
N ILE A 294 -62.66 37.20 -27.01
CA ILE A 294 -62.13 37.21 -28.36
C ILE A 294 -62.60 38.48 -29.00
N GLU A 295 -61.66 39.21 -29.57
CA GLU A 295 -61.96 40.46 -30.25
C GLU A 295 -62.63 40.15 -31.60
N VAL A 296 -63.70 40.89 -31.89
CA VAL A 296 -64.53 40.68 -33.08
C VAL A 296 -63.94 41.31 -34.34
N LEU A 297 -63.80 40.46 -35.35
CA LEU A 297 -63.32 40.88 -36.64
C LEU A 297 -64.47 40.99 -37.65
N VAL A 298 -65.42 40.06 -37.53
CA VAL A 298 -66.69 40.13 -38.23
C VAL A 298 -67.79 39.58 -37.30
N ASP A 299 -68.87 40.32 -37.12
CA ASP A 299 -70.09 39.81 -36.51
C ASP A 299 -70.80 38.93 -37.54
N SER A 300 -70.81 37.62 -37.27
CA SER A 300 -71.33 36.64 -38.21
C SER A 300 -72.16 35.63 -37.44
N PRO A 301 -73.43 35.96 -37.19
CA PRO A 301 -74.27 35.29 -36.18
C PRO A 301 -74.54 33.84 -36.51
N GLY A 302 -74.15 33.43 -37.72
CA GLY A 302 -74.48 32.11 -38.27
C GLY A 302 -73.41 31.06 -38.12
N VAL A 303 -72.23 31.48 -37.67
CA VAL A 303 -71.10 30.56 -37.44
C VAL A 303 -71.38 29.72 -36.23
N GLY A 304 -71.28 28.39 -36.38
CA GLY A 304 -71.60 27.50 -35.27
C GLY A 304 -73.09 27.26 -35.11
N GLU A 305 -73.91 28.08 -35.77
CA GLU A 305 -75.36 27.81 -35.84
C GLU A 305 -75.70 26.72 -36.88
N HIS A 306 -76.97 26.31 -36.92
CA HIS A 306 -77.55 25.35 -37.90
C HIS A 306 -76.99 23.94 -37.96
N LEU A 307 -76.58 23.42 -36.81
CA LEU A 307 -76.00 22.07 -36.78
C LEU A 307 -77.04 21.03 -37.03
N GLN A 308 -76.74 20.21 -38.04
CA GLN A 308 -77.63 19.17 -38.56
C GLN A 308 -76.95 17.79 -38.57
N ASP A 309 -77.71 16.75 -38.29
CA ASP A 309 -77.15 15.41 -38.28
C ASP A 309 -78.22 14.44 -38.72
N HIS A 310 -77.82 13.18 -38.90
CA HIS A 310 -78.79 12.11 -39.01
CA HIS A 310 -78.79 12.10 -39.01
C HIS A 310 -78.88 11.37 -37.67
N PRO A 311 -79.89 11.70 -36.84
CA PRO A 311 -80.00 10.95 -35.56
C PRO A 311 -80.17 9.47 -35.88
N GLU A 312 -79.73 8.58 -35.00
CA GLU A 312 -79.82 7.17 -35.31
C GLU A 312 -80.43 6.45 -34.15
N GLY A 313 -81.28 5.47 -34.47
CA GLY A 313 -81.78 4.56 -33.46
C GLY A 313 -81.25 3.19 -33.80
N VAL A 314 -81.59 2.21 -32.98
CA VAL A 314 -81.08 0.86 -33.21
C VAL A 314 -82.11 -0.18 -32.78
N VAL A 315 -82.13 -1.29 -33.50
CA VAL A 315 -82.97 -2.42 -33.12
C VAL A 315 -82.12 -3.65 -33.29
N GLN A 316 -81.90 -4.37 -32.19
CA GLN A 316 -80.94 -5.46 -32.15
C GLN A 316 -81.59 -6.80 -32.01
N PHE A 317 -81.04 -7.79 -32.72
CA PHE A 317 -81.57 -9.14 -32.77
C PHE A 317 -80.53 -10.23 -32.57
N GLU A 318 -80.95 -11.27 -31.83
CA GLU A 318 -80.21 -12.52 -31.74
C GLU A 318 -80.37 -13.35 -33.02
N ALA A 319 -79.25 -13.73 -33.63
CA ALA A 319 -79.26 -14.56 -34.84
C ALA A 319 -79.44 -16.05 -34.53
N LYS A 320 -80.32 -16.71 -35.29
CA LYS A 320 -80.67 -18.11 -35.02
C LYS A 320 -79.60 -19.03 -35.57
N GLN A 321 -78.86 -18.52 -36.54
CA GLN A 321 -77.76 -19.22 -37.16
C GLN A 321 -76.50 -18.42 -36.88
N PRO A 322 -75.32 -18.92 -37.29
CA PRO A 322 -74.07 -18.14 -37.18
C PRO A 322 -73.95 -17.00 -38.21
N MET A 323 -73.55 -15.83 -37.74
CA MET A 323 -73.33 -14.67 -38.61
C MET A 323 -72.00 -14.75 -39.33
N VAL A 324 -71.87 -13.99 -40.40
CA VAL A 324 -70.63 -13.90 -41.17
C VAL A 324 -69.51 -13.45 -40.25
N ALA A 325 -68.30 -13.90 -40.53
CA ALA A 325 -67.13 -13.57 -39.73
C ALA A 325 -66.10 -12.77 -40.54
N GLU A 326 -66.46 -12.45 -41.79
CA GLU A 326 -65.75 -11.44 -42.60
C GLU A 326 -66.78 -10.59 -43.32
N SER A 327 -66.47 -9.31 -43.45
CA SER A 327 -67.28 -8.40 -44.23
C SER A 327 -66.41 -7.35 -44.92
N THR A 328 -67.02 -6.56 -45.80
CA THR A 328 -66.38 -5.35 -46.26
C THR A 328 -66.26 -4.35 -45.10
N GLN A 329 -67.37 -4.13 -44.38
CA GLN A 329 -67.40 -3.15 -43.33
C GLN A 329 -68.53 -3.34 -42.32
N TRP A 330 -69.19 -4.49 -42.39
CA TRP A 330 -70.09 -4.94 -41.34
C TRP A 330 -71.44 -4.29 -41.40
N TRP A 331 -71.59 -3.32 -42.30
CA TRP A 331 -72.84 -2.57 -42.45
C TRP A 331 -73.20 -2.48 -43.94
N GLU A 332 -73.41 -3.63 -44.58
CA GLU A 332 -73.33 -3.70 -46.04
C GLU A 332 -74.58 -3.30 -46.81
N ILE A 333 -75.71 -3.28 -46.11
CA ILE A 333 -76.99 -3.01 -46.75
C ILE A 333 -77.60 -1.70 -46.24
N GLY A 334 -78.26 -0.98 -47.14
CA GLY A 334 -79.09 0.18 -46.78
C GLY A 334 -80.52 0.09 -47.28
N ILE A 335 -81.45 0.70 -46.57
CA ILE A 335 -82.87 0.62 -46.88
C ILE A 335 -83.48 1.99 -46.80
N PHE A 336 -84.07 2.47 -47.89
CA PHE A 336 -84.91 3.67 -47.88
C PHE A 336 -86.38 3.34 -48.05
N THR A 337 -87.24 4.04 -47.31
CA THR A 337 -88.67 3.88 -47.45
C THR A 337 -89.37 5.11 -46.86
N PRO A 338 -90.39 5.67 -47.55
CA PRO A 338 -91.05 6.87 -47.03
C PRO A 338 -92.07 6.49 -45.99
N THR A 339 -92.28 7.37 -45.01
CA THR A 339 -93.27 7.14 -43.97
C THR A 339 -94.57 7.88 -44.23
N GLU A 340 -94.60 8.67 -45.30
CA GLU A 340 -95.57 9.71 -45.58
C GLU A 340 -95.73 9.72 -47.10
N ASP A 341 -96.91 10.09 -47.58
CA ASP A 341 -97.12 10.25 -49.03
C ASP A 341 -96.53 11.58 -49.57
N GLY A 342 -96.27 11.62 -50.87
CA GLY A 342 -95.89 12.87 -51.55
C GLY A 342 -94.43 13.34 -51.55
N LEU A 343 -93.51 12.51 -51.05
CA LEU A 343 -92.10 12.90 -50.95
C LEU A 343 -91.28 12.43 -52.12
N ASP A 344 -90.45 13.31 -52.64
CA ASP A 344 -89.52 12.94 -53.71
C ASP A 344 -88.16 12.48 -53.13
N ARG A 345 -88.15 12.26 -51.81
CA ARG A 345 -87.00 11.74 -51.05
C ARG A 345 -87.47 11.00 -49.82
N PRO A 346 -86.83 9.87 -49.50
CA PRO A 346 -87.21 9.15 -48.31
C PRO A 346 -86.83 9.94 -47.08
N ASP A 347 -87.72 9.93 -46.09
CA ASP A 347 -87.45 10.62 -44.87
C ASP A 347 -86.89 9.65 -43.84
N LEU A 348 -86.84 8.35 -44.18
CA LEU A 348 -86.31 7.32 -43.26
C LEU A 348 -85.25 6.45 -43.94
N MET A 349 -84.14 6.21 -43.27
CA MET A 349 -83.19 5.24 -43.78
C MET A 349 -82.81 4.26 -42.67
N MET A 350 -82.41 3.05 -43.06
CA MET A 350 -81.93 2.03 -42.12
C MET A 350 -80.70 1.41 -42.71
N HIS A 351 -79.65 1.25 -41.90
CA HIS A 351 -78.51 0.43 -42.29
C HIS A 351 -78.70 -0.98 -41.68
N TYR A 352 -78.03 -1.98 -42.26
CA TYR A 352 -78.04 -3.32 -41.70
C TYR A 352 -76.67 -3.69 -41.27
N GLY A 353 -76.52 -4.04 -40.00
CA GLY A 353 -75.24 -4.52 -39.50
C GLY A 353 -75.17 -5.99 -39.15
N SER A 354 -74.23 -6.71 -39.76
CA SER A 354 -73.99 -8.11 -39.43
C SER A 354 -73.21 -8.30 -38.12
N VAL A 355 -73.55 -7.49 -37.11
CA VAL A 355 -72.94 -7.49 -35.80
C VAL A 355 -73.92 -6.82 -34.83
N PRO A 356 -73.75 -7.03 -33.51
CA PRO A 356 -74.55 -6.25 -32.56
C PRO A 356 -74.02 -4.83 -32.45
N PHE A 357 -74.80 -3.91 -31.88
CA PHE A 357 -74.36 -2.54 -31.74
C PHE A 357 -74.84 -2.02 -30.41
N ASP A 358 -74.16 -2.46 -29.36
CA ASP A 358 -74.63 -2.22 -28.01
C ASP A 358 -73.97 -1.01 -27.35
N MET A 359 -73.29 -0.20 -28.15
CA MET A 359 -72.71 1.07 -27.70
C MET A 359 -73.59 1.88 -26.76
N ASN A 360 -74.87 2.03 -27.09
CA ASN A 360 -75.72 2.83 -26.21
C ASN A 360 -76.72 2.05 -25.41
N THR A 361 -76.71 0.74 -25.53
CA THR A 361 -77.73 -0.04 -24.82
C THR A 361 -77.16 -0.75 -23.60
N LEU A 362 -75.91 -1.18 -23.67
CA LEU A 362 -75.33 -1.92 -22.55
C LEU A 362 -75.50 -1.20 -21.20
N ARG A 363 -75.23 0.10 -21.17
CA ARG A 363 -75.23 0.88 -19.93
C ARG A 363 -76.65 1.06 -19.39
N HIS A 364 -77.61 0.49 -20.10
CA HIS A 364 -79.02 0.67 -19.76
C HIS A 364 -79.63 -0.68 -19.46
N GLY A 365 -78.79 -1.70 -19.41
CA GLY A 365 -79.25 -2.99 -18.97
C GLY A 365 -79.92 -3.83 -20.02
N TYR A 366 -79.75 -3.47 -21.30
CA TYR A 366 -80.21 -4.29 -22.39
C TYR A 366 -79.24 -5.42 -22.68
N PRO A 367 -79.74 -6.67 -22.77
CA PRO A 367 -78.86 -7.84 -22.91
C PRO A 367 -78.20 -7.89 -24.28
N THR A 368 -77.09 -8.61 -24.41
CA THR A 368 -76.40 -8.66 -25.69
C THR A 368 -76.04 -10.03 -26.13
N THR A 369 -75.24 -10.11 -27.18
CA THR A 369 -74.93 -11.38 -27.80
C THR A 369 -73.62 -11.17 -28.50
N GLU A 370 -72.98 -12.26 -28.88
CA GLU A 370 -71.85 -12.19 -29.82
C GLU A 370 -72.27 -12.73 -31.20
N ASN A 371 -73.51 -13.20 -31.29
CA ASN A 371 -74.06 -13.61 -32.58
C ASN A 371 -75.43 -12.98 -32.86
N GLY A 372 -75.41 -11.85 -33.58
CA GLY A 372 -76.64 -11.16 -33.99
C GLY A 372 -76.43 -10.10 -35.06
N PHE A 373 -77.50 -9.38 -35.37
CA PHE A 373 -77.46 -8.30 -36.35
C PHE A 373 -78.21 -7.09 -35.81
N SER A 374 -78.00 -5.94 -36.48
CA SER A 374 -78.63 -4.69 -36.06
C SER A 374 -79.38 -4.00 -37.20
N LEU A 375 -80.42 -3.26 -36.82
CA LEU A 375 -81.15 -2.43 -37.76
C LEU A 375 -81.20 -1.00 -37.20
N THR A 376 -80.65 -0.06 -37.98
CA THR A 376 -80.41 1.28 -37.51
C THR A 376 -81.16 2.34 -38.32
N PRO A 377 -82.39 2.67 -37.88
CA PRO A 377 -83.11 3.75 -38.54
C PRO A 377 -82.47 5.11 -38.25
N ASN A 378 -82.43 5.99 -39.26
CA ASN A 378 -81.99 7.38 -39.09
C ASN A 378 -82.91 8.37 -39.78
N VAL A 379 -83.11 9.55 -39.20
CA VAL A 379 -83.96 10.55 -39.90
C VAL A 379 -83.12 11.26 -40.95
N THR A 380 -83.50 11.18 -42.22
CA THR A 380 -82.66 11.68 -43.32
C THR A 380 -82.66 13.18 -43.45
N HIS A 381 -83.72 13.80 -42.93
CA HIS A 381 -83.87 15.24 -42.92
CA HIS A 381 -83.89 15.25 -42.94
C HIS A 381 -84.49 15.72 -41.61
N ALA A 382 -83.76 15.53 -40.53
CA ALA A 382 -84.16 16.00 -39.21
C ALA A 382 -84.37 17.52 -39.15
N ARG A 383 -85.31 17.94 -38.32
CA ARG A 383 -85.65 19.34 -38.28
C ARG A 383 -85.10 19.95 -37.03
N SER A 384 -84.46 19.14 -36.22
CA SER A 384 -83.77 19.69 -35.09
C SER A 384 -82.55 20.45 -35.60
N ARG A 385 -82.29 21.62 -35.00
CA ARG A 385 -81.07 22.39 -35.26
C ARG A 385 -80.33 22.68 -33.97
N GLY A 386 -79.01 22.53 -34.03
CA GLY A 386 -78.14 22.71 -32.87
C GLY A 386 -76.99 23.68 -33.09
N THR A 387 -76.04 23.67 -32.17
CA THR A 387 -74.92 24.60 -32.19
C THR A 387 -73.57 23.96 -31.84
N VAL A 388 -72.51 24.66 -32.24
CA VAL A 388 -71.17 24.34 -31.86
C VAL A 388 -70.73 25.63 -31.33
N ARG A 389 -70.34 25.64 -30.07
CA ARG A 389 -69.86 26.87 -29.47
C ARG A 389 -68.50 26.66 -28.85
N LEU A 390 -67.79 27.75 -28.59
CA LEU A 390 -66.56 27.67 -27.83
C LEU A 390 -66.83 27.34 -26.36
N ARG A 391 -65.96 26.51 -25.80
CA ARG A 391 -65.94 26.28 -24.34
C ARG A 391 -65.12 27.38 -23.67
N SER A 392 -64.15 27.90 -24.40
CA SER A 392 -63.23 28.92 -23.88
C SER A 392 -62.51 29.53 -25.06
N ARG A 393 -61.56 30.41 -24.78
CA ARG A 393 -60.74 31.03 -25.81
C ARG A 393 -59.47 30.21 -25.99
N ASP A 394 -59.41 29.06 -25.31
CA ASP A 394 -58.25 28.16 -25.40
C ASP A 394 -58.41 27.09 -26.50
N PHE A 395 -57.56 27.19 -27.53
CA PHE A 395 -57.71 26.37 -28.73
C PHE A 395 -57.67 24.90 -28.42
N ARG A 396 -57.04 24.56 -27.31
CA ARG A 396 -56.95 23.17 -26.86
C ARG A 396 -58.25 22.59 -26.27
N ASP A 397 -59.16 23.41 -25.79
CA ASP A 397 -60.42 22.90 -25.22
C ASP A 397 -61.36 22.51 -26.31
N LYS A 398 -61.92 21.32 -26.16
CA LYS A 398 -62.93 20.82 -27.06
C LYS A 398 -64.11 21.78 -27.12
N PRO A 399 -64.75 21.87 -28.28
CA PRO A 399 -65.89 22.80 -28.36
C PRO A 399 -67.06 22.13 -27.69
N MET A 400 -68.10 22.91 -27.46
CA MET A 400 -69.39 22.46 -26.95
C MET A 400 -70.26 22.13 -28.14
N VAL A 401 -70.56 20.85 -28.26
CA VAL A 401 -71.38 20.32 -29.32
C VAL A 401 -72.76 20.01 -28.78
N ASP A 402 -73.74 20.74 -29.28
CA ASP A 402 -75.13 20.55 -28.86
C ASP A 402 -76.08 20.47 -30.05
N PRO A 403 -76.29 19.26 -30.57
CA PRO A 403 -77.09 19.11 -31.77
C PRO A 403 -78.55 19.26 -31.48
N ARG A 404 -78.91 19.32 -30.20
CA ARG A 404 -80.30 19.45 -29.73
C ARG A 404 -81.23 18.44 -30.41
N TYR A 405 -80.89 17.17 -30.24
CA TYR A 405 -81.64 16.10 -30.84
C TYR A 405 -83.12 16.07 -30.43
N PHE A 406 -84.00 15.79 -31.41
CA PHE A 406 -85.45 15.64 -31.19
C PHE A 406 -86.04 16.82 -30.47
N THR A 407 -85.70 18.00 -30.93
CA THR A 407 -86.16 19.21 -30.27
C THR A 407 -86.98 20.03 -31.24
N ASP A 408 -87.11 19.54 -32.47
CA ASP A 408 -87.94 20.26 -33.41
C ASP A 408 -89.36 20.33 -32.82
N PRO A 409 -89.98 21.52 -32.89
CA PRO A 409 -91.18 21.75 -32.09
C PRO A 409 -92.40 20.97 -32.64
N GLU A 410 -92.27 20.44 -33.84
CA GLU A 410 -93.33 19.64 -34.44
C GLU A 410 -93.31 18.19 -33.98
N GLY A 411 -92.20 17.73 -33.41
CA GLY A 411 -92.06 16.34 -32.97
C GLY A 411 -91.86 15.37 -34.13
N HIS A 412 -91.21 15.83 -35.18
CA HIS A 412 -91.15 15.10 -36.43
C HIS A 412 -90.05 14.03 -36.37
N ASP A 413 -88.90 14.41 -35.87
CA ASP A 413 -87.75 13.51 -35.89
C ASP A 413 -88.03 12.31 -35.01
N MET A 414 -88.72 12.54 -33.91
CA MET A 414 -89.08 11.46 -33.02
C MET A 414 -90.02 10.53 -33.80
N ARG A 415 -91.06 11.13 -34.42
CA ARG A 415 -92.05 10.43 -35.23
C ARG A 415 -91.46 9.56 -36.35
N VAL A 416 -90.47 10.09 -37.07
CA VAL A 416 -89.77 9.25 -38.05
C VAL A 416 -88.96 8.11 -37.41
N MET A 417 -88.34 8.37 -36.28
CA MET A 417 -87.56 7.36 -35.60
C MET A 417 -88.46 6.25 -35.04
N VAL A 418 -89.54 6.65 -34.36
CA VAL A 418 -90.49 5.69 -33.85
C VAL A 418 -90.96 4.76 -34.96
N ALA A 419 -91.37 5.35 -36.07
CA ALA A 419 -91.80 4.63 -37.25
C ALA A 419 -90.68 3.75 -37.82
N GLY A 420 -89.42 4.20 -37.72
CA GLY A 420 -88.29 3.45 -38.24
C GLY A 420 -88.08 2.17 -37.47
N ILE A 421 -88.17 2.27 -36.15
CA ILE A 421 -88.14 1.13 -35.25
C ILE A 421 -89.24 0.12 -35.63
N ARG A 422 -90.48 0.59 -35.71
CA ARG A 422 -91.61 -0.24 -36.17
C ARG A 422 -91.33 -0.96 -37.49
N LYS A 423 -90.67 -0.26 -38.42
CA LYS A 423 -90.48 -0.78 -39.78
C LYS A 423 -89.41 -1.87 -39.81
N ALA A 424 -88.33 -1.61 -39.10
CA ALA A 424 -87.28 -2.57 -38.88
C ALA A 424 -87.84 -3.83 -38.22
N ARG A 425 -88.73 -3.65 -37.24
CA ARG A 425 -89.41 -4.79 -36.61
C ARG A 425 -90.19 -5.56 -37.65
N GLU A 426 -90.91 -4.82 -38.48
CA GLU A 426 -91.68 -5.40 -39.58
C GLU A 426 -90.80 -6.13 -40.61
N ILE A 427 -89.71 -5.53 -41.06
CA ILE A 427 -88.81 -6.17 -42.05
C ILE A 427 -88.28 -7.51 -41.54
N ALA A 428 -87.94 -7.56 -40.25
CA ALA A 428 -87.25 -8.71 -39.66
C ALA A 428 -88.20 -9.87 -39.44
N ALA A 429 -89.46 -9.53 -39.20
CA ALA A 429 -90.52 -10.51 -38.90
C ALA A 429 -91.02 -11.23 -40.14
N GLN A 430 -90.53 -10.80 -41.31
CA GLN A 430 -90.94 -11.36 -42.60
C GLN A 430 -90.42 -12.78 -42.78
N PRO A 431 -91.21 -13.60 -43.51
CA PRO A 431 -90.95 -15.00 -43.78
C PRO A 431 -89.57 -15.30 -44.37
N ALA A 432 -89.02 -14.38 -45.15
CA ALA A 432 -87.70 -14.67 -45.72
C ALA A 432 -86.62 -14.57 -44.64
N MET A 433 -87.02 -14.09 -43.47
CA MET A 433 -86.10 -14.02 -42.32
C MET A 433 -86.55 -14.89 -41.14
N ALA A 434 -87.34 -15.93 -41.39
CA ALA A 434 -87.75 -16.85 -40.32
C ALA A 434 -86.55 -17.60 -39.72
N GLU A 435 -85.68 -18.07 -40.59
CA GLU A 435 -84.49 -18.83 -40.23
C GLU A 435 -83.40 -18.04 -39.50
N TRP A 436 -83.48 -16.71 -39.53
CA TRP A 436 -82.42 -15.89 -38.92
C TRP A 436 -82.92 -15.11 -37.71
N THR A 437 -83.97 -14.32 -37.90
CA THR A 437 -84.44 -13.44 -36.83
C THR A 437 -84.74 -14.18 -35.54
N GLY A 438 -83.95 -13.88 -34.51
CA GLY A 438 -84.16 -14.38 -33.16
C GLY A 438 -84.87 -13.41 -32.25
N ARG A 439 -84.48 -13.43 -30.97
CA ARG A 439 -85.12 -12.63 -29.94
C ARG A 439 -84.64 -11.20 -30.09
N GLU A 440 -85.55 -10.27 -29.93
CA GLU A 440 -85.20 -8.88 -30.05
C GLU A 440 -84.60 -8.41 -28.72
N LEU A 441 -83.34 -7.97 -28.78
CA LEU A 441 -82.60 -7.59 -27.57
C LEU A 441 -82.84 -6.15 -27.11
N SER A 442 -82.80 -5.20 -28.03
CA SER A 442 -83.25 -3.85 -27.73
C SER A 442 -84.09 -3.31 -28.87
N PRO A 443 -85.20 -2.62 -28.55
CA PRO A 443 -85.65 -2.28 -27.22
C PRO A 443 -86.37 -3.42 -26.53
N GLY A 444 -86.42 -4.58 -27.18
CA GLY A 444 -87.21 -5.70 -26.69
C GLY A 444 -88.70 -5.57 -26.94
N VAL A 445 -89.27 -6.66 -27.46
CA VAL A 445 -90.70 -6.80 -27.70
C VAL A 445 -91.55 -6.10 -26.65
N GLU A 446 -91.07 -6.02 -25.42
CA GLU A 446 -91.76 -5.34 -24.32
C GLU A 446 -92.25 -3.93 -24.69
N ALA A 447 -91.38 -3.17 -25.35
CA ALA A 447 -91.69 -1.79 -25.70
C ALA A 447 -92.59 -1.73 -26.93
N GLN A 448 -93.78 -1.16 -26.73
CA GLN A 448 -94.81 -1.21 -27.76
C GLN A 448 -95.49 0.11 -28.08
N THR A 449 -95.80 0.92 -27.07
CA THR A 449 -96.50 2.20 -27.32
C THR A 449 -95.57 3.25 -27.87
N ASP A 450 -96.14 4.30 -28.47
CA ASP A 450 -95.35 5.42 -28.90
C ASP A 450 -94.47 5.86 -27.72
N GLU A 451 -95.03 5.81 -26.51
CA GLU A 451 -94.37 6.39 -25.37
C GLU A 451 -93.18 5.56 -24.95
N GLU A 452 -93.36 4.25 -24.93
CA GLU A 452 -92.29 3.36 -24.51
C GLU A 452 -91.09 3.50 -25.45
N LEU A 453 -91.38 3.55 -26.76
CA LEU A 453 -90.36 3.58 -27.81
C LEU A 453 -89.60 4.89 -27.84
N GLN A 454 -90.31 5.99 -27.60
CA GLN A 454 -89.69 7.30 -27.41
C GLN A 454 -88.55 7.27 -26.36
N ASP A 455 -88.91 6.83 -25.14
CA ASP A 455 -87.98 6.66 -24.02
C ASP A 455 -86.75 5.86 -24.37
N TYR A 456 -86.96 4.73 -25.04
CA TYR A 456 -85.86 3.94 -25.56
C TYR A 456 -84.95 4.79 -26.46
N ILE A 457 -85.56 5.52 -27.41
CA ILE A 457 -84.81 6.37 -28.33
C ILE A 457 -84.02 7.49 -27.63
N ARG A 458 -84.68 8.30 -26.80
CA ARG A 458 -84.03 9.29 -25.89
C ARG A 458 -82.84 8.72 -25.09
N LYS A 459 -82.96 7.49 -24.63
CA LYS A 459 -81.86 6.87 -23.92
C LYS A 459 -80.74 6.46 -24.84
N THR A 460 -81.06 5.74 -25.93
CA THR A 460 -80.10 4.86 -26.60
C THR A 460 -79.73 5.19 -28.03
N HIS A 461 -80.14 6.35 -28.51
CA HIS A 461 -79.91 6.65 -29.91
C HIS A 461 -78.44 7.02 -30.13
N ASN A 462 -77.93 6.81 -31.34
CA ASN A 462 -76.60 7.25 -31.74
C ASN A 462 -76.71 8.30 -32.84
N THR A 463 -75.66 8.41 -33.63
CA THR A 463 -75.64 9.25 -34.76
C THR A 463 -75.07 8.36 -35.80
N VAL A 464 -75.25 8.73 -37.06
CA VAL A 464 -74.69 7.98 -38.18
C VAL A 464 -73.34 8.60 -38.46
N TYR A 465 -73.07 9.66 -37.69
CA TYR A 465 -71.85 10.50 -37.77
C TYR A 465 -71.81 11.45 -38.95
N HIS A 466 -72.93 12.12 -39.23
CA HIS A 466 -72.91 13.08 -40.31
C HIS A 466 -73.22 14.52 -39.90
N PRO A 467 -72.38 15.09 -39.03
CA PRO A 467 -72.64 16.51 -38.69
C PRO A 467 -72.32 17.51 -39.81
N VAL A 468 -73.24 18.40 -40.10
CA VAL A 468 -73.08 19.37 -41.18
C VAL A 468 -73.77 20.70 -40.80
N GLY A 469 -73.58 21.71 -41.67
CA GLY A 469 -74.40 22.93 -41.69
C GLY A 469 -73.89 24.10 -40.88
N THR A 470 -72.80 23.88 -40.16
CA THR A 470 -72.37 24.81 -39.13
C THR A 470 -71.72 26.10 -39.64
N VAL A 471 -71.27 26.13 -40.90
CA VAL A 471 -70.82 27.39 -41.52
C VAL A 471 -71.40 27.49 -42.93
N ARG A 472 -72.68 27.85 -43.04
CA ARG A 472 -73.45 27.52 -44.24
C ARG A 472 -73.43 28.55 -45.35
N MET A 473 -73.60 28.07 -46.57
CA MET A 473 -73.76 28.96 -47.69
C MET A 473 -75.16 29.49 -47.75
N GLY A 474 -75.33 30.55 -48.55
CA GLY A 474 -76.63 31.10 -48.76
C GLY A 474 -76.48 32.37 -49.55
N ALA A 475 -77.57 33.12 -49.58
CA ALA A 475 -77.65 34.36 -50.32
C ALA A 475 -76.65 35.39 -49.76
N VAL A 476 -76.34 36.44 -50.52
CA VAL A 476 -75.49 37.52 -50.04
C VAL A 476 -76.26 38.41 -49.04
N GLU A 477 -77.57 38.54 -49.23
CA GLU A 477 -78.37 39.31 -48.27
C GLU A 477 -78.59 38.61 -46.92
N ASP A 478 -78.54 37.28 -46.90
CA ASP A 478 -78.82 36.49 -45.70
C ASP A 478 -77.74 36.74 -44.66
N GLU A 479 -78.04 37.48 -43.61
CA GLU A 479 -77.07 37.68 -42.51
C GLU A 479 -76.70 36.35 -41.84
N MET A 480 -77.59 35.36 -41.89
CA MET A 480 -77.41 34.09 -41.15
C MET A 480 -76.61 33.02 -41.88
N SER A 481 -76.14 33.31 -43.09
CA SER A 481 -75.23 32.42 -43.79
C SER A 481 -73.82 32.99 -43.67
N PRO A 482 -72.91 32.27 -43.00
CA PRO A 482 -71.55 32.80 -42.97
C PRO A 482 -70.90 32.94 -44.37
N LEU A 483 -71.30 32.11 -45.35
CA LEU A 483 -70.59 32.11 -46.63
C LEU A 483 -71.47 32.54 -47.78
N ASP A 484 -70.88 33.17 -48.79
CA ASP A 484 -71.62 33.40 -50.06
C ASP A 484 -71.56 32.14 -50.97
N PRO A 485 -72.33 32.13 -52.08
CA PRO A 485 -72.38 30.96 -52.96
C PRO A 485 -71.05 30.52 -53.53
N GLU A 486 -70.01 31.36 -53.49
CA GLU A 486 -68.72 30.87 -53.95
C GLU A 486 -67.80 30.51 -52.82
N LEU A 487 -68.40 30.16 -51.69
CA LEU A 487 -67.68 29.61 -50.52
C LEU A 487 -66.80 30.59 -49.74
N ARG A 488 -66.88 31.88 -50.06
CA ARG A 488 -66.11 32.91 -49.35
C ARG A 488 -66.82 33.38 -48.08
N VAL A 489 -66.07 33.44 -46.98
CA VAL A 489 -66.50 33.99 -45.71
C VAL A 489 -66.79 35.47 -45.86
N LYS A 490 -67.94 35.90 -45.38
CA LYS A 490 -68.36 37.28 -45.55
C LYS A 490 -67.69 38.20 -44.53
N GLY A 491 -67.42 39.43 -44.95
CA GLY A 491 -66.78 40.40 -44.07
C GLY A 491 -65.27 40.28 -44.09
N VAL A 492 -64.76 39.33 -44.87
CA VAL A 492 -63.34 39.11 -45.01
C VAL A 492 -63.02 38.84 -46.49
N THR A 493 -61.75 38.81 -46.87
CA THR A 493 -61.40 38.42 -48.21
C THR A 493 -60.31 37.40 -48.11
N GLY A 494 -60.07 36.68 -49.20
CA GLY A 494 -59.04 35.66 -49.27
C GLY A 494 -59.28 34.44 -48.39
N LEU A 495 -60.53 34.24 -47.98
CA LEU A 495 -60.86 33.12 -47.09
C LEU A 495 -62.15 32.41 -47.48
N ARG A 496 -62.04 31.10 -47.68
CA ARG A 496 -63.15 30.27 -48.08
C ARG A 496 -63.26 29.08 -47.15
N VAL A 497 -64.47 28.51 -47.01
CA VAL A 497 -64.62 27.29 -46.26
C VAL A 497 -65.08 26.25 -47.22
N ALA A 498 -64.48 25.06 -47.11
CA ALA A 498 -64.79 23.90 -47.95
C ALA A 498 -64.76 22.58 -47.17
N ASP A 499 -65.92 22.16 -46.66
CA ASP A 499 -66.12 20.90 -45.94
C ASP A 499 -67.60 20.80 -45.58
N ALA A 500 -67.99 19.81 -44.78
CA ALA A 500 -69.41 19.56 -44.47
C ALA A 500 -70.15 20.73 -43.80
N SER A 501 -69.41 21.71 -43.29
CA SER A 501 -70.02 22.85 -42.63
C SER A 501 -70.94 23.64 -43.55
N VAL A 502 -70.66 23.60 -44.85
CA VAL A 502 -71.25 24.57 -45.79
C VAL A 502 -72.70 24.23 -46.20
N MET A 503 -73.19 23.03 -45.90
CA MET A 503 -74.48 22.57 -46.37
C MET A 503 -75.61 23.45 -45.83
N PRO A 504 -76.50 23.94 -46.71
CA PRO A 504 -77.64 24.73 -46.21
C PRO A 504 -78.64 23.79 -45.56
N GLU A 505 -78.58 22.53 -45.99
CA GLU A 505 -79.53 21.50 -45.60
C GLU A 505 -78.84 20.17 -45.77
N HIS A 506 -79.10 19.25 -44.86
CA HIS A 506 -78.44 17.99 -44.97
C HIS A 506 -78.88 17.35 -46.26
N VAL A 507 -78.09 16.38 -46.74
CA VAL A 507 -78.49 15.51 -47.83
C VAL A 507 -79.04 14.19 -47.25
N THR A 508 -79.85 13.50 -48.05
CA THR A 508 -80.61 12.28 -47.67
C THR A 508 -79.71 11.13 -47.26
N VAL A 509 -78.54 11.07 -47.88
CA VAL A 509 -77.65 9.92 -47.83
C VAL A 509 -76.39 10.24 -47.04
N ASN A 510 -75.68 9.20 -46.60
CA ASN A 510 -74.32 9.30 -46.10
C ASN A 510 -73.56 10.25 -47.00
N PRO A 511 -73.04 11.36 -46.42
CA PRO A 511 -72.61 12.57 -47.12
C PRO A 511 -71.16 12.63 -47.62
N ASN A 512 -70.30 11.68 -47.23
CA ASN A 512 -68.86 11.75 -47.59
C ASN A 512 -68.63 12.16 -49.05
N ILE A 513 -69.07 11.35 -49.97
CA ILE A 513 -68.80 11.61 -51.36
C ILE A 513 -69.33 13.01 -51.72
N THR A 514 -70.39 13.44 -51.07
CA THR A 514 -70.86 14.79 -51.38
C THR A 514 -69.89 15.87 -50.87
N VAL A 515 -69.25 15.58 -49.75
CA VAL A 515 -68.22 16.44 -49.24
C VAL A 515 -67.03 16.44 -50.18
N MET A 516 -66.53 15.27 -50.56
CA MET A 516 -65.53 15.26 -51.62
C MET A 516 -65.95 16.11 -52.87
N MET A 517 -67.16 15.89 -53.37
CA MET A 517 -67.67 16.77 -54.40
C MET A 517 -67.46 18.29 -54.09
N ILE A 518 -67.70 18.71 -52.86
CA ILE A 518 -67.71 20.15 -52.49
C ILE A 518 -66.34 20.77 -52.63
N GLY A 519 -65.34 19.95 -52.30
CA GLY A 519 -63.97 20.34 -52.43
C GLY A 519 -63.62 20.54 -53.87
N GLU A 520 -63.95 19.55 -54.70
CA GLU A 520 -63.86 19.70 -56.16
C GLU A 520 -64.44 21.06 -56.58
N ARG A 521 -65.65 21.38 -56.13
CA ARG A 521 -66.28 22.62 -56.60
C ARG A 521 -65.53 23.89 -56.19
N CYS A 522 -64.93 23.83 -55.00
CA CYS A 522 -64.26 24.97 -54.41
C CYS A 522 -62.99 25.18 -55.19
N ALA A 523 -62.27 24.09 -55.42
CA ALA A 523 -61.12 24.07 -56.28
C ALA A 523 -61.43 24.78 -57.61
N ASP A 524 -62.48 24.31 -58.29
CA ASP A 524 -62.94 24.95 -59.52
C ASP A 524 -63.29 26.41 -59.35
N LEU A 525 -63.87 26.79 -58.21
CA LEU A 525 -64.19 28.21 -57.96
C LEU A 525 -62.94 29.07 -57.79
N ILE A 526 -62.07 28.64 -56.89
CA ILE A 526 -60.79 29.28 -56.68
C ILE A 526 -60.01 29.45 -57.99
N ARG A 527 -59.82 28.34 -58.73
CA ARG A 527 -59.02 28.38 -59.97
C ARG A 527 -59.80 28.90 -61.16
N SER A 528 -60.96 29.50 -60.90
CA SER A 528 -61.69 30.22 -61.93
C SER A 528 -61.43 31.73 -61.74
N ALA A 529 -60.31 32.04 -61.09
CA ALA A 529 -59.82 33.41 -60.90
C ALA A 529 -58.34 33.60 -61.31
N ARG A 530 -58.07 33.89 -62.59
CA ARG A 530 -59.08 33.78 -63.66
C ARG A 530 -58.44 33.32 -64.96
N MET B 1 -42.94 -14.51 -25.04
CA MET B 1 -43.35 -14.06 -26.41
C MET B 1 -44.30 -12.87 -26.41
N HIS B 2 -44.14 -11.97 -27.38
CA HIS B 2 -45.10 -10.90 -27.57
C HIS B 2 -46.23 -11.34 -28.48
N ILE B 3 -47.44 -11.36 -27.94
CA ILE B 3 -48.63 -11.67 -28.71
C ILE B 3 -49.38 -10.39 -29.03
N ASP B 4 -49.50 -10.04 -30.30
CA ASP B 4 -50.31 -8.88 -30.70
C ASP B 4 -51.74 -9.30 -31.05
N ASN B 5 -51.91 -10.54 -31.49
CA ASN B 5 -53.26 -11.00 -31.80
C ASN B 5 -53.68 -12.19 -30.98
N ILE B 6 -54.75 -12.00 -30.22
CA ILE B 6 -55.18 -12.94 -29.22
C ILE B 6 -55.40 -14.33 -29.83
N GLU B 7 -55.77 -14.37 -31.10
CA GLU B 7 -56.10 -15.63 -31.77
C GLU B 7 -54.94 -16.53 -32.23
N ASN B 8 -53.74 -15.95 -32.36
CA ASN B 8 -52.52 -16.75 -32.56
C ASN B 8 -51.90 -17.18 -31.24
N LEU B 9 -52.76 -17.41 -30.24
CA LEU B 9 -52.33 -17.89 -28.92
C LEU B 9 -53.28 -18.99 -28.51
N SER B 10 -52.75 -20.20 -28.42
CA SER B 10 -53.59 -21.36 -28.16
C SER B 10 -53.81 -21.57 -26.67
N ASP B 11 -52.73 -21.66 -25.90
CA ASP B 11 -52.84 -21.84 -24.46
C ASP B 11 -53.26 -20.53 -23.78
N ARG B 12 -54.40 -20.54 -23.11
CA ARG B 12 -54.93 -19.37 -22.42
C ARG B 12 -54.94 -19.48 -20.90
N GLU B 13 -54.38 -20.57 -20.40
CA GLU B 13 -54.24 -20.78 -18.97
C GLU B 13 -52.83 -20.37 -18.56
N PHE B 14 -52.71 -19.70 -17.41
CA PHE B 14 -51.41 -19.29 -16.87
C PHE B 14 -51.38 -19.51 -15.36
N ASP B 15 -50.20 -19.75 -14.80
CA ASP B 15 -50.11 -19.71 -13.33
C ASP B 15 -50.47 -18.33 -12.77
N TYR B 16 -49.86 -17.27 -13.31
CA TYR B 16 -50.16 -15.91 -12.85
C TYR B 16 -50.63 -15.01 -13.98
N ILE B 17 -51.68 -14.22 -13.70
CA ILE B 17 -52.06 -13.12 -14.59
C ILE B 17 -51.86 -11.77 -13.91
N VAL B 18 -51.16 -10.88 -14.59
CA VAL B 18 -50.93 -9.56 -14.08
C VAL B 18 -51.62 -8.74 -15.10
N VAL B 19 -52.61 -7.94 -14.67
CA VAL B 19 -53.40 -7.07 -15.53
C VAL B 19 -52.97 -5.59 -15.43
N GLY B 20 -52.41 -5.06 -16.52
CA GLY B 20 -52.02 -3.67 -16.60
C GLY B 20 -50.52 -3.58 -16.47
N GLY B 21 -49.86 -3.22 -17.55
CA GLY B 21 -48.40 -3.26 -17.53
C GLY B 21 -47.72 -1.97 -17.08
N GLY B 22 -48.15 -1.36 -15.98
CA GLY B 22 -47.58 -0.08 -15.61
C GLY B 22 -46.43 -0.19 -14.61
N SER B 23 -46.30 0.84 -13.78
CA SER B 23 -45.19 0.93 -12.85
C SER B 23 -45.04 -0.35 -12.05
N ALA B 24 -46.15 -0.80 -11.44
CA ALA B 24 -46.08 -1.95 -10.54
C ALA B 24 -46.18 -3.27 -11.29
N GLY B 25 -47.03 -3.29 -12.32
CA GLY B 25 -47.40 -4.54 -12.96
C GLY B 25 -46.27 -5.14 -13.75
N ALA B 26 -45.52 -4.29 -14.45
CA ALA B 26 -44.36 -4.76 -15.17
C ALA B 26 -43.50 -5.40 -14.14
N ALA B 27 -43.24 -4.68 -13.06
CA ALA B 27 -42.32 -5.14 -12.04
C ALA B 27 -42.80 -6.45 -11.45
N VAL B 28 -44.07 -6.49 -11.07
CA VAL B 28 -44.68 -7.68 -10.48
C VAL B 28 -44.51 -8.88 -11.39
N ALA B 29 -44.90 -8.71 -12.66
CA ALA B 29 -44.84 -9.81 -13.64
C ALA B 29 -43.43 -10.24 -13.99
N ALA B 30 -42.52 -9.29 -14.16
CA ALA B 30 -41.15 -9.62 -14.52
C ALA B 30 -40.42 -10.45 -13.43
N ARG B 31 -40.79 -10.25 -12.17
CA ARG B 31 -40.16 -10.96 -11.06
C ARG B 31 -40.80 -12.32 -10.73
N LEU B 32 -42.11 -12.44 -10.90
CA LEU B 32 -42.75 -13.72 -10.64
C LEU B 32 -42.20 -14.78 -11.61
N SER B 33 -41.92 -14.36 -12.84
CA SER B 33 -41.37 -15.21 -13.90
C SER B 33 -39.85 -15.46 -13.81
N GLU B 34 -39.26 -15.19 -12.65
CA GLU B 34 -37.83 -15.44 -12.48
C GLU B 34 -37.64 -16.88 -12.02
N ASP B 35 -38.67 -17.44 -11.39
CA ASP B 35 -38.76 -18.87 -11.17
C ASP B 35 -39.29 -19.53 -12.45
N PRO B 36 -38.45 -20.37 -13.10
CA PRO B 36 -38.91 -20.92 -14.40
C PRO B 36 -39.93 -22.08 -14.31
N ALA B 37 -40.37 -22.44 -13.10
CA ALA B 37 -41.40 -23.47 -12.89
C ALA B 37 -42.86 -22.93 -12.86
N VAL B 38 -43.04 -21.65 -13.19
CA VAL B 38 -44.36 -21.04 -13.32
C VAL B 38 -44.45 -20.17 -14.57
N SER B 39 -45.66 -20.05 -15.12
CA SER B 39 -45.90 -19.16 -16.25
C SER B 39 -46.61 -17.89 -15.78
N VAL B 40 -46.33 -16.82 -16.51
CA VAL B 40 -46.82 -15.49 -16.20
C VAL B 40 -47.33 -14.87 -17.48
N ALA B 41 -48.57 -14.34 -17.44
CA ALA B 41 -49.07 -13.46 -18.47
C ALA B 41 -49.15 -12.04 -17.95
N LEU B 42 -48.51 -11.11 -18.66
CA LEU B 42 -48.76 -9.67 -18.50
C LEU B 42 -49.71 -9.13 -19.56
N VAL B 43 -50.84 -8.61 -19.12
CA VAL B 43 -51.91 -8.17 -20.01
C VAL B 43 -52.03 -6.67 -19.95
N GLU B 44 -51.85 -6.02 -21.10
CA GLU B 44 -52.00 -4.58 -21.19
C GLU B 44 -53.05 -4.14 -22.24
N ALA B 45 -53.67 -2.98 -22.02
CA ALA B 45 -54.70 -2.42 -22.88
C ALA B 45 -54.10 -1.62 -24.01
N GLY B 46 -53.07 -0.84 -23.71
CA GLY B 46 -52.38 -0.08 -24.75
C GLY B 46 -51.39 -0.93 -25.52
N PRO B 47 -50.70 -0.34 -26.49
CA PRO B 47 -49.72 -1.02 -27.33
C PRO B 47 -48.37 -1.31 -26.67
N ASP B 48 -47.60 -2.21 -27.29
CA ASP B 48 -46.15 -2.36 -27.04
C ASP B 48 -45.47 -1.02 -27.24
N ASP B 49 -44.44 -0.76 -26.46
CA ASP B 49 -43.77 0.51 -26.54
C ASP B 49 -42.43 0.40 -27.21
N ARG B 50 -42.00 -0.83 -27.46
CA ARG B 50 -40.83 -1.09 -28.32
C ARG B 50 -40.98 -0.36 -29.65
N GLY B 51 -39.98 0.42 -30.01
CA GLY B 51 -40.07 1.29 -31.18
C GLY B 51 -41.21 2.31 -31.24
N VAL B 52 -41.56 2.90 -30.10
CA VAL B 52 -42.32 4.15 -30.14
C VAL B 52 -41.51 5.33 -29.57
N PRO B 53 -40.89 6.11 -30.48
CA PRO B 53 -39.97 7.17 -30.11
C PRO B 53 -40.52 8.22 -29.12
N GLU B 54 -41.78 8.65 -29.29
CA GLU B 54 -42.34 9.70 -28.40
C GLU B 54 -42.73 9.17 -27.01
N VAL B 55 -42.76 7.86 -26.87
CA VAL B 55 -42.87 7.26 -25.58
C VAL B 55 -41.45 7.07 -25.10
N LEU B 56 -40.57 6.53 -25.94
CA LEU B 56 -39.21 6.21 -25.47
C LEU B 56 -38.31 7.43 -25.18
N GLN B 57 -38.29 8.44 -26.06
CA GLN B 57 -37.49 9.65 -25.82
C GLN B 57 -38.14 10.43 -24.68
N LEU B 58 -37.39 10.67 -23.60
CA LEU B 58 -37.96 11.28 -22.43
C LEU B 58 -38.31 12.75 -22.68
N ASP B 59 -37.40 13.49 -23.31
CA ASP B 59 -37.60 14.94 -23.46
C ASP B 59 -38.87 15.28 -24.25
N ARG B 60 -39.58 14.23 -24.67
CA ARG B 60 -40.78 14.40 -25.47
C ARG B 60 -42.05 14.06 -24.71
N TRP B 61 -41.93 13.79 -23.41
CA TRP B 61 -43.07 13.30 -22.63
C TRP B 61 -44.29 14.21 -22.73
N MET B 62 -44.09 15.52 -22.75
CA MET B 62 -45.19 16.48 -22.82
C MET B 62 -46.05 16.46 -24.10
N GLU B 63 -45.79 15.54 -25.02
CA GLU B 63 -46.59 15.44 -26.24
C GLU B 63 -47.52 14.27 -26.11
N LEU B 64 -47.37 13.51 -25.03
CA LEU B 64 -48.18 12.33 -24.86
C LEU B 64 -49.52 12.73 -24.27
N LEU B 65 -49.53 13.84 -23.53
CA LEU B 65 -50.74 14.42 -22.94
C LEU B 65 -51.79 14.52 -24.02
N GLU B 66 -52.98 13.97 -23.73
CA GLU B 66 -54.18 14.05 -24.60
C GLU B 66 -54.09 13.29 -25.92
N SER B 67 -52.90 12.77 -26.23
CA SER B 67 -52.65 11.97 -27.46
C SER B 67 -53.32 10.61 -27.43
N GLY B 68 -52.99 9.74 -28.39
CA GLY B 68 -53.56 8.40 -28.43
C GLY B 68 -52.93 7.50 -27.41
N TYR B 69 -52.02 8.07 -26.63
CA TYR B 69 -51.36 7.35 -25.55
C TYR B 69 -51.88 7.74 -24.17
N ASP B 70 -52.94 8.54 -24.19
CA ASP B 70 -53.60 9.02 -23.00
C ASP B 70 -55.06 8.51 -22.90
N TRP B 71 -55.38 7.78 -21.84
CA TRP B 71 -56.76 7.40 -21.55
C TRP B 71 -57.60 8.62 -21.48
N ASP B 72 -57.04 9.67 -20.84
CA ASP B 72 -57.61 11.02 -20.81
C ASP B 72 -58.86 11.12 -19.91
N TYR B 73 -58.65 11.19 -18.60
CA TYR B 73 -59.80 11.26 -17.70
C TYR B 73 -60.18 12.66 -17.19
N PRO B 74 -61.26 13.25 -17.72
CA PRO B 74 -61.79 14.48 -17.17
C PRO B 74 -62.32 14.28 -15.75
N ILE B 75 -62.27 15.32 -14.93
CA ILE B 75 -62.84 15.15 -13.62
C ILE B 75 -64.26 15.68 -13.61
N GLU B 76 -64.96 15.36 -12.51
CA GLU B 76 -66.28 15.81 -12.23
C GLU B 76 -66.14 17.27 -11.85
N PRO B 77 -67.20 18.07 -12.08
CA PRO B 77 -67.21 19.48 -11.64
C PRO B 77 -66.71 19.61 -10.22
N GLN B 78 -66.02 20.72 -9.91
CA GLN B 78 -65.34 20.85 -8.61
C GLN B 78 -65.96 21.86 -7.68
N GLU B 79 -66.35 21.39 -6.50
CA GLU B 79 -66.87 22.26 -5.46
C GLU B 79 -65.92 23.44 -5.26
N ASN B 80 -64.64 23.17 -5.01
CA ASN B 80 -63.72 24.26 -4.81
C ASN B 80 -62.46 24.18 -5.66
N GLY B 81 -62.64 23.89 -6.96
CA GLY B 81 -61.50 23.64 -7.84
C GLY B 81 -61.79 23.84 -9.33
N ASN B 82 -60.96 23.25 -10.17
CA ASN B 82 -60.93 23.53 -11.60
C ASN B 82 -61.52 22.43 -12.43
N SER B 83 -62.79 22.58 -12.79
CA SER B 83 -63.53 21.59 -13.54
C SER B 83 -62.99 21.29 -14.93
N PHE B 84 -62.04 22.10 -15.42
CA PHE B 84 -61.34 21.82 -16.69
C PHE B 84 -60.12 20.88 -16.55
N MET B 85 -59.69 20.62 -15.33
CA MET B 85 -58.53 19.77 -15.16
C MET B 85 -58.81 18.35 -15.69
N ARG B 86 -57.77 17.65 -16.10
CA ARG B 86 -57.86 16.34 -16.75
C ARG B 86 -56.82 15.45 -16.13
N HIS B 87 -57.19 14.22 -15.80
CA HIS B 87 -56.21 13.30 -15.28
C HIS B 87 -55.68 12.46 -16.39
N ALA B 88 -54.55 12.86 -16.96
CA ALA B 88 -53.90 12.02 -17.95
C ALA B 88 -53.35 10.72 -17.37
N ARG B 89 -53.80 9.60 -17.95
CA ARG B 89 -53.32 8.25 -17.65
C ARG B 89 -52.83 7.67 -18.96
N ALA B 90 -51.57 7.21 -18.94
CA ALA B 90 -50.95 6.58 -20.09
C ALA B 90 -51.59 5.24 -20.49
N LYS B 91 -51.71 5.05 -21.79
CA LYS B 91 -52.27 3.83 -22.34
C LYS B 91 -51.21 3.22 -23.24
N VAL B 92 -50.32 2.45 -22.63
CA VAL B 92 -49.11 2.03 -23.30
C VAL B 92 -48.34 1.13 -22.34
N MET B 93 -47.36 0.40 -22.85
CA MET B 93 -46.54 -0.44 -21.97
C MET B 93 -45.67 0.45 -21.12
N GLY B 94 -45.52 0.04 -19.87
CA GLY B 94 -44.84 0.84 -18.89
C GLY B 94 -45.79 1.76 -18.14
N GLY B 95 -46.98 2.03 -18.68
CA GLY B 95 -47.98 2.83 -17.96
C GLY B 95 -47.62 4.29 -17.84
N CYS B 96 -47.81 4.87 -16.66
CA CYS B 96 -47.47 6.27 -16.47
C CYS B 96 -45.95 6.44 -16.39
N SER B 97 -45.29 5.32 -16.08
CA SER B 97 -43.87 5.18 -16.25
C SER B 97 -43.40 5.39 -17.73
N SER B 98 -44.34 5.32 -18.67
CA SER B 98 -44.01 5.60 -20.08
C SER B 98 -44.41 7.00 -20.59
N HIS B 99 -44.95 7.84 -19.70
CA HIS B 99 -45.45 9.17 -20.04
C HIS B 99 -45.05 10.26 -19.01
N ASN B 100 -44.37 9.86 -17.94
CA ASN B 100 -44.01 10.84 -16.89
C ASN B 100 -42.68 11.53 -17.16
N ALA B 101 -42.32 12.50 -16.31
CA ALA B 101 -41.08 13.28 -16.47
C ALA B 101 -39.93 12.59 -15.80
N CYS B 102 -40.15 11.33 -15.41
CA CYS B 102 -39.11 10.56 -14.79
C CYS B 102 -38.45 11.21 -13.59
N ILE B 103 -39.12 12.08 -12.85
CA ILE B 103 -38.52 12.58 -11.61
C ILE B 103 -38.52 11.38 -10.64
N ALA B 104 -37.38 11.15 -10.00
CA ALA B 104 -37.18 9.91 -9.30
C ALA B 104 -36.73 10.09 -7.88
N PHE B 105 -37.63 9.70 -6.98
CA PHE B 105 -37.46 9.81 -5.57
C PHE B 105 -37.75 8.54 -4.78
N TRP B 106 -36.84 8.24 -3.87
CA TRP B 106 -37.14 7.34 -2.76
C TRP B 106 -38.15 8.08 -1.90
N ALA B 107 -39.22 7.39 -1.51
CA ALA B 107 -40.18 7.92 -0.54
C ALA B 107 -39.52 8.09 0.82
N PRO B 108 -39.85 9.18 1.50
CA PRO B 108 -39.38 9.40 2.85
C PRO B 108 -39.67 8.25 3.79
N ARG B 109 -38.66 7.89 4.58
CA ARG B 109 -38.76 6.86 5.58
C ARG B 109 -39.94 7.10 6.55
N GLU B 110 -40.22 8.35 6.87
CA GLU B 110 -41.27 8.62 7.83
C GLU B 110 -42.66 8.38 7.22
N ASP B 111 -42.74 8.38 5.88
CA ASP B 111 -43.96 8.11 5.19
C ASP B 111 -44.15 6.63 5.29
N LEU B 112 -43.11 5.89 4.95
CA LEU B 112 -43.25 4.45 4.87
C LEU B 112 -43.36 3.82 6.24
N ASP B 113 -42.64 4.35 7.22
CA ASP B 113 -42.78 3.79 8.58
C ASP B 113 -44.19 3.96 9.09
N GLU B 114 -44.87 5.03 8.68
CA GLU B 114 -46.20 5.30 9.16
C GLU B 114 -47.25 4.37 8.61
N TRP B 115 -47.04 3.88 7.39
CA TRP B 115 -48.01 2.95 6.80
C TRP B 115 -48.31 1.87 7.80
N GLU B 116 -47.26 1.35 8.42
CA GLU B 116 -47.47 0.26 9.39
C GLU B 116 -47.89 0.82 10.71
N ALA B 117 -47.27 1.91 11.13
CA ALA B 117 -47.43 2.33 12.51
C ALA B 117 -48.68 3.16 12.74
N LYS B 118 -49.04 3.97 11.73
CA LYS B 118 -50.28 4.73 11.77
C LYS B 118 -51.45 3.98 11.17
N TYR B 119 -51.21 3.28 10.06
CA TYR B 119 -52.31 2.84 9.17
C TYR B 119 -52.58 1.33 9.09
N GLY B 120 -52.19 0.58 10.12
CA GLY B 120 -52.56 -0.82 10.29
C GLY B 120 -51.97 -1.80 9.30
N ALA B 121 -51.17 -1.28 8.37
CA ALA B 121 -50.57 -2.09 7.31
C ALA B 121 -49.33 -2.84 7.76
N THR B 122 -49.52 -3.95 8.46
CA THR B 122 -48.41 -4.77 8.99
C THR B 122 -47.35 -5.06 7.94
N GLY B 123 -46.08 -4.87 8.31
CA GLY B 123 -44.94 -5.25 7.46
C GLY B 123 -44.45 -4.21 6.47
N TRP B 124 -45.20 -3.12 6.33
CA TRP B 124 -44.89 -2.04 5.36
C TRP B 124 -44.14 -0.86 5.99
N ASN B 125 -42.82 -0.90 5.95
CA ASN B 125 -42.05 0.19 6.52
C ASN B 125 -40.79 0.42 5.76
N ALA B 126 -39.89 1.20 6.36
CA ALA B 126 -38.62 1.46 5.70
C ALA B 126 -37.73 0.21 5.69
N GLU B 127 -37.76 -0.58 6.76
CA GLU B 127 -37.04 -1.85 6.78
C GLU B 127 -37.36 -2.63 5.51
N ALA B 128 -38.65 -2.88 5.27
CA ALA B 128 -39.09 -3.63 4.09
C ALA B 128 -38.77 -2.95 2.76
N ALA B 129 -38.87 -1.63 2.67
CA ALA B 129 -38.67 -0.96 1.38
C ALA B 129 -37.23 -0.63 0.96
N TRP B 130 -36.33 -0.37 1.90
CA TRP B 130 -35.02 0.11 1.54
C TRP B 130 -34.23 -0.94 0.72
N PRO B 131 -34.42 -2.21 1.05
CA PRO B 131 -33.76 -3.28 0.29
C PRO B 131 -34.35 -3.46 -1.10
N LEU B 132 -35.64 -3.09 -1.25
CA LEU B 132 -36.32 -3.21 -2.55
C LEU B 132 -35.97 -2.01 -3.42
N TYR B 133 -35.90 -0.82 -2.82
CA TYR B 133 -35.47 0.34 -3.58
C TYR B 133 -34.10 0.05 -4.20
N LYS B 134 -33.26 -0.64 -3.44
CA LYS B 134 -31.89 -0.96 -3.82
C LYS B 134 -31.87 -1.97 -4.99
N ARG B 135 -32.65 -3.04 -4.81
CA ARG B 135 -32.89 -4.05 -5.82
C ARG B 135 -33.34 -3.49 -7.18
N LEU B 136 -34.23 -2.51 -7.17
CA LEU B 136 -34.77 -2.02 -8.43
C LEU B 136 -33.80 -1.11 -9.16
N GLU B 137 -32.92 -0.46 -8.40
CA GLU B 137 -32.07 0.62 -8.93
C GLU B 137 -30.62 0.27 -9.25
N THR B 138 -30.14 0.87 -10.32
CA THR B 138 -28.75 1.12 -10.53
C THR B 138 -28.67 2.63 -10.46
N ASN B 139 -28.17 3.15 -9.35
CA ASN B 139 -28.10 4.57 -9.13
C ASN B 139 -26.66 5.10 -9.28
N GLU B 140 -26.55 6.22 -9.99
CA GLU B 140 -25.28 6.87 -10.30
C GLU B 140 -24.51 7.35 -9.06
N ASP B 141 -25.22 7.72 -7.99
CA ASP B 141 -24.63 8.11 -6.69
C ASP B 141 -24.22 6.88 -5.81
N ALA B 142 -24.42 5.67 -6.31
CA ALA B 142 -24.09 4.48 -5.56
C ALA B 142 -22.60 4.45 -5.20
N GLY B 143 -22.28 3.84 -4.08
CA GLY B 143 -20.91 3.75 -3.69
C GLY B 143 -20.77 3.23 -2.29
N PRO B 144 -19.51 3.08 -1.82
CA PRO B 144 -19.35 2.68 -0.43
C PRO B 144 -19.80 3.81 0.51
N ASP B 145 -19.81 5.03 -0.01
CA ASP B 145 -20.26 6.18 0.77
C ASP B 145 -21.79 6.45 0.74
N ALA B 146 -22.54 5.59 0.08
CA ALA B 146 -23.98 5.65 0.02
C ALA B 146 -24.41 4.21 -0.19
N PRO B 147 -24.03 3.36 0.76
CA PRO B 147 -24.22 1.95 0.55
C PRO B 147 -25.69 1.50 0.49
N HIS B 148 -26.64 2.40 0.75
CA HIS B 148 -28.04 2.02 0.62
C HIS B 148 -28.40 1.85 -0.86
N HIS B 149 -27.91 2.77 -1.67
CA HIS B 149 -28.07 2.74 -3.09
C HIS B 149 -27.71 1.41 -3.70
N GLY B 150 -28.47 1.05 -4.73
CA GLY B 150 -28.23 -0.14 -5.55
C GLY B 150 -27.48 0.31 -6.78
N ASP B 151 -26.80 -0.64 -7.41
CA ASP B 151 -25.92 -0.34 -8.54
C ASP B 151 -26.03 -1.35 -9.70
N SER B 152 -26.90 -2.32 -9.50
CA SER B 152 -26.95 -3.53 -10.28
C SER B 152 -28.42 -3.77 -10.73
N GLY B 153 -29.28 -2.76 -10.54
CA GLY B 153 -30.72 -2.92 -10.73
C GLY B 153 -31.19 -2.48 -12.10
N PRO B 154 -32.33 -3.05 -12.57
CA PRO B 154 -32.83 -2.84 -13.93
C PRO B 154 -33.21 -1.39 -14.24
N VAL B 155 -33.69 -0.67 -13.23
CA VAL B 155 -34.12 0.72 -13.41
C VAL B 155 -32.93 1.65 -13.09
N HIS B 156 -32.51 2.48 -14.06
CA HIS B 156 -31.30 3.30 -13.92
C HIS B 156 -31.66 4.71 -13.51
N LEU B 157 -31.20 5.18 -12.36
CA LEU B 157 -31.36 6.62 -12.06
C LEU B 157 -30.04 7.35 -12.23
N MET B 158 -30.10 8.65 -12.50
CA MET B 158 -28.92 9.44 -12.81
C MET B 158 -29.26 10.84 -12.35
N ASN B 159 -28.26 11.71 -12.27
CA ASN B 159 -28.44 13.09 -11.83
C ASN B 159 -28.60 14.03 -13.00
N VAL B 160 -29.56 14.95 -12.91
CA VAL B 160 -29.70 15.93 -13.97
C VAL B 160 -28.40 16.75 -14.03
N PRO B 161 -27.63 16.63 -15.12
CA PRO B 161 -26.51 17.57 -15.13
C PRO B 161 -26.98 19.03 -14.93
N PRO B 162 -26.25 19.82 -14.12
CA PRO B 162 -26.60 21.22 -13.89
C PRO B 162 -26.25 22.14 -15.06
N LYS B 163 -26.64 21.76 -16.28
CA LYS B 163 -26.28 22.56 -17.44
C LYS B 163 -27.15 23.82 -17.61
N ASP B 164 -28.41 23.77 -17.16
CA ASP B 164 -29.38 24.86 -17.36
C ASP B 164 -29.07 26.05 -16.43
N PRO B 165 -28.54 27.16 -17.01
CA PRO B 165 -28.13 28.35 -16.23
C PRO B 165 -29.22 29.05 -15.43
N THR B 166 -30.49 28.94 -15.82
CA THR B 166 -31.53 29.62 -15.05
C THR B 166 -31.84 28.81 -13.78
N GLY B 167 -31.62 27.50 -13.86
CA GLY B 167 -31.78 26.65 -12.70
C GLY B 167 -30.72 26.94 -11.67
N VAL B 168 -29.45 26.76 -12.07
CA VAL B 168 -28.28 27.19 -11.28
C VAL B 168 -28.53 28.54 -10.54
N ALA B 169 -29.12 29.49 -11.25
CA ALA B 169 -29.41 30.77 -10.61
C ALA B 169 -30.64 30.77 -9.69
N LEU B 170 -31.55 29.84 -9.89
CA LEU B 170 -32.72 29.74 -9.03
C LEU B 170 -32.37 29.00 -7.74
N LEU B 171 -31.48 28.00 -7.84
CA LEU B 171 -30.90 27.35 -6.67
C LEU B 171 -30.03 28.34 -5.85
N ASP B 172 -29.27 29.22 -6.52
CA ASP B 172 -28.57 30.25 -5.78
C ASP B 172 -29.63 31.16 -5.19
N ALA B 173 -30.73 31.40 -5.89
CA ALA B 173 -31.76 32.23 -5.31
C ALA B 173 -32.46 31.50 -4.13
N CYS B 174 -32.37 30.17 -4.10
CA CYS B 174 -32.97 29.43 -3.02
C CYS B 174 -32.14 29.61 -1.74
N GLU B 175 -30.81 29.60 -1.88
CA GLU B 175 -29.93 29.86 -0.79
C GLU B 175 -30.21 31.23 -0.19
N GLN B 176 -30.37 32.25 -1.03
CA GLN B 176 -30.64 33.59 -0.48
C GLN B 176 -31.92 33.62 0.32
N ALA B 177 -32.85 32.72 -0.01
CA ALA B 177 -34.15 32.72 0.63
C ALA B 177 -34.26 31.79 1.83
N GLY B 178 -33.18 31.09 2.19
CA GLY B 178 -33.23 30.22 3.36
C GLY B 178 -33.44 28.74 3.04
N ILE B 179 -33.30 28.40 1.77
CA ILE B 179 -33.55 27.05 1.27
C ILE B 179 -32.21 26.61 0.68
N PRO B 180 -31.48 25.72 1.38
CA PRO B 180 -30.17 25.31 0.87
C PRO B 180 -30.27 24.24 -0.22
N ARG B 181 -29.19 24.06 -0.97
CA ARG B 181 -28.99 22.87 -1.77
C ARG B 181 -28.92 21.65 -0.85
N ALA B 182 -29.68 20.64 -1.22
CA ALA B 182 -29.71 19.37 -0.52
C ALA B 182 -29.56 18.35 -1.58
N LYS B 183 -29.15 17.17 -1.18
CA LYS B 183 -28.92 16.08 -2.09
C LYS B 183 -30.15 15.19 -1.99
N PHE B 184 -30.48 14.48 -3.08
CA PHE B 184 -31.69 13.67 -3.17
C PHE B 184 -31.37 12.21 -3.02
N ASN B 185 -32.32 11.45 -2.47
CA ASN B 185 -32.19 10.02 -2.24
C ASN B 185 -31.03 9.56 -1.38
N THR B 186 -30.67 10.33 -0.36
CA THR B 186 -29.57 9.92 0.54
C THR B 186 -30.04 8.95 1.63
N GLY B 187 -31.35 8.83 1.84
CA GLY B 187 -31.88 8.00 2.95
C GLY B 187 -32.41 8.90 4.03
N THR B 188 -32.12 10.18 3.89
CA THR B 188 -32.52 11.16 4.87
C THR B 188 -33.33 12.22 4.17
N THR B 189 -34.56 12.30 4.61
CA THR B 189 -35.56 13.22 4.17
C THR B 189 -35.13 14.69 4.16
N VAL B 190 -35.36 15.36 3.03
CA VAL B 190 -35.14 16.77 2.92
C VAL B 190 -36.44 17.47 3.25
N VAL B 191 -36.42 18.42 4.19
CA VAL B 191 -37.64 19.10 4.61
C VAL B 191 -37.57 20.53 4.15
N ASN B 192 -36.35 20.95 3.86
CA ASN B 192 -36.06 22.31 3.45
C ASN B 192 -34.81 22.27 2.60
N GLY B 193 -35.00 22.29 1.29
CA GLY B 193 -33.88 22.06 0.39
C GLY B 193 -34.39 22.00 -1.02
N ALA B 194 -33.47 22.25 -1.94
CA ALA B 194 -33.72 22.23 -3.36
C ALA B 194 -32.54 21.60 -4.10
N ASN B 195 -32.78 21.07 -5.30
CA ASN B 195 -31.70 20.67 -6.19
C ASN B 195 -32.17 20.11 -7.55
N PHE B 196 -31.22 19.98 -8.47
CA PHE B 196 -31.45 19.24 -9.68
C PHE B 196 -31.80 17.84 -9.31
N PHE B 197 -32.90 17.33 -9.90
CA PHE B 197 -33.44 16.00 -9.59
C PHE B 197 -32.51 14.85 -9.89
N GLN B 198 -32.90 13.68 -9.37
CA GLN B 198 -32.52 12.39 -9.89
C GLN B 198 -33.70 11.95 -10.81
N ILE B 199 -33.36 11.42 -11.97
CA ILE B 199 -34.36 11.01 -12.95
C ILE B 199 -34.01 9.61 -13.40
N ASN B 200 -35.02 8.77 -13.51
CA ASN B 200 -34.85 7.46 -14.06
C ASN B 200 -34.76 7.55 -15.60
N ARG B 201 -33.56 7.83 -16.11
CA ARG B 201 -33.29 7.85 -17.55
C ARG B 201 -31.98 7.18 -17.92
N ARG B 202 -31.94 6.56 -19.11
CA ARG B 202 -30.67 6.00 -19.61
C ARG B 202 -29.72 7.05 -20.21
N ALA B 203 -28.48 6.63 -20.44
CA ALA B 203 -27.45 7.47 -21.07
C ALA B 203 -27.88 8.00 -22.46
N ASP B 204 -28.48 7.11 -23.28
CA ASP B 204 -28.90 7.49 -24.64
C ASP B 204 -30.09 8.45 -24.65
N GLY B 205 -30.89 8.45 -23.58
CA GLY B 205 -32.03 9.37 -23.49
C GLY B 205 -33.39 8.69 -23.40
N THR B 206 -33.39 7.37 -23.38
CA THR B 206 -34.59 6.59 -23.28
C THR B 206 -35.04 6.56 -21.82
N ARG B 207 -36.25 7.06 -21.53
CA ARG B 207 -36.86 6.98 -20.20
C ARG B 207 -36.62 5.61 -19.66
N SER B 208 -36.39 5.52 -18.36
CA SER B 208 -36.15 4.22 -17.76
C SER B 208 -37.46 3.64 -17.21
N SER B 209 -38.51 3.72 -18.02
CA SER B 209 -39.82 3.21 -17.63
C SER B 209 -39.74 1.76 -17.17
N SER B 210 -40.84 1.24 -16.66
CA SER B 210 -40.86 -0.11 -16.12
C SER B 210 -40.73 -1.18 -17.23
N SER B 211 -41.34 -0.92 -18.40
CA SER B 211 -41.30 -1.85 -19.54
C SER B 211 -39.90 -1.97 -20.11
N VAL B 212 -39.27 -0.80 -20.31
CA VAL B 212 -37.89 -0.79 -20.77
C VAL B 212 -37.02 -1.59 -19.83
N SER B 213 -37.25 -1.41 -18.53
CA SER B 213 -36.37 -1.90 -17.50
C SER B 213 -36.63 -3.37 -17.16
N TYR B 214 -37.91 -3.73 -17.09
CA TYR B 214 -38.30 -5.02 -16.58
C TYR B 214 -38.76 -5.99 -17.64
N ILE B 215 -39.41 -5.48 -18.69
CA ILE B 215 -40.08 -6.33 -19.64
C ILE B 215 -39.29 -6.54 -20.93
N HIS B 216 -38.63 -5.53 -21.46
CA HIS B 216 -37.87 -5.71 -22.73
C HIS B 216 -36.85 -6.85 -22.74
N PRO B 217 -36.02 -6.96 -21.70
CA PRO B 217 -35.07 -8.08 -21.59
C PRO B 217 -35.68 -9.46 -21.40
N ILE B 218 -36.98 -9.55 -21.16
CA ILE B 218 -37.54 -10.86 -20.85
C ILE B 218 -38.70 -11.17 -21.77
N VAL B 219 -38.75 -10.45 -22.89
CA VAL B 219 -39.83 -10.68 -23.82
C VAL B 219 -39.88 -12.11 -24.36
N GLU B 220 -38.73 -12.66 -24.79
CA GLU B 220 -38.75 -13.96 -25.54
C GLU B 220 -38.55 -15.17 -24.64
N GLN B 221 -38.89 -15.02 -23.37
CA GLN B 221 -38.48 -15.94 -22.32
C GLN B 221 -39.47 -17.09 -22.21
N GLU B 222 -38.98 -18.25 -21.77
CA GLU B 222 -39.74 -19.50 -21.78
C GLU B 222 -41.11 -19.44 -21.06
N ASN B 223 -41.20 -18.76 -19.93
CA ASN B 223 -42.43 -18.82 -19.14
C ASN B 223 -43.32 -17.58 -19.18
N PHE B 224 -43.13 -16.71 -20.15
CA PHE B 224 -43.74 -15.38 -20.03
C PHE B 224 -44.43 -14.87 -21.30
N THR B 225 -45.71 -14.50 -21.16
CA THR B 225 -46.46 -13.92 -22.28
C THR B 225 -46.91 -12.47 -22.08
N LEU B 226 -46.46 -11.63 -23.01
CA LEU B 226 -46.82 -10.22 -23.13
C LEU B 226 -48.00 -10.02 -24.11
N LEU B 227 -49.22 -9.92 -23.59
CA LEU B 227 -50.44 -9.72 -24.37
C LEU B 227 -50.92 -8.24 -24.48
N THR B 228 -50.34 -7.42 -25.35
CA THR B 228 -50.72 -6.00 -25.44
C THR B 228 -51.98 -5.74 -26.27
N GLY B 229 -52.51 -4.52 -26.20
CA GLY B 229 -53.69 -4.17 -26.98
C GLY B 229 -54.95 -4.90 -26.52
N LEU B 230 -54.92 -5.43 -25.30
CA LEU B 230 -56.08 -6.12 -24.72
C LEU B 230 -56.58 -5.52 -23.40
N ARG B 231 -57.90 -5.34 -23.31
CA ARG B 231 -58.51 -4.55 -22.26
C ARG B 231 -59.46 -5.32 -21.34
N ALA B 232 -59.08 -5.47 -20.08
CA ALA B 232 -59.92 -6.17 -19.13
C ALA B 232 -61.26 -5.47 -18.93
N ARG B 233 -62.35 -6.24 -18.97
CA ARG B 233 -63.66 -5.67 -18.70
C ARG B 233 -64.22 -6.19 -17.40
N GLN B 234 -63.59 -7.23 -16.84
CA GLN B 234 -64.16 -7.92 -15.70
C GLN B 234 -63.27 -9.04 -15.22
N LEU B 235 -63.10 -9.10 -13.91
CA LEU B 235 -62.47 -10.25 -13.27
C LEU B 235 -63.53 -11.27 -12.94
N VAL B 236 -63.22 -12.54 -13.18
CA VAL B 236 -64.19 -13.63 -13.02
C VAL B 236 -63.85 -14.64 -11.93
N PHE B 237 -64.86 -15.07 -11.16
CA PHE B 237 -64.69 -15.87 -9.95
C PHE B 237 -65.48 -17.18 -9.90
N ASP B 238 -64.86 -18.19 -9.26
CA ASP B 238 -65.51 -19.41 -8.69
C ASP B 238 -66.87 -19.21 -8.08
N ALA B 239 -67.50 -20.35 -7.81
CA ALA B 239 -68.64 -20.41 -6.91
C ALA B 239 -68.12 -20.33 -5.48
N ASP B 240 -66.82 -20.51 -5.32
CA ASP B 240 -66.16 -20.41 -4.01
C ASP B 240 -65.43 -19.09 -3.76
N ARG B 241 -65.64 -18.11 -4.65
CA ARG B 241 -65.08 -16.77 -4.50
C ARG B 241 -63.59 -16.76 -4.81
N ARG B 242 -63.16 -17.73 -5.61
CA ARG B 242 -61.78 -17.75 -6.03
C ARG B 242 -61.66 -17.24 -7.46
N CYS B 243 -60.78 -16.26 -7.63
CA CYS B 243 -60.61 -15.56 -8.88
C CYS B 243 -59.91 -16.47 -9.85
N THR B 244 -60.61 -16.88 -10.90
CA THR B 244 -60.06 -17.89 -11.79
C THR B 244 -59.46 -17.24 -13.02
N GLY B 245 -59.78 -15.99 -13.25
CA GLY B 245 -59.10 -15.26 -14.30
C GLY B 245 -59.73 -13.94 -14.69
N VAL B 246 -59.29 -13.45 -15.83
CA VAL B 246 -59.82 -12.21 -16.31
C VAL B 246 -60.58 -12.53 -17.59
N ASP B 247 -61.56 -11.69 -17.95
CA ASP B 247 -62.15 -11.63 -19.29
C ASP B 247 -61.65 -10.36 -20.00
N ILE B 248 -61.11 -10.47 -21.21
CA ILE B 248 -60.55 -9.30 -21.91
C ILE B 248 -61.17 -9.14 -23.28
N VAL B 249 -61.03 -7.97 -23.90
CA VAL B 249 -61.93 -7.65 -24.99
C VAL B 249 -61.34 -7.12 -26.30
N ASP B 250 -60.41 -7.85 -26.94
CA ASP B 250 -59.75 -7.32 -28.14
C ASP B 250 -59.50 -5.85 -27.83
N SER B 251 -59.76 -4.99 -28.83
CA SER B 251 -60.29 -3.65 -28.47
C SER B 251 -61.73 -3.35 -28.97
N ALA B 252 -62.61 -3.07 -27.99
CA ALA B 252 -64.07 -3.13 -28.16
C ALA B 252 -64.69 -1.88 -28.79
N PHE B 253 -65.42 -2.03 -29.91
CA PHE B 253 -65.89 -3.34 -30.40
C PHE B 253 -64.88 -4.45 -30.67
N GLY B 254 -64.95 -5.45 -29.81
CA GLY B 254 -64.14 -6.66 -29.82
C GLY B 254 -65.05 -7.78 -29.34
N HIS B 255 -64.49 -8.80 -28.68
CA HIS B 255 -65.22 -10.08 -28.55
C HIS B 255 -65.28 -10.79 -27.18
N THR B 256 -64.63 -10.25 -26.15
CA THR B 256 -64.51 -10.94 -24.85
C THR B 256 -63.93 -12.36 -24.92
N HIS B 257 -62.67 -12.51 -24.52
CA HIS B 257 -62.05 -13.83 -24.39
C HIS B 257 -61.68 -14.10 -22.92
N ARG B 258 -61.71 -15.36 -22.50
CA ARG B 258 -61.27 -15.69 -21.14
C ARG B 258 -59.86 -16.25 -21.04
N LEU B 259 -59.06 -15.63 -20.16
CA LEU B 259 -57.81 -16.20 -19.71
C LEU B 259 -58.01 -16.72 -18.30
N THR B 260 -57.26 -17.75 -17.95
CA THR B 260 -57.41 -18.39 -16.67
C THR B 260 -56.07 -18.42 -15.93
N ALA B 261 -56.15 -18.14 -14.63
CA ALA B 261 -55.02 -18.19 -13.73
C ALA B 261 -55.16 -19.37 -12.76
N ARG B 262 -54.14 -20.24 -12.76
CA ARG B 262 -54.09 -21.42 -11.89
C ARG B 262 -53.86 -21.01 -10.44
N ASN B 263 -52.93 -20.07 -10.28
CA ASN B 263 -52.49 -19.65 -8.96
C ASN B 263 -53.12 -18.36 -8.48
N GLU B 264 -52.79 -17.26 -9.16
CA GLU B 264 -53.21 -15.90 -8.73
C GLU B 264 -53.35 -14.81 -9.84
N VAL B 265 -54.23 -13.86 -9.57
CA VAL B 265 -54.32 -12.64 -10.36
C VAL B 265 -53.88 -11.41 -9.55
N VAL B 266 -53.03 -10.59 -10.19
CA VAL B 266 -52.53 -9.32 -9.65
C VAL B 266 -53.21 -8.27 -10.50
N LEU B 267 -54.01 -7.42 -9.88
CA LEU B 267 -54.50 -6.21 -10.50
C LEU B 267 -53.47 -5.10 -10.41
N SER B 268 -53.12 -4.54 -11.56
CA SER B 268 -52.14 -3.46 -11.57
C SER B 268 -52.60 -2.30 -12.40
N THR B 269 -53.90 -2.16 -12.57
CA THR B 269 -54.42 -1.21 -13.55
C THR B 269 -54.36 0.27 -13.15
N GLY B 270 -53.86 0.58 -11.93
CA GLY B 270 -53.60 1.96 -11.48
C GLY B 270 -54.63 2.41 -10.47
N ALA B 271 -54.73 3.71 -10.18
CA ALA B 271 -55.65 4.16 -9.12
C ALA B 271 -57.01 4.57 -9.63
N ILE B 272 -57.11 4.80 -10.91
CA ILE B 272 -58.37 5.13 -11.48
C ILE B 272 -59.05 3.84 -12.01
N ASP B 273 -58.27 3.05 -12.75
CA ASP B 273 -58.81 1.90 -13.39
C ASP B 273 -58.92 0.65 -12.50
N THR B 274 -58.11 0.52 -11.45
CA THR B 274 -58.26 -0.61 -10.55
C THR B 274 -59.63 -0.63 -9.80
N PRO B 275 -59.99 0.47 -9.12
CA PRO B 275 -61.28 0.36 -8.45
C PRO B 275 -62.43 0.19 -9.46
N LYS B 276 -62.26 0.71 -10.67
CA LYS B 276 -63.31 0.51 -11.72
C LYS B 276 -63.49 -0.98 -12.02
N LEU B 277 -62.38 -1.66 -12.30
CA LEU B 277 -62.39 -3.09 -12.47
C LEU B 277 -62.97 -3.91 -11.32
N LEU B 278 -62.59 -3.61 -10.07
CA LEU B 278 -63.23 -4.33 -8.96
C LEU B 278 -64.73 -4.08 -8.89
N MET B 279 -65.15 -2.85 -9.18
CA MET B 279 -66.57 -2.49 -9.13
C MET B 279 -67.35 -3.24 -10.24
N LEU B 280 -66.82 -3.15 -11.44
CA LEU B 280 -67.39 -3.83 -12.58
C LEU B 280 -67.58 -5.28 -12.21
N SER B 281 -66.74 -5.74 -11.30
CA SER B 281 -66.56 -7.15 -11.03
C SER B 281 -67.38 -7.64 -9.87
N GLY B 282 -68.10 -6.74 -9.20
CA GLY B 282 -68.87 -7.15 -8.03
C GLY B 282 -68.25 -6.80 -6.69
N ILE B 283 -67.07 -6.16 -6.71
CA ILE B 283 -66.37 -5.81 -5.46
C ILE B 283 -66.31 -4.31 -5.18
N GLY B 284 -67.12 -3.88 -4.21
CA GLY B 284 -67.13 -2.49 -3.81
C GLY B 284 -68.38 -2.03 -3.07
N PRO B 285 -68.53 -0.70 -2.89
CA PRO B 285 -69.65 -0.25 -2.13
C PRO B 285 -70.98 -0.74 -2.72
N ALA B 286 -71.63 -1.62 -1.96
CA ALA B 286 -72.96 -2.16 -2.22
C ALA B 286 -73.99 -1.18 -2.86
N ALA B 287 -74.34 -0.11 -2.17
CA ALA B 287 -75.27 0.88 -2.70
C ALA B 287 -74.87 1.40 -4.12
N HIS B 288 -73.58 1.69 -4.32
CA HIS B 288 -73.12 2.14 -5.63
C HIS B 288 -73.25 1.10 -6.74
N LEU B 289 -72.96 -0.16 -6.41
CA LEU B 289 -73.12 -1.25 -7.36
C LEU B 289 -74.63 -1.51 -7.66
N ALA B 290 -75.49 -1.42 -6.66
CA ALA B 290 -76.93 -1.61 -6.87
C ALA B 290 -77.44 -0.58 -7.85
N GLU B 291 -77.09 0.67 -7.55
CA GLU B 291 -77.31 1.86 -8.36
C GLU B 291 -76.98 1.66 -9.85
N HIS B 292 -76.02 0.80 -10.13
CA HIS B 292 -75.68 0.47 -11.52
C HIS B 292 -76.06 -0.95 -11.98
N GLY B 293 -77.03 -1.57 -11.29
CA GLY B 293 -77.44 -2.95 -11.57
C GLY B 293 -76.35 -4.03 -11.50
N ILE B 294 -75.30 -3.81 -10.72
CA ILE B 294 -74.27 -4.83 -10.52
C ILE B 294 -74.57 -5.70 -9.29
N GLU B 295 -74.36 -6.99 -9.44
CA GLU B 295 -74.49 -7.96 -8.34
C GLU B 295 -73.31 -7.86 -7.40
N VAL B 296 -73.60 -7.63 -6.12
CA VAL B 296 -72.57 -7.55 -5.09
C VAL B 296 -72.00 -8.93 -4.79
N LEU B 297 -70.75 -9.12 -5.16
CA LEU B 297 -69.94 -10.20 -4.64
C LEU B 297 -69.40 -9.84 -3.23
N VAL B 298 -68.51 -8.85 -3.15
CA VAL B 298 -68.01 -8.44 -1.85
C VAL B 298 -68.38 -7.00 -1.64
N ASP B 299 -69.22 -6.74 -0.64
CA ASP B 299 -69.42 -5.38 -0.16
C ASP B 299 -68.14 -4.80 0.48
N SER B 300 -67.34 -4.13 -0.36
CA SER B 300 -66.08 -3.48 0.06
C SER B 300 -66.27 -1.97 -0.06
N PRO B 301 -66.75 -1.32 1.01
CA PRO B 301 -67.03 0.11 0.99
C PRO B 301 -65.82 1.03 0.79
N GLY B 302 -64.61 0.52 0.92
CA GLY B 302 -63.44 1.38 0.71
C GLY B 302 -62.98 1.54 -0.73
N VAL B 303 -63.45 0.64 -1.61
CA VAL B 303 -63.07 0.65 -3.02
C VAL B 303 -63.50 1.97 -3.68
N GLY B 304 -62.54 2.68 -4.26
CA GLY B 304 -62.81 3.94 -4.89
C GLY B 304 -63.11 5.04 -3.93
N GLU B 305 -62.84 4.82 -2.65
CA GLU B 305 -62.78 5.94 -1.70
C GLU B 305 -61.31 6.34 -1.49
N HIS B 306 -61.08 7.36 -0.68
CA HIS B 306 -59.73 7.78 -0.28
C HIS B 306 -58.84 8.24 -1.44
N LEU B 307 -59.42 8.74 -2.53
CA LEU B 307 -58.63 9.25 -3.62
C LEU B 307 -57.79 10.45 -3.13
N GLN B 308 -56.48 10.34 -3.32
CA GLN B 308 -55.52 11.32 -2.86
C GLN B 308 -54.66 11.74 -4.04
N ASP B 309 -54.11 12.96 -3.99
CA ASP B 309 -53.34 13.51 -5.08
C ASP B 309 -52.45 14.61 -4.53
N HIS B 310 -51.48 15.06 -5.32
CA HIS B 310 -50.79 16.33 -5.05
C HIS B 310 -51.37 17.37 -5.99
N PRO B 311 -52.23 18.28 -5.50
CA PRO B 311 -52.70 19.35 -6.37
C PRO B 311 -51.59 20.35 -6.54
N GLU B 312 -51.62 21.06 -7.67
CA GLU B 312 -50.52 21.87 -8.15
C GLU B 312 -51.05 23.21 -8.57
N GLY B 313 -50.28 24.25 -8.26
CA GLY B 313 -50.56 25.58 -8.73
C GLY B 313 -49.42 26.04 -9.63
N VAL B 314 -49.55 27.26 -10.11
CA VAL B 314 -48.54 27.73 -11.02
C VAL B 314 -48.35 29.25 -10.91
N VAL B 315 -47.07 29.64 -10.95
CA VAL B 315 -46.64 31.03 -11.08
C VAL B 315 -45.72 31.13 -12.30
N GLN B 316 -46.09 31.95 -13.28
CA GLN B 316 -45.28 31.96 -14.52
C GLN B 316 -44.61 33.29 -14.73
N PHE B 317 -43.33 33.25 -15.09
CA PHE B 317 -42.56 34.46 -15.34
C PHE B 317 -42.06 34.46 -16.76
N GLU B 318 -42.04 35.65 -17.36
CA GLU B 318 -41.21 35.91 -18.53
C GLU B 318 -39.78 35.69 -18.13
N ALA B 319 -38.98 35.13 -19.02
CA ALA B 319 -37.52 35.14 -18.89
C ALA B 319 -37.00 36.45 -19.50
N LYS B 320 -35.91 36.97 -18.92
CA LYS B 320 -35.21 38.12 -19.44
C LYS B 320 -34.15 37.77 -20.50
N GLN B 321 -33.75 36.50 -20.57
CA GLN B 321 -32.83 36.01 -21.61
C GLN B 321 -33.28 34.68 -22.23
N PRO B 322 -32.86 34.38 -23.50
CA PRO B 322 -33.12 33.07 -24.11
C PRO B 322 -33.03 31.90 -23.14
N MET B 323 -34.12 31.15 -23.03
CA MET B 323 -34.14 30.01 -22.13
C MET B 323 -33.48 28.87 -22.88
N VAL B 324 -33.03 27.84 -22.16
CA VAL B 324 -32.51 26.62 -22.78
C VAL B 324 -33.41 26.00 -23.87
N ALA B 325 -32.74 25.51 -24.92
CA ALA B 325 -33.37 24.91 -26.08
C ALA B 325 -33.38 23.39 -26.01
N GLU B 326 -32.48 22.85 -25.20
CA GLU B 326 -32.41 21.43 -24.92
C GLU B 326 -32.64 21.24 -23.39
N SER B 327 -33.19 20.07 -23.01
CA SER B 327 -33.44 19.72 -21.60
C SER B 327 -33.44 18.22 -21.41
N THR B 328 -33.30 17.76 -20.19
CA THR B 328 -33.53 16.35 -19.94
C THR B 328 -35.03 16.00 -20.00
N GLN B 329 -35.88 16.87 -19.45
CA GLN B 329 -37.35 16.67 -19.37
C GLN B 329 -38.13 17.90 -18.91
N TRP B 330 -37.50 19.09 -19.03
CA TRP B 330 -38.12 20.44 -18.87
C TRP B 330 -38.53 20.79 -17.44
N TRP B 331 -38.41 19.83 -16.52
CA TRP B 331 -38.84 19.97 -15.13
C TRP B 331 -37.74 19.45 -14.24
N GLU B 332 -36.66 20.22 -14.11
CA GLU B 332 -35.37 19.64 -13.67
C GLU B 332 -35.00 19.88 -12.20
N ILE B 333 -35.78 20.72 -11.54
CA ILE B 333 -35.49 21.11 -10.17
C ILE B 333 -36.71 21.03 -9.25
N GLY B 334 -36.49 20.45 -8.08
CA GLY B 334 -37.48 20.41 -7.01
C GLY B 334 -36.99 21.15 -5.76
N ILE B 335 -37.89 21.94 -5.20
CA ILE B 335 -37.66 22.72 -4.02
C ILE B 335 -38.61 22.18 -2.99
N PHE B 336 -38.11 21.92 -1.78
CA PHE B 336 -38.92 21.45 -0.68
C PHE B 336 -38.74 22.38 0.47
N THR B 337 -39.83 22.81 1.10
CA THR B 337 -39.74 23.78 2.21
C THR B 337 -40.97 23.64 3.11
N PRO B 338 -40.80 23.73 4.45
CA PRO B 338 -41.93 23.70 5.39
C PRO B 338 -42.59 25.07 5.56
N THR B 339 -43.91 25.08 5.59
CA THR B 339 -44.58 26.35 5.82
C THR B 339 -44.88 26.48 7.29
N GLU B 340 -44.53 25.43 8.03
CA GLU B 340 -44.80 25.34 9.47
C GLU B 340 -43.65 24.67 10.18
N ASP B 341 -43.63 24.87 11.50
CA ASP B 341 -42.60 24.33 12.36
C ASP B 341 -42.92 22.88 12.81
N GLY B 342 -41.85 22.16 13.14
CA GLY B 342 -41.97 20.85 13.74
C GLY B 342 -42.42 19.81 12.76
N LEU B 343 -41.98 19.98 11.52
CA LEU B 343 -42.34 18.97 10.54
C LEU B 343 -41.17 18.05 10.27
N ASP B 344 -41.50 16.77 10.18
CA ASP B 344 -40.52 15.82 9.76
C ASP B 344 -40.49 15.58 8.22
N ARG B 345 -41.46 16.14 7.51
CA ARG B 345 -41.54 16.13 6.03
C ARG B 345 -42.08 17.45 5.57
N PRO B 346 -41.57 17.96 4.46
CA PRO B 346 -42.09 19.22 3.98
C PRO B 346 -43.56 19.10 3.65
N ASP B 347 -44.32 20.15 3.90
CA ASP B 347 -45.72 20.16 3.51
C ASP B 347 -45.84 20.86 2.15
N LEU B 348 -44.72 21.28 1.56
CA LEU B 348 -44.69 22.02 0.28
C LEU B 348 -43.59 21.60 -0.69
N MET B 349 -43.93 21.38 -1.95
CA MET B 349 -42.88 21.17 -2.94
C MET B 349 -43.08 22.08 -4.14
N MET B 350 -41.99 22.43 -4.78
CA MET B 350 -42.12 23.07 -6.05
C MET B 350 -41.27 22.38 -7.08
N HIS B 351 -41.83 22.31 -8.27
CA HIS B 351 -41.05 22.06 -9.47
C HIS B 351 -40.70 23.38 -10.13
N TYR B 352 -39.52 23.38 -10.73
CA TYR B 352 -39.14 24.48 -11.64
C TYR B 352 -39.18 23.97 -13.06
N GLY B 353 -39.95 24.64 -13.90
CA GLY B 353 -40.01 24.31 -15.31
C GLY B 353 -39.31 25.35 -16.14
N SER B 354 -38.46 24.89 -17.07
CA SER B 354 -37.76 25.77 -17.98
C SER B 354 -38.69 26.32 -19.06
N VAL B 355 -39.99 26.12 -18.88
CA VAL B 355 -40.99 26.55 -19.86
C VAL B 355 -42.17 27.25 -19.20
N PRO B 356 -42.97 27.99 -19.97
CA PRO B 356 -44.23 28.45 -19.39
C PRO B 356 -45.23 27.28 -19.35
N PHE B 357 -46.24 27.37 -18.51
CA PHE B 357 -47.15 26.22 -18.39
C PHE B 357 -48.53 26.77 -18.34
N ASP B 358 -49.03 27.11 -19.51
CA ASP B 358 -50.22 27.94 -19.60
C ASP B 358 -51.48 27.13 -19.74
N MET B 359 -51.36 25.82 -19.65
CA MET B 359 -52.47 24.88 -19.69
C MET B 359 -53.77 25.30 -19.02
N ASN B 360 -53.72 25.94 -17.85
CA ASN B 360 -54.94 26.24 -17.12
C ASN B 360 -55.09 27.71 -16.98
N THR B 361 -54.13 28.45 -17.50
CA THR B 361 -54.16 29.92 -17.38
C THR B 361 -54.58 30.63 -18.64
N LEU B 362 -54.31 30.04 -19.80
CA LEU B 362 -54.76 30.66 -21.07
C LEU B 362 -56.25 30.96 -21.10
N ARG B 363 -57.09 29.97 -20.79
CA ARG B 363 -58.54 30.10 -20.87
C ARG B 363 -59.12 31.10 -19.87
N HIS B 364 -58.27 31.63 -19.00
CA HIS B 364 -58.73 32.66 -18.06
C HIS B 364 -58.11 34.02 -18.41
N GLY B 365 -57.52 34.12 -19.60
CA GLY B 365 -57.04 35.42 -20.12
C GLY B 365 -55.74 35.96 -19.54
N TYR B 366 -54.90 35.06 -19.05
CA TYR B 366 -53.57 35.40 -18.58
C TYR B 366 -52.58 35.46 -19.75
N PRO B 367 -51.76 36.51 -19.80
CA PRO B 367 -50.73 36.61 -20.84
C PRO B 367 -49.78 35.41 -20.86
N THR B 368 -49.28 35.08 -22.03
CA THR B 368 -48.48 33.90 -22.27
C THR B 368 -47.15 34.39 -22.81
N THR B 369 -46.27 33.47 -23.17
CA THR B 369 -44.95 33.81 -23.68
C THR B 369 -44.36 32.51 -24.14
N GLU B 370 -43.37 32.61 -25.01
CA GLU B 370 -42.64 31.45 -25.47
C GLU B 370 -41.26 31.51 -24.93
N ASN B 371 -41.02 32.46 -24.03
CA ASN B 371 -39.74 32.56 -23.35
C ASN B 371 -39.92 32.84 -21.85
N GLY B 372 -39.94 31.75 -21.11
CA GLY B 372 -40.26 31.86 -19.70
C GLY B 372 -39.96 30.60 -18.95
N PHE B 373 -40.40 30.61 -17.71
CA PHE B 373 -40.20 29.49 -16.81
C PHE B 373 -41.31 29.48 -15.78
N SER B 374 -41.45 28.36 -15.08
CA SER B 374 -42.60 28.20 -14.22
C SER B 374 -42.19 27.62 -12.89
N LEU B 375 -42.76 28.17 -11.83
CA LEU B 375 -42.72 27.46 -10.55
C LEU B 375 -44.08 26.85 -10.25
N THR B 376 -44.10 25.53 -10.07
CA THR B 376 -45.33 24.81 -9.72
C THR B 376 -45.30 24.27 -8.27
N PRO B 377 -45.99 24.96 -7.34
CA PRO B 377 -46.10 24.48 -5.96
C PRO B 377 -47.17 23.41 -5.85
N ASN B 378 -46.92 22.43 -4.98
CA ASN B 378 -47.85 21.34 -4.76
C ASN B 378 -47.97 21.01 -3.26
N VAL B 379 -49.17 20.56 -2.85
CA VAL B 379 -49.41 20.09 -1.48
C VAL B 379 -48.97 18.63 -1.36
N THR B 380 -47.99 18.39 -0.51
CA THR B 380 -47.34 17.11 -0.48
C THR B 380 -48.20 16.09 0.30
N HIS B 381 -48.96 16.58 1.29
CA HIS B 381 -49.87 15.74 2.05
CA HIS B 381 -49.86 15.74 2.06
C HIS B 381 -51.20 16.40 2.22
N ALA B 382 -51.90 16.54 1.10
CA ALA B 382 -53.24 17.12 1.05
C ALA B 382 -54.27 16.35 1.84
N ARG B 383 -55.08 17.09 2.56
CA ARG B 383 -56.11 16.50 3.41
C ARG B 383 -57.42 16.24 2.68
N SER B 384 -57.59 16.80 1.49
CA SER B 384 -58.79 16.54 0.76
C SER B 384 -58.87 15.06 0.42
N ARG B 385 -60.09 14.55 0.32
CA ARG B 385 -60.26 13.13 -0.08
C ARG B 385 -61.25 13.00 -1.19
N GLY B 386 -61.02 12.13 -2.16
CA GLY B 386 -62.02 11.99 -3.23
C GLY B 386 -62.57 10.58 -3.43
N THR B 387 -63.20 10.39 -4.57
CA THR B 387 -63.67 9.06 -4.96
C THR B 387 -63.48 8.86 -6.45
N VAL B 388 -63.46 7.59 -6.83
CA VAL B 388 -63.58 7.13 -8.19
C VAL B 388 -64.81 6.26 -8.19
N ARG B 389 -65.81 6.59 -9.00
CA ARG B 389 -67.07 5.86 -9.01
C ARG B 389 -67.43 5.47 -10.44
N LEU B 390 -68.09 4.32 -10.61
CA LEU B 390 -68.60 3.97 -11.93
C LEU B 390 -69.56 5.01 -12.47
N ARG B 391 -69.47 5.23 -13.77
CA ARG B 391 -70.40 6.13 -14.40
C ARG B 391 -71.57 5.30 -14.84
N SER B 392 -71.28 4.07 -15.23
CA SER B 392 -72.28 3.11 -15.59
C SER B 392 -71.67 1.73 -15.53
N ARG B 393 -72.54 0.77 -15.84
CA ARG B 393 -72.19 -0.63 -15.91
C ARG B 393 -71.46 -0.99 -17.22
N ASP B 394 -71.36 -0.05 -18.16
CA ASP B 394 -70.64 -0.30 -19.41
C ASP B 394 -69.15 -0.01 -19.22
N PHE B 395 -68.31 -1.02 -19.38
CA PHE B 395 -66.88 -0.87 -19.10
C PHE B 395 -66.24 0.18 -19.98
N ARG B 396 -67.00 0.67 -20.97
CA ARG B 396 -66.51 1.72 -21.90
C ARG B 396 -66.61 3.07 -21.29
N ASP B 397 -67.54 3.27 -20.40
CA ASP B 397 -67.68 4.57 -19.88
C ASP B 397 -66.50 4.93 -18.94
N LYS B 398 -65.93 6.11 -19.19
CA LYS B 398 -64.90 6.63 -18.32
C LYS B 398 -65.53 6.78 -16.96
N PRO B 399 -64.82 6.36 -15.91
CA PRO B 399 -65.29 6.49 -14.55
C PRO B 399 -65.43 7.94 -14.04
N MET B 400 -66.15 8.12 -12.94
CA MET B 400 -66.31 9.44 -12.38
C MET B 400 -65.16 9.73 -11.46
N VAL B 401 -64.32 10.69 -11.86
CA VAL B 401 -63.11 11.00 -11.09
C VAL B 401 -63.24 12.34 -10.39
N ASP B 402 -63.42 12.28 -9.07
CA ASP B 402 -63.70 13.47 -8.26
C ASP B 402 -62.74 13.59 -7.05
N PRO B 403 -61.64 14.32 -7.21
CA PRO B 403 -60.69 14.32 -6.10
C PRO B 403 -61.14 15.30 -5.04
N ARG B 404 -62.11 16.16 -5.39
CA ARG B 404 -62.68 17.15 -4.48
C ARG B 404 -61.56 18.00 -3.92
N TYR B 405 -60.65 18.37 -4.81
CA TYR B 405 -59.58 19.27 -4.46
C TYR B 405 -60.09 20.38 -3.56
N PHE B 406 -59.26 20.79 -2.60
CA PHE B 406 -59.50 21.96 -1.70
C PHE B 406 -60.80 21.94 -0.89
N THR B 407 -61.22 20.75 -0.51
CA THR B 407 -62.40 20.61 0.31
C THR B 407 -62.12 20.21 1.77
N ASP B 408 -60.86 19.95 2.13
CA ASP B 408 -60.56 19.55 3.51
C ASP B 408 -61.01 20.65 4.45
N PRO B 409 -61.60 20.27 5.59
CA PRO B 409 -62.34 21.23 6.42
C PRO B 409 -61.56 22.28 7.19
N GLU B 410 -60.26 22.09 7.38
CA GLU B 410 -59.41 23.06 8.06
C GLU B 410 -58.79 23.96 7.00
N GLY B 411 -59.11 23.70 5.73
CA GLY B 411 -58.66 24.56 4.65
C GLY B 411 -57.16 24.50 4.45
N HIS B 412 -56.57 23.38 4.86
CA HIS B 412 -55.13 23.15 4.80
C HIS B 412 -54.63 23.24 3.39
N ASP B 413 -55.27 22.53 2.45
CA ASP B 413 -54.77 22.45 1.08
C ASP B 413 -54.64 23.84 0.42
N MET B 414 -55.60 24.71 0.70
CA MET B 414 -55.64 26.04 0.14
C MET B 414 -54.58 26.97 0.78
N ARG B 415 -54.33 26.81 2.09
CA ARG B 415 -53.36 27.63 2.83
C ARG B 415 -51.92 27.31 2.37
N VAL B 416 -51.56 26.01 2.31
CA VAL B 416 -50.26 25.61 1.75
C VAL B 416 -50.02 26.15 0.35
N MET B 417 -51.01 25.99 -0.54
CA MET B 417 -50.88 26.42 -1.92
C MET B 417 -50.61 27.92 -2.00
N VAL B 418 -51.41 28.69 -1.27
CA VAL B 418 -51.31 30.13 -1.26
C VAL B 418 -49.93 30.50 -0.80
N ALA B 419 -49.42 29.70 0.15
CA ALA B 419 -48.12 29.95 0.76
C ALA B 419 -47.09 29.56 -0.25
N GLY B 420 -47.46 28.63 -1.11
CA GLY B 420 -46.53 28.16 -2.12
C GLY B 420 -46.29 29.21 -3.21
N ILE B 421 -47.31 30.01 -3.47
CA ILE B 421 -47.26 31.04 -4.50
C ILE B 421 -46.42 32.21 -3.99
N ARG B 422 -46.56 32.50 -2.69
CA ARG B 422 -45.82 33.56 -2.02
C ARG B 422 -44.35 33.26 -1.94
N LYS B 423 -44.04 32.00 -1.76
CA LYS B 423 -42.66 31.58 -1.63
C LYS B 423 -42.04 31.56 -3.01
N ALA B 424 -42.86 31.24 -4.02
CA ALA B 424 -42.38 31.10 -5.39
C ALA B 424 -41.88 32.46 -5.84
N ARG B 425 -42.72 33.47 -5.66
CA ARG B 425 -42.38 34.86 -5.89
C ARG B 425 -41.14 35.21 -5.06
N GLU B 426 -41.18 34.89 -3.77
CA GLU B 426 -40.13 35.32 -2.88
C GLU B 426 -38.78 34.90 -3.44
N ILE B 427 -38.66 33.61 -3.80
CA ILE B 427 -37.46 33.06 -4.44
C ILE B 427 -37.10 33.75 -5.77
N ALA B 428 -38.10 33.97 -6.62
CA ALA B 428 -37.88 34.55 -7.93
C ALA B 428 -37.39 35.99 -7.82
N ALA B 429 -37.71 36.67 -6.72
CA ALA B 429 -37.29 38.03 -6.50
C ALA B 429 -35.85 38.09 -5.95
N GLN B 430 -35.28 36.96 -5.56
CA GLN B 430 -33.95 36.98 -5.00
C GLN B 430 -32.91 37.58 -5.93
N PRO B 431 -31.93 38.30 -5.34
CA PRO B 431 -30.86 38.94 -6.09
C PRO B 431 -30.27 38.05 -7.17
N ALA B 432 -30.00 36.78 -6.87
CA ALA B 432 -29.30 35.88 -7.81
C ALA B 432 -30.03 35.62 -9.14
N MET B 433 -31.29 36.07 -9.23
CA MET B 433 -32.19 35.74 -10.30
C MET B 433 -32.60 37.00 -11.06
N ALA B 434 -31.93 38.10 -10.71
CA ALA B 434 -32.35 39.43 -11.13
C ALA B 434 -32.17 39.72 -12.62
N GLU B 435 -31.36 38.93 -13.32
CA GLU B 435 -31.31 39.08 -14.79
C GLU B 435 -32.03 37.96 -15.57
N TRP B 436 -32.95 37.28 -14.87
CA TRP B 436 -33.74 36.17 -15.41
C TRP B 436 -35.22 36.41 -15.21
N THR B 437 -35.57 36.91 -14.03
CA THR B 437 -36.95 37.08 -13.66
C THR B 437 -37.54 38.29 -14.33
N GLY B 438 -38.41 38.03 -15.30
CA GLY B 438 -39.15 39.06 -16.02
C GLY B 438 -40.50 39.27 -15.38
N ARG B 439 -41.40 39.91 -16.10
CA ARG B 439 -42.76 40.18 -15.61
C ARG B 439 -43.49 38.89 -15.16
N GLU B 440 -44.25 38.97 -14.06
CA GLU B 440 -45.04 37.83 -13.61
C GLU B 440 -46.25 37.72 -14.51
N LEU B 441 -46.37 36.61 -15.21
CA LEU B 441 -47.49 36.41 -16.16
C LEU B 441 -48.79 36.03 -15.45
N SER B 442 -48.70 35.08 -14.51
CA SER B 442 -49.85 34.60 -13.74
C SER B 442 -49.49 34.23 -12.27
N PRO B 443 -50.27 34.72 -11.30
CA PRO B 443 -51.53 35.49 -11.38
C PRO B 443 -51.34 36.96 -11.71
N GLY B 444 -50.11 37.43 -11.54
CA GLY B 444 -49.75 38.82 -11.82
C GLY B 444 -49.70 39.59 -10.54
N VAL B 445 -48.84 40.61 -10.49
CA VAL B 445 -48.64 41.41 -9.27
C VAL B 445 -49.91 42.07 -8.74
N GLU B 446 -50.90 42.27 -9.60
CA GLU B 446 -52.22 42.72 -9.13
C GLU B 446 -52.89 41.77 -8.12
N ALA B 447 -52.41 40.52 -8.04
CA ALA B 447 -52.98 39.53 -7.12
C ALA B 447 -52.12 39.37 -5.86
N GLN B 448 -52.68 39.79 -4.73
CA GLN B 448 -51.90 39.98 -3.50
C GLN B 448 -52.56 39.52 -2.20
N THR B 449 -53.88 39.54 -2.11
CA THR B 449 -54.55 39.09 -0.89
C THR B 449 -54.83 37.60 -0.93
N ASP B 450 -54.96 37.02 0.25
CA ASP B 450 -55.42 35.64 0.40
C ASP B 450 -56.57 35.35 -0.58
N GLU B 451 -57.64 36.13 -0.46
CA GLU B 451 -58.83 35.95 -1.27
C GLU B 451 -58.53 35.93 -2.80
N GLU B 452 -57.78 36.93 -3.28
CA GLU B 452 -57.35 36.95 -4.70
C GLU B 452 -56.52 35.73 -5.10
N LEU B 453 -55.58 35.35 -4.25
CA LEU B 453 -54.76 34.17 -4.54
C LEU B 453 -55.59 32.89 -4.55
N GLN B 454 -56.54 32.73 -3.64
CA GLN B 454 -57.38 31.54 -3.66
C GLN B 454 -58.33 31.48 -4.87
N ASP B 455 -58.83 32.65 -5.31
CA ASP B 455 -59.58 32.76 -6.55
CA ASP B 455 -59.57 32.77 -6.56
C ASP B 455 -58.71 32.30 -7.72
N TYR B 456 -57.42 32.68 -7.67
CA TYR B 456 -56.54 32.31 -8.75
C TYR B 456 -56.28 30.81 -8.74
N ILE B 457 -55.96 30.26 -7.56
CA ILE B 457 -55.76 28.82 -7.38
C ILE B 457 -56.99 28.02 -7.79
N ARG B 458 -58.17 28.47 -7.40
CA ARG B 458 -59.43 27.81 -7.74
C ARG B 458 -59.62 27.66 -9.27
N LYS B 459 -59.28 28.73 -9.99
CA LYS B 459 -59.52 28.83 -11.43
C LYS B 459 -58.51 28.09 -12.32
N THR B 460 -57.30 27.82 -11.80
CA THR B 460 -56.14 27.55 -12.61
C THR B 460 -55.23 26.45 -12.08
N HIS B 461 -55.62 25.82 -10.98
CA HIS B 461 -54.76 24.77 -10.41
C HIS B 461 -54.80 23.56 -11.34
N ASN B 462 -53.77 22.73 -11.24
CA ASN B 462 -53.69 21.49 -11.96
C ASN B 462 -53.31 20.39 -10.95
N THR B 463 -52.64 19.34 -11.42
CA THR B 463 -52.30 18.18 -10.61
C THR B 463 -50.87 17.80 -11.01
N VAL B 464 -50.10 17.21 -10.11
CA VAL B 464 -48.76 16.73 -10.44
C VAL B 464 -48.88 15.37 -11.11
N TYR B 465 -50.12 14.92 -11.31
CA TYR B 465 -50.46 13.61 -11.90
C TYR B 465 -50.14 12.39 -11.02
N HIS B 466 -50.45 12.46 -9.74
CA HIS B 466 -50.10 11.37 -8.80
C HIS B 466 -51.36 10.85 -8.05
N PRO B 467 -52.40 10.38 -8.77
CA PRO B 467 -53.55 9.89 -8.00
C PRO B 467 -53.22 8.59 -7.27
N VAL B 468 -53.60 8.49 -6.01
CA VAL B 468 -53.27 7.26 -5.26
C VAL B 468 -54.35 6.84 -4.27
N GLY B 469 -54.25 5.60 -3.81
CA GLY B 469 -55.00 5.19 -2.61
C GLY B 469 -56.48 4.79 -2.73
N THR B 470 -56.95 4.61 -3.94
CA THR B 470 -58.35 4.23 -4.13
C THR B 470 -58.68 2.75 -3.85
N VAL B 471 -57.69 1.91 -3.57
CA VAL B 471 -57.95 0.55 -3.06
C VAL B 471 -56.89 0.26 -2.02
N ARG B 472 -57.01 0.92 -0.88
CA ARG B 472 -55.93 0.90 0.11
C ARG B 472 -55.81 -0.40 0.89
N MET B 473 -54.56 -0.74 1.20
CA MET B 473 -54.19 -1.72 2.23
C MET B 473 -54.44 -1.14 3.64
N GLY B 474 -54.59 -2.03 4.61
CA GLY B 474 -54.89 -1.66 5.98
C GLY B 474 -55.05 -2.90 6.84
N ALA B 475 -55.64 -2.71 8.01
CA ALA B 475 -55.78 -3.77 8.99
C ALA B 475 -56.79 -4.82 8.53
N VAL B 476 -56.45 -6.10 8.71
CA VAL B 476 -57.37 -7.21 8.41
C VAL B 476 -58.83 -6.88 8.81
N GLU B 477 -58.93 -6.10 9.88
CA GLU B 477 -60.17 -5.80 10.58
CA GLU B 477 -60.21 -5.83 10.53
C GLU B 477 -60.79 -4.46 10.18
N ASP B 478 -60.04 -3.66 9.39
CA ASP B 478 -60.49 -2.33 8.95
C ASP B 478 -61.40 -2.50 7.78
N GLU B 479 -62.70 -2.33 8.04
CA GLU B 479 -63.69 -2.60 7.00
CA GLU B 479 -63.76 -2.51 7.07
C GLU B 479 -63.55 -1.59 5.86
N MET B 480 -62.79 -0.52 6.07
CA MET B 480 -62.61 0.50 5.05
C MET B 480 -61.35 0.31 4.19
N SER B 481 -60.62 -0.78 4.42
CA SER B 481 -59.46 -1.14 3.60
C SER B 481 -59.81 -2.35 2.79
N PRO B 482 -59.71 -2.30 1.45
CA PRO B 482 -60.13 -3.48 0.69
C PRO B 482 -59.10 -4.59 0.70
N LEU B 483 -57.86 -4.21 1.01
CA LEU B 483 -56.74 -5.15 0.98
C LEU B 483 -56.25 -5.38 2.39
N ASP B 484 -55.75 -6.60 2.64
CA ASP B 484 -55.05 -6.90 3.86
C ASP B 484 -53.57 -6.49 3.65
N PRO B 485 -52.74 -6.54 4.73
CA PRO B 485 -51.35 -6.08 4.60
C PRO B 485 -50.57 -6.85 3.57
N GLU B 486 -51.14 -7.94 3.06
CA GLU B 486 -50.46 -8.62 1.97
C GLU B 486 -51.06 -8.33 0.59
N LEU B 487 -51.71 -7.19 0.46
CA LEU B 487 -52.31 -6.75 -0.82
C LEU B 487 -53.46 -7.64 -1.33
N ARG B 488 -53.92 -8.58 -0.52
CA ARG B 488 -54.96 -9.45 -1.03
C ARG B 488 -56.33 -8.81 -0.85
N VAL B 489 -57.11 -8.90 -1.91
CA VAL B 489 -58.47 -8.37 -1.86
C VAL B 489 -59.29 -9.20 -0.86
N LYS B 490 -59.77 -8.58 0.22
CA LYS B 490 -60.71 -9.27 1.16
C LYS B 490 -62.02 -9.74 0.52
N GLY B 491 -62.67 -10.71 1.19
CA GLY B 491 -63.96 -11.32 0.80
C GLY B 491 -63.86 -12.33 -0.33
N VAL B 492 -62.64 -12.56 -0.82
CA VAL B 492 -62.34 -13.30 -2.04
C VAL B 492 -60.96 -13.96 -1.82
N THR B 493 -60.64 -15.01 -2.57
CA THR B 493 -59.29 -15.56 -2.53
C THR B 493 -58.71 -15.53 -3.93
N GLY B 494 -57.38 -15.61 -4.00
CA GLY B 494 -56.69 -15.60 -5.28
C GLY B 494 -56.59 -14.25 -5.98
N LEU B 495 -56.95 -13.16 -5.29
CA LEU B 495 -56.88 -11.86 -5.98
C LEU B 495 -56.07 -10.81 -5.23
N ARG B 496 -55.05 -10.27 -5.88
CA ARG B 496 -54.20 -9.21 -5.31
C ARG B 496 -54.23 -7.92 -6.12
N VAL B 497 -53.92 -6.80 -5.47
CA VAL B 497 -53.73 -5.50 -6.14
C VAL B 497 -52.29 -5.03 -5.90
N ALA B 498 -51.64 -4.56 -6.97
CA ALA B 498 -50.36 -3.86 -6.83
C ALA B 498 -50.16 -2.76 -7.86
N ASP B 499 -50.47 -1.55 -7.40
CA ASP B 499 -50.22 -0.32 -8.14
C ASP B 499 -50.37 0.81 -7.13
N ALA B 500 -50.66 2.03 -7.57
CA ALA B 500 -50.74 3.16 -6.63
C ALA B 500 -51.99 3.16 -5.74
N SER B 501 -52.87 2.17 -5.96
CA SER B 501 -54.19 2.16 -5.30
C SER B 501 -54.02 1.86 -3.86
N VAL B 502 -52.97 1.10 -3.59
CA VAL B 502 -52.76 0.51 -2.27
C VAL B 502 -52.39 1.50 -1.16
N MET B 503 -51.80 2.65 -1.52
CA MET B 503 -51.31 3.58 -0.48
C MET B 503 -52.38 4.02 0.53
N PRO B 504 -52.09 3.86 1.83
CA PRO B 504 -53.02 4.37 2.86
C PRO B 504 -52.91 5.87 2.98
N GLU B 505 -51.72 6.38 2.70
CA GLU B 505 -51.46 7.82 2.69
C GLU B 505 -50.46 8.03 1.58
N HIS B 506 -50.66 9.13 0.83
CA HIS B 506 -49.72 9.55 -0.19
C HIS B 506 -48.31 9.75 0.37
N VAL B 507 -47.36 9.84 -0.53
CA VAL B 507 -45.98 10.09 -0.16
C VAL B 507 -45.72 11.55 -0.46
N THR B 508 -44.72 12.08 0.22
CA THR B 508 -44.34 13.48 0.16
C THR B 508 -43.92 13.76 -1.24
N VAL B 509 -43.34 12.73 -1.89
CA VAL B 509 -42.62 12.88 -3.14
C VAL B 509 -43.34 12.28 -4.36
N ASN B 510 -42.78 12.51 -5.55
CA ASN B 510 -43.33 11.98 -6.81
C ASN B 510 -43.35 10.48 -6.62
N PRO B 511 -44.49 9.82 -6.93
CA PRO B 511 -44.65 8.43 -6.44
C PRO B 511 -44.02 7.33 -7.27
N ASN B 512 -43.52 7.65 -8.45
CA ASN B 512 -43.14 6.61 -9.41
C ASN B 512 -42.23 5.49 -8.91
N ILE B 513 -41.12 5.85 -8.29
CA ILE B 513 -40.21 4.83 -7.82
C ILE B 513 -40.86 4.01 -6.71
N THR B 514 -41.70 4.66 -5.89
CA THR B 514 -42.30 3.94 -4.75
C THR B 514 -43.28 2.93 -5.30
N VAL B 515 -43.93 3.31 -6.39
CA VAL B 515 -44.93 2.43 -6.96
C VAL B 515 -44.25 1.18 -7.47
N MET B 516 -43.11 1.35 -8.15
CA MET B 516 -42.35 0.21 -8.66
C MET B 516 -41.87 -0.63 -7.47
N MET B 517 -41.53 0.05 -6.38
CA MET B 517 -41.22 -0.65 -5.14
C MET B 517 -42.39 -1.54 -4.67
N ILE B 518 -43.61 -1.01 -4.67
CA ILE B 518 -44.79 -1.82 -4.35
C ILE B 518 -44.85 -3.06 -5.25
N GLY B 519 -44.59 -2.89 -6.54
CA GLY B 519 -44.61 -4.01 -7.47
C GLY B 519 -43.62 -5.06 -6.99
N GLU B 520 -42.43 -4.55 -6.66
CA GLU B 520 -41.33 -5.38 -6.12
C GLU B 520 -41.79 -6.23 -4.93
N ARG B 521 -42.36 -5.58 -3.93
CA ARG B 521 -42.79 -6.24 -2.72
C ARG B 521 -43.90 -7.25 -2.97
N CYS B 522 -44.80 -6.96 -3.92
CA CYS B 522 -45.91 -7.82 -4.20
C CYS B 522 -45.41 -9.21 -4.59
N ALA B 523 -44.42 -9.21 -5.47
CA ALA B 523 -43.75 -10.42 -5.93
C ALA B 523 -43.19 -11.30 -4.80
N ASP B 524 -42.48 -10.68 -3.84
CA ASP B 524 -41.95 -11.36 -2.65
C ASP B 524 -43.05 -12.01 -1.79
N LEU B 525 -44.15 -11.30 -1.58
CA LEU B 525 -45.27 -11.80 -0.79
C LEU B 525 -45.89 -13.02 -1.42
N ILE B 526 -45.79 -13.12 -2.75
CA ILE B 526 -46.42 -14.23 -3.45
C ILE B 526 -45.54 -15.46 -3.33
N ARG B 527 -44.27 -15.33 -3.73
CA ARG B 527 -43.28 -16.36 -3.43
C ARG B 527 -43.39 -16.85 -1.99
N SER B 528 -43.39 -15.94 -1.03
CA SER B 528 -43.47 -16.30 0.37
C SER B 528 -44.77 -17.05 0.76
N ALA B 529 -45.94 -16.51 0.40
CA ALA B 529 -47.22 -17.16 0.74
C ALA B 529 -47.22 -18.58 0.21
N ARG B 530 -46.74 -18.71 -1.04
CA ARG B 530 -46.38 -19.98 -1.68
C ARG B 530 -46.69 -19.94 -3.18
N MET C 1 -1.06 -11.19 26.51
CA MET C 1 -0.84 -11.12 27.99
C MET C 1 -0.65 -9.68 28.46
N HIS C 2 -1.09 -9.39 29.68
CA HIS C 2 -0.85 -8.10 30.30
C HIS C 2 0.34 -8.10 31.25
N ILE C 3 1.33 -7.27 30.91
CA ILE C 3 2.54 -7.09 31.69
C ILE C 3 2.52 -5.70 32.32
N ASP C 4 2.48 -5.64 33.65
CA ASP C 4 2.57 -4.34 34.33
C ASP C 4 3.97 -4.04 34.86
N ASN C 5 4.84 -5.02 34.70
CA ASN C 5 6.22 -4.92 35.16
C ASN C 5 7.20 -5.45 34.10
N ILE C 6 7.84 -4.51 33.40
CA ILE C 6 8.75 -4.78 32.26
C ILE C 6 9.78 -5.91 32.56
N GLU C 7 10.21 -5.99 33.83
CA GLU C 7 11.26 -6.91 34.23
C GLU C 7 10.87 -8.38 34.22
N ASN C 8 9.58 -8.68 34.16
CA ASN C 8 9.14 -10.03 33.83
C ASN C 8 9.56 -10.37 32.39
N LEU C 9 8.92 -9.67 31.46
CA LEU C 9 9.12 -9.76 30.01
C LEU C 9 10.52 -10.09 29.50
N SER C 10 10.68 -11.29 28.98
CA SER C 10 12.00 -11.77 28.58
C SER C 10 12.38 -11.27 27.21
N ASP C 11 11.56 -11.63 26.22
CA ASP C 11 11.73 -11.22 24.82
C ASP C 11 11.08 -9.85 24.56
N ARG C 12 11.86 -8.92 24.01
CA ARG C 12 11.45 -7.51 23.88
C ARG C 12 11.40 -7.04 22.44
N GLU C 13 11.23 -8.01 21.55
CA GLU C 13 11.14 -7.82 20.13
C GLU C 13 9.74 -8.20 19.67
N PHE C 14 9.10 -7.33 18.90
CA PHE C 14 7.83 -7.69 18.26
C PHE C 14 7.90 -7.22 16.82
N ASP C 15 7.05 -7.79 15.97
CA ASP C 15 6.89 -7.27 14.63
C ASP C 15 6.32 -5.84 14.65
N TYR C 16 5.34 -5.59 15.51
CA TYR C 16 4.65 -4.30 15.49
C TYR C 16 4.61 -3.74 16.86
N ILE C 17 5.00 -2.47 16.98
CA ILE C 17 4.86 -1.78 18.24
C ILE C 17 3.99 -0.58 18.04
N VAL C 18 2.89 -0.53 18.81
CA VAL C 18 2.04 0.63 18.80
C VAL C 18 2.28 1.33 20.08
N VAL C 19 2.44 2.64 19.99
CA VAL C 19 2.78 3.41 21.17
C VAL C 19 1.63 4.37 21.51
N GLY C 20 1.04 4.17 22.68
CA GLY C 20 -0.17 4.91 23.06
C GLY C 20 -1.46 4.11 22.89
N GLY C 21 -2.03 3.68 24.01
CA GLY C 21 -3.33 2.99 23.98
C GLY C 21 -4.61 3.83 23.94
N GLY C 22 -4.65 4.89 23.14
CA GLY C 22 -5.86 5.68 23.03
C GLY C 22 -6.79 5.25 21.89
N SER C 23 -7.68 6.15 21.53
CA SER C 23 -8.72 5.93 20.56
C SER C 23 -8.15 5.23 19.33
N ALA C 24 -7.16 5.84 18.69
CA ALA C 24 -6.49 5.27 17.53
C ALA C 24 -5.59 4.08 17.87
N GLY C 25 -4.63 4.29 18.79
CA GLY C 25 -3.63 3.27 19.13
C GLY C 25 -4.19 1.91 19.49
N ALA C 26 -5.28 1.89 20.25
CA ALA C 26 -5.86 0.58 20.60
C ALA C 26 -6.41 -0.09 19.36
N ALA C 27 -7.18 0.64 18.57
CA ALA C 27 -7.69 0.08 17.34
C ALA C 27 -6.53 -0.47 16.52
N VAL C 28 -5.49 0.33 16.33
CA VAL C 28 -4.44 -0.10 15.41
C VAL C 28 -3.79 -1.39 15.93
N ALA C 29 -3.38 -1.34 17.19
CA ALA C 29 -2.85 -2.54 17.84
C ALA C 29 -3.80 -3.77 17.71
N ALA C 30 -5.09 -3.58 18.03
CA ALA C 30 -6.08 -4.66 17.94
C ALA C 30 -6.37 -5.21 16.52
N ARG C 31 -6.33 -4.37 15.49
CA ARG C 31 -6.48 -4.84 14.11
C ARG C 31 -5.26 -5.58 13.56
N LEU C 32 -4.08 -5.14 13.94
CA LEU C 32 -2.88 -5.76 13.44
C LEU C 32 -2.76 -7.15 14.03
N SER C 33 -3.34 -7.37 15.19
CA SER C 33 -3.30 -8.67 15.87
C SER C 33 -4.22 -9.79 15.26
N GLU C 34 -5.17 -9.40 14.42
CA GLU C 34 -6.02 -10.38 13.75
C GLU C 34 -5.24 -11.37 12.86
N ASP C 35 -4.01 -10.99 12.45
CA ASP C 35 -3.15 -11.93 11.71
C ASP C 35 -2.32 -12.67 12.72
N PRO C 36 -2.55 -13.98 12.89
CA PRO C 36 -1.86 -14.68 13.99
C PRO C 36 -0.35 -14.86 13.73
N ALA C 37 0.06 -14.67 12.48
CA ALA C 37 1.44 -14.80 12.05
C ALA C 37 2.37 -13.64 12.48
N VAL C 38 1.81 -12.53 12.97
CA VAL C 38 2.62 -11.42 13.45
C VAL C 38 2.37 -11.25 14.94
N SER C 39 3.32 -10.63 15.66
CA SER C 39 3.10 -10.33 17.06
C SER C 39 2.95 -8.84 17.19
N VAL C 40 2.26 -8.41 18.22
CA VAL C 40 1.97 -6.99 18.39
C VAL C 40 2.11 -6.63 19.86
N ALA C 41 2.91 -5.58 20.11
CA ALA C 41 2.96 -5.00 21.43
C ALA C 41 2.22 -3.66 21.40
N LEU C 42 1.36 -3.46 22.39
CA LEU C 42 0.76 -2.17 22.63
C LEU C 42 1.38 -1.57 23.87
N VAL C 43 1.94 -0.38 23.77
CA VAL C 43 2.63 0.24 24.93
C VAL C 43 1.92 1.46 25.46
N GLU C 44 1.71 1.55 26.76
CA GLU C 44 0.94 2.68 27.27
C GLU C 44 1.54 3.18 28.59
N ALA C 45 1.63 4.50 28.70
CA ALA C 45 2.19 5.19 29.89
C ALA C 45 1.34 5.04 31.15
N GLY C 46 0.02 5.10 30.93
CA GLY C 46 -0.98 5.09 32.01
C GLY C 46 -1.23 3.67 32.49
N PRO C 47 -2.08 3.51 33.50
CA PRO C 47 -2.43 2.19 34.02
C PRO C 47 -3.44 1.44 33.19
N ASP C 48 -3.61 0.14 33.48
CA ASP C 48 -4.72 -0.67 32.94
C ASP C 48 -6.02 -0.02 33.40
N ASP C 49 -7.06 -0.08 32.54
CA ASP C 49 -8.38 0.51 32.84
C ASP C 49 -9.34 -0.48 33.47
N ARG C 50 -9.05 -1.77 33.33
CA ARG C 50 -9.85 -2.80 33.97
C ARG C 50 -9.95 -2.56 35.47
N GLY C 51 -11.16 -2.68 36.01
CA GLY C 51 -11.34 -2.52 37.46
C GLY C 51 -11.08 -1.13 38.02
N VAL C 52 -11.05 -0.13 37.13
CA VAL C 52 -11.02 1.28 37.54
C VAL C 52 -12.41 1.88 37.27
N PRO C 53 -13.27 1.91 38.31
CA PRO C 53 -14.63 2.40 38.11
C PRO C 53 -14.75 3.88 37.74
N GLU C 54 -13.83 4.75 38.18
CA GLU C 54 -13.92 6.18 37.79
C GLU C 54 -13.86 6.27 36.25
N VAL C 55 -13.10 5.35 35.64
CA VAL C 55 -12.86 5.35 34.20
C VAL C 55 -13.92 4.53 33.46
N LEU C 56 -14.26 3.40 34.03
CA LEU C 56 -15.15 2.51 33.35
C LEU C 56 -16.59 3.01 33.31
N GLN C 57 -17.11 3.47 34.45
CA GLN C 57 -18.47 4.00 34.53
C GLN C 57 -18.51 5.34 33.84
N LEU C 58 -19.31 5.46 32.78
CA LEU C 58 -19.29 6.68 31.99
C LEU C 58 -19.81 7.91 32.73
N ASP C 59 -20.82 7.72 33.59
CA ASP C 59 -21.42 8.89 34.27
C ASP C 59 -20.50 9.63 35.24
N ARG C 60 -19.35 9.02 35.52
CA ARG C 60 -18.39 9.60 36.50
C ARG C 60 -17.27 10.36 35.83
N TRP C 61 -17.41 10.66 34.52
CA TRP C 61 -16.28 11.14 33.74
C TRP C 61 -15.65 12.50 34.12
N MET C 62 -16.46 13.40 34.68
CA MET C 62 -15.95 14.72 35.09
C MET C 62 -14.98 14.68 36.29
N GLU C 63 -14.98 13.57 37.02
CA GLU C 63 -14.03 13.33 38.12
C GLU C 63 -12.61 13.07 37.61
N LEU C 64 -12.49 12.66 36.35
CA LEU C 64 -11.20 12.30 35.77
C LEU C 64 -10.31 13.51 35.58
N LEU C 65 -11.01 14.64 35.43
CA LEU C 65 -10.34 15.89 35.21
C LEU C 65 -9.45 16.23 36.42
N GLU C 66 -8.22 16.56 36.11
CA GLU C 66 -7.20 16.89 37.12
C GLU C 66 -6.91 15.82 38.21
N SER C 67 -7.33 14.58 37.94
CA SER C 67 -7.06 13.43 38.78
C SER C 67 -5.73 12.81 38.41
N GLY C 68 -5.47 11.60 38.90
CA GLY C 68 -4.21 10.90 38.60
C GLY C 68 -4.26 10.18 37.27
N TYR C 69 -5.42 10.30 36.62
CA TYR C 69 -5.61 9.73 35.29
C TYR C 69 -5.60 10.83 34.24
N ASP C 70 -5.10 12.02 34.60
CA ASP C 70 -5.04 13.19 33.71
C ASP C 70 -3.63 13.75 33.70
N TRP C 71 -3.01 13.89 32.53
CA TRP C 71 -1.67 14.45 32.41
C TRP C 71 -1.64 15.93 32.83
N ASP C 72 -2.73 16.66 32.54
CA ASP C 72 -2.90 18.09 32.90
C ASP C 72 -1.91 19.02 32.19
N TYR C 73 -2.15 19.39 30.91
CA TYR C 73 -1.25 20.34 30.20
C TYR C 73 -1.79 21.77 30.23
N PRO C 74 -1.24 22.66 31.09
CA PRO C 74 -1.68 24.05 31.04
C PRO C 74 -1.20 24.65 29.73
N ILE C 75 -1.65 25.85 29.41
CA ILE C 75 -1.20 26.47 28.17
C ILE C 75 -0.34 27.73 28.35
N GLU C 76 0.43 28.04 27.30
CA GLU C 76 1.15 29.30 27.16
C GLU C 76 0.22 30.50 27.35
N PRO C 77 0.78 31.65 27.79
CA PRO C 77 -0.11 32.80 27.92
C PRO C 77 -0.76 33.14 26.58
N GLN C 78 -2.07 33.36 26.60
CA GLN C 78 -2.78 33.56 25.37
C GLN C 78 -2.86 35.03 25.01
N GLU C 79 -2.54 35.28 23.75
CA GLU C 79 -2.50 36.61 23.17
C GLU C 79 -3.90 37.26 23.15
N ASN C 80 -4.93 36.45 22.91
CA ASN C 80 -6.32 36.91 22.84
C ASN C 80 -7.26 35.84 23.48
N GLY C 81 -6.88 35.38 24.68
CA GLY C 81 -7.57 34.25 25.31
C GLY C 81 -7.37 33.96 26.80
N ASN C 82 -7.73 32.75 27.21
CA ASN C 82 -7.76 32.35 28.63
C ASN C 82 -6.49 31.57 29.04
N SER C 83 -5.53 32.33 29.53
CA SER C 83 -4.29 31.79 30.00
C SER C 83 -4.44 30.73 31.10
N PHE C 84 -5.65 30.59 31.67
CA PHE C 84 -5.87 29.66 32.81
C PHE C 84 -6.47 28.32 32.40
N MET C 85 -6.51 28.04 31.10
CA MET C 85 -7.26 26.93 30.60
C MET C 85 -6.31 25.73 30.41
N ARG C 86 -6.80 24.52 30.68
CA ARG C 86 -5.95 23.33 30.68
C ARG C 86 -6.40 22.37 29.61
N HIS C 87 -5.47 21.79 28.89
CA HIS C 87 -5.77 20.65 28.09
CA HIS C 87 -5.78 20.65 28.10
C HIS C 87 -5.74 19.37 28.94
N ALA C 88 -6.90 18.99 29.43
CA ALA C 88 -7.05 17.77 30.17
C ALA C 88 -6.70 16.63 29.20
N ARG C 89 -6.03 15.58 29.67
CA ARG C 89 -5.57 14.49 28.77
C ARG C 89 -5.48 13.15 29.51
N ALA C 90 -6.29 12.18 29.05
CA ALA C 90 -6.26 10.88 29.71
C ALA C 90 -4.87 10.27 29.76
N LYS C 91 -4.48 9.74 30.91
CA LYS C 91 -3.28 8.89 31.05
C LYS C 91 -3.72 7.54 31.60
N VAL C 92 -4.27 6.70 30.73
CA VAL C 92 -4.88 5.42 31.14
C VAL C 92 -5.16 4.68 29.85
N MET C 93 -5.28 3.36 29.92
CA MET C 93 -5.72 2.61 28.72
C MET C 93 -7.03 3.16 28.18
N GLY C 94 -7.08 3.30 26.85
CA GLY C 94 -8.19 3.92 26.15
C GLY C 94 -7.93 5.39 25.87
N GLY C 95 -6.78 5.90 26.32
CA GLY C 95 -6.46 7.31 26.12
C GLY C 95 -7.66 8.15 26.49
N CYS C 96 -7.92 9.20 25.73
CA CYS C 96 -9.04 10.07 26.01
C CYS C 96 -10.38 9.41 25.73
N SER C 97 -10.37 8.22 25.15
CA SER C 97 -11.64 7.50 25.08
C SER C 97 -12.00 6.92 26.46
N SER C 98 -11.06 6.97 27.39
CA SER C 98 -11.35 6.57 28.74
C SER C 98 -11.66 7.73 29.67
N HIS C 99 -11.59 8.98 29.18
CA HIS C 99 -11.98 10.16 29.99
C HIS C 99 -13.07 11.12 29.41
N ASN C 100 -13.55 10.81 28.21
CA ASN C 100 -14.48 11.69 27.48
C ASN C 100 -15.98 11.47 27.77
N ALA C 101 -16.82 12.37 27.22
CA ALA C 101 -18.30 12.29 27.39
C ALA C 101 -18.95 11.31 26.44
N CYS C 102 -18.16 10.59 25.66
CA CYS C 102 -18.66 9.48 24.82
C CYS C 102 -19.70 9.90 23.72
N ILE C 103 -19.66 11.16 23.33
CA ILE C 103 -20.48 11.62 22.23
C ILE C 103 -19.91 11.09 20.96
N ALA C 104 -20.77 10.49 20.14
CA ALA C 104 -20.31 9.67 19.00
C ALA C 104 -20.84 10.16 17.67
N PHE C 105 -19.94 10.62 16.83
CA PHE C 105 -20.28 11.22 15.59
C PHE C 105 -19.43 10.68 14.45
N TRP C 106 -20.08 10.30 13.34
CA TRP C 106 -19.44 10.09 12.06
C TRP C 106 -19.07 11.49 11.66
N ALA C 107 -17.95 11.64 10.98
CA ALA C 107 -17.58 12.96 10.46
C ALA C 107 -18.41 13.23 9.20
N PRO C 108 -18.73 14.50 8.97
CA PRO C 108 -19.37 14.91 7.75
C PRO C 108 -18.60 14.47 6.50
N ARG C 109 -19.32 13.89 5.54
CA ARG C 109 -18.79 13.52 4.21
C ARG C 109 -18.03 14.72 3.57
N GLU C 110 -18.39 15.94 3.91
CA GLU C 110 -17.74 17.10 3.34
C GLU C 110 -16.39 17.49 4.04
N ASP C 111 -16.19 17.05 5.27
CA ASP C 111 -14.91 17.19 5.93
C ASP C 111 -13.92 16.19 5.35
N LEU C 112 -14.30 14.93 5.33
CA LEU C 112 -13.41 13.88 4.87
C LEU C 112 -13.09 13.90 3.37
N ASP C 113 -14.06 14.25 2.52
CA ASP C 113 -13.81 14.34 1.07
C ASP C 113 -12.74 15.39 0.81
N GLU C 114 -12.74 16.39 1.66
CA GLU C 114 -11.90 17.55 1.53
C GLU C 114 -10.45 17.25 1.91
N TRP C 115 -10.20 16.07 2.49
CA TRP C 115 -8.87 15.73 2.91
C TRP C 115 -8.11 15.30 1.69
N GLU C 116 -8.80 14.62 0.78
CA GLU C 116 -8.25 14.36 -0.54
C GLU C 116 -8.31 15.63 -1.44
N ALA C 117 -9.47 16.27 -1.51
CA ALA C 117 -9.66 17.16 -2.64
C ALA C 117 -8.97 18.47 -2.36
N LYS C 118 -9.04 18.92 -1.12
CA LYS C 118 -8.46 20.22 -0.75
C LYS C 118 -7.07 20.07 -0.15
N TYR C 119 -6.85 19.01 0.63
CA TYR C 119 -5.64 18.99 1.48
C TYR C 119 -4.54 18.00 1.11
N GLY C 120 -4.67 17.33 -0.04
CA GLY C 120 -3.58 16.57 -0.64
C GLY C 120 -3.57 15.10 -0.26
N ALA C 121 -4.50 14.71 0.60
CA ALA C 121 -4.45 13.39 1.23
C ALA C 121 -5.10 12.32 0.35
N THR C 122 -4.44 12.03 -0.78
CA THR C 122 -4.83 10.90 -1.60
C THR C 122 -5.40 9.81 -0.68
N GLY C 123 -6.62 9.38 -0.96
CA GLY C 123 -7.16 8.19 -0.30
C GLY C 123 -8.03 8.48 0.92
N TRP C 124 -7.96 9.72 1.44
CA TRP C 124 -8.76 10.08 2.60
C TRP C 124 -10.03 10.79 2.13
N ASN C 125 -11.11 10.01 2.11
CA ASN C 125 -12.42 10.52 1.77
C ASN C 125 -13.53 9.64 2.38
N ALA C 126 -14.78 10.08 2.17
CA ALA C 126 -16.01 9.36 2.56
C ALA C 126 -16.10 7.91 2.06
N GLU C 127 -15.73 7.67 0.79
CA GLU C 127 -15.61 6.31 0.23
C GLU C 127 -14.76 5.42 1.11
N ALA C 128 -13.63 5.97 1.55
CA ALA C 128 -12.69 5.27 2.42
C ALA C 128 -13.16 5.09 3.89
N ALA C 129 -13.65 6.17 4.50
CA ALA C 129 -14.06 6.19 5.92
C ALA C 129 -15.34 5.39 6.18
N TRP C 130 -16.34 5.54 5.32
CA TRP C 130 -17.62 4.86 5.50
C TRP C 130 -17.58 3.35 5.87
N PRO C 131 -16.91 2.50 5.07
CA PRO C 131 -16.91 1.07 5.43
C PRO C 131 -16.27 0.83 6.80
N LEU C 132 -15.31 1.68 7.16
CA LEU C 132 -14.57 1.59 8.43
C LEU C 132 -15.38 2.05 9.66
N TYR C 133 -16.08 3.17 9.51
CA TYR C 133 -17.07 3.57 10.53
C TYR C 133 -18.08 2.43 10.73
N LYS C 134 -18.35 1.69 9.65
CA LYS C 134 -19.24 0.56 9.71
C LYS C 134 -18.62 -0.62 10.48
N ARG C 135 -17.32 -0.80 10.31
CA ARG C 135 -16.65 -1.96 10.86
C ARG C 135 -16.44 -1.73 12.35
N LEU C 136 -16.34 -0.46 12.75
CA LEU C 136 -15.99 -0.21 14.14
C LEU C 136 -17.13 -0.31 15.13
N GLU C 137 -18.35 -0.13 14.64
CA GLU C 137 -19.53 -0.02 15.52
C GLU C 137 -20.54 -1.20 15.48
N THR C 138 -21.23 -1.38 16.59
CA THR C 138 -22.54 -2.03 16.63
C THR C 138 -23.44 -0.84 17.01
N ASN C 139 -24.13 -0.28 16.01
CA ASN C 139 -24.98 0.91 16.28
C ASN C 139 -26.40 0.55 16.62
N GLU C 140 -26.97 1.22 17.60
CA GLU C 140 -28.33 0.91 17.96
C GLU C 140 -29.23 1.07 16.73
N ASP C 141 -29.10 2.20 16.02
CA ASP C 141 -29.81 2.46 14.76
C ASP C 141 -29.55 1.47 13.62
N ALA C 142 -28.63 0.51 13.76
CA ALA C 142 -28.42 -0.43 12.64
C ALA C 142 -29.67 -1.20 12.14
N GLY C 143 -29.71 -1.42 10.85
CA GLY C 143 -30.69 -2.32 10.28
C GLY C 143 -30.89 -2.14 8.80
N PRO C 144 -31.88 -2.86 8.23
CA PRO C 144 -32.02 -2.84 6.76
C PRO C 144 -32.38 -1.48 6.17
N ASP C 145 -32.99 -0.62 6.97
CA ASP C 145 -33.33 0.75 6.56
C ASP C 145 -32.26 1.77 6.99
N ALA C 146 -31.11 1.26 7.43
CA ALA C 146 -29.92 2.06 7.75
C ALA C 146 -28.67 1.21 7.44
N PRO C 147 -28.59 0.67 6.22
CA PRO C 147 -27.54 -0.31 5.87
C PRO C 147 -26.12 0.27 5.88
N HIS C 148 -25.99 1.58 6.07
CA HIS C 148 -24.67 2.15 6.27
C HIS C 148 -24.14 1.85 7.68
N HIS C 149 -25.04 1.60 8.63
CA HIS C 149 -24.65 1.35 10.02
C HIS C 149 -24.15 -0.08 10.23
N GLY C 150 -23.15 -0.17 11.12
CA GLY C 150 -22.57 -1.42 11.54
C GLY C 150 -23.33 -2.02 12.69
N ASP C 151 -23.44 -3.35 12.69
CA ASP C 151 -24.08 -4.14 13.74
C ASP C 151 -23.20 -5.16 14.45
N SER C 152 -21.97 -5.37 13.95
CA SER C 152 -21.05 -6.34 14.59
C SER C 152 -19.78 -5.75 15.26
N GLY C 153 -19.53 -4.45 15.07
CA GLY C 153 -18.31 -3.82 15.59
C GLY C 153 -18.05 -3.84 17.10
N PRO C 154 -16.77 -3.86 17.47
CA PRO C 154 -16.36 -3.87 18.87
C PRO C 154 -16.90 -2.69 19.72
N VAL C 155 -17.17 -1.54 19.10
CA VAL C 155 -17.57 -0.32 19.81
C VAL C 155 -19.07 -0.05 19.70
N HIS C 156 -19.84 -0.26 20.77
CA HIS C 156 -21.31 -0.06 20.77
C HIS C 156 -21.72 1.39 20.85
N LEU C 157 -22.52 1.86 19.91
CA LEU C 157 -23.11 3.20 20.00
C LEU C 157 -24.62 3.07 20.23
N MET C 158 -25.15 3.91 21.13
CA MET C 158 -26.56 3.87 21.53
C MET C 158 -27.17 5.29 21.52
N ASN C 159 -28.50 5.33 21.43
CA ASN C 159 -29.25 6.57 21.52
C ASN C 159 -29.45 6.90 22.96
N VAL C 160 -29.18 8.15 23.33
CA VAL C 160 -29.48 8.65 24.62
C VAL C 160 -31.02 8.66 24.81
N PRO C 161 -31.55 7.83 25.74
CA PRO C 161 -33.00 7.93 25.90
C PRO C 161 -33.40 9.34 26.37
N PRO C 162 -34.44 9.93 25.74
CA PRO C 162 -34.93 11.29 26.02
C PRO C 162 -35.72 11.46 27.34
N LYS C 163 -35.17 10.97 28.46
CA LYS C 163 -35.82 11.08 29.79
C LYS C 163 -35.79 12.48 30.42
N ASP C 164 -34.78 13.30 30.11
CA ASP C 164 -34.55 14.57 30.81
C ASP C 164 -35.48 15.69 30.34
N PRO C 165 -36.40 16.11 31.23
CA PRO C 165 -37.48 17.03 30.84
C PRO C 165 -37.00 18.41 30.36
N THR C 166 -35.84 18.85 30.82
CA THR C 166 -35.34 20.15 30.40
C THR C 166 -34.65 19.98 29.06
N GLY C 167 -34.20 18.76 28.77
CA GLY C 167 -33.62 18.46 27.48
C GLY C 167 -34.72 18.57 26.43
N VAL C 168 -35.80 17.81 26.64
CA VAL C 168 -37.01 17.87 25.79
C VAL C 168 -37.47 19.29 25.51
N ALA C 169 -37.53 20.13 26.55
CA ALA C 169 -37.97 21.52 26.38
C ALA C 169 -36.97 22.38 25.57
N LEU C 170 -35.69 22.04 25.66
CA LEU C 170 -34.65 22.76 24.91
C LEU C 170 -34.76 22.44 23.43
N LEU C 171 -35.15 21.22 23.14
CA LEU C 171 -35.36 20.81 21.78
C LEU C 171 -36.66 21.48 21.29
N ASP C 172 -37.66 21.56 22.16
CA ASP C 172 -38.91 22.23 21.82
C ASP C 172 -38.61 23.68 21.50
N ALA C 173 -37.69 24.27 22.26
CA ALA C 173 -37.36 25.68 22.11
C ALA C 173 -36.38 25.89 20.96
N CYS C 174 -35.64 24.85 20.62
CA CYS C 174 -34.82 24.90 19.42
C CYS C 174 -35.73 24.93 18.20
N GLU C 175 -36.74 24.07 18.18
CA GLU C 175 -37.78 24.19 17.17
C GLU C 175 -38.32 25.60 17.07
N GLN C 176 -38.73 26.17 18.21
CA GLN C 176 -39.28 27.54 18.18
C GLN C 176 -38.28 28.58 17.60
N ALA C 177 -37.00 28.22 17.48
CA ALA C 177 -35.96 29.16 17.04
C ALA C 177 -35.48 28.97 15.59
N GLY C 178 -35.98 27.95 14.91
CA GLY C 178 -35.56 27.72 13.53
C GLY C 178 -34.68 26.50 13.38
N ILE C 179 -34.35 25.88 14.51
CA ILE C 179 -33.51 24.69 14.53
C ILE C 179 -34.36 23.45 14.81
N PRO C 180 -34.50 22.57 13.82
CA PRO C 180 -35.37 21.43 13.96
C PRO C 180 -34.70 20.23 14.60
N ARG C 181 -35.52 19.30 15.08
CA ARG C 181 -35.04 17.99 15.50
C ARG C 181 -34.44 17.22 14.32
N ALA C 182 -33.22 16.70 14.54
CA ALA C 182 -32.46 16.06 13.45
C ALA C 182 -31.91 14.81 13.99
N LYS C 183 -31.72 13.83 13.11
CA LYS C 183 -31.14 12.54 13.48
C LYS C 183 -29.65 12.55 13.19
N PHE C 184 -28.89 11.91 14.10
CA PHE C 184 -27.44 11.83 14.01
C PHE C 184 -26.91 10.53 13.38
N ASN C 185 -25.79 10.69 12.68
CA ASN C 185 -25.08 9.60 12.03
C ASN C 185 -25.90 8.83 10.93
N THR C 186 -26.56 9.60 10.05
CA THR C 186 -27.44 9.06 8.98
C THR C 186 -26.73 9.01 7.62
N GLY C 187 -25.52 9.54 7.59
CA GLY C 187 -24.78 9.65 6.36
C GLY C 187 -25.06 11.01 5.78
N THR C 188 -25.95 11.79 6.40
CA THR C 188 -26.21 13.11 5.87
C THR C 188 -25.86 14.20 6.87
N THR C 189 -25.05 15.15 6.43
CA THR C 189 -24.56 16.16 7.34
C THR C 189 -25.76 16.89 8.00
N VAL C 190 -25.60 17.26 9.27
CA VAL C 190 -26.59 18.08 9.92
C VAL C 190 -26.02 19.47 10.01
N VAL C 191 -26.46 20.33 9.11
CA VAL C 191 -26.10 21.74 9.15
C VAL C 191 -26.93 22.50 10.16
N ASN C 192 -28.21 22.17 10.27
CA ASN C 192 -29.17 22.92 11.11
C ASN C 192 -30.21 21.98 11.73
N GLY C 193 -29.99 21.61 12.99
CA GLY C 193 -30.73 20.57 13.68
C GLY C 193 -30.18 20.36 15.09
N ALA C 194 -30.94 19.64 15.92
CA ALA C 194 -30.55 19.36 17.30
C ALA C 194 -31.18 18.06 17.76
N ASN C 195 -30.56 17.38 18.71
CA ASN C 195 -31.19 16.22 19.33
C ASN C 195 -30.29 15.62 20.41
N PHE C 196 -30.87 14.78 21.26
CA PHE C 196 -30.13 13.86 22.10
C PHE C 196 -29.12 13.11 21.24
N PHE C 197 -27.87 13.06 21.73
CA PHE C 197 -26.75 12.47 21.03
C PHE C 197 -26.88 10.98 20.83
N GLN C 198 -26.09 10.47 19.88
CA GLN C 198 -25.61 9.09 19.97
C GLN C 198 -24.37 9.14 20.86
N ILE C 199 -24.20 8.08 21.64
CA ILE C 199 -23.09 7.96 22.54
C ILE C 199 -22.56 6.55 22.43
N ASN C 200 -21.25 6.42 22.65
CA ASN C 200 -20.65 5.12 22.58
C ASN C 200 -20.53 4.53 23.99
N ARG C 201 -21.64 3.98 24.45
CA ARG C 201 -21.77 3.37 25.77
C ARG C 201 -22.45 2.01 25.68
N ARG C 202 -21.97 1.05 26.46
CA ARG C 202 -22.66 -0.26 26.56
C ARG C 202 -23.88 -0.10 27.43
N ALA C 203 -24.82 -1.04 27.30
CA ALA C 203 -26.13 -0.97 27.98
C ALA C 203 -25.98 -0.96 29.48
N ASP C 204 -24.91 -1.60 29.96
CA ASP C 204 -24.68 -1.71 31.40
C ASP C 204 -24.08 -0.44 32.03
N GLY C 205 -23.82 0.59 31.21
CA GLY C 205 -23.33 1.89 31.68
C GLY C 205 -21.82 2.10 31.60
N THR C 206 -21.13 1.14 30.99
CA THR C 206 -19.68 1.14 30.81
C THR C 206 -19.40 1.85 29.48
N ARG C 207 -18.43 2.77 29.48
CA ARG C 207 -18.08 3.49 28.28
C ARG C 207 -17.52 2.53 27.23
N SER C 208 -17.87 2.76 25.97
CA SER C 208 -17.39 1.95 24.89
C SER C 208 -16.09 2.52 24.39
N SER C 209 -15.14 2.64 25.29
CA SER C 209 -13.83 3.19 25.00
C SER C 209 -13.05 2.23 24.12
N SER C 210 -11.91 2.67 23.60
CA SER C 210 -11.15 1.78 22.71
C SER C 210 -10.48 0.66 23.48
N SER C 211 -10.17 0.90 24.75
CA SER C 211 -9.59 -0.16 25.57
C SER C 211 -10.61 -1.25 25.90
N VAL C 212 -11.79 -0.83 26.34
CA VAL C 212 -12.94 -1.69 26.55
C VAL C 212 -13.37 -2.50 25.30
N SER C 213 -13.40 -1.83 24.14
CA SER C 213 -13.95 -2.42 22.90
C SER C 213 -12.94 -3.30 22.12
N TYR C 214 -11.72 -2.80 21.98
CA TYR C 214 -10.70 -3.45 21.18
C TYR C 214 -9.77 -4.31 22.01
N ILE C 215 -9.53 -3.95 23.28
CA ILE C 215 -8.43 -4.57 24.02
C ILE C 215 -8.82 -5.60 25.06
N HIS C 216 -9.81 -5.34 25.89
CA HIS C 216 -10.24 -6.34 26.88
C HIS C 216 -10.44 -7.77 26.30
N PRO C 217 -11.14 -7.89 25.14
CA PRO C 217 -11.32 -9.24 24.64
C PRO C 217 -10.03 -9.92 24.14
N ILE C 218 -8.90 -9.20 24.06
CA ILE C 218 -7.72 -9.83 23.49
C ILE C 218 -6.51 -9.89 24.40
N VAL C 219 -6.63 -9.40 25.63
CA VAL C 219 -5.51 -9.42 26.56
C VAL C 219 -4.67 -10.71 26.45
N GLU C 220 -5.34 -11.85 26.46
CA GLU C 220 -4.68 -13.18 26.54
C GLU C 220 -4.37 -13.81 25.19
N GLN C 221 -4.48 -13.02 24.12
CA GLN C 221 -4.25 -13.55 22.80
C GLN C 221 -2.74 -13.81 22.59
N GLU C 222 -2.43 -14.91 21.90
CA GLU C 222 -1.09 -15.48 21.80
C GLU C 222 -0.02 -14.52 21.22
N ASN C 223 -0.45 -13.58 20.37
CA ASN C 223 0.46 -12.73 19.62
C ASN C 223 0.33 -11.28 20.05
N PHE C 224 -0.35 -11.06 21.17
CA PHE C 224 -0.59 -9.73 21.67
C PHE C 224 0.05 -9.57 23.02
N THR C 225 0.69 -8.42 23.23
CA THR C 225 1.31 -8.11 24.51
C THR C 225 0.96 -6.68 24.81
N LEU C 226 0.32 -6.50 25.97
CA LEU C 226 -0.17 -5.23 26.42
C LEU C 226 0.74 -4.76 27.56
N LEU C 227 1.43 -3.64 27.33
CA LEU C 227 2.39 -3.13 28.29
C LEU C 227 1.92 -1.81 28.85
N THR C 228 1.56 -1.82 30.13
CA THR C 228 1.05 -0.63 30.79
C THR C 228 2.07 -0.10 31.77
N GLY C 229 1.90 1.13 32.22
CA GLY C 229 2.83 1.79 33.15
C GLY C 229 4.19 1.97 32.53
N LEU C 230 4.24 2.31 31.24
CA LEU C 230 5.47 2.43 30.47
C LEU C 230 5.47 3.60 29.50
N ARG C 231 6.31 4.57 29.80
CA ARG C 231 6.28 5.83 29.10
C ARG C 231 7.41 5.84 28.11
N ALA C 232 7.05 6.08 26.86
CA ALA C 232 7.99 6.25 25.74
C ALA C 232 8.67 7.60 25.88
N ARG C 233 9.99 7.60 25.75
CA ARG C 233 10.80 8.82 25.93
C ARG C 233 11.48 9.25 24.62
N GLN C 234 11.47 8.37 23.62
CA GLN C 234 12.20 8.62 22.39
C GLN C 234 12.02 7.45 21.44
N LEU C 235 11.88 7.74 20.16
CA LEU C 235 11.91 6.67 19.16
C LEU C 235 13.32 6.54 18.68
N VAL C 236 13.68 5.36 18.22
CA VAL C 236 15.07 5.06 17.94
C VAL C 236 15.28 4.53 16.50
N PHE C 237 16.39 4.92 15.86
CA PHE C 237 16.64 4.63 14.44
C PHE C 237 17.99 4.04 14.04
N ASP C 238 17.92 3.11 13.10
CA ASP C 238 19.00 2.67 12.20
C ASP C 238 19.88 3.80 11.70
N ALA C 239 21.10 3.42 11.40
CA ALA C 239 21.96 4.14 10.48
C ALA C 239 21.34 4.20 9.07
N ASP C 240 20.52 3.20 8.73
CA ASP C 240 19.70 3.18 7.51
C ASP C 240 18.45 4.05 7.61
N ARG C 241 18.16 4.56 8.79
CA ARG C 241 16.92 5.34 9.03
C ARG C 241 15.65 4.53 9.23
N ARG C 242 15.73 3.21 9.44
CA ARG C 242 14.59 2.43 9.99
C ARG C 242 14.36 2.87 11.42
N CYS C 243 13.09 3.05 11.76
CA CYS C 243 12.68 3.07 13.16
C CYS C 243 12.85 1.64 13.66
N THR C 244 13.68 1.44 14.67
CA THR C 244 13.90 0.07 15.16
C THR C 244 13.23 -0.19 16.48
N GLY C 245 12.80 0.84 17.17
CA GLY C 245 12.00 0.62 18.34
C GLY C 245 11.74 1.89 19.10
N VAL C 246 11.46 1.74 20.38
CA VAL C 246 11.20 2.84 21.26
C VAL C 246 11.93 2.58 22.57
N ASP C 247 12.33 3.65 23.24
CA ASP C 247 12.88 3.60 24.56
C ASP C 247 11.84 3.97 25.58
N ILE C 248 11.57 3.08 26.56
CA ILE C 248 10.54 3.36 27.55
C ILE C 248 11.10 3.43 28.97
N VAL C 249 10.40 4.13 29.86
CA VAL C 249 10.75 4.14 31.29
C VAL C 249 9.66 3.63 32.27
N ASP C 250 10.11 3.04 33.38
CA ASP C 250 9.24 2.40 34.38
C ASP C 250 8.45 3.43 35.16
N SER C 251 9.09 4.57 35.40
CA SER C 251 8.50 5.73 36.13
C SER C 251 9.27 6.95 35.66
N ALA C 252 8.72 8.15 35.90
CA ALA C 252 9.41 9.39 35.52
C ALA C 252 10.92 9.39 35.80
N PHE C 253 11.36 8.72 36.87
CA PHE C 253 12.79 8.68 37.30
C PHE C 253 13.45 7.30 37.33
N GLY C 254 12.82 6.32 36.66
CA GLY C 254 13.25 4.91 36.67
C GLY C 254 14.14 4.55 35.50
N HIS C 255 14.37 3.25 35.28
CA HIS C 255 15.38 2.82 34.30
C HIS C 255 14.84 2.81 32.87
N THR C 256 15.73 2.93 31.89
CA THR C 256 15.33 2.98 30.49
C THR C 256 15.43 1.57 29.92
N HIS C 257 14.50 1.17 29.07
CA HIS C 257 14.55 -0.11 28.42
C HIS C 257 14.21 0.07 26.96
N ARG C 258 14.68 -0.83 26.11
CA ARG C 258 14.28 -0.73 24.75
C ARG C 258 13.27 -1.77 24.36
N LEU C 259 12.34 -1.39 23.50
CA LEU C 259 11.61 -2.38 22.75
C LEU C 259 11.94 -2.17 21.27
N THR C 260 12.07 -3.30 20.56
CA THR C 260 12.33 -3.23 19.14
C THR C 260 11.17 -3.80 18.29
N ALA C 261 10.92 -3.13 17.17
CA ALA C 261 9.98 -3.60 16.15
C ALA C 261 10.75 -4.10 14.92
N ARG C 262 10.30 -5.20 14.34
CA ARG C 262 10.97 -5.76 13.19
C ARG C 262 10.38 -5.22 11.91
N ASN C 263 9.14 -4.72 11.97
CA ASN C 263 8.39 -4.34 10.79
C ASN C 263 8.07 -2.87 10.81
N GLU C 264 7.17 -2.48 11.74
CA GLU C 264 6.79 -1.09 11.96
C GLU C 264 6.54 -0.68 13.42
N VAL C 265 6.83 0.58 13.71
CA VAL C 265 6.31 1.27 14.88
C VAL C 265 5.15 2.20 14.51
N VAL C 266 4.08 2.19 15.30
CA VAL C 266 3.01 3.16 15.12
C VAL C 266 2.99 4.07 16.33
N LEU C 267 3.17 5.36 16.08
CA LEU C 267 3.05 6.36 17.10
C LEU C 267 1.60 6.91 17.25
N SER C 268 0.99 6.56 18.39
CA SER C 268 -0.40 6.93 18.66
C SER C 268 -0.56 7.59 20.00
N THR C 269 0.24 8.63 20.24
CA THR C 269 0.27 9.19 21.58
C THR C 269 -0.58 10.46 21.66
N GLY C 270 -1.33 10.73 20.57
CA GLY C 270 -2.20 11.92 20.47
C GLY C 270 -1.54 13.23 20.04
N ALA C 271 -2.36 14.28 19.87
CA ALA C 271 -2.02 15.58 19.28
C ALA C 271 -0.98 16.41 20.02
N ILE C 272 -0.82 16.18 21.32
CA ILE C 272 0.14 16.96 22.11
C ILE C 272 1.45 16.19 22.28
N ASP C 273 1.34 14.89 22.60
CA ASP C 273 2.48 14.03 22.94
C ASP C 273 3.17 13.40 21.71
N THR C 274 2.46 13.32 20.60
CA THR C 274 3.06 12.74 19.41
C THR C 274 4.13 13.65 18.80
N PRO C 275 3.80 14.95 18.61
CA PRO C 275 4.89 15.74 18.06
C PRO C 275 6.05 15.91 19.05
N LYS C 276 5.74 15.95 20.35
CA LYS C 276 6.79 16.02 21.39
C LYS C 276 7.76 14.86 21.27
N LEU C 277 7.21 13.67 21.05
CA LEU C 277 8.00 12.48 21.00
C LEU C 277 8.86 12.46 19.74
N LEU C 278 8.32 12.97 18.65
CA LEU C 278 9.03 13.02 17.39
C LEU C 278 10.18 14.01 17.51
N MET C 279 9.90 15.14 18.13
CA MET C 279 10.89 16.19 18.23
C MET C 279 12.03 15.82 19.19
N LEU C 280 11.72 15.07 20.25
CA LEU C 280 12.76 14.48 21.09
C LEU C 280 13.50 13.37 20.34
N SER C 281 12.93 12.90 19.25
CA SER C 281 13.59 11.83 18.55
C SER C 281 14.41 12.30 17.35
N GLY C 282 14.40 13.60 17.10
CA GLY C 282 15.21 14.18 16.02
C GLY C 282 14.42 14.54 14.76
N ILE C 283 13.09 14.53 14.89
CA ILE C 283 12.14 14.71 13.79
C ILE C 283 11.20 15.86 14.15
N GLY C 284 11.48 17.03 13.58
CA GLY C 284 10.84 18.29 13.92
C GLY C 284 11.53 19.43 13.16
N PRO C 285 11.13 20.68 13.40
CA PRO C 285 11.74 21.86 12.80
C PRO C 285 13.18 22.05 13.27
N ALA C 286 14.11 21.99 12.32
CA ALA C 286 15.56 22.12 12.57
C ALA C 286 15.99 23.15 13.61
N ALA C 287 15.62 24.41 13.43
CA ALA C 287 16.04 25.43 14.40
C ALA C 287 15.44 25.15 15.78
N HIS C 288 14.32 24.43 15.84
CA HIS C 288 13.71 24.23 17.15
C HIS C 288 14.42 23.12 17.91
N LEU C 289 14.85 22.11 17.18
CA LEU C 289 15.63 21.01 17.77
C LEU C 289 17.00 21.46 18.23
N ALA C 290 17.63 22.36 17.45
CA ALA C 290 18.99 22.77 17.72
C ALA C 290 18.98 23.70 18.93
N GLU C 291 17.90 24.45 19.06
CA GLU C 291 17.67 25.31 20.23
C GLU C 291 17.63 24.47 21.54
N HIS C 292 17.27 23.20 21.45
CA HIS C 292 17.27 22.34 22.63
C HIS C 292 18.33 21.21 22.58
N GLY C 293 19.40 21.40 21.81
CA GLY C 293 20.56 20.50 21.86
C GLY C 293 20.30 19.10 21.32
N ILE C 294 19.29 18.99 20.47
CA ILE C 294 18.92 17.73 19.83
C ILE C 294 19.44 17.70 18.38
N GLU C 295 20.13 16.61 18.02
CA GLU C 295 20.60 16.41 16.64
C GLU C 295 19.43 16.12 15.68
N VAL C 296 19.47 16.74 14.51
CA VAL C 296 18.41 16.59 13.56
C VAL C 296 18.56 15.34 12.70
N LEU C 297 17.57 14.46 12.79
CA LEU C 297 17.49 13.29 11.96
C LEU C 297 16.79 13.66 10.65
N VAL C 298 15.57 14.19 10.77
CA VAL C 298 14.82 14.78 9.67
C VAL C 298 14.43 16.17 10.11
N ASP C 299 14.66 17.15 9.24
CA ASP C 299 14.15 18.50 9.43
C ASP C 299 12.72 18.52 8.93
N SER C 300 11.76 18.38 9.84
CA SER C 300 10.36 18.29 9.44
C SER C 300 9.52 19.45 10.00
N PRO C 301 9.57 20.63 9.34
CA PRO C 301 9.06 21.87 9.92
C PRO C 301 7.55 21.87 10.24
N GLY C 302 6.84 20.84 9.82
CA GLY C 302 5.41 20.77 10.08
C GLY C 302 5.10 20.20 11.45
N VAL C 303 6.10 19.55 12.06
CA VAL C 303 5.89 18.82 13.32
C VAL C 303 5.62 19.77 14.45
N GLY C 304 4.43 19.63 15.05
CA GLY C 304 3.98 20.48 16.18
C GLY C 304 3.37 21.78 15.70
N GLU C 305 3.19 21.89 14.39
CA GLU C 305 2.50 23.00 13.73
C GLU C 305 1.06 22.60 13.45
N HIS C 306 0.24 23.59 13.11
CA HIS C 306 -1.18 23.41 12.67
C HIS C 306 -2.05 22.77 13.71
N LEU C 307 -1.76 23.08 14.95
CA LEU C 307 -2.62 22.73 16.06
C LEU C 307 -4.00 23.40 15.93
N GLN C 308 -5.05 22.61 16.05
CA GLN C 308 -6.43 23.10 15.91
C GLN C 308 -7.29 22.50 16.99
N ASP C 309 -8.24 23.29 17.46
CA ASP C 309 -9.15 22.86 18.48
C ASP C 309 -10.55 23.34 18.15
N HIS C 310 -11.53 22.89 18.91
CA HIS C 310 -12.81 23.55 18.90
C HIS C 310 -12.85 24.41 20.17
N PRO C 311 -12.50 25.70 20.07
CA PRO C 311 -12.63 26.56 21.27
C PRO C 311 -14.11 26.66 21.74
N GLU C 312 -14.30 26.89 23.04
CA GLU C 312 -15.64 26.73 23.61
C GLU C 312 -15.91 27.81 24.59
N GLY C 313 -17.10 28.35 24.49
CA GLY C 313 -17.59 29.32 25.44
C GLY C 313 -18.73 28.76 26.27
N VAL C 314 -19.17 29.52 27.23
CA VAL C 314 -20.19 29.02 28.11
C VAL C 314 -21.26 30.06 28.42
N VAL C 315 -22.51 29.62 28.45
CA VAL C 315 -23.58 30.45 28.97
C VAL C 315 -24.26 29.62 30.02
N GLN C 316 -24.42 30.14 31.25
CA GLN C 316 -24.95 29.32 32.39
C GLN C 316 -26.22 29.90 33.00
N PHE C 317 -27.22 29.05 33.26
CA PHE C 317 -28.48 29.56 33.82
C PHE C 317 -28.81 28.88 35.13
N GLU C 318 -29.47 29.60 36.02
CA GLU C 318 -30.10 28.92 37.14
C GLU C 318 -31.38 28.25 36.63
N ALA C 319 -31.65 27.03 37.09
CA ALA C 319 -32.90 26.39 36.70
C ALA C 319 -34.10 26.79 37.58
N LYS C 320 -35.28 26.90 36.97
CA LYS C 320 -36.51 27.29 37.71
C LYS C 320 -37.14 26.12 38.45
N GLN C 321 -36.69 24.92 38.09
CA GLN C 321 -37.09 23.69 38.79
C GLN C 321 -35.90 22.81 39.12
N PRO C 322 -36.14 21.62 39.71
CA PRO C 322 -35.05 20.67 39.96
C PRO C 322 -34.48 19.94 38.73
N MET C 323 -33.16 20.05 38.56
CA MET C 323 -32.52 19.40 37.45
C MET C 323 -32.40 17.91 37.73
N VAL C 324 -32.40 17.08 36.69
CA VAL C 324 -32.20 15.64 36.83
C VAL C 324 -31.02 15.33 37.78
N ALA C 325 -31.16 14.30 38.61
CA ALA C 325 -30.06 13.92 39.53
C ALA C 325 -29.25 12.74 38.95
N GLU C 326 -29.53 12.44 37.69
CA GLU C 326 -29.12 11.21 37.06
C GLU C 326 -29.09 11.45 35.56
N SER C 327 -28.10 10.85 34.90
CA SER C 327 -27.77 11.14 33.51
C SER C 327 -26.88 10.05 32.90
N THR C 328 -26.76 10.04 31.58
CA THR C 328 -25.76 9.16 30.95
C THR C 328 -24.32 9.71 31.07
N GLN C 329 -24.16 11.01 30.83
CA GLN C 329 -22.84 11.71 30.91
C GLN C 329 -22.92 13.26 31.08
N TRP C 330 -24.05 13.73 31.57
CA TRP C 330 -24.24 15.13 31.98
C TRP C 330 -24.40 16.13 30.82
N TRP C 331 -24.18 15.67 29.58
CA TRP C 331 -24.16 16.55 28.38
C TRP C 331 -24.84 15.89 27.15
N GLU C 332 -26.16 15.70 27.21
CA GLU C 332 -26.80 14.78 26.28
C GLU C 332 -27.28 15.31 24.97
N ILE C 333 -27.31 16.65 24.81
CA ILE C 333 -27.80 17.27 23.59
C ILE C 333 -26.78 18.17 22.85
N GLY C 334 -26.74 18.03 21.53
CA GLY C 334 -25.97 18.89 20.65
C GLY C 334 -26.90 19.65 19.70
N ILE C 335 -26.53 20.88 19.41
CA ILE C 335 -27.30 21.73 18.54
C ILE C 335 -26.41 22.22 17.43
N PHE C 336 -26.78 21.95 16.18
CA PHE C 336 -26.05 22.50 15.04
C PHE C 336 -26.84 23.56 14.32
N THR C 337 -26.21 24.69 14.03
CA THR C 337 -26.83 25.74 13.25
C THR C 337 -25.78 26.59 12.50
N PRO C 338 -26.09 27.05 11.26
CA PRO C 338 -25.17 27.89 10.48
C PRO C 338 -25.35 29.40 10.71
N THR C 339 -24.26 30.11 10.92
CA THR C 339 -24.35 31.53 11.21
C THR C 339 -24.40 32.38 9.93
N GLU C 340 -23.98 31.80 8.80
CA GLU C 340 -24.07 32.46 7.51
C GLU C 340 -24.54 31.49 6.45
N ASP C 341 -25.09 32.03 5.37
CA ASP C 341 -25.74 31.24 4.32
C ASP C 341 -24.77 30.52 3.41
N GLY C 342 -25.30 29.53 2.69
CA GLY C 342 -24.54 28.77 1.72
C GLY C 342 -23.31 28.14 2.33
N LEU C 343 -23.51 27.42 3.45
CA LEU C 343 -22.47 26.57 4.04
C LEU C 343 -22.96 25.17 3.93
N ASP C 344 -22.06 24.22 3.68
CA ASP C 344 -22.45 22.81 3.67
C ASP C 344 -22.26 22.10 5.02
N ARG C 345 -21.65 22.78 5.98
CA ARG C 345 -21.49 22.22 7.31
C ARG C 345 -21.84 23.28 8.35
N PRO C 346 -22.24 22.86 9.57
CA PRO C 346 -22.43 23.88 10.58
C PRO C 346 -21.10 24.57 10.98
N ASP C 347 -21.07 25.90 10.96
CA ASP C 347 -19.88 26.58 11.48
C ASP C 347 -19.87 26.72 13.01
N LEU C 348 -21.03 26.49 13.64
CA LEU C 348 -21.22 26.59 15.08
C LEU C 348 -21.86 25.32 15.60
N MET C 349 -21.57 25.00 16.87
CA MET C 349 -22.21 23.92 17.58
C MET C 349 -22.39 24.39 19.00
N MET C 350 -23.42 23.92 19.68
CA MET C 350 -23.63 24.20 21.08
C MET C 350 -23.96 22.90 21.72
N HIS C 351 -23.37 22.65 22.90
CA HIS C 351 -23.72 21.51 23.75
C HIS C 351 -24.67 21.97 24.88
N TYR C 352 -25.45 21.03 25.39
CA TYR C 352 -26.31 21.32 26.52
C TYR C 352 -25.94 20.43 27.63
N GLY C 353 -25.56 21.03 28.75
CA GLY C 353 -25.27 20.35 29.98
C GLY C 353 -26.31 20.63 31.04
N SER C 354 -26.68 19.56 31.77
CA SER C 354 -27.66 19.62 32.86
C SER C 354 -27.11 20.04 34.23
N VAL C 355 -25.99 20.76 34.19
CA VAL C 355 -25.29 21.14 35.37
C VAL C 355 -24.74 22.53 35.02
N PRO C 356 -24.34 23.32 36.06
CA PRO C 356 -23.51 24.54 35.96
C PRO C 356 -22.18 24.14 35.40
N PHE C 357 -21.30 25.11 35.12
CA PHE C 357 -19.98 24.80 34.58
C PHE C 357 -19.04 25.91 34.92
N ASP C 358 -18.64 25.96 36.18
CA ASP C 358 -17.95 27.13 36.65
C ASP C 358 -16.45 27.06 36.47
N MET C 359 -15.97 26.05 35.76
CA MET C 359 -14.52 25.87 35.49
C MET C 359 -13.74 27.14 35.14
N ASN C 360 -14.30 28.01 34.32
CA ASN C 360 -13.54 29.21 33.94
C ASN C 360 -14.15 30.51 34.40
N THR C 361 -15.35 30.42 34.99
CA THR C 361 -16.08 31.60 35.44
C THR C 361 -15.87 31.89 36.90
N LEU C 362 -15.69 30.84 37.71
CA LEU C 362 -15.46 31.04 39.14
C LEU C 362 -14.33 32.01 39.43
N ARG C 363 -13.22 31.91 38.69
CA ARG C 363 -12.03 32.72 39.01
C ARG C 363 -12.23 34.21 38.63
N HIS C 364 -13.34 34.50 37.97
CA HIS C 364 -13.67 35.85 37.60
C HIS C 364 -14.87 36.41 38.35
N GLY C 365 -15.32 35.68 39.38
CA GLY C 365 -16.34 36.18 40.29
C GLY C 365 -17.79 36.01 39.89
N TYR C 366 -18.08 35.29 38.82
CA TYR C 366 -19.44 35.03 38.43
C TYR C 366 -20.16 34.13 39.45
N PRO C 367 -21.49 34.28 39.56
CA PRO C 367 -22.15 33.50 40.61
C PRO C 367 -22.43 32.08 40.13
N THR C 368 -22.75 31.21 41.08
CA THR C 368 -22.79 29.78 40.88
C THR C 368 -24.13 29.29 41.38
N THR C 369 -24.40 28.00 41.24
CA THR C 369 -25.67 27.46 41.68
C THR C 369 -25.47 25.98 41.92
N GLU C 370 -26.40 25.38 42.66
CA GLU C 370 -26.41 23.90 42.89
C GLU C 370 -27.34 23.26 41.83
N ASN C 371 -28.25 24.07 41.26
CA ASN C 371 -29.29 23.62 40.35
C ASN C 371 -29.45 24.47 39.08
N GLY C 372 -28.88 24.04 37.96
CA GLY C 372 -28.94 24.89 36.79
C GLY C 372 -28.48 24.17 35.57
N PHE C 373 -28.24 24.90 34.49
CA PHE C 373 -27.77 24.29 33.25
C PHE C 373 -26.87 25.23 32.38
N SER C 374 -26.35 24.70 31.28
CA SER C 374 -25.26 25.30 30.49
C SER C 374 -25.40 25.01 29.00
N LEU C 375 -25.24 26.05 28.18
CA LEU C 375 -25.12 25.87 26.72
C LEU C 375 -23.73 26.33 26.37
N THR C 376 -22.98 25.48 25.70
CA THR C 376 -21.59 25.80 25.37
C THR C 376 -21.36 25.89 23.86
N PRO C 377 -21.48 27.08 23.28
CA PRO C 377 -21.15 27.27 21.85
C PRO C 377 -19.66 26.97 21.53
N ASN C 378 -19.42 26.19 20.49
CA ASN C 378 -18.10 26.02 19.95
C ASN C 378 -18.02 26.32 18.44
N VAL C 379 -16.86 26.87 18.03
CA VAL C 379 -16.50 27.12 16.62
C VAL C 379 -15.90 25.87 15.99
N THR C 380 -16.62 25.31 15.03
CA THR C 380 -16.40 23.97 14.51
C THR C 380 -15.22 23.84 13.54
N HIS C 381 -14.88 24.94 12.89
CA HIS C 381 -13.76 24.98 11.97
CA HIS C 381 -13.75 24.97 11.97
C HIS C 381 -13.03 26.27 12.24
N ALA C 382 -12.29 26.29 13.32
CA ALA C 382 -11.66 27.52 13.74
C ALA C 382 -10.44 27.74 12.87
N ARG C 383 -10.13 29.01 12.65
CA ARG C 383 -9.15 29.37 11.65
C ARG C 383 -7.85 29.73 12.33
N SER C 384 -7.94 29.92 13.65
CA SER C 384 -6.77 30.08 14.46
C SER C 384 -5.94 28.79 14.41
N ARG C 385 -4.63 28.96 14.37
CA ARG C 385 -3.70 27.86 14.29
C ARG C 385 -2.66 28.07 15.34
N GLY C 386 -2.30 26.98 16.03
CA GLY C 386 -1.30 27.08 17.07
C GLY C 386 -0.14 26.12 16.95
N THR C 387 0.60 26.01 18.05
CA THR C 387 1.77 25.14 18.09
C THR C 387 1.85 24.25 19.34
N VAL C 388 2.52 23.14 19.15
CA VAL C 388 3.08 22.37 20.27
C VAL C 388 4.60 22.40 20.12
N ARG C 389 5.28 22.92 21.14
CA ARG C 389 6.74 22.96 21.08
C ARG C 389 7.37 22.31 22.29
N LEU C 390 8.63 21.88 22.14
CA LEU C 390 9.41 21.32 23.27
C LEU C 390 9.70 22.40 24.33
N ARG C 391 9.46 22.08 25.59
CA ARG C 391 9.96 22.96 26.65
C ARG C 391 11.48 22.82 26.90
N SER C 392 12.02 21.61 26.81
CA SER C 392 13.45 21.32 26.97
C SER C 392 13.77 20.00 26.32
N ARG C 393 14.99 19.52 26.43
CA ARG C 393 15.33 18.21 25.90
C ARG C 393 14.94 17.04 26.85
N ASP C 394 14.37 17.40 28.01
CA ASP C 394 14.00 16.40 29.03
C ASP C 394 12.55 15.99 28.92
N PHE C 395 12.31 14.74 28.52
CA PHE C 395 10.96 14.21 28.34
C PHE C 395 9.95 14.43 29.50
N ARG C 396 10.42 14.54 30.75
CA ARG C 396 9.53 14.81 31.87
C ARG C 396 8.93 16.22 31.90
N ASP C 397 9.50 17.12 31.13
CA ASP C 397 9.00 18.44 31.08
C ASP C 397 7.83 18.50 30.10
N LYS C 398 6.75 19.15 30.49
CA LYS C 398 5.55 19.17 29.66
C LYS C 398 5.80 20.07 28.46
N PRO C 399 5.24 19.70 27.30
CA PRO C 399 5.50 20.45 26.11
C PRO C 399 4.89 21.83 26.24
N MET C 400 5.18 22.71 25.31
CA MET C 400 4.59 24.05 25.32
C MET C 400 3.42 24.07 24.37
N VAL C 401 2.20 24.16 24.91
CA VAL C 401 0.98 24.10 24.10
C VAL C 401 0.37 25.48 23.94
N ASP C 402 0.31 25.98 22.71
CA ASP C 402 -0.14 27.33 22.44
C ASP C 402 -1.08 27.33 21.25
N PRO C 403 -2.39 27.30 21.51
CA PRO C 403 -3.31 27.14 20.38
C PRO C 403 -3.54 28.46 19.67
N ARG C 404 -3.10 29.55 20.31
CA ARG C 404 -3.26 30.90 19.84
C ARG C 404 -4.75 31.11 19.54
N TYR C 405 -5.57 30.83 20.54
CA TYR C 405 -7.01 30.90 20.39
C TYR C 405 -7.40 32.33 20.03
N PHE C 406 -8.41 32.45 19.17
CA PHE C 406 -8.93 33.72 18.66
C PHE C 406 -7.90 34.66 17.99
N THR C 407 -7.00 34.08 17.20
CA THR C 407 -5.97 34.89 16.55
C THR C 407 -6.09 34.87 15.02
N ASP C 408 -7.13 34.24 14.47
CA ASP C 408 -7.39 34.39 13.03
C ASP C 408 -7.54 35.89 12.60
N PRO C 409 -6.71 36.32 11.63
CA PRO C 409 -6.62 37.72 11.18
C PRO C 409 -7.97 38.30 10.70
N GLU C 410 -8.87 37.45 10.20
CA GLU C 410 -10.20 37.95 9.80
C GLU C 410 -11.23 37.91 10.94
N GLY C 411 -10.78 37.63 12.16
CA GLY C 411 -11.65 37.43 13.35
C GLY C 411 -12.82 36.45 13.26
N HIS C 412 -12.73 35.44 12.40
CA HIS C 412 -13.78 34.44 12.29
C HIS C 412 -14.17 33.84 13.65
N ASP C 413 -13.16 33.35 14.38
CA ASP C 413 -13.39 32.57 15.60
C ASP C 413 -14.20 33.37 16.66
N MET C 414 -13.82 34.62 16.91
CA MET C 414 -14.54 35.49 17.85
C MET C 414 -15.98 35.75 17.43
N ARG C 415 -16.17 35.94 16.12
CA ARG C 415 -17.44 36.36 15.53
C ARG C 415 -18.47 35.23 15.74
N VAL C 416 -18.05 34.01 15.42
CA VAL C 416 -18.88 32.83 15.58
C VAL C 416 -19.20 32.64 17.06
N MET C 417 -18.20 32.86 17.93
CA MET C 417 -18.36 32.59 19.36
C MET C 417 -19.34 33.58 19.96
N VAL C 418 -19.17 34.84 19.60
CA VAL C 418 -20.10 35.89 19.96
C VAL C 418 -21.53 35.50 19.51
N ALA C 419 -21.67 35.14 18.23
CA ALA C 419 -22.96 34.73 17.68
C ALA C 419 -23.52 33.50 18.41
N GLY C 420 -22.61 32.71 19.00
CA GLY C 420 -22.97 31.47 19.67
C GLY C 420 -23.69 31.77 20.98
N ILE C 421 -23.22 32.82 21.65
CA ILE C 421 -23.77 33.28 22.90
C ILE C 421 -25.16 33.86 22.71
N ARG C 422 -25.28 34.74 21.71
CA ARG C 422 -26.58 35.32 21.35
C ARG C 422 -27.52 34.20 21.00
N LYS C 423 -27.04 33.27 20.19
CA LYS C 423 -27.85 32.14 19.77
C LYS C 423 -28.28 31.24 20.92
N ALA C 424 -27.45 31.13 21.96
CA ALA C 424 -27.72 30.32 23.16
C ALA C 424 -28.79 30.96 24.04
N ARG C 425 -28.61 32.25 24.31
CA ARG C 425 -29.57 33.11 24.99
C ARG C 425 -30.90 33.06 24.26
N GLU C 426 -30.84 33.15 22.94
CA GLU C 426 -32.04 33.19 22.17
C GLU C 426 -32.84 31.90 22.42
N ILE C 427 -32.19 30.75 22.27
CA ILE C 427 -32.86 29.50 22.58
C ILE C 427 -33.41 29.45 24.03
N ALA C 428 -32.55 29.69 25.02
CA ALA C 428 -32.99 29.59 26.40
C ALA C 428 -34.22 30.49 26.63
N ALA C 429 -34.35 31.54 25.83
CA ALA C 429 -35.44 32.55 25.98
C ALA C 429 -36.74 32.15 25.29
N GLN C 430 -36.70 31.21 24.34
CA GLN C 430 -37.92 30.73 23.68
C GLN C 430 -39.00 30.28 24.67
N PRO C 431 -40.26 30.58 24.33
CA PRO C 431 -41.44 30.26 25.14
C PRO C 431 -41.51 28.84 25.71
N ALA C 432 -40.86 27.86 25.07
CA ALA C 432 -40.95 26.47 25.52
C ALA C 432 -39.99 26.14 26.66
N MET C 433 -39.10 27.06 26.96
CA MET C 433 -38.17 26.86 28.06
C MET C 433 -38.58 27.73 29.24
N ALA C 434 -39.78 28.30 29.17
CA ALA C 434 -40.19 29.29 30.15
C ALA C 434 -40.32 28.74 31.55
N GLU C 435 -40.75 27.49 31.70
CA GLU C 435 -40.82 26.90 33.05
C GLU C 435 -39.38 26.64 33.57
N TRP C 436 -38.39 26.70 32.69
CA TRP C 436 -37.02 26.27 33.05
C TRP C 436 -35.95 27.35 33.12
N THR C 437 -36.00 28.34 32.26
CA THR C 437 -34.88 29.26 32.14
C THR C 437 -34.91 30.30 33.22
N GLY C 438 -34.07 30.14 34.22
CA GLY C 438 -33.92 31.14 35.27
C GLY C 438 -32.94 32.23 34.90
N ARG C 439 -32.52 32.96 35.91
CA ARG C 439 -31.46 33.95 35.86
C ARG C 439 -30.22 33.50 35.08
N GLU C 440 -29.70 34.36 34.20
CA GLU C 440 -28.41 34.12 33.54
C GLU C 440 -27.24 34.42 34.46
N LEU C 441 -26.53 33.39 34.91
CA LEU C 441 -25.40 33.58 35.82
C LEU C 441 -24.16 34.16 35.13
N SER C 442 -23.79 33.56 34.00
CA SER C 442 -22.69 34.05 33.16
C SER C 442 -23.12 33.90 31.70
N PRO C 443 -22.80 34.92 30.88
CA PRO C 443 -22.07 36.11 31.31
C PRO C 443 -22.89 37.15 32.10
N GLY C 444 -24.20 36.96 32.16
CA GLY C 444 -25.06 37.98 32.76
C GLY C 444 -25.72 38.85 31.73
N VAL C 445 -26.92 39.33 32.09
CA VAL C 445 -27.70 40.28 31.26
C VAL C 445 -26.98 41.61 31.04
N GLU C 446 -26.10 41.97 31.97
CA GLU C 446 -25.31 43.19 31.82
C GLU C 446 -24.45 43.12 30.54
N ALA C 447 -23.77 42.00 30.33
CA ALA C 447 -22.97 41.76 29.11
C ALA C 447 -23.85 41.63 27.83
N GLN C 448 -23.79 42.61 26.92
CA GLN C 448 -24.72 42.69 25.76
C GLN C 448 -24.12 43.27 24.42
N THR C 449 -23.24 44.26 24.51
CA THR C 449 -22.48 44.68 23.32
C THR C 449 -21.48 43.62 22.90
N ASP C 450 -21.04 43.66 21.63
CA ASP C 450 -20.01 42.76 21.11
C ASP C 450 -18.73 42.84 21.92
N GLU C 451 -18.45 44.06 22.37
CA GLU C 451 -17.30 44.38 23.17
C GLU C 451 -17.32 43.67 24.53
N GLU C 452 -18.49 43.67 25.16
CA GLU C 452 -18.68 43.06 26.47
C GLU C 452 -18.58 41.54 26.36
N LEU C 453 -19.23 40.97 25.35
CA LEU C 453 -19.17 39.54 25.13
C LEU C 453 -17.77 39.11 24.69
N GLN C 454 -17.08 39.93 23.89
CA GLN C 454 -15.68 39.67 23.53
C GLN C 454 -14.75 39.57 24.74
N ASP C 455 -14.87 40.54 25.65
CA ASP C 455 -14.12 40.52 26.88
C ASP C 455 -14.49 39.25 27.65
N TYR C 456 -15.77 38.92 27.66
CA TYR C 456 -16.20 37.74 28.38
C TYR C 456 -15.44 36.53 27.85
N ILE C 457 -15.46 36.35 26.52
CA ILE C 457 -14.91 35.16 25.86
C ILE C 457 -13.42 35.00 26.16
N ARG C 458 -12.65 36.04 25.84
CA ARG C 458 -11.25 36.17 26.27
C ARG C 458 -11.00 35.70 27.72
N LYS C 459 -11.89 36.03 28.64
CA LYS C 459 -11.72 35.64 30.04
C LYS C 459 -12.14 34.19 30.42
N THR C 460 -13.19 33.65 29.79
CA THR C 460 -13.90 32.50 30.34
C THR C 460 -13.98 31.25 29.45
N HIS C 461 -13.46 31.36 28.25
CA HIS C 461 -13.65 30.29 27.27
C HIS C 461 -12.85 29.06 27.68
N ASN C 462 -13.28 27.91 27.18
CA ASN C 462 -12.58 26.65 27.36
C ASN C 462 -12.30 26.10 25.99
N THR C 463 -12.19 24.77 25.92
CA THR C 463 -12.05 23.99 24.71
C THR C 463 -13.02 22.82 24.87
N VAL C 464 -13.36 22.17 23.77
CA VAL C 464 -14.24 21.03 23.87
C VAL C 464 -13.41 19.79 24.08
N TYR C 465 -12.09 19.98 24.23
CA TYR C 465 -11.06 18.95 24.40
C TYR C 465 -10.79 18.20 23.12
N HIS C 466 -10.67 18.96 22.03
CA HIS C 466 -10.47 18.36 20.72
C HIS C 466 -9.19 18.87 20.04
N PRO C 467 -8.02 18.67 20.66
CA PRO C 467 -6.83 19.16 19.98
C PRO C 467 -6.43 18.18 18.91
N VAL C 468 -6.05 18.71 17.75
CA VAL C 468 -5.97 17.92 16.52
C VAL C 468 -4.80 18.44 15.61
N GLY C 469 -4.31 17.61 14.70
CA GLY C 469 -3.55 18.05 13.53
C GLY C 469 -2.12 18.59 13.62
N THR C 470 -1.42 18.30 14.72
CA THR C 470 -0.03 18.70 14.85
C THR C 470 1.01 17.84 14.13
N VAL C 471 0.58 16.78 13.46
CA VAL C 471 1.50 15.94 12.65
C VAL C 471 0.74 15.45 11.40
N ARG C 472 0.43 16.40 10.51
CA ARG C 472 -0.63 16.18 9.51
C ARG C 472 -0.18 15.34 8.33
N MET C 473 -1.12 14.59 7.76
CA MET C 473 -0.91 13.97 6.45
C MET C 473 -1.07 15.06 5.37
N GLY C 474 -0.54 14.79 4.19
CA GLY C 474 -0.62 15.74 3.08
C GLY C 474 0.08 15.15 1.88
N ALA C 475 0.29 15.99 0.88
CA ALA C 475 0.91 15.59 -0.38
C ALA C 475 2.36 15.18 -0.16
N VAL C 476 2.77 14.08 -0.81
CA VAL C 476 4.17 13.65 -0.85
C VAL C 476 5.17 14.80 -0.97
N GLU C 477 4.84 15.84 -1.73
CA GLU C 477 5.75 16.98 -1.93
C GLU C 477 5.51 18.21 -0.99
N ASP C 478 4.62 18.07 -0.01
CA ASP C 478 4.34 19.16 0.91
C ASP C 478 5.30 19.09 2.11
N GLU C 479 6.27 20.01 2.14
CA GLU C 479 7.27 20.01 3.18
C GLU C 479 6.59 20.22 4.52
N MET C 480 5.50 21.00 4.52
CA MET C 480 4.86 21.38 5.77
C MET C 480 3.91 20.30 6.29
N SER C 481 3.77 19.22 5.53
CA SER C 481 3.08 18.00 5.96
C SER C 481 4.09 16.93 6.38
N PRO C 482 4.15 16.65 7.68
CA PRO C 482 5.04 15.61 8.17
C PRO C 482 4.75 14.19 7.62
N LEU C 483 3.51 13.81 7.35
CA LEU C 483 3.25 12.42 6.91
C LEU C 483 2.81 12.34 5.46
N ASP C 484 2.88 11.16 4.86
CA ASP C 484 2.36 11.04 3.51
C ASP C 484 0.95 10.48 3.62
N PRO C 485 0.19 10.50 2.51
CA PRO C 485 -1.15 9.93 2.56
C PRO C 485 -1.22 8.53 3.22
N GLU C 486 -0.10 7.86 3.38
CA GLU C 486 -0.16 6.51 3.98
C GLU C 486 0.27 6.55 5.45
N LEU C 487 0.41 7.78 5.98
CA LEU C 487 0.57 7.97 7.41
C LEU C 487 2.00 7.62 7.85
N ARG C 488 2.85 7.38 6.84
CA ARG C 488 4.28 7.12 7.04
C ARG C 488 5.05 8.40 7.21
N VAL C 489 5.77 8.54 8.34
CA VAL C 489 6.63 9.73 8.61
C VAL C 489 7.76 9.92 7.56
N LYS C 490 7.81 11.08 6.94
CA LYS C 490 8.78 11.27 5.87
C LYS C 490 10.15 11.55 6.44
N GLY C 491 11.16 11.04 5.74
CA GLY C 491 12.51 11.16 6.17
C GLY C 491 12.97 9.87 6.84
N VAL C 492 12.03 8.98 7.16
CA VAL C 492 12.39 7.68 7.78
C VAL C 492 11.57 6.53 7.26
N THR C 493 11.90 5.33 7.72
CA THR C 493 11.15 4.15 7.33
C THR C 493 10.67 3.39 8.57
N GLY C 494 9.56 2.67 8.38
CA GLY C 494 9.02 1.73 9.35
C GLY C 494 8.38 2.44 10.54
N LEU C 495 7.95 3.68 10.30
CA LEU C 495 7.34 4.52 11.31
C LEU C 495 6.08 5.23 10.82
N ARG C 496 4.97 4.95 11.47
CA ARG C 496 3.72 5.59 11.10
C ARG C 496 3.14 6.37 12.25
N VAL C 497 2.27 7.34 11.95
CA VAL C 497 1.55 8.04 13.00
C VAL C 497 0.08 7.88 12.84
N ALA C 498 -0.60 7.53 13.92
CA ALA C 498 -2.05 7.42 13.86
C ALA C 498 -2.73 7.80 15.16
N ASP C 499 -3.34 8.97 15.12
CA ASP C 499 -4.18 9.48 16.15
C ASP C 499 -4.67 10.82 15.61
N ALA C 500 -5.02 11.72 16.52
CA ALA C 500 -5.60 12.99 16.11
C ALA C 500 -4.60 13.93 15.46
N SER C 501 -3.31 13.63 15.61
CA SER C 501 -2.25 14.47 15.09
C SER C 501 -2.40 14.60 13.58
N VAL C 502 -3.01 13.59 12.95
CA VAL C 502 -2.94 13.49 11.49
C VAL C 502 -3.91 14.36 10.70
N MET C 503 -4.96 14.89 11.32
CA MET C 503 -6.01 15.66 10.59
C MET C 503 -5.44 16.90 9.89
N PRO C 504 -5.74 17.11 8.58
CA PRO C 504 -5.27 18.33 7.92
C PRO C 504 -6.16 19.48 8.34
N GLU C 505 -7.39 19.14 8.68
CA GLU C 505 -8.40 20.12 9.03
C GLU C 505 -9.28 19.43 10.04
N HIS C 506 -9.70 20.17 11.04
CA HIS C 506 -10.56 19.61 12.06
C HIS C 506 -11.83 19.18 11.41
N VAL C 507 -12.37 18.06 11.89
CA VAL C 507 -13.75 17.70 11.58
C VAL C 507 -14.74 18.63 12.31
N THR C 508 -16.01 18.57 11.91
CA THR C 508 -17.03 19.50 12.35
C THR C 508 -17.53 19.14 13.71
N VAL C 509 -17.45 17.86 14.02
CA VAL C 509 -18.14 17.27 15.15
C VAL C 509 -17.06 16.87 16.12
N ASN C 510 -17.44 16.16 17.17
CA ASN C 510 -16.55 15.66 18.22
C ASN C 510 -15.75 14.55 17.52
N PRO C 511 -14.42 14.46 17.72
CA PRO C 511 -13.66 13.61 16.76
C PRO C 511 -13.37 12.15 17.14
N ASN C 512 -13.73 11.74 18.35
CA ASN C 512 -13.31 10.43 18.86
C ASN C 512 -13.52 9.32 17.90
N ILE C 513 -14.73 9.21 17.38
CA ILE C 513 -15.09 8.07 16.59
C ILE C 513 -14.30 8.19 15.31
N THR C 514 -14.02 9.41 14.93
CA THR C 514 -13.27 9.63 13.70
C THR C 514 -11.80 9.27 13.91
N VAL C 515 -11.33 9.46 15.13
CA VAL C 515 -9.98 9.07 15.45
C VAL C 515 -9.84 7.57 15.50
N MET C 516 -10.84 6.86 16.03
CA MET C 516 -10.81 5.36 16.02
C MET C 516 -10.81 4.84 14.57
N MET C 517 -11.44 5.62 13.72
CA MET C 517 -11.61 5.28 12.31
C MET C 517 -10.22 5.34 11.69
N ILE C 518 -9.57 6.49 11.84
CA ILE C 518 -8.19 6.65 11.43
C ILE C 518 -7.31 5.52 11.90
N GLY C 519 -7.65 4.93 13.04
CA GLY C 519 -6.85 3.84 13.63
C GLY C 519 -7.08 2.57 12.81
N GLU C 520 -8.36 2.31 12.56
CA GLU C 520 -8.79 1.20 11.68
C GLU C 520 -8.16 1.32 10.31
N ARG C 521 -8.14 2.52 9.75
CA ARG C 521 -7.53 2.76 8.46
C ARG C 521 -6.01 2.46 8.45
N CYS C 522 -5.29 2.96 9.47
CA CYS C 522 -3.85 2.80 9.57
C CYS C 522 -3.53 1.32 9.53
N ALA C 523 -4.31 0.53 10.26
CA ALA C 523 -4.10 -0.92 10.24
C ALA C 523 -4.14 -1.48 8.82
N ASP C 524 -5.11 -1.02 8.02
CA ASP C 524 -5.34 -1.57 6.68
C ASP C 524 -4.21 -1.20 5.73
N LEU C 525 -3.81 0.07 5.74
CA LEU C 525 -2.60 0.53 5.08
C LEU C 525 -1.39 -0.36 5.42
N ILE C 526 -1.28 -0.80 6.67
CA ILE C 526 -0.20 -1.67 7.07
C ILE C 526 -0.39 -3.12 6.57
N ARG C 527 -1.58 -3.70 6.78
CA ARG C 527 -1.82 -5.07 6.35
C ARG C 527 -2.56 -5.11 5.02
N SER C 528 -2.18 -4.25 4.08
CA SER C 528 -3.05 -3.93 2.92
C SER C 528 -3.92 -5.09 2.42
N MET D 1 -14.93 4.40 61.26
CA MET D 1 -15.23 3.73 59.96
C MET D 1 -14.54 4.44 58.79
N HIS D 2 -14.53 3.79 57.64
CA HIS D 2 -13.90 4.35 56.44
C HIS D 2 -14.97 4.61 55.38
N ILE D 3 -15.06 5.86 54.99
CA ILE D 3 -16.04 6.34 54.04
C ILE D 3 -15.27 6.90 52.85
N ASP D 4 -15.47 6.34 51.67
CA ASP D 4 -14.78 6.83 50.47
C ASP D 4 -15.73 7.70 49.63
N ASN D 5 -17.00 7.66 49.97
CA ASN D 5 -18.02 8.36 49.23
C ASN D 5 -19.02 8.94 50.21
N ILE D 6 -19.17 10.26 50.17
CA ILE D 6 -19.90 10.96 51.23
C ILE D 6 -21.42 10.79 51.17
N GLU D 7 -21.94 10.24 50.08
CA GLU D 7 -23.33 9.77 50.10
C GLU D 7 -23.56 8.73 51.21
N ASN D 8 -22.51 7.97 51.55
CA ASN D 8 -22.53 6.92 52.60
C ASN D 8 -22.42 7.46 54.04
N LEU D 9 -22.25 8.77 54.19
CA LEU D 9 -22.21 9.36 55.50
C LEU D 9 -23.46 10.21 55.70
N SER D 10 -24.35 9.73 56.57
CA SER D 10 -25.57 10.45 56.86
C SER D 10 -25.45 11.35 58.10
N ASP D 11 -24.42 11.13 58.91
CA ASP D 11 -24.09 12.15 59.95
C ASP D 11 -22.81 12.92 59.64
N ARG D 12 -22.91 14.24 59.70
CA ARG D 12 -21.85 15.10 59.21
C ARG D 12 -21.47 16.10 60.30
N GLU D 13 -21.87 15.81 61.54
CA GLU D 13 -21.43 16.62 62.66
C GLU D 13 -20.41 15.86 63.53
N PHE D 14 -19.27 16.52 63.80
CA PHE D 14 -18.19 15.90 64.54
C PHE D 14 -17.75 16.80 65.64
N ASP D 15 -17.11 16.23 66.65
CA ASP D 15 -16.60 17.06 67.77
C ASP D 15 -15.35 17.75 67.25
N TYR D 16 -14.58 16.98 66.50
CA TYR D 16 -13.38 17.49 65.88
C TYR D 16 -13.27 17.07 64.42
N ILE D 17 -12.85 18.03 63.60
CA ILE D 17 -12.43 17.71 62.27
C ILE D 17 -10.99 18.14 62.04
N VAL D 18 -10.20 17.17 61.63
CA VAL D 18 -8.84 17.49 61.31
C VAL D 18 -8.86 17.37 59.80
N VAL D 19 -8.28 18.35 59.11
CA VAL D 19 -8.29 18.38 57.63
C VAL D 19 -6.86 18.21 57.19
N GLY D 20 -6.59 17.25 56.30
CA GLY D 20 -5.18 16.91 55.95
C GLY D 20 -4.72 15.64 56.67
N GLY D 21 -4.41 14.63 55.87
CA GLY D 21 -4.06 13.33 56.41
C GLY D 21 -2.57 13.06 56.46
N GLY D 22 -1.76 14.09 56.69
CA GLY D 22 -0.31 13.92 56.57
C GLY D 22 0.39 13.48 57.84
N SER D 23 1.66 13.86 57.96
CA SER D 23 2.48 13.53 59.14
C SER D 23 1.83 14.09 60.40
N ALA D 24 1.42 15.34 60.34
CA ALA D 24 0.81 15.93 61.52
C ALA D 24 -0.62 15.51 61.70
N GLY D 25 -1.47 15.74 60.68
CA GLY D 25 -2.94 15.59 60.84
C GLY D 25 -3.35 14.21 61.28
N ALA D 26 -2.74 13.21 60.67
CA ALA D 26 -2.92 11.82 61.07
C ALA D 26 -2.58 11.56 62.54
N ALA D 27 -1.54 12.22 63.04
CA ALA D 27 -1.16 12.10 64.42
C ALA D 27 -2.23 12.74 65.28
N VAL D 28 -2.62 13.96 64.94
CA VAL D 28 -3.52 14.72 65.78
C VAL D 28 -4.83 13.95 65.86
N ALA D 29 -5.28 13.45 64.71
CA ALA D 29 -6.54 12.74 64.55
C ALA D 29 -6.59 11.58 65.50
N ALA D 30 -5.57 10.74 65.43
CA ALA D 30 -5.53 9.50 66.20
C ALA D 30 -5.40 9.77 67.69
N ARG D 31 -4.57 10.72 68.07
CA ARG D 31 -4.45 10.98 69.48
C ARG D 31 -5.74 11.62 70.00
N LEU D 32 -6.38 12.46 69.20
CA LEU D 32 -7.61 13.10 69.64
C LEU D 32 -8.70 12.04 69.83
N SER D 33 -8.68 11.00 68.99
CA SER D 33 -9.68 9.93 69.07
C SER D 33 -9.50 8.98 70.26
N GLU D 34 -8.31 9.01 70.88
CA GLU D 34 -7.95 8.13 72.00
C GLU D 34 -8.93 8.16 73.17
N ASP D 35 -9.69 9.25 73.29
CA ASP D 35 -10.83 9.30 74.22
C ASP D 35 -12.18 8.97 73.56
N PRO D 36 -12.78 7.80 73.92
CA PRO D 36 -14.07 7.26 73.44
C PRO D 36 -15.29 8.18 73.51
N ALA D 37 -15.22 9.23 74.34
CA ALA D 37 -16.30 10.21 74.52
C ALA D 37 -16.41 11.33 73.44
N VAL D 38 -15.52 11.30 72.44
CA VAL D 38 -15.34 12.45 71.58
C VAL D 38 -15.26 11.96 70.14
N SER D 39 -16.04 12.58 69.24
CA SER D 39 -16.07 12.13 67.85
C SER D 39 -15.00 12.86 67.01
N VAL D 40 -14.38 12.15 66.09
CA VAL D 40 -13.29 12.73 65.39
C VAL D 40 -13.32 12.29 63.95
N ALA D 41 -13.25 13.25 63.03
CA ALA D 41 -13.11 12.89 61.61
C ALA D 41 -11.77 13.28 61.01
N LEU D 42 -11.26 12.45 60.13
CA LEU D 42 -10.09 12.83 59.33
C LEU D 42 -10.48 12.86 57.86
N VAL D 43 -10.27 14.03 57.25
CA VAL D 43 -10.64 14.30 55.87
C VAL D 43 -9.37 14.47 55.08
N GLU D 44 -9.13 13.58 54.14
CA GLU D 44 -7.96 13.66 53.28
C GLU D 44 -8.41 13.80 51.81
N ALA D 45 -7.75 14.68 51.07
CA ALA D 45 -8.12 14.84 49.67
C ALA D 45 -7.86 13.61 48.82
N GLY D 46 -6.72 12.98 49.07
CA GLY D 46 -6.29 11.81 48.27
C GLY D 46 -6.96 10.49 48.65
N PRO D 47 -6.59 9.43 47.94
CA PRO D 47 -7.08 8.08 48.15
C PRO D 47 -6.49 7.47 49.39
N ASP D 48 -6.93 6.26 49.70
CA ASP D 48 -6.44 5.53 50.86
C ASP D 48 -5.15 4.81 50.47
N ASP D 49 -4.26 4.60 51.46
CA ASP D 49 -2.98 3.96 51.16
C ASP D 49 -2.96 2.44 51.25
N ARG D 50 -3.83 1.85 52.08
CA ARG D 50 -3.96 0.37 52.22
C ARG D 50 -4.15 -0.28 50.86
N GLY D 51 -3.32 -1.27 50.56
CA GLY D 51 -3.40 -1.97 49.26
C GLY D 51 -2.83 -1.20 48.11
N VAL D 52 -2.06 -0.16 48.43
CA VAL D 52 -1.30 0.56 47.41
C VAL D 52 0.25 0.33 47.56
N PRO D 53 0.78 -0.62 46.76
CA PRO D 53 2.18 -0.99 46.92
C PRO D 53 3.18 0.09 46.52
N GLU D 54 2.87 0.95 45.53
CA GLU D 54 3.82 2.04 45.28
C GLU D 54 3.93 3.07 46.45
N VAL D 55 2.91 3.12 47.33
CA VAL D 55 2.95 3.97 48.50
C VAL D 55 3.53 3.24 49.72
N LEU D 56 3.13 1.98 49.92
CA LEU D 56 3.48 1.25 51.14
C LEU D 56 4.93 0.77 51.15
N GLN D 57 5.44 0.31 50.00
CA GLN D 57 6.82 -0.15 49.96
C GLN D 57 7.75 1.03 49.86
N LEU D 58 8.34 1.41 50.99
CA LEU D 58 9.35 2.46 51.03
C LEU D 58 10.26 2.39 49.78
N ASP D 59 10.74 1.22 49.42
CA ASP D 59 11.77 1.20 48.39
C ASP D 59 11.33 1.65 46.98
N ARG D 60 10.03 1.89 46.81
CA ARG D 60 9.49 2.39 45.53
C ARG D 60 9.28 3.91 45.47
N TRP D 61 9.57 4.62 46.57
CA TRP D 61 9.12 6.02 46.81
C TRP D 61 9.34 6.94 45.65
N MET D 62 10.48 6.82 44.98
CA MET D 62 10.79 7.70 43.84
C MET D 62 9.79 7.58 42.69
N GLU D 63 9.18 6.41 42.52
CA GLU D 63 8.14 6.23 41.47
C GLU D 63 6.98 7.22 41.61
N LEU D 64 6.76 7.70 42.84
CA LEU D 64 5.60 8.55 43.18
C LEU D 64 5.71 9.97 42.66
N LEU D 65 6.94 10.45 42.53
CA LEU D 65 7.19 11.80 42.04
C LEU D 65 6.60 11.96 40.64
N GLU D 66 5.74 12.97 40.47
CA GLU D 66 5.07 13.24 39.17
C GLU D 66 4.26 12.02 38.69
N SER D 67 3.73 11.27 39.65
CA SER D 67 2.75 10.27 39.38
C SER D 67 1.38 10.85 39.80
N GLY D 68 0.35 10.02 39.81
CA GLY D 68 -0.94 10.47 40.20
C GLY D 68 -1.10 10.67 41.68
N TYR D 69 -0.04 10.41 42.45
CA TYR D 69 -0.13 10.52 43.90
C TYR D 69 0.50 11.81 44.39
N ASP D 70 0.92 12.63 43.42
CA ASP D 70 1.69 13.85 43.62
C ASP D 70 0.83 15.05 43.24
N TRP D 71 0.67 16.06 44.11
CA TRP D 71 -0.09 17.29 43.72
C TRP D 71 0.61 18.11 42.62
N ASP D 72 1.93 17.90 42.57
CA ASP D 72 2.90 18.52 41.64
C ASP D 72 2.78 20.05 41.57
N TYR D 73 3.59 20.73 42.38
CA TYR D 73 3.58 22.20 42.43
C TYR D 73 4.79 22.87 41.75
N PRO D 74 4.53 23.50 40.58
CA PRO D 74 5.50 24.35 39.89
C PRO D 74 5.80 25.54 40.76
N ILE D 75 7.04 26.00 40.69
CA ILE D 75 7.41 27.22 41.39
C ILE D 75 7.38 28.37 40.39
N GLU D 76 7.39 29.58 40.92
CA GLU D 76 7.40 30.78 40.13
C GLU D 76 8.80 31.00 39.57
N PRO D 77 8.91 31.66 38.40
CA PRO D 77 10.23 31.90 37.83
C PRO D 77 11.17 32.41 38.92
N GLN D 78 12.41 31.92 38.93
CA GLN D 78 13.32 32.25 40.01
C GLN D 78 14.38 33.26 39.57
N GLU D 79 14.43 34.36 40.32
CA GLU D 79 15.41 35.42 40.14
C GLU D 79 16.83 34.87 40.07
N ASN D 80 17.17 33.96 40.99
CA ASN D 80 18.54 33.48 41.08
C ASN D 80 18.61 31.97 41.25
N GLY D 81 17.63 31.25 40.71
CA GLY D 81 17.52 29.80 40.94
C GLY D 81 16.90 29.10 39.76
N ASN D 82 16.35 27.91 40.03
CA ASN D 82 15.91 27.04 38.95
C ASN D 82 14.40 27.03 38.75
N SER D 83 13.96 27.81 37.75
CA SER D 83 12.53 28.02 37.46
C SER D 83 11.78 26.73 37.13
N PHE D 84 12.55 25.69 36.76
CA PHE D 84 12.05 24.34 36.38
C PHE D 84 11.86 23.35 37.54
N MET D 85 12.23 23.75 38.76
CA MET D 85 12.19 22.88 39.91
C MET D 85 10.75 22.67 40.26
N ARG D 86 10.43 21.51 40.84
CA ARG D 86 9.03 21.18 41.13
C ARG D 86 8.84 20.70 42.54
N HIS D 87 7.89 21.31 43.21
CA HIS D 87 7.65 20.99 44.59
C HIS D 87 6.65 19.87 44.72
N ALA D 88 7.20 18.65 44.71
CA ALA D 88 6.39 17.44 44.80
C ALA D 88 5.70 17.44 46.15
N ARG D 89 4.46 16.94 46.19
CA ARG D 89 3.60 17.04 47.36
CA ARG D 89 3.61 17.03 47.38
C ARG D 89 2.57 15.91 47.34
N ALA D 90 2.68 14.99 48.30
CA ALA D 90 1.90 13.75 48.21
C ALA D 90 0.38 13.94 48.33
N LYS D 91 -0.35 13.20 47.50
CA LYS D 91 -1.83 13.13 47.58
C LYS D 91 -2.40 11.74 47.93
N VAL D 92 -2.63 11.50 49.22
CA VAL D 92 -2.91 10.17 49.76
C VAL D 92 -2.87 10.25 51.27
N MET D 93 -3.58 9.33 51.94
CA MET D 93 -3.47 9.19 53.40
C MET D 93 -2.00 9.07 53.82
N GLY D 94 -1.57 10.00 54.67
CA GLY D 94 -0.23 9.97 55.17
C GLY D 94 0.48 11.19 54.64
N GLY D 95 -0.09 11.80 53.60
CA GLY D 95 0.48 12.99 53.03
C GLY D 95 1.90 12.66 52.68
N CYS D 96 2.82 13.58 52.88
CA CYS D 96 4.19 13.35 52.37
C CYS D 96 4.96 12.27 53.07
N SER D 97 4.41 11.79 54.16
CA SER D 97 5.01 10.67 54.87
C SER D 97 4.79 9.38 54.10
N SER D 98 4.00 9.47 53.03
CA SER D 98 3.67 8.30 52.22
C SER D 98 4.41 8.32 50.91
N HIS D 99 5.23 9.33 50.73
CA HIS D 99 6.01 9.41 49.51
C HIS D 99 7.41 9.74 49.77
N ASN D 100 7.76 9.99 51.02
CA ASN D 100 9.13 10.43 51.32
C ASN D 100 10.07 9.32 51.62
N ALA D 101 11.36 9.67 51.72
CA ALA D 101 12.48 8.73 51.77
C ALA D 101 12.69 8.25 53.19
N CYS D 102 11.76 8.63 54.07
CA CYS D 102 11.68 8.04 55.39
C CYS D 102 12.88 8.22 56.32
N ILE D 103 13.76 9.16 55.96
CA ILE D 103 14.88 9.49 56.80
C ILE D 103 14.34 10.15 58.05
N ALA D 104 14.81 9.67 59.19
CA ALA D 104 14.18 10.01 60.46
C ALA D 104 15.17 10.65 61.43
N PHE D 105 14.74 11.78 61.95
CA PHE D 105 15.57 12.62 62.78
C PHE D 105 14.71 13.29 63.82
N TRP D 106 15.15 13.17 65.07
CA TRP D 106 14.90 14.14 66.13
C TRP D 106 15.61 15.44 65.72
N ALA D 107 14.98 16.57 65.99
CA ALA D 107 15.55 17.87 65.67
C ALA D 107 16.49 18.18 66.80
N PRO D 108 17.60 18.89 66.51
CA PRO D 108 18.48 19.40 67.52
C PRO D 108 17.77 20.26 68.54
N ARG D 109 17.98 19.95 69.83
CA ARG D 109 17.54 20.76 70.98
C ARG D 109 17.75 22.26 70.75
N GLU D 110 18.89 22.64 70.15
CA GLU D 110 19.14 24.04 69.82
C GLU D 110 18.28 24.62 68.67
N ASP D 111 17.69 23.79 67.81
CA ASP D 111 16.68 24.33 66.95
C ASP D 111 15.47 24.55 67.82
N LEU D 112 15.07 23.53 68.56
CA LEU D 112 13.83 23.67 69.30
C LEU D 112 13.83 24.76 70.37
N ASP D 113 14.95 24.95 71.04
CA ASP D 113 14.91 25.88 72.14
C ASP D 113 14.75 27.33 71.66
N GLU D 114 15.14 27.58 70.41
CA GLU D 114 15.08 28.92 69.82
C GLU D 114 13.68 29.34 69.48
N TRP D 115 12.83 28.38 69.16
CA TRP D 115 11.43 28.67 68.83
C TRP D 115 10.86 29.51 69.97
N GLU D 116 11.18 29.15 71.21
CA GLU D 116 10.69 29.90 72.36
C GLU D 116 11.56 31.07 72.75
N ALA D 117 12.87 30.89 72.74
CA ALA D 117 13.81 31.89 73.31
C ALA D 117 14.20 32.99 72.32
N LYS D 118 14.11 32.67 71.04
CA LYS D 118 14.49 33.56 69.96
C LYS D 118 13.23 34.07 69.23
N TYR D 119 12.18 33.22 69.20
CA TYR D 119 11.05 33.44 68.29
C TYR D 119 9.69 33.55 68.97
N GLY D 120 9.69 33.59 70.29
CA GLY D 120 8.46 33.86 71.07
C GLY D 120 7.38 32.81 71.12
N ALA D 121 7.67 31.59 70.68
CA ALA D 121 6.66 30.56 70.79
C ALA D 121 6.64 30.02 72.21
N THR D 122 6.04 30.77 73.14
CA THR D 122 6.00 30.36 74.57
C THR D 122 5.79 28.84 74.69
N GLY D 123 6.66 28.19 75.47
CA GLY D 123 6.53 26.74 75.76
C GLY D 123 6.99 25.75 74.70
N TRP D 124 7.62 26.24 73.61
CA TRP D 124 8.11 25.39 72.52
C TRP D 124 9.63 25.29 72.54
N ASN D 125 10.13 24.14 73.03
CA ASN D 125 11.54 23.95 73.40
C ASN D 125 11.82 22.45 73.55
N ALA D 126 13.07 22.08 73.73
CA ALA D 126 13.39 20.66 73.77
C ALA D 126 12.66 19.94 74.94
N GLU D 127 12.45 20.65 76.04
CA GLU D 127 11.76 20.04 77.21
C GLU D 127 10.35 19.63 76.82
N ALA D 128 9.72 20.43 75.97
CA ALA D 128 8.43 20.05 75.40
C ALA D 128 8.53 18.94 74.33
N ALA D 129 9.50 19.02 73.42
CA ALA D 129 9.53 18.06 72.30
C ALA D 129 9.97 16.64 72.67
N TRP D 130 10.86 16.53 73.67
CA TRP D 130 11.48 15.25 74.03
C TRP D 130 10.53 14.16 74.46
N PRO D 131 9.63 14.43 75.43
CA PRO D 131 8.69 13.35 75.77
C PRO D 131 7.84 12.90 74.56
N LEU D 132 7.48 13.84 73.67
CA LEU D 132 6.64 13.53 72.53
C LEU D 132 7.35 12.65 71.52
N TYR D 133 8.63 12.92 71.25
CA TYR D 133 9.34 12.07 70.34
C TYR D 133 9.38 10.68 70.94
N LYS D 134 9.49 10.63 72.27
CA LYS D 134 9.58 9.36 72.97
C LYS D 134 8.28 8.58 72.74
N ARG D 135 7.20 9.31 72.76
CA ARG D 135 5.91 8.69 72.73
C ARG D 135 5.52 8.19 71.31
N LEU D 136 6.03 8.82 70.27
CA LEU D 136 5.68 8.41 68.91
C LEU D 136 6.57 7.32 68.33
N GLU D 137 7.75 7.11 68.90
CA GLU D 137 8.64 6.10 68.31
C GLU D 137 8.65 4.82 69.10
N THR D 138 8.87 3.74 68.37
CA THR D 138 9.44 2.51 68.88
C THR D 138 10.73 2.49 68.11
N ASN D 139 11.79 2.87 68.79
CA ASN D 139 13.10 3.01 68.17
C ASN D 139 13.99 1.81 68.47
N GLU D 140 14.61 1.29 67.42
CA GLU D 140 15.55 0.15 67.52
C GLU D 140 16.60 0.36 68.63
N ASP D 141 17.11 1.57 68.75
CA ASP D 141 18.11 1.89 69.77
C ASP D 141 17.60 2.03 71.20
N ALA D 142 16.29 1.99 71.46
CA ALA D 142 15.79 2.08 72.84
C ALA D 142 16.54 1.11 73.77
N GLY D 143 16.63 1.48 75.03
CA GLY D 143 17.31 0.66 76.01
C GLY D 143 17.80 1.49 77.17
N PRO D 144 18.20 0.83 78.28
CA PRO D 144 18.66 1.56 79.46
C PRO D 144 19.89 2.40 79.13
N ASP D 145 20.68 1.99 78.15
CA ASP D 145 21.88 2.76 77.82
C ASP D 145 21.58 3.93 76.88
N ALA D 146 20.30 4.18 76.63
CA ALA D 146 19.78 5.33 75.86
C ALA D 146 18.31 5.57 76.29
N PRO D 147 18.10 5.97 77.56
CA PRO D 147 16.76 6.09 78.17
C PRO D 147 15.78 7.02 77.42
N HIS D 148 16.29 7.87 76.54
CA HIS D 148 15.46 8.92 75.98
C HIS D 148 14.54 8.38 74.85
N HIS D 149 15.01 7.34 74.14
CA HIS D 149 14.29 6.71 73.06
C HIS D 149 13.05 5.99 73.57
N GLY D 150 11.97 6.05 72.78
CA GLY D 150 10.77 5.28 73.08
C GLY D 150 10.80 3.85 72.57
N ASP D 151 10.10 2.98 73.29
CA ASP D 151 10.00 1.57 72.91
C ASP D 151 8.59 1.11 72.56
N SER D 152 7.59 1.97 72.78
CA SER D 152 6.17 1.59 72.70
C SER D 152 5.41 2.29 71.58
N GLY D 153 6.09 3.19 70.86
CA GLY D 153 5.43 4.15 69.99
C GLY D 153 4.99 3.60 68.64
N PRO D 154 3.93 4.19 68.08
CA PRO D 154 3.36 3.83 66.77
C PRO D 154 4.38 3.85 65.61
N VAL D 155 5.34 4.78 65.66
CA VAL D 155 6.25 4.92 64.52
C VAL D 155 7.54 4.18 64.79
N HIS D 156 7.82 3.24 63.88
CA HIS D 156 8.93 2.35 63.95
C HIS D 156 10.12 3.03 63.31
N LEU D 157 11.16 3.26 64.10
CA LEU D 157 12.44 3.70 63.58
C LEU D 157 13.43 2.58 63.68
N MET D 158 14.23 2.37 62.64
CA MET D 158 15.27 1.34 62.61
C MET D 158 16.58 1.87 62.03
N ASN D 159 17.70 1.24 62.34
CA ASN D 159 18.97 1.67 61.76
C ASN D 159 19.10 1.03 60.41
N VAL D 160 19.52 1.79 59.43
CA VAL D 160 19.76 1.21 58.12
C VAL D 160 20.93 0.23 58.24
N PRO D 161 20.71 -1.04 57.87
CA PRO D 161 21.85 -1.98 57.90
C PRO D 161 22.92 -1.52 56.92
N PRO D 162 24.15 -1.34 57.40
CA PRO D 162 25.28 -0.90 56.55
C PRO D 162 25.83 -2.02 55.65
N LYS D 163 25.03 -2.48 54.69
CA LYS D 163 25.47 -3.50 53.74
C LYS D 163 26.13 -2.94 52.46
N ASP D 164 25.77 -1.71 52.06
CA ASP D 164 26.24 -1.10 50.80
C ASP D 164 27.73 -0.71 50.77
N PRO D 165 28.53 -1.45 49.99
CA PRO D 165 29.98 -1.25 50.14
C PRO D 165 30.47 0.17 49.76
N THR D 166 29.79 0.82 48.82
CA THR D 166 30.13 2.16 48.35
C THR D 166 29.85 3.14 49.44
N GLY D 167 28.87 2.81 50.27
CA GLY D 167 28.46 3.66 51.36
C GLY D 167 29.45 3.60 52.49
N VAL D 168 29.70 2.37 52.96
CA VAL D 168 30.67 2.08 53.99
C VAL D 168 32.01 2.69 53.58
N ALA D 169 32.34 2.58 52.30
CA ALA D 169 33.55 3.18 51.76
C ALA D 169 33.53 4.72 51.79
N LEU D 170 32.38 5.31 51.61
CA LEU D 170 32.30 6.76 51.63
C LEU D 170 32.41 7.28 53.04
N LEU D 171 31.86 6.54 53.99
CA LEU D 171 32.03 6.86 55.39
C LEU D 171 33.50 6.78 55.76
N ASP D 172 34.15 5.75 55.23
CA ASP D 172 35.60 5.65 55.32
C ASP D 172 36.27 6.80 54.64
N ALA D 173 35.73 7.25 53.50
CA ALA D 173 36.29 8.44 52.86
C ALA D 173 36.09 9.70 53.71
N CYS D 174 34.96 9.78 54.41
CA CYS D 174 34.63 10.88 55.31
C CYS D 174 35.60 11.02 56.48
N GLU D 175 35.91 9.89 57.12
CA GLU D 175 36.83 9.94 58.25
C GLU D 175 38.14 10.56 57.81
N GLN D 176 38.54 10.20 56.58
CA GLN D 176 39.77 10.68 55.94
C GLN D 176 39.77 12.18 55.65
N ALA D 177 38.59 12.76 55.52
CA ALA D 177 38.46 14.20 55.32
C ALA D 177 38.11 14.95 56.62
N GLY D 178 38.25 14.28 57.76
CA GLY D 178 37.99 14.92 59.03
C GLY D 178 36.54 14.99 59.47
N ILE D 179 35.71 14.11 58.90
CA ILE D 179 34.31 13.97 59.32
C ILE D 179 34.16 12.59 60.01
N PRO D 180 33.96 12.57 61.33
CA PRO D 180 33.89 11.27 61.97
C PRO D 180 32.57 10.53 61.70
N ARG D 181 32.52 9.23 61.98
CA ARG D 181 31.26 8.55 62.16
C ARG D 181 30.60 9.06 63.48
N ALA D 182 29.29 9.27 63.42
CA ALA D 182 28.52 9.76 64.55
C ALA D 182 27.30 8.88 64.69
N LYS D 183 26.51 9.09 65.73
CA LYS D 183 25.34 8.26 65.93
C LYS D 183 24.15 9.17 65.93
N PHE D 184 23.07 8.77 65.28
CA PHE D 184 21.96 9.68 65.12
C PHE D 184 20.92 9.56 66.21
N ASN D 185 20.26 10.68 66.47
CA ASN D 185 19.18 10.79 67.42
C ASN D 185 19.56 10.29 68.82
N THR D 186 20.78 10.62 69.24
CA THR D 186 21.25 10.34 70.60
C THR D 186 20.79 11.39 71.58
N GLY D 187 20.23 12.50 71.09
CA GLY D 187 19.97 13.62 71.95
C GLY D 187 21.04 14.70 71.86
N THR D 188 22.20 14.37 71.31
CA THR D 188 23.25 15.36 71.15
C THR D 188 23.42 15.67 69.67
N THR D 189 23.56 16.95 69.34
CA THR D 189 23.55 17.41 67.96
C THR D 189 24.82 17.02 67.25
N VAL D 190 24.69 16.56 66.02
CA VAL D 190 25.84 16.17 65.24
C VAL D 190 26.28 17.30 64.33
N VAL D 191 27.34 18.02 64.68
CA VAL D 191 27.81 19.13 63.85
C VAL D 191 28.74 18.68 62.73
N ASN D 192 29.68 17.79 63.05
CA ASN D 192 30.66 17.26 62.09
C ASN D 192 30.62 15.77 62.23
N GLY D 193 30.04 15.11 61.25
CA GLY D 193 29.74 13.69 61.43
C GLY D 193 28.69 13.19 60.48
N ALA D 194 28.87 11.94 60.08
CA ALA D 194 28.19 11.32 58.99
C ALA D 194 27.96 9.83 59.32
N ASN D 195 26.75 9.35 59.08
CA ASN D 195 26.50 7.90 59.07
C ASN D 195 25.28 7.48 58.20
N PHE D 196 25.02 6.17 58.20
CA PHE D 196 23.76 5.59 57.77
C PHE D 196 22.64 6.05 58.65
N PHE D 197 21.48 6.32 58.04
CA PHE D 197 20.35 6.94 58.74
C PHE D 197 19.56 6.01 59.64
N GLN D 198 18.84 6.60 60.58
CA GLN D 198 17.65 5.99 61.12
C GLN D 198 16.50 6.29 60.11
N ILE D 199 15.67 5.28 59.83
CA ILE D 199 14.49 5.51 58.99
C ILE D 199 13.27 5.00 59.69
N ASN D 200 12.16 5.71 59.51
CA ASN D 200 10.86 5.25 59.99
C ASN D 200 10.30 4.19 59.04
N ARG D 201 10.77 2.96 59.21
CA ARG D 201 10.31 1.82 58.41
C ARG D 201 10.13 0.57 59.24
N ARG D 202 9.07 -0.17 58.92
CA ARG D 202 8.75 -1.41 59.63
C ARG D 202 9.58 -2.57 59.07
N ALA D 203 9.58 -3.68 59.80
CA ALA D 203 10.38 -4.88 59.49
C ALA D 203 10.25 -5.48 58.07
N ASP D 204 9.00 -5.57 57.57
CA ASP D 204 8.73 -6.11 56.22
C ASP D 204 9.14 -5.21 55.04
N GLY D 205 9.44 -3.95 55.33
CA GLY D 205 9.75 -3.00 54.27
C GLY D 205 8.67 -1.97 53.98
N THR D 206 7.56 -2.04 54.72
CA THR D 206 6.49 -1.08 54.66
C THR D 206 6.92 0.15 55.44
N ARG D 207 6.81 1.33 54.80
CA ARG D 207 7.18 2.62 55.41
C ARG D 207 6.38 2.90 56.66
N SER D 208 7.00 3.56 57.63
CA SER D 208 6.25 3.84 58.85
C SER D 208 5.68 5.25 58.77
N SER D 209 4.83 5.45 57.76
CA SER D 209 4.05 6.66 57.58
C SER D 209 3.13 6.92 58.74
N SER D 210 2.59 8.14 58.78
CA SER D 210 1.64 8.47 59.80
C SER D 210 0.41 7.60 59.63
N SER D 211 0.01 7.30 58.39
CA SER D 211 -1.25 6.61 58.25
C SER D 211 -1.13 5.12 58.66
N VAL D 212 -0.05 4.48 58.24
CA VAL D 212 0.30 3.12 58.69
C VAL D 212 0.50 2.99 60.21
N SER D 213 1.09 4.01 60.84
CA SER D 213 1.43 3.96 62.28
C SER D 213 0.26 4.39 63.18
N TYR D 214 -0.41 5.44 62.78
CA TYR D 214 -1.41 6.06 63.65
C TYR D 214 -2.83 5.60 63.25
N ILE D 215 -3.04 5.46 61.94
CA ILE D 215 -4.40 5.47 61.42
C ILE D 215 -4.90 4.06 61.13
N HIS D 216 -4.09 3.30 60.39
CA HIS D 216 -4.46 1.93 60.04
C HIS D 216 -5.11 1.15 61.21
N PRO D 217 -4.46 1.11 62.39
CA PRO D 217 -4.97 0.26 63.46
C PRO D 217 -6.16 0.88 64.19
N ILE D 218 -6.69 2.00 63.71
CA ILE D 218 -7.92 2.57 64.27
C ILE D 218 -9.07 2.80 63.24
N VAL D 219 -8.94 2.28 62.01
CA VAL D 219 -9.95 2.53 60.95
C VAL D 219 -11.39 2.24 61.41
N GLU D 220 -11.54 1.19 62.22
CA GLU D 220 -12.82 0.70 62.77
C GLU D 220 -13.19 1.24 64.15
N GLN D 221 -12.25 1.90 64.83
CA GLN D 221 -12.52 2.48 66.14
C GLN D 221 -13.83 3.26 66.17
N GLU D 222 -14.58 3.07 67.25
CA GLU D 222 -15.99 3.47 67.36
C GLU D 222 -16.23 4.92 66.97
N ASN D 223 -15.37 5.80 67.49
CA ASN D 223 -15.56 7.25 67.47
C ASN D 223 -14.79 8.00 66.37
N PHE D 224 -14.18 7.26 65.47
CA PHE D 224 -13.29 7.83 64.46
C PHE D 224 -13.88 7.63 63.06
N THR D 225 -13.66 8.61 62.18
CA THR D 225 -14.21 8.52 60.84
C THR D 225 -13.31 9.13 59.72
N LEU D 226 -12.78 8.24 58.92
CA LEU D 226 -11.77 8.49 57.88
C LEU D 226 -12.42 8.67 56.48
N LEU D 227 -12.28 9.88 55.95
CA LEU D 227 -12.92 10.29 54.73
C LEU D 227 -11.83 10.61 53.78
N THR D 228 -11.78 9.85 52.69
CA THR D 228 -10.78 10.02 51.67
C THR D 228 -11.42 10.35 50.31
N GLY D 229 -10.60 10.87 49.38
CA GLY D 229 -11.09 11.50 48.14
C GLY D 229 -12.06 12.66 48.38
N LEU D 230 -11.77 13.46 49.41
CA LEU D 230 -12.59 14.61 49.80
C LEU D 230 -11.72 15.86 49.96
N ARG D 231 -11.95 16.82 49.09
CA ARG D 231 -11.02 17.92 48.99
C ARG D 231 -11.64 19.15 49.63
N ALA D 232 -11.01 19.71 50.64
CA ALA D 232 -11.54 20.91 51.31
C ALA D 232 -11.30 22.21 50.52
N ARG D 233 -12.35 23.03 50.42
CA ARG D 233 -12.28 24.26 49.59
C ARG D 233 -12.44 25.52 50.44
N GLN D 234 -13.11 25.42 51.57
CA GLN D 234 -13.31 26.60 52.43
C GLN D 234 -13.55 26.15 53.85
N LEU D 235 -13.01 26.95 54.78
CA LEU D 235 -13.41 26.90 56.16
C LEU D 235 -14.65 27.77 56.25
N VAL D 236 -15.56 27.46 57.17
CA VAL D 236 -16.79 28.24 57.40
C VAL D 236 -16.88 28.71 58.83
N PHE D 237 -17.48 29.89 59.01
CA PHE D 237 -17.39 30.65 60.26
C PHE D 237 -18.68 31.25 60.73
N ASP D 238 -18.80 31.33 62.05
CA ASP D 238 -19.85 32.03 62.77
C ASP D 238 -19.93 33.49 62.39
N ALA D 239 -20.99 34.12 62.86
CA ALA D 239 -21.13 35.55 62.82
C ALA D 239 -20.21 36.13 63.90
N ASP D 240 -19.62 35.24 64.69
CA ASP D 240 -18.72 35.61 65.78
C ASP D 240 -17.32 35.15 65.48
N ARG D 241 -17.05 34.97 64.19
CA ARG D 241 -15.75 34.52 63.66
C ARG D 241 -15.29 33.18 64.23
N ARG D 242 -16.22 32.39 64.76
CA ARG D 242 -15.92 31.04 65.24
C ARG D 242 -15.90 30.02 64.07
N CYS D 243 -15.01 29.03 64.15
CA CYS D 243 -14.95 28.02 63.12
C CYS D 243 -15.95 26.93 63.39
N THR D 244 -16.96 26.82 62.51
CA THR D 244 -18.01 25.83 62.68
C THR D 244 -17.84 24.64 61.77
N GLY D 245 -17.00 24.76 60.73
CA GLY D 245 -16.74 23.64 59.86
C GLY D 245 -15.94 23.89 58.59
N VAL D 246 -16.15 23.00 57.62
CA VAL D 246 -15.35 22.95 56.42
C VAL D 246 -16.24 22.44 55.29
N ASP D 247 -16.08 23.07 54.12
CA ASP D 247 -16.76 22.68 52.89
C ASP D 247 -15.86 21.76 52.07
N ILE D 248 -16.46 20.74 51.43
CA ILE D 248 -15.69 19.71 50.74
C ILE D 248 -16.32 19.26 49.42
N VAL D 249 -15.47 18.77 48.51
CA VAL D 249 -15.92 18.28 47.21
C VAL D 249 -15.48 16.83 47.04
N ASP D 250 -16.39 16.05 46.42
CA ASP D 250 -16.16 14.64 46.13
C ASP D 250 -15.15 14.48 45.02
N SER D 251 -15.12 15.46 44.11
CA SER D 251 -14.06 15.55 43.07
C SER D 251 -13.83 17.00 42.62
N ALA D 252 -12.76 17.21 41.85
CA ALA D 252 -12.37 18.53 41.33
C ALA D 252 -13.55 19.32 40.71
N PHE D 253 -14.56 18.60 40.23
CA PHE D 253 -15.71 19.24 39.62
C PHE D 253 -17.05 18.66 40.12
N GLY D 254 -17.08 18.28 41.40
CA GLY D 254 -18.27 17.71 42.07
C GLY D 254 -18.97 18.66 43.03
N HIS D 255 -19.87 18.14 43.86
CA HIS D 255 -20.70 19.00 44.74
C HIS D 255 -20.01 19.34 46.07
N THR D 256 -20.31 20.54 46.57
CA THR D 256 -19.87 20.95 47.87
C THR D 256 -20.80 20.42 48.96
N HIS D 257 -20.23 19.76 49.94
CA HIS D 257 -20.96 19.23 51.10
C HIS D 257 -20.36 19.93 52.32
N ARG D 258 -21.07 19.95 53.43
CA ARG D 258 -20.54 20.60 54.62
C ARG D 258 -20.38 19.66 55.84
N LEU D 259 -19.18 19.68 56.44
CA LEU D 259 -18.94 18.97 57.70
C LEU D 259 -18.91 19.98 58.84
N THR D 260 -19.66 19.71 59.90
CA THR D 260 -19.71 20.63 61.01
C THR D 260 -18.74 20.17 62.09
N ALA D 261 -18.16 21.12 62.82
CA ALA D 261 -17.31 20.81 63.96
C ALA D 261 -17.81 21.54 65.17
N ARG D 262 -18.00 20.76 66.23
CA ARG D 262 -18.66 21.21 67.43
C ARG D 262 -17.69 21.93 68.34
N ASN D 263 -16.46 21.42 68.42
CA ASN D 263 -15.42 21.97 69.30
C ASN D 263 -14.35 22.77 68.59
N GLU D 264 -13.78 22.21 67.52
CA GLU D 264 -12.62 22.81 66.82
C GLU D 264 -12.23 22.11 65.52
N VAL D 265 -11.55 22.86 64.68
CA VAL D 265 -10.97 22.29 63.50
C VAL D 265 -9.47 22.50 63.54
N VAL D 266 -8.73 21.44 63.26
CA VAL D 266 -7.32 21.55 62.95
C VAL D 266 -7.17 21.52 61.44
N LEU D 267 -6.34 22.43 60.95
CA LEU D 267 -5.94 22.44 59.58
C LEU D 267 -4.60 21.76 59.56
N SER D 268 -4.45 20.69 58.78
CA SER D 268 -3.15 20.02 58.64
C SER D 268 -2.83 19.68 57.19
N THR D 269 -3.19 20.58 56.29
CA THR D 269 -3.01 20.41 54.84
C THR D 269 -1.65 20.83 54.29
N GLY D 270 -0.73 21.17 55.16
CA GLY D 270 0.66 21.26 54.72
C GLY D 270 1.13 22.68 54.67
N ALA D 271 2.40 22.85 54.31
CA ALA D 271 3.00 24.18 54.33
C ALA D 271 2.59 24.97 53.08
N ILE D 272 2.04 24.27 52.10
CA ILE D 272 1.65 24.90 50.86
C ILE D 272 0.14 25.06 50.84
N ASP D 273 -0.56 23.97 51.10
CA ASP D 273 -2.01 24.03 51.08
C ASP D 273 -2.68 24.74 52.21
N THR D 274 -2.11 24.65 53.40
CA THR D 274 -2.75 25.29 54.55
C THR D 274 -2.89 26.84 54.40
N PRO D 275 -1.81 27.55 53.98
CA PRO D 275 -2.00 29.00 53.80
C PRO D 275 -2.87 29.30 52.61
N LYS D 276 -2.84 28.42 51.61
CA LYS D 276 -3.84 28.55 50.55
C LYS D 276 -5.27 28.44 51.13
N LEU D 277 -5.58 27.33 51.80
CA LEU D 277 -6.89 27.14 52.37
C LEU D 277 -7.31 28.31 53.22
N LEU D 278 -6.40 28.86 54.01
CA LEU D 278 -6.75 30.00 54.86
C LEU D 278 -7.04 31.26 54.07
N MET D 279 -6.25 31.54 53.03
CA MET D 279 -6.55 32.64 52.08
C MET D 279 -7.95 32.51 51.45
N LEU D 280 -8.24 31.37 50.87
CA LEU D 280 -9.60 31.08 50.38
C LEU D 280 -10.72 31.37 51.38
N SER D 281 -10.41 31.18 52.66
CA SER D 281 -11.40 31.36 53.72
C SER D 281 -11.37 32.77 54.29
N GLY D 282 -10.71 33.69 53.61
CA GLY D 282 -10.69 35.09 54.08
C GLY D 282 -9.73 35.43 55.21
N ILE D 283 -8.84 34.50 55.56
CA ILE D 283 -7.82 34.77 56.59
C ILE D 283 -6.48 34.91 55.88
N GLY D 284 -5.92 36.10 55.89
CA GLY D 284 -4.63 36.25 55.24
C GLY D 284 -4.27 37.69 54.97
N PRO D 285 -3.30 37.90 54.08
CA PRO D 285 -2.83 39.27 53.91
C PRO D 285 -3.84 39.99 53.02
N ALA D 286 -4.52 40.99 53.58
CA ALA D 286 -5.73 41.62 53.01
C ALA D 286 -5.63 42.15 51.58
N ALA D 287 -4.62 42.96 51.29
CA ALA D 287 -4.46 43.46 49.91
C ALA D 287 -4.28 42.30 48.92
N HIS D 288 -3.72 41.18 49.37
CA HIS D 288 -3.62 40.00 48.54
C HIS D 288 -4.98 39.30 48.35
N LEU D 289 -5.74 39.14 49.43
CA LEU D 289 -7.08 38.56 49.32
C LEU D 289 -7.99 39.46 48.47
N ALA D 290 -8.01 40.76 48.75
CA ALA D 290 -8.90 41.70 48.06
C ALA D 290 -8.66 41.64 46.54
N GLU D 291 -7.41 41.79 46.15
CA GLU D 291 -6.93 41.54 44.79
C GLU D 291 -7.59 40.31 44.08
N HIS D 292 -7.99 39.29 44.84
CA HIS D 292 -8.62 38.12 44.19
C HIS D 292 -10.13 37.93 44.43
N GLY D 293 -10.78 38.91 45.06
CA GLY D 293 -12.25 38.95 45.28
C GLY D 293 -12.68 38.38 46.63
N ILE D 294 -11.70 38.18 47.49
CA ILE D 294 -11.96 37.48 48.72
C ILE D 294 -12.29 38.42 49.86
N GLU D 295 -13.48 38.23 50.40
CA GLU D 295 -13.98 39.00 51.50
C GLU D 295 -13.07 38.66 52.65
N VAL D 296 -12.62 39.68 53.38
CA VAL D 296 -11.60 39.58 54.41
C VAL D 296 -12.18 39.36 55.82
N LEU D 297 -11.91 38.21 56.40
CA LEU D 297 -12.26 37.94 57.80
C LEU D 297 -11.21 38.48 58.76
N VAL D 298 -9.97 38.06 58.58
CA VAL D 298 -8.86 38.61 59.35
C VAL D 298 -7.71 39.03 58.45
N ASP D 299 -7.27 40.28 58.57
CA ASP D 299 -5.97 40.68 58.00
C ASP D 299 -4.82 40.00 58.77
N SER D 300 -4.31 38.92 58.19
CA SER D 300 -3.22 38.15 58.79
C SER D 300 -1.99 38.14 57.86
N PRO D 301 -1.17 39.20 57.94
CA PRO D 301 -0.10 39.45 56.95
C PRO D 301 0.99 38.37 56.89
N GLY D 302 1.00 37.44 57.85
CA GLY D 302 2.02 36.35 57.90
C GLY D 302 1.71 35.05 57.15
N VAL D 303 0.42 34.88 56.83
CA VAL D 303 -0.11 33.72 56.12
C VAL D 303 0.48 33.63 54.70
N GLY D 304 1.39 32.66 54.51
CA GLY D 304 2.00 32.42 53.19
C GLY D 304 3.29 33.20 53.02
N GLU D 305 3.66 33.93 54.09
CA GLU D 305 4.98 34.58 54.18
C GLU D 305 5.98 33.60 54.84
N HIS D 306 7.26 33.95 54.80
CA HIS D 306 8.31 33.21 55.51
C HIS D 306 8.53 31.76 54.97
N LEU D 307 8.19 31.52 53.71
CA LEU D 307 8.40 30.19 53.14
C LEU D 307 9.89 29.79 53.18
N GLN D 308 10.16 28.68 53.87
CA GLN D 308 11.53 28.20 54.07
C GLN D 308 11.64 26.78 53.56
N ASP D 309 12.87 26.39 53.25
CA ASP D 309 13.19 25.10 52.66
C ASP D 309 14.68 24.84 52.85
N HIS D 310 15.09 23.61 52.58
CA HIS D 310 16.47 23.27 52.30
C HIS D 310 16.69 23.14 50.80
N PRO D 311 17.40 24.10 50.20
CA PRO D 311 17.82 23.97 48.80
C PRO D 311 18.88 22.91 48.65
N GLU D 312 18.95 22.24 47.51
CA GLU D 312 19.80 21.09 47.37
C GLU D 312 20.54 21.19 46.07
N GLY D 313 21.83 20.85 46.10
CA GLY D 313 22.62 20.73 44.89
C GLY D 313 22.93 19.26 44.65
N VAL D 314 23.57 18.97 43.55
CA VAL D 314 23.99 17.60 43.29
C VAL D 314 25.35 17.60 42.61
N VAL D 315 26.11 16.57 42.94
CA VAL D 315 27.32 16.25 42.25
C VAL D 315 27.19 14.83 41.78
N GLN D 316 27.36 14.59 40.49
CA GLN D 316 27.24 13.22 40.00
C GLN D 316 28.53 12.57 39.48
N PHE D 317 28.71 11.31 39.88
CA PHE D 317 29.78 10.44 39.42
C PHE D 317 29.26 9.12 38.85
N GLU D 318 29.95 8.55 37.86
CA GLU D 318 29.73 7.14 37.55
C GLU D 318 30.46 6.27 38.57
N ALA D 319 29.96 5.08 38.82
CA ALA D 319 30.70 4.15 39.69
C ALA D 319 31.74 3.39 38.86
N LYS D 320 32.79 2.88 39.52
CA LYS D 320 33.80 2.10 38.83
C LYS D 320 33.38 0.65 38.93
N GLN D 321 32.36 0.41 39.74
CA GLN D 321 31.91 -0.93 40.03
C GLN D 321 30.39 -1.00 40.07
N PRO D 322 29.81 -2.19 39.76
CA PRO D 322 28.37 -2.25 39.78
C PRO D 322 27.86 -1.68 41.08
N MET D 323 26.97 -0.69 41.00
CA MET D 323 26.34 -0.18 42.22
C MET D 323 25.38 -1.23 42.75
N VAL D 324 24.94 -1.05 43.98
CA VAL D 324 23.96 -1.92 44.60
C VAL D 324 22.65 -1.96 43.79
N ALA D 325 22.08 -3.15 43.66
CA ALA D 325 20.79 -3.26 43.00
C ALA D 325 19.62 -3.32 43.99
N GLU D 326 19.93 -3.17 45.28
CA GLU D 326 18.92 -3.08 46.36
C GLU D 326 19.27 -2.10 47.50
N SER D 327 18.24 -1.45 48.04
CA SER D 327 18.43 -0.46 49.10
C SER D 327 17.18 -0.44 49.93
N THR D 328 17.26 0.18 51.09
CA THR D 328 16.07 0.50 51.84
C THR D 328 15.21 1.50 51.06
N GLN D 329 15.88 2.55 50.53
CA GLN D 329 15.27 3.74 49.95
C GLN D 329 16.23 4.67 49.16
N TRP D 330 17.42 4.16 48.80
CA TRP D 330 18.30 4.74 47.78
C TRP D 330 19.16 5.88 48.25
N TRP D 331 18.81 6.41 49.41
CA TRP D 331 19.47 7.59 49.95
C TRP D 331 19.76 7.34 51.45
N GLU D 332 20.79 6.51 51.69
CA GLU D 332 21.04 5.82 52.98
C GLU D 332 22.08 6.45 53.88
N ILE D 333 22.87 7.39 53.34
CA ILE D 333 23.89 8.07 54.12
C ILE D 333 23.63 9.58 54.14
N GLY D 334 23.93 10.22 55.27
CA GLY D 334 23.81 11.65 55.43
C GLY D 334 24.99 12.15 56.23
N ILE D 335 25.45 13.35 55.89
CA ILE D 335 26.74 13.90 56.31
C ILE D 335 26.62 15.35 56.75
N PHE D 336 26.88 15.63 58.03
CA PHE D 336 26.89 17.01 58.53
C PHE D 336 28.29 17.50 58.76
N THR D 337 28.53 18.77 58.44
CA THR D 337 29.85 19.39 58.57
C THR D 337 29.74 20.92 58.46
N PRO D 338 30.51 21.68 59.29
CA PRO D 338 30.33 23.14 59.34
C PRO D 338 31.27 23.92 58.43
N THR D 339 30.73 24.97 57.83
CA THR D 339 31.40 25.90 56.93
C THR D 339 32.34 26.84 57.67
N GLU D 340 31.89 27.27 58.84
CA GLU D 340 32.56 28.26 59.68
C GLU D 340 32.84 27.65 61.04
N ASP D 341 33.57 28.42 61.86
CA ASP D 341 33.77 28.12 63.29
C ASP D 341 32.58 28.51 64.15
N GLY D 342 32.46 27.85 65.30
CA GLY D 342 31.57 28.30 66.36
C GLY D 342 30.09 28.11 66.14
N LEU D 343 29.72 27.17 65.27
CA LEU D 343 28.31 26.84 65.06
C LEU D 343 27.98 25.74 66.04
N ASP D 344 26.75 25.74 66.55
CA ASP D 344 26.25 24.66 67.39
C ASP D 344 25.37 23.70 66.52
N ARG D 345 25.09 24.13 65.30
CA ARG D 345 24.42 23.27 64.34
C ARG D 345 25.18 23.34 63.07
N PRO D 346 25.21 22.23 62.31
CA PRO D 346 25.96 22.27 61.08
C PRO D 346 25.18 23.12 60.11
N ASP D 347 25.83 23.93 59.30
CA ASP D 347 25.02 24.68 58.37
C ASP D 347 24.93 24.05 56.98
N LEU D 348 25.47 22.85 56.86
CA LEU D 348 25.49 22.11 55.61
C LEU D 348 25.19 20.63 55.86
N MET D 349 24.67 19.97 54.84
CA MET D 349 24.39 18.55 54.91
C MET D 349 24.46 18.00 53.49
N MET D 350 24.82 16.72 53.36
CA MET D 350 24.77 16.02 52.07
C MET D 350 24.14 14.67 52.26
N HIS D 351 23.26 14.27 51.35
CA HIS D 351 22.82 12.87 51.31
C HIS D 351 23.75 12.14 50.35
N TYR D 352 23.90 10.84 50.58
CA TYR D 352 24.51 9.99 49.57
C TYR D 352 23.42 9.14 48.91
N GLY D 353 23.50 9.06 47.59
CA GLY D 353 22.53 8.38 46.77
C GLY D 353 23.20 7.36 45.90
N SER D 354 22.81 6.11 46.09
CA SER D 354 23.37 4.99 45.34
C SER D 354 22.89 4.98 43.91
N VAL D 355 22.33 6.09 43.48
CA VAL D 355 21.90 6.25 42.12
C VAL D 355 22.34 7.60 41.59
N PRO D 356 22.45 7.74 40.28
CA PRO D 356 22.53 9.09 39.72
C PRO D 356 21.22 9.83 39.91
N PHE D 357 21.16 11.07 39.48
CA PHE D 357 19.98 11.86 39.77
C PHE D 357 19.98 13.01 38.82
N ASP D 358 19.39 12.77 37.65
CA ASP D 358 19.45 13.72 36.54
C ASP D 358 18.26 14.67 36.51
N MET D 359 17.39 14.60 37.53
CA MET D 359 16.09 15.27 37.48
C MET D 359 16.26 16.70 36.97
N ASN D 360 17.35 17.34 37.38
CA ASN D 360 17.62 18.70 36.97
C ASN D 360 18.82 18.90 36.04
N THR D 361 19.51 17.82 35.75
CA THR D 361 20.72 17.96 34.93
C THR D 361 20.50 17.47 33.50
N LEU D 362 19.46 16.66 33.30
CA LEU D 362 19.18 16.20 31.97
C LEU D 362 18.87 17.36 30.99
N ARG D 363 18.11 18.36 31.45
CA ARG D 363 17.70 19.45 30.53
C ARG D 363 18.84 20.41 30.21
N HIS D 364 19.94 20.30 30.90
CA HIS D 364 21.03 21.21 30.59
C HIS D 364 22.14 20.47 29.89
N GLY D 365 21.89 19.18 29.60
CA GLY D 365 22.78 18.37 28.76
C GLY D 365 23.92 17.71 29.52
N TYR D 366 23.76 17.45 30.81
CA TYR D 366 24.85 16.80 31.51
C TYR D 366 24.78 15.32 31.27
N PRO D 367 25.95 14.66 31.19
CA PRO D 367 25.98 13.25 30.87
C PRO D 367 25.23 12.45 31.91
N THR D 368 25.03 11.18 31.63
CA THR D 368 24.10 10.36 32.35
C THR D 368 24.78 9.03 32.54
N THR D 369 24.25 8.21 33.44
CA THR D 369 24.77 6.87 33.62
C THR D 369 23.66 5.96 34.11
N GLU D 370 23.80 4.67 33.88
CA GLU D 370 22.87 3.71 34.46
C GLU D 370 23.51 3.04 35.70
N ASN D 371 24.69 3.58 36.08
CA ASN D 371 25.50 3.12 37.23
C ASN D 371 26.37 4.22 37.84
N GLY D 372 25.90 4.75 38.94
CA GLY D 372 26.56 5.88 39.55
C GLY D 372 25.95 6.24 40.89
N PHE D 373 26.40 7.35 41.44
CA PHE D 373 25.96 7.79 42.75
C PHE D 373 26.02 9.29 42.84
N SER D 374 25.39 9.81 43.88
CA SER D 374 25.12 11.22 43.94
C SER D 374 25.32 11.75 45.34
N LEU D 375 25.85 12.97 45.38
CA LEU D 375 25.98 13.65 46.65
C LEU D 375 25.17 14.92 46.58
N THR D 376 24.21 15.05 47.48
CA THR D 376 23.30 16.18 47.46
C THR D 376 23.51 17.17 48.61
N PRO D 377 24.42 18.15 48.45
CA PRO D 377 24.54 19.12 49.51
C PRO D 377 23.27 19.96 49.67
N ASN D 378 22.88 20.22 50.92
CA ASN D 378 21.83 21.22 51.18
C ASN D 378 22.20 22.24 52.27
N VAL D 379 21.48 23.37 52.28
CA VAL D 379 21.71 24.45 53.22
C VAL D 379 20.72 24.29 54.39
N THR D 380 21.21 23.84 55.53
CA THR D 380 20.35 23.48 56.65
C THR D 380 19.53 24.65 57.27
N HIS D 381 20.12 25.85 57.24
CA HIS D 381 19.41 27.06 57.67
CA HIS D 381 19.41 27.06 57.67
C HIS D 381 19.49 28.13 56.59
N ALA D 382 18.67 27.95 55.56
CA ALA D 382 18.62 28.90 54.47
C ALA D 382 18.10 30.21 55.03
N ARG D 383 18.68 31.30 54.57
CA ARG D 383 18.22 32.62 54.96
C ARG D 383 17.28 33.26 53.91
N SER D 384 17.22 32.69 52.70
CA SER D 384 16.23 33.15 51.75
C SER D 384 14.80 32.84 52.27
N ARG D 385 13.85 33.67 51.86
CA ARG D 385 12.47 33.66 52.37
C ARG D 385 11.50 33.83 51.20
N GLY D 386 10.47 32.97 51.12
CA GLY D 386 9.67 32.90 49.93
C GLY D 386 8.24 33.23 50.24
N THR D 387 7.35 33.02 49.28
CA THR D 387 5.88 33.13 49.53
C THR D 387 5.06 32.01 48.91
N VAL D 388 3.86 31.87 49.45
CA VAL D 388 2.83 30.98 48.95
C VAL D 388 1.67 31.95 48.82
N ARG D 389 1.19 32.16 47.61
CA ARG D 389 0.10 33.11 47.35
C ARG D 389 -1.01 32.44 46.56
N LEU D 390 -2.23 32.97 46.65
CA LEU D 390 -3.30 32.49 45.75
C LEU D 390 -3.02 32.91 44.29
N ARG D 391 -3.47 32.09 43.33
CA ARG D 391 -3.43 32.47 41.92
C ARG D 391 -4.78 33.02 41.47
N SER D 392 -5.85 32.59 42.14
CA SER D 392 -7.20 33.17 42.04
C SER D 392 -8.05 32.80 43.25
N ARG D 393 -9.34 33.10 43.20
CA ARG D 393 -10.26 32.78 44.29
C ARG D 393 -10.79 31.37 44.11
N ASP D 394 -10.28 30.67 43.09
CA ASP D 394 -10.68 29.33 42.70
C ASP D 394 -9.79 28.18 43.28
N PHE D 395 -10.33 27.45 44.26
CA PHE D 395 -9.59 26.36 44.87
C PHE D 395 -8.81 25.44 43.90
N ARG D 396 -9.25 25.26 42.66
CA ARG D 396 -8.53 24.33 41.76
C ARG D 396 -7.23 24.91 41.26
N ASP D 397 -7.08 26.22 41.40
CA ASP D 397 -5.90 26.86 40.85
C ASP D 397 -4.76 26.56 41.80
N LYS D 398 -3.58 26.40 41.28
CA LYS D 398 -2.48 26.04 42.12
C LYS D 398 -1.97 27.32 42.75
N PRO D 399 -1.52 27.23 43.99
CA PRO D 399 -0.96 28.39 44.64
C PRO D 399 0.34 28.80 43.94
N MET D 400 0.75 30.05 44.10
CA MET D 400 2.02 30.44 43.52
C MET D 400 3.06 30.33 44.64
N VAL D 401 3.95 29.37 44.45
CA VAL D 401 4.91 28.99 45.45
C VAL D 401 6.18 29.63 44.96
N ASP D 402 6.77 30.46 45.80
CA ASP D 402 7.94 31.20 45.35
C ASP D 402 8.95 31.29 46.43
N PRO D 403 9.89 30.32 46.46
CA PRO D 403 10.76 30.24 47.64
C PRO D 403 11.87 31.27 47.65
N ARG D 404 12.10 31.92 46.51
CA ARG D 404 13.10 32.97 46.32
C ARG D 404 14.50 32.42 46.62
N TYR D 405 14.72 31.19 46.22
CA TYR D 405 16.01 30.54 46.36
C TYR D 405 17.19 31.48 46.10
N PHE D 406 18.13 31.42 47.04
CA PHE D 406 19.40 32.14 47.00
C PHE D 406 19.24 33.65 46.77
N THR D 407 18.34 34.28 47.54
CA THR D 407 18.12 35.75 47.49
C THR D 407 18.44 36.51 48.79
N ASP D 408 18.93 35.81 49.81
CA ASP D 408 19.26 36.44 51.07
C ASP D 408 20.42 37.43 50.81
N PRO D 409 20.32 38.66 51.35
CA PRO D 409 21.26 39.75 51.06
C PRO D 409 22.78 39.41 51.13
N GLU D 410 23.20 38.59 52.09
CA GLU D 410 24.61 38.27 52.27
C GLU D 410 25.15 37.22 51.31
N GLY D 411 24.26 36.55 50.59
CA GLY D 411 24.64 35.38 49.81
C GLY D 411 25.07 34.16 50.63
N HIS D 412 24.45 33.96 51.80
CA HIS D 412 24.69 32.77 52.62
C HIS D 412 24.29 31.43 51.97
N ASP D 413 23.10 31.36 51.38
CA ASP D 413 22.67 30.08 50.86
C ASP D 413 23.59 29.72 49.72
N MET D 414 23.96 30.72 48.93
CA MET D 414 24.84 30.47 47.79
C MET D 414 26.24 29.95 48.18
N ARG D 415 26.92 30.61 49.13
CA ARG D 415 28.29 30.18 49.42
C ARG D 415 28.38 28.81 50.10
N VAL D 416 27.48 28.56 51.05
CA VAL D 416 27.33 27.22 51.63
C VAL D 416 27.18 26.17 50.54
N MET D 417 26.42 26.50 49.51
CA MET D 417 26.27 25.55 48.45
C MET D 417 27.56 25.41 47.65
N VAL D 418 28.17 26.51 47.26
CA VAL D 418 29.47 26.41 46.59
C VAL D 418 30.44 25.58 47.45
N ALA D 419 30.58 25.96 48.71
CA ALA D 419 31.36 25.16 49.65
C ALA D 419 30.92 23.70 49.65
N GLY D 420 29.61 23.47 49.61
CA GLY D 420 29.04 22.11 49.61
C GLY D 420 29.51 21.25 48.46
N ILE D 421 29.49 21.79 47.24
CA ILE D 421 29.99 21.08 46.06
C ILE D 421 31.47 20.76 46.22
N ARG D 422 32.22 21.82 46.56
CA ARG D 422 33.65 21.72 46.88
C ARG D 422 33.93 20.63 47.90
N LYS D 423 33.09 20.55 48.94
CA LYS D 423 33.23 19.52 49.99
C LYS D 423 32.84 18.12 49.49
N ALA D 424 31.88 18.05 48.56
CA ALA D 424 31.47 16.73 48.03
C ALA D 424 32.57 16.10 47.18
N ARG D 425 33.18 16.89 46.31
CA ARG D 425 34.30 16.43 45.49
C ARG D 425 35.44 15.91 46.37
N GLU D 426 35.76 16.68 47.41
CA GLU D 426 36.87 16.38 48.29
C GLU D 426 36.70 14.98 48.84
N ILE D 427 35.55 14.74 49.49
CA ILE D 427 35.24 13.47 50.11
C ILE D 427 35.36 12.31 49.10
N ALA D 428 34.67 12.44 47.96
CA ALA D 428 34.71 11.41 46.94
C ALA D 428 36.12 11.19 46.38
N ALA D 429 36.94 12.23 46.42
CA ALA D 429 38.30 12.12 45.94
C ALA D 429 39.22 11.44 46.99
N GLN D 430 38.72 11.25 48.21
CA GLN D 430 39.57 10.76 49.28
C GLN D 430 40.06 9.41 48.89
N PRO D 431 41.05 8.87 49.62
CA PRO D 431 41.63 7.64 49.13
C PRO D 431 40.71 6.43 49.18
N ALA D 432 40.08 6.16 50.33
CA ALA D 432 39.16 5.02 50.47
C ALA D 432 38.04 4.90 49.42
N MET D 433 37.81 5.94 48.61
CA MET D 433 36.75 5.88 47.60
C MET D 433 37.33 5.64 46.23
N ALA D 434 38.65 5.60 46.15
CA ALA D 434 39.36 5.57 44.88
C ALA D 434 38.97 4.41 44.00
N GLU D 435 38.53 3.30 44.60
CA GLU D 435 38.05 2.16 43.85
C GLU D 435 36.58 2.27 43.44
N TRP D 436 35.95 3.38 43.81
CA TRP D 436 34.52 3.54 43.61
C TRP D 436 34.20 4.69 42.68
N THR D 437 34.72 5.85 43.03
CA THR D 437 34.53 7.08 42.30
C THR D 437 35.10 6.98 40.90
N GLY D 438 34.20 6.99 39.92
CA GLY D 438 34.57 7.19 38.53
C GLY D 438 34.44 8.66 38.18
N ARG D 439 34.08 8.92 36.92
CA ARG D 439 34.04 10.25 36.30
C ARG D 439 32.97 11.18 36.90
N GLU D 440 33.33 12.44 37.08
CA GLU D 440 32.34 13.43 37.50
C GLU D 440 31.43 13.82 36.33
N LEU D 441 30.19 13.32 36.34
CA LEU D 441 29.19 13.65 35.29
C LEU D 441 28.83 15.13 35.35
N SER D 442 28.42 15.54 36.54
CA SER D 442 28.06 16.93 36.81
C SER D 442 28.50 17.39 38.21
N PRO D 443 28.92 18.66 38.31
CA PRO D 443 29.12 19.70 37.27
C PRO D 443 30.25 19.49 36.26
N GLY D 444 31.13 18.52 36.52
CA GLY D 444 32.22 18.21 35.59
C GLY D 444 33.48 18.93 36.01
N VAL D 445 34.61 18.24 35.96
CA VAL D 445 35.86 18.80 36.48
C VAL D 445 36.30 20.18 35.94
N GLU D 446 35.80 20.57 34.77
CA GLU D 446 36.14 21.86 34.16
C GLU D 446 35.44 23.02 34.87
N ALA D 447 34.39 22.71 35.66
CA ALA D 447 33.74 23.74 36.46
C ALA D 447 34.42 23.78 37.83
N GLN D 448 35.13 24.87 38.10
CA GLN D 448 36.06 24.98 39.24
C GLN D 448 36.00 26.30 39.98
N THR D 449 35.77 27.39 39.26
CA THR D 449 35.71 28.72 39.89
C THR D 449 34.39 28.89 40.61
N ASP D 450 34.30 29.90 41.46
CA ASP D 450 33.10 30.17 42.21
C ASP D 450 31.91 30.46 41.28
N GLU D 451 32.11 31.36 40.33
CA GLU D 451 31.09 31.73 39.39
C GLU D 451 30.56 30.53 38.56
N GLU D 452 31.47 29.69 38.06
CA GLU D 452 31.12 28.51 37.28
C GLU D 452 30.26 27.55 38.10
N LEU D 453 30.64 27.43 39.37
CA LEU D 453 29.89 26.66 40.36
C LEU D 453 28.58 27.35 40.74
N GLN D 454 28.54 28.68 40.69
CA GLN D 454 27.31 29.40 40.98
C GLN D 454 26.30 29.18 39.83
N ASP D 455 26.79 29.28 38.59
CA ASP D 455 26.00 29.05 37.36
C ASP D 455 25.37 27.66 37.41
N TYR D 456 26.15 26.64 37.74
CA TYR D 456 25.63 25.28 37.78
C TYR D 456 24.51 25.19 38.81
N ILE D 457 24.69 25.84 39.96
CA ILE D 457 23.67 25.88 41.03
C ILE D 457 22.38 26.61 40.63
N ARG D 458 22.52 27.69 39.89
CA ARG D 458 21.38 28.47 39.47
C ARG D 458 20.55 27.58 38.56
N LYS D 459 21.26 26.83 37.73
CA LYS D 459 20.67 26.05 36.69
C LYS D 459 20.11 24.71 37.18
N THR D 460 20.73 24.12 38.20
CA THR D 460 20.54 22.68 38.44
C THR D 460 20.15 22.27 39.85
N HIS D 461 19.88 23.24 40.72
CA HIS D 461 19.55 22.92 42.11
C HIS D 461 18.15 22.32 42.21
N ASN D 462 17.86 21.63 43.31
CA ASN D 462 16.55 21.08 43.56
C ASN D 462 16.13 21.54 44.93
N THR D 463 15.38 20.71 45.60
CA THR D 463 15.05 20.91 46.98
C THR D 463 15.07 19.54 47.65
N VAL D 464 15.08 19.52 48.97
CA VAL D 464 15.15 18.25 49.67
C VAL D 464 13.70 17.93 50.05
N TYR D 465 12.80 18.82 49.60
CA TYR D 465 11.34 18.68 49.76
C TYR D 465 10.81 19.00 51.16
N HIS D 466 11.41 20.01 51.78
CA HIS D 466 11.13 20.34 53.15
C HIS D 466 10.67 21.79 53.23
N PRO D 467 9.59 22.11 52.51
CA PRO D 467 9.02 23.45 52.64
C PRO D 467 8.24 23.60 53.96
N VAL D 468 8.54 24.64 54.75
CA VAL D 468 7.94 24.85 56.07
C VAL D 468 7.61 26.32 56.37
N GLY D 469 6.81 26.58 57.39
CA GLY D 469 6.83 27.89 58.04
C GLY D 469 5.95 28.97 57.45
N THR D 470 5.11 28.57 56.53
CA THR D 470 4.21 29.47 55.83
C THR D 470 3.05 29.97 56.70
N VAL D 471 2.89 29.43 57.90
CA VAL D 471 1.82 29.85 58.79
C VAL D 471 2.39 29.72 60.18
N ARG D 472 3.45 30.47 60.45
CA ARG D 472 4.26 30.27 61.65
C ARG D 472 3.54 30.54 62.95
N MET D 473 4.04 29.95 64.03
CA MET D 473 3.64 30.32 65.42
C MET D 473 4.61 31.37 65.96
N GLY D 474 4.18 32.14 66.94
CA GLY D 474 5.06 33.16 67.49
C GLY D 474 4.29 33.91 68.53
N ALA D 475 4.82 35.06 68.92
CA ALA D 475 4.27 35.80 70.07
C ALA D 475 2.83 36.23 69.84
N VAL D 476 2.01 36.06 70.87
CA VAL D 476 0.66 36.60 70.91
C VAL D 476 0.56 37.96 70.20
N GLU D 477 1.49 38.86 70.53
CA GLU D 477 1.50 40.21 69.97
C GLU D 477 2.20 40.35 68.62
N ASP D 478 3.07 39.40 68.25
CA ASP D 478 3.76 39.43 66.93
C ASP D 478 2.75 39.28 65.80
N GLU D 479 2.48 40.37 65.10
CA GLU D 479 1.38 40.36 64.13
C GLU D 479 1.71 39.63 62.83
N MET D 480 3.00 39.35 62.60
CA MET D 480 3.41 38.65 61.39
C MET D 480 3.44 37.14 61.68
N SER D 481 2.97 36.73 62.85
CA SER D 481 2.84 35.31 63.21
C SER D 481 1.37 35.01 63.17
N PRO D 482 0.89 34.31 62.14
CA PRO D 482 -0.56 34.05 62.10
C PRO D 482 -1.11 33.30 63.33
N LEU D 483 -0.30 32.45 63.96
CA LEU D 483 -0.79 31.68 65.12
C LEU D 483 -0.16 32.02 66.49
N ASP D 484 -0.87 31.65 67.55
CA ASP D 484 -0.34 31.86 68.87
C ASP D 484 0.53 30.68 69.28
N PRO D 485 1.12 30.74 70.47
CA PRO D 485 1.98 29.67 70.95
C PRO D 485 1.25 28.35 71.16
N GLU D 486 -0.07 28.38 71.24
CA GLU D 486 -0.82 27.15 71.31
C GLU D 486 -1.46 26.84 69.96
N LEU D 487 -0.81 27.32 68.91
CA LEU D 487 -1.21 26.99 67.53
C LEU D 487 -2.59 27.47 67.10
N ARG D 488 -3.31 28.20 67.96
CA ARG D 488 -4.59 28.78 67.55
C ARG D 488 -4.33 29.88 66.55
N VAL D 489 -5.15 29.89 65.48
CA VAL D 489 -5.16 30.95 64.50
C VAL D 489 -5.66 32.23 65.17
N LYS D 490 -4.87 33.29 65.11
CA LYS D 490 -5.30 34.56 65.71
C LYS D 490 -6.38 35.23 64.88
N GLY D 491 -7.40 35.72 65.57
CA GLY D 491 -8.41 36.62 65.00
C GLY D 491 -9.76 35.93 64.84
N VAL D 492 -9.83 34.70 65.33
CA VAL D 492 -10.87 33.75 64.96
C VAL D 492 -10.83 32.61 66.00
N THR D 493 -11.95 31.95 66.27
CA THR D 493 -11.86 30.87 67.25
C THR D 493 -12.20 29.51 66.71
N GLY D 494 -11.82 28.51 67.51
CA GLY D 494 -12.06 27.13 67.19
C GLY D 494 -11.23 26.59 66.04
N LEU D 495 -10.22 27.34 65.62
CA LEU D 495 -9.33 26.90 64.54
C LEU D 495 -7.83 26.88 64.95
N ARG D 496 -7.20 25.75 64.65
CA ARG D 496 -5.78 25.57 64.88
C ARG D 496 -5.14 24.96 63.66
N VAL D 497 -3.82 25.13 63.57
CA VAL D 497 -3.02 24.56 62.50
C VAL D 497 -1.89 23.77 63.14
N ALA D 498 -1.54 22.66 62.52
CA ALA D 498 -0.58 21.74 63.04
C ALA D 498 -0.07 21.05 61.81
N ASP D 499 1.07 21.53 61.35
CA ASP D 499 1.80 20.93 60.24
C ASP D 499 3.06 21.74 60.08
N ALA D 500 3.85 21.45 59.04
CA ALA D 500 5.15 22.08 58.83
C ALA D 500 5.05 23.60 58.61
N SER D 501 3.81 24.11 58.43
CA SER D 501 3.52 25.51 58.29
C SER D 501 3.91 26.27 59.55
N VAL D 502 3.88 25.57 60.70
CA VAL D 502 4.01 26.27 61.98
C VAL D 502 5.44 26.62 62.43
N MET D 503 6.46 26.10 61.75
CA MET D 503 7.82 26.35 62.22
C MET D 503 8.22 27.82 62.03
N PRO D 504 8.70 28.47 63.09
CA PRO D 504 9.15 29.84 62.90
C PRO D 504 10.54 29.86 62.30
N GLU D 505 11.22 28.74 62.38
CA GLU D 505 12.59 28.61 61.86
C GLU D 505 12.68 27.16 61.46
N HIS D 506 13.18 26.93 60.26
CA HIS D 506 13.37 25.59 59.80
C HIS D 506 14.24 24.83 60.79
N VAL D 507 14.14 23.51 60.75
CA VAL D 507 15.03 22.68 61.52
C VAL D 507 16.21 22.27 60.67
N THR D 508 17.33 22.02 61.33
CA THR D 508 18.59 21.61 60.68
C THR D 508 18.43 20.34 59.88
N VAL D 509 17.56 19.45 60.33
CA VAL D 509 17.53 18.08 59.83
C VAL D 509 16.32 17.77 58.95
N ASN D 510 16.28 16.60 58.33
CA ASN D 510 15.06 16.15 57.66
C ASN D 510 13.85 16.26 58.65
N PRO D 511 12.71 16.88 58.23
CA PRO D 511 11.71 17.39 59.17
C PRO D 511 10.48 16.52 59.49
N ASN D 512 10.36 15.35 58.88
CA ASN D 512 9.15 14.54 59.04
C ASN D 512 8.83 14.20 60.49
N ILE D 513 9.77 13.57 61.16
CA ILE D 513 9.51 13.18 62.57
C ILE D 513 9.08 14.38 63.48
N THR D 514 9.75 15.51 63.26
CA THR D 514 9.44 16.70 64.00
C THR D 514 7.97 17.12 63.76
N VAL D 515 7.52 16.98 62.52
CA VAL D 515 6.20 17.42 62.15
C VAL D 515 5.21 16.43 62.76
N MET D 516 5.54 15.15 62.78
CA MET D 516 4.69 14.25 63.59
C MET D 516 4.63 14.68 65.06
N MET D 517 5.77 15.06 65.64
CA MET D 517 5.76 15.60 67.02
C MET D 517 4.81 16.79 67.12
N ILE D 518 4.92 17.71 66.17
CA ILE D 518 4.07 18.90 66.17
C ILE D 518 2.61 18.47 66.30
N GLY D 519 2.26 17.41 65.57
CA GLY D 519 0.98 16.77 65.69
C GLY D 519 0.73 16.31 67.11
N GLU D 520 1.64 15.48 67.65
CA GLU D 520 1.44 14.94 69.00
C GLU D 520 1.10 16.06 69.95
N ARG D 521 1.86 17.16 69.85
CA ARG D 521 1.73 18.29 70.75
C ARG D 521 0.36 18.93 70.67
N CYS D 522 -0.10 19.12 69.42
CA CYS D 522 -1.34 19.84 69.17
C CYS D 522 -2.47 19.10 69.80
N ALA D 523 -2.44 17.78 69.67
CA ALA D 523 -3.37 16.92 70.37
C ALA D 523 -3.34 17.19 71.85
N ASP D 524 -2.15 17.46 72.38
CA ASP D 524 -1.99 17.63 73.81
C ASP D 524 -2.52 18.96 74.29
N LEU D 525 -2.28 20.00 73.50
CA LEU D 525 -2.91 21.28 73.78
C LEU D 525 -4.45 21.25 73.72
N ILE D 526 -5.02 20.50 72.78
CA ILE D 526 -6.49 20.47 72.69
C ILE D 526 -7.06 19.76 73.92
N ARG D 527 -6.62 18.51 74.09
CA ARG D 527 -6.96 17.64 75.24
C ARG D 527 -6.69 18.32 76.60
N SER D 528 -5.86 19.36 76.61
CA SER D 528 -5.59 20.08 77.85
C SER D 528 -6.64 21.12 78.11
N ALA D 529 -6.97 21.89 77.07
CA ALA D 529 -8.09 22.84 77.14
C ALA D 529 -9.43 22.16 77.52
N ARG D 530 -9.74 21.05 76.83
CA ARG D 530 -10.91 20.18 77.07
CA ARG D 530 -10.92 20.19 77.08
C ARG D 530 -11.75 19.99 75.80
N MET E 1 73.59 -31.01 29.12
CA MET E 1 72.88 -30.65 27.85
C MET E 1 71.84 -29.53 28.07
N HIS E 2 71.76 -28.60 27.12
CA HIS E 2 70.73 -27.55 27.16
CA HIS E 2 70.74 -27.55 27.15
C HIS E 2 69.53 -27.93 26.28
N ILE E 3 68.51 -28.48 26.92
CA ILE E 3 67.29 -28.83 26.22
C ILE E 3 66.28 -27.67 26.30
N ASP E 4 65.87 -27.17 25.14
CA ASP E 4 64.83 -26.13 25.07
C ASP E 4 63.68 -26.45 24.10
N ASN E 5 63.49 -27.74 23.83
CA ASN E 5 62.32 -28.26 23.14
C ASN E 5 62.00 -29.62 23.72
N ILE E 6 61.08 -29.69 24.69
CA ILE E 6 60.80 -30.93 25.42
C ILE E 6 60.73 -32.19 24.55
N GLU E 7 60.31 -32.04 23.30
CA GLU E 7 60.17 -33.17 22.38
C GLU E 7 61.50 -33.67 21.78
N ASN E 8 62.60 -33.08 22.25
CA ASN E 8 63.96 -33.50 21.89
C ASN E 8 64.62 -34.35 22.97
N LEU E 9 63.95 -34.47 24.12
CA LEU E 9 64.50 -35.16 25.27
C LEU E 9 63.93 -36.57 25.48
N SER E 10 64.83 -37.55 25.52
CA SER E 10 64.44 -38.95 25.70
C SER E 10 64.00 -39.25 27.12
N ASP E 11 64.91 -39.10 28.08
CA ASP E 11 64.63 -39.52 29.46
C ASP E 11 63.86 -38.44 30.21
N ARG E 12 62.72 -38.84 30.76
CA ARG E 12 61.86 -37.91 31.49
C ARG E 12 62.11 -38.07 32.97
N GLU E 13 62.97 -39.03 33.31
CA GLU E 13 63.21 -39.47 34.70
C GLU E 13 64.60 -39.09 35.18
N PHE E 14 64.66 -38.16 36.12
CA PHE E 14 65.90 -37.71 36.75
C PHE E 14 65.80 -38.00 38.22
N ASP E 15 66.93 -38.00 38.91
CA ASP E 15 66.98 -38.26 40.36
C ASP E 15 66.53 -37.04 41.19
N TYR E 16 66.86 -35.85 40.69
CA TYR E 16 66.47 -34.59 41.29
C TYR E 16 65.94 -33.61 40.26
N ILE E 17 64.80 -33.01 40.58
CA ILE E 17 64.26 -31.92 39.82
C ILE E 17 64.29 -30.73 40.74
N VAL E 18 64.87 -29.64 40.25
CA VAL E 18 64.73 -28.35 40.89
C VAL E 18 63.91 -27.51 39.97
N VAL E 19 62.81 -26.98 40.49
CA VAL E 19 61.96 -26.15 39.65
C VAL E 19 62.24 -24.67 39.87
N GLY E 20 62.62 -23.97 38.80
CA GLY E 20 62.81 -22.54 38.86
C GLY E 20 64.28 -22.30 39.08
N GLY E 21 64.92 -21.69 38.10
CA GLY E 21 66.38 -21.51 38.10
C GLY E 21 66.81 -20.12 38.53
N GLY E 22 66.30 -19.70 39.68
CA GLY E 22 66.53 -18.35 40.14
C GLY E 22 67.65 -18.29 41.14
N SER E 23 67.54 -17.35 42.06
CA SER E 23 68.60 -17.13 43.02
C SER E 23 68.96 -18.39 43.79
N ALA E 24 68.00 -18.91 44.54
CA ALA E 24 68.17 -20.16 45.26
C ALA E 24 68.30 -21.35 44.30
N GLY E 25 67.32 -21.51 43.41
CA GLY E 25 67.23 -22.69 42.54
C GLY E 25 68.49 -23.17 41.84
N ALA E 26 69.12 -22.30 41.05
CA ALA E 26 70.31 -22.64 40.28
C ALA E 26 71.46 -23.05 41.16
N ALA E 27 71.48 -22.50 42.37
CA ALA E 27 72.52 -22.86 43.31
C ALA E 27 72.30 -24.29 43.70
N VAL E 28 71.13 -24.58 44.26
CA VAL E 28 70.77 -25.93 44.64
C VAL E 28 71.07 -26.94 43.52
N ALA E 29 70.71 -26.61 42.29
CA ALA E 29 70.92 -27.51 41.17
C ALA E 29 72.43 -27.80 40.92
N ALA E 30 73.22 -26.74 40.79
CA ALA E 30 74.69 -26.85 40.76
C ALA E 30 75.26 -27.74 41.86
N ARG E 31 75.06 -27.39 43.13
CA ARG E 31 75.69 -28.13 44.23
C ARG E 31 75.24 -29.59 44.29
N LEU E 32 73.97 -29.83 43.97
CA LEU E 32 73.49 -31.21 43.85
C LEU E 32 74.19 -31.96 42.72
N SER E 33 74.40 -31.29 41.58
CA SER E 33 75.05 -31.90 40.43
C SER E 33 76.51 -32.32 40.67
N GLU E 34 77.04 -32.03 41.85
CA GLU E 34 78.43 -32.28 42.14
C GLU E 34 78.76 -33.74 42.45
N ASP E 35 77.80 -34.50 42.98
CA ASP E 35 77.98 -35.95 43.10
C ASP E 35 77.67 -36.55 41.72
N PRO E 36 78.68 -37.15 41.04
CA PRO E 36 78.49 -37.55 39.65
C PRO E 36 77.56 -38.77 39.49
N ALA E 37 77.49 -39.63 40.52
CA ALA E 37 76.49 -40.70 40.56
C ALA E 37 75.11 -40.17 40.16
N VAL E 38 74.66 -39.10 40.83
CA VAL E 38 73.27 -38.60 40.80
C VAL E 38 72.91 -37.70 39.59
N SER E 39 71.68 -37.82 39.07
CA SER E 39 71.28 -37.01 37.90
C SER E 39 70.31 -35.93 38.30
N VAL E 40 70.42 -34.79 37.62
CA VAL E 40 69.73 -33.58 38.02
C VAL E 40 69.21 -32.73 36.85
N ALA E 41 67.93 -32.38 36.93
CA ALA E 41 67.33 -31.47 35.95
C ALA E 41 66.84 -30.20 36.62
N LEU E 42 67.12 -29.08 35.99
CA LEU E 42 66.71 -27.79 36.50
C LEU E 42 65.74 -27.21 35.51
N VAL E 43 64.55 -26.86 35.99
CA VAL E 43 63.52 -26.44 35.09
C VAL E 43 63.16 -24.96 35.24
N GLU E 44 63.36 -24.21 34.18
CA GLU E 44 62.99 -22.80 34.18
C GLU E 44 61.96 -22.46 33.09
N ALA E 45 60.94 -21.69 33.47
CA ALA E 45 59.89 -21.25 32.54
C ALA E 45 60.38 -20.22 31.53
N GLY E 46 61.37 -19.43 31.92
CA GLY E 46 61.95 -18.43 31.04
C GLY E 46 63.00 -19.08 30.14
N PRO E 47 63.58 -18.26 29.25
CA PRO E 47 64.72 -18.60 28.38
C PRO E 47 66.08 -18.58 29.10
N ASP E 48 66.99 -19.42 28.61
CA ASP E 48 68.44 -19.28 28.85
C ASP E 48 68.87 -17.82 28.70
N ASP E 49 69.94 -17.43 29.40
CA ASP E 49 70.42 -16.04 29.44
C ASP E 49 71.69 -15.77 28.61
N ARG E 50 72.37 -16.84 28.22
CA ARG E 50 73.58 -16.72 27.42
C ARG E 50 73.31 -15.89 26.15
N GLY E 51 74.24 -15.02 25.81
CA GLY E 51 74.11 -14.19 24.61
C GLY E 51 72.91 -13.29 24.60
N VAL E 52 72.26 -13.16 25.75
CA VAL E 52 71.24 -12.13 25.99
C VAL E 52 71.86 -10.90 26.69
N PRO E 53 72.19 -9.86 25.92
CA PRO E 53 72.88 -8.64 26.46
C PRO E 53 72.12 -7.76 27.48
N GLU E 54 70.79 -7.60 27.31
CA GLU E 54 69.93 -6.81 28.22
C GLU E 54 69.89 -7.40 29.62
N VAL E 55 70.37 -8.63 29.75
CA VAL E 55 70.38 -9.36 31.02
C VAL E 55 71.81 -9.54 31.57
N LEU E 56 72.74 -10.02 30.74
CA LEU E 56 74.12 -10.27 31.18
C LEU E 56 74.80 -8.98 31.65
N GLN E 57 74.45 -7.86 31.02
CA GLN E 57 75.03 -6.54 31.32
C GLN E 57 74.34 -5.82 32.48
N LEU E 58 75.01 -5.79 33.64
CA LEU E 58 74.43 -5.22 34.85
C LEU E 58 73.86 -3.83 34.60
N ASP E 59 74.55 -3.03 33.80
CA ASP E 59 74.13 -1.63 33.67
C ASP E 59 73.02 -1.38 32.67
N ARG E 60 72.14 -2.36 32.54
CA ARG E 60 70.93 -2.24 31.74
C ARG E 60 69.78 -2.81 32.55
N TRP E 61 70.07 -3.26 33.76
CA TRP E 61 69.08 -3.92 34.60
C TRP E 61 67.71 -3.24 34.51
N MET E 62 67.68 -1.92 34.65
CA MET E 62 66.42 -1.18 34.60
C MET E 62 65.54 -1.34 33.34
N GLU E 63 66.12 -1.66 32.18
CA GLU E 63 65.32 -1.82 30.96
C GLU E 63 64.52 -3.14 30.97
N LEU E 64 64.87 -4.02 31.90
CA LEU E 64 64.19 -5.29 32.04
C LEU E 64 62.84 -5.21 32.73
N LEU E 65 62.57 -4.10 33.42
CA LEU E 65 61.30 -3.94 34.12
C LEU E 65 60.21 -3.82 33.07
N GLU E 66 59.12 -4.56 33.24
CA GLU E 66 58.05 -4.60 32.22
C GLU E 66 58.65 -4.84 30.82
N SER E 67 59.72 -5.63 30.76
CA SER E 67 60.21 -6.11 29.48
C SER E 67 59.62 -7.50 29.24
N GLY E 68 60.20 -8.21 28.27
CA GLY E 68 59.79 -9.56 27.96
C GLY E 68 60.14 -10.54 29.05
N TYR E 69 61.13 -10.17 29.87
CA TYR E 69 61.63 -11.08 30.93
C TYR E 69 61.07 -10.82 32.33
N ASP E 70 60.05 -9.95 32.42
CA ASP E 70 59.36 -9.56 33.65
C ASP E 70 58.00 -10.26 33.68
N TRP E 71 57.80 -11.21 34.59
CA TRP E 71 56.50 -11.81 34.76
C TRP E 71 55.40 -10.73 34.91
N ASP E 72 55.74 -9.63 35.60
CA ASP E 72 54.91 -8.40 35.73
C ASP E 72 53.67 -8.63 36.63
N TYR E 73 53.85 -8.69 37.95
CA TYR E 73 52.74 -8.87 38.88
C TYR E 73 52.29 -7.59 39.57
N PRO E 74 51.15 -7.03 39.17
CA PRO E 74 50.50 -5.92 39.82
C PRO E 74 49.80 -6.33 41.10
N ILE E 75 49.70 -5.38 42.03
CA ILE E 75 49.21 -5.72 43.33
C ILE E 75 47.74 -5.40 43.43
N GLU E 76 47.11 -6.03 44.43
CA GLU E 76 45.73 -5.80 44.73
C GLU E 76 45.64 -4.36 45.17
N PRO E 77 44.46 -3.76 45.05
CA PRO E 77 44.30 -2.38 45.55
C PRO E 77 44.73 -2.30 47.03
N GLN E 78 45.25 -1.16 47.46
CA GLN E 78 45.80 -1.03 48.81
C GLN E 78 44.99 -0.04 49.67
N GLU E 79 44.51 -0.52 50.81
CA GLU E 79 43.90 0.32 51.85
C GLU E 79 44.67 1.61 52.19
N ASN E 80 45.99 1.55 52.19
CA ASN E 80 46.81 2.64 52.71
C ASN E 80 48.13 2.63 51.96
N GLY E 81 48.09 2.19 50.71
CA GLY E 81 49.29 2.13 49.90
C GLY E 81 49.07 2.46 48.44
N ASN E 82 50.03 2.07 47.61
CA ASN E 82 50.07 2.47 46.22
C ASN E 82 49.54 1.36 45.28
N SER E 83 48.26 1.47 44.96
CA SER E 83 47.58 0.50 44.14
C SER E 83 48.18 0.40 42.74
N PHE E 84 49.10 1.32 42.42
CA PHE E 84 49.77 1.35 41.10
C PHE E 84 51.06 0.54 40.97
N MET E 85 51.62 0.11 42.09
CA MET E 85 52.91 -0.59 42.15
C MET E 85 52.86 -1.90 41.42
N ARG E 86 54.02 -2.33 40.90
CA ARG E 86 54.18 -3.67 40.31
C ARG E 86 55.32 -4.43 40.99
N HIS E 87 55.06 -5.66 41.43
CA HIS E 87 56.18 -6.57 41.75
C HIS E 87 56.79 -7.12 40.48
N ALA E 88 57.83 -6.48 39.96
CA ALA E 88 58.63 -7.07 38.91
C ALA E 88 59.21 -8.39 39.36
N ARG E 89 59.33 -9.33 38.42
CA ARG E 89 59.87 -10.67 38.67
C ARG E 89 60.50 -11.17 37.39
N ALA E 90 61.71 -11.69 37.55
CA ALA E 90 62.48 -12.12 36.41
C ALA E 90 61.98 -13.46 35.87
N LYS E 91 61.83 -13.49 34.56
CA LYS E 91 61.43 -14.67 33.84
C LYS E 91 62.57 -14.93 32.86
N VAL E 92 63.51 -15.77 33.29
CA VAL E 92 64.80 -15.88 32.65
C VAL E 92 65.65 -16.74 33.57
N MET E 93 66.73 -17.29 33.02
CA MET E 93 67.66 -18.07 33.82
C MET E 93 68.33 -17.12 34.81
N GLY E 94 68.48 -17.59 36.05
CA GLY E 94 69.04 -16.76 37.10
C GLY E 94 67.95 -16.21 38.00
N GLY E 95 66.74 -16.13 37.45
CA GLY E 95 65.61 -15.58 38.16
C GLY E 95 65.96 -14.16 38.42
N CYS E 96 65.50 -13.63 39.56
CA CYS E 96 65.77 -12.24 39.90
C CYS E 96 67.24 -11.79 40.00
N SER E 97 68.17 -12.74 40.21
CA SER E 97 69.58 -12.40 40.13
C SER E 97 70.01 -12.02 38.72
N SER E 98 69.20 -12.37 37.72
CA SER E 98 69.44 -11.95 36.35
C SER E 98 68.79 -10.61 36.00
N HIS E 99 67.87 -10.14 36.82
CA HIS E 99 67.27 -8.80 36.61
C HIS E 99 67.60 -7.75 37.68
N ASN E 100 68.23 -8.17 38.79
CA ASN E 100 68.50 -7.26 39.90
C ASN E 100 69.63 -6.22 39.69
N ALA E 101 69.78 -5.29 40.66
CA ALA E 101 70.85 -4.27 40.72
C ALA E 101 72.19 -4.76 41.32
N CYS E 102 72.25 -6.06 41.61
CA CYS E 102 73.46 -6.72 42.13
C CYS E 102 74.10 -6.17 43.44
N ILE E 103 73.38 -5.30 44.15
CA ILE E 103 73.82 -4.88 45.47
C ILE E 103 73.93 -6.12 46.34
N ALA E 104 75.12 -6.38 46.89
CA ALA E 104 75.37 -7.68 47.54
C ALA E 104 75.80 -7.61 49.01
N PHE E 105 75.08 -8.34 49.85
CA PHE E 105 75.21 -8.22 51.29
C PHE E 105 75.15 -9.57 51.98
N TRP E 106 75.92 -9.71 53.06
CA TRP E 106 75.72 -10.79 53.98
C TRP E 106 74.63 -10.25 54.85
N ALA E 107 73.72 -11.13 55.30
CA ALA E 107 72.69 -10.64 56.20
C ALA E 107 73.36 -10.48 57.57
N PRO E 108 72.92 -9.49 58.37
CA PRO E 108 73.39 -9.31 59.72
C PRO E 108 73.18 -10.55 60.53
N ARG E 109 74.19 -10.91 61.32
CA ARG E 109 74.17 -12.13 62.15
C ARG E 109 73.03 -12.10 63.11
N GLU E 110 72.61 -10.91 63.49
CA GLU E 110 71.55 -10.82 64.45
C GLU E 110 70.28 -11.30 63.73
N ASP E 111 70.20 -11.10 62.40
CA ASP E 111 69.02 -11.56 61.66
C ASP E 111 69.00 -13.05 61.63
N LEU E 112 70.15 -13.63 61.30
CA LEU E 112 70.18 -15.05 61.09
C LEU E 112 70.10 -15.87 62.36
N ASP E 113 70.75 -15.43 63.44
CA ASP E 113 70.60 -16.13 64.72
C ASP E 113 69.15 -16.25 65.13
N GLU E 114 68.34 -15.22 64.85
CA GLU E 114 66.95 -15.16 65.30
C GLU E 114 66.08 -16.23 64.63
N TRP E 115 66.42 -16.59 63.41
CA TRP E 115 65.63 -17.62 62.75
C TRP E 115 65.54 -18.83 63.65
N GLU E 116 66.64 -19.24 64.22
CA GLU E 116 66.62 -20.41 65.10
C GLU E 116 66.10 -20.04 66.47
N ALA E 117 66.65 -18.97 67.04
CA ALA E 117 66.41 -18.70 68.45
C ALA E 117 65.04 -18.08 68.70
N LYS E 118 64.52 -17.33 67.75
CA LYS E 118 63.22 -16.69 67.95
C LYS E 118 62.13 -17.36 67.12
N TYR E 119 62.48 -17.89 65.95
CA TYR E 119 61.47 -18.38 65.01
C TYR E 119 61.43 -19.88 64.81
N GLY E 120 61.97 -20.64 65.75
CA GLY E 120 61.86 -22.10 65.75
C GLY E 120 62.57 -22.81 64.62
N ALA E 121 63.44 -22.12 63.91
CA ALA E 121 64.11 -22.73 62.76
C ALA E 121 65.43 -23.39 63.14
N THR E 122 65.30 -24.50 63.88
CA THR E 122 66.43 -25.30 64.32
C THR E 122 67.49 -25.34 63.22
N GLY E 123 68.72 -24.95 63.57
CA GLY E 123 69.86 -25.16 62.69
C GLY E 123 70.25 -24.00 61.82
N TRP E 124 69.40 -22.96 61.77
CA TRP E 124 69.65 -21.77 60.93
C TRP E 124 70.17 -20.59 61.79
N ASN E 125 71.45 -20.30 61.68
CA ASN E 125 72.03 -19.23 62.48
C ASN E 125 73.24 -18.70 61.76
N ALA E 126 74.11 -17.98 62.45
CA ALA E 126 75.27 -17.43 61.75
C ALA E 126 76.35 -18.50 61.57
N GLU E 127 76.40 -19.48 62.48
CA GLU E 127 77.36 -20.61 62.38
C GLU E 127 77.19 -21.40 61.08
N ALA E 128 75.93 -21.66 60.75
CA ALA E 128 75.56 -22.31 59.51
C ALA E 128 75.84 -21.42 58.30
N ALA E 129 75.39 -20.17 58.30
CA ALA E 129 75.47 -19.34 57.11
C ALA E 129 76.88 -18.86 56.72
N TRP E 130 77.64 -18.41 57.71
CA TRP E 130 78.99 -17.88 57.49
C TRP E 130 79.85 -18.71 56.51
N PRO E 131 79.98 -20.04 56.69
CA PRO E 131 80.78 -20.90 55.77
C PRO E 131 80.18 -21.03 54.37
N LEU E 132 78.83 -20.98 54.32
CA LEU E 132 78.08 -20.94 53.07
C LEU E 132 78.29 -19.62 52.34
N TYR E 133 78.32 -18.51 53.09
CA TYR E 133 78.64 -17.21 52.50
C TYR E 133 80.09 -17.16 52.02
N LYS E 134 80.96 -17.96 52.62
CA LYS E 134 82.32 -18.07 52.16
C LYS E 134 82.32 -18.80 50.82
N ARG E 135 81.79 -20.02 50.86
CA ARG E 135 81.83 -20.93 49.73
C ARG E 135 81.33 -20.36 48.41
N LEU E 136 80.30 -19.52 48.46
CA LEU E 136 79.65 -19.07 47.19
C LEU E 136 80.42 -17.95 46.52
N GLU E 137 81.30 -17.30 47.28
CA GLU E 137 81.95 -16.10 46.77
C GLU E 137 83.43 -16.22 46.39
N THR E 138 83.79 -15.41 45.40
CA THR E 138 85.10 -14.84 45.30
C THR E 138 84.82 -13.38 45.62
N ASN E 139 85.16 -12.97 46.85
CA ASN E 139 85.02 -11.58 47.29
C ASN E 139 86.36 -10.85 47.23
N GLU E 140 86.31 -9.64 46.68
CA GLU E 140 87.52 -8.86 46.48
C GLU E 140 88.32 -8.70 47.76
N ASP E 141 87.63 -8.54 48.89
CA ASP E 141 88.29 -8.27 50.15
C ASP E 141 88.92 -9.50 50.80
N ALA E 142 88.71 -10.68 50.22
CA ALA E 142 89.27 -11.92 50.79
C ALA E 142 90.75 -11.71 51.04
N GLY E 143 91.26 -12.31 52.11
CA GLY E 143 92.59 -12.02 52.54
C GLY E 143 92.86 -12.50 53.94
N PRO E 144 94.10 -12.38 54.39
CA PRO E 144 94.43 -12.71 55.75
C PRO E 144 93.85 -11.72 56.78
N ASP E 145 93.67 -10.45 56.40
CA ASP E 145 93.03 -9.47 57.29
C ASP E 145 91.48 -9.48 57.27
N ALA E 146 90.89 -10.26 56.35
CA ALA E 146 89.43 -10.49 56.31
C ALA E 146 89.16 -11.94 55.95
N PRO E 147 89.53 -12.88 56.84
CA PRO E 147 89.55 -14.31 56.52
C PRO E 147 88.17 -14.99 56.50
N HIS E 148 87.10 -14.25 56.74
CA HIS E 148 85.75 -14.82 56.75
C HIS E 148 85.17 -14.87 55.32
N HIS E 149 85.86 -14.20 54.39
CA HIS E 149 85.45 -14.09 53.00
CA HIS E 149 85.43 -14.11 53.00
C HIS E 149 85.89 -15.28 52.15
N GLY E 150 85.09 -15.63 51.15
CA GLY E 150 85.47 -16.65 50.19
C GLY E 150 86.36 -15.98 49.15
N ASP E 151 87.35 -16.73 48.68
CA ASP E 151 88.25 -16.25 47.62
C ASP E 151 88.09 -17.07 46.36
N SER E 152 87.27 -18.10 46.44
CA SER E 152 87.26 -19.07 45.36
C SER E 152 85.91 -19.34 44.75
N GLY E 153 84.88 -18.66 45.25
CA GLY E 153 83.49 -19.04 45.00
C GLY E 153 83.01 -18.59 43.64
N PRO E 154 81.91 -19.19 43.16
CA PRO E 154 81.30 -18.85 41.87
C PRO E 154 80.69 -17.45 41.78
N VAL E 155 80.10 -16.94 42.84
CA VAL E 155 79.53 -15.57 42.78
C VAL E 155 80.60 -14.49 43.09
N HIS E 156 80.94 -13.68 42.10
CA HIS E 156 82.03 -12.72 42.26
C HIS E 156 81.57 -11.34 42.76
N LEU E 157 82.08 -10.93 43.92
CA LEU E 157 81.68 -9.65 44.50
C LEU E 157 82.84 -8.69 44.46
N MET E 158 82.59 -7.50 43.96
CA MET E 158 83.61 -6.49 43.83
C MET E 158 83.12 -5.22 44.53
N ASN E 159 84.06 -4.40 44.99
CA ASN E 159 83.76 -3.04 45.45
C ASN E 159 83.58 -2.06 44.28
N VAL E 160 82.44 -1.38 44.27
CA VAL E 160 82.10 -0.36 43.33
C VAL E 160 83.12 0.76 43.53
N PRO E 161 83.94 1.09 42.51
CA PRO E 161 84.91 2.15 42.74
C PRO E 161 84.24 3.49 42.95
N PRO E 162 84.82 4.35 43.80
CA PRO E 162 84.21 5.60 44.26
C PRO E 162 84.36 6.77 43.29
N LYS E 163 84.00 6.56 42.02
CA LYS E 163 84.20 7.54 40.94
C LYS E 163 83.19 8.71 40.99
N ASP E 164 81.92 8.38 41.27
CA ASP E 164 80.84 9.34 41.16
C ASP E 164 80.99 10.44 42.21
N PRO E 165 81.42 11.62 41.76
CA PRO E 165 81.64 12.76 42.64
C PRO E 165 80.43 13.04 43.54
N THR E 166 79.22 12.96 42.99
CA THR E 166 78.00 13.25 43.75
C THR E 166 77.82 12.23 44.85
N GLY E 167 78.25 11.02 44.58
CA GLY E 167 78.24 9.98 45.56
C GLY E 167 79.26 10.19 46.67
N VAL E 168 80.46 10.62 46.29
CA VAL E 168 81.52 10.86 47.26
C VAL E 168 81.01 11.99 48.13
N ALA E 169 80.49 13.03 47.48
CA ALA E 169 79.98 14.20 48.19
C ALA E 169 78.81 13.87 49.12
N LEU E 170 77.95 12.94 48.70
CA LEU E 170 76.85 12.49 49.57
C LEU E 170 77.31 11.86 50.87
N LEU E 171 78.25 10.94 50.76
CA LEU E 171 78.86 10.35 51.94
C LEU E 171 79.50 11.41 52.84
N ASP E 172 80.02 12.51 52.27
CA ASP E 172 80.59 13.58 53.12
C ASP E 172 79.52 14.27 53.95
N ALA E 173 78.31 14.36 53.40
CA ALA E 173 77.18 14.95 54.09
C ALA E 173 76.64 13.97 55.12
N CYS E 174 76.73 12.68 54.81
CA CYS E 174 76.37 11.64 55.80
C CYS E 174 77.23 11.75 57.05
N GLU E 175 78.51 12.08 56.86
CA GLU E 175 79.45 12.34 57.95
C GLU E 175 79.09 13.58 58.77
N GLN E 176 78.59 14.63 58.11
CA GLN E 176 78.16 15.83 58.80
C GLN E 176 76.80 15.64 59.49
N ALA E 177 76.07 14.60 59.08
CA ALA E 177 74.78 14.31 59.67
C ALA E 177 74.86 13.23 60.77
N GLY E 178 76.02 12.61 60.94
CA GLY E 178 76.21 11.71 62.06
C GLY E 178 76.37 10.25 61.69
N ILE E 179 76.57 10.03 60.40
CA ILE E 179 76.60 8.72 59.78
C ILE E 179 77.96 8.55 59.14
N PRO E 180 78.88 7.83 59.80
CA PRO E 180 80.21 7.62 59.20
C PRO E 180 80.23 6.73 57.98
N ARG E 181 81.33 6.79 57.25
CA ARG E 181 81.67 5.79 56.25
C ARG E 181 81.82 4.42 56.94
N ALA E 182 81.32 3.37 56.29
CA ALA E 182 81.44 2.01 56.82
C ALA E 182 81.97 1.03 55.79
N LYS E 183 82.48 -0.10 56.24
CA LYS E 183 82.73 -1.19 55.33
C LYS E 183 81.58 -2.20 55.36
N PHE E 184 81.29 -2.78 54.22
CA PHE E 184 80.21 -3.74 54.12
C PHE E 184 80.70 -5.19 54.14
N ASN E 185 79.89 -6.07 54.71
CA ASN E 185 80.22 -7.49 54.73
C ASN E 185 81.51 -7.84 55.51
N THR E 186 81.72 -7.19 56.67
CA THR E 186 82.90 -7.45 57.53
C THR E 186 82.61 -8.54 58.52
N GLY E 187 81.34 -8.89 58.62
CA GLY E 187 80.86 -9.80 59.62
C GLY E 187 80.27 -9.02 60.78
N THR E 188 80.42 -7.69 60.76
CA THR E 188 79.86 -6.84 61.82
C THR E 188 78.79 -5.91 61.25
N THR E 189 77.56 -6.20 61.59
CA THR E 189 76.42 -5.41 61.19
C THR E 189 76.65 -3.90 61.28
N VAL E 190 76.38 -3.18 60.19
CA VAL E 190 76.42 -1.73 60.19
C VAL E 190 75.04 -1.26 60.63
N VAL E 191 74.97 -0.56 61.75
CA VAL E 191 73.71 -0.02 62.25
C VAL E 191 73.56 1.42 61.79
N ASN E 192 74.67 2.16 61.86
CA ASN E 192 74.71 3.57 61.48
C ASN E 192 76.00 3.79 60.69
N GLY E 193 75.85 3.88 59.37
CA GLY E 193 76.98 3.85 58.45
C GLY E 193 76.55 3.86 57.01
N ALA E 194 77.48 4.14 56.11
CA ALA E 194 77.15 4.30 54.73
C ALA E 194 78.36 4.07 53.83
N ASN E 195 78.14 3.56 52.63
CA ASN E 195 79.21 3.51 51.68
C ASN E 195 78.76 3.04 50.30
N PHE E 196 79.69 3.13 49.36
CA PHE E 196 79.59 2.46 48.09
C PHE E 196 79.45 0.98 48.35
N PHE E 197 78.56 0.35 47.58
CA PHE E 197 78.26 -1.05 47.75
C PHE E 197 79.35 -2.00 47.35
N GLN E 198 79.24 -3.23 47.84
CA GLN E 198 79.73 -4.41 47.10
C GLN E 198 78.64 -4.86 46.09
N ILE E 199 79.05 -5.41 44.95
CA ILE E 199 78.09 -5.94 43.98
C ILE E 199 78.58 -7.25 43.40
N ASN E 200 77.65 -8.20 43.21
CA ASN E 200 77.99 -9.45 42.57
C ASN E 200 78.14 -9.33 41.03
N ARG E 201 79.25 -8.69 40.62
CA ARG E 201 79.54 -8.43 39.21
C ARG E 201 80.95 -8.91 38.83
N ARG E 202 81.13 -9.36 37.58
CA ARG E 202 82.44 -9.81 37.08
C ARG E 202 83.18 -8.59 36.53
N ALA E 203 84.52 -8.63 36.55
CA ALA E 203 85.29 -7.50 36.08
C ALA E 203 84.93 -7.07 34.65
N ASP E 204 84.30 -7.96 33.89
CA ASP E 204 83.99 -7.66 32.50
C ASP E 204 82.62 -6.99 32.27
N GLY E 205 81.85 -6.77 33.33
CA GLY E 205 80.56 -6.05 33.27
C GLY E 205 79.33 -6.94 33.42
N THR E 206 79.58 -8.24 33.60
CA THR E 206 78.56 -9.29 33.74
C THR E 206 78.10 -9.55 35.21
N ARG E 207 76.83 -9.33 35.46
CA ARG E 207 76.22 -9.69 36.73
C ARG E 207 76.59 -11.11 37.15
N SER E 208 76.99 -11.33 38.39
CA SER E 208 77.21 -12.69 38.85
C SER E 208 75.92 -13.36 39.34
N SER E 209 74.94 -13.41 38.43
CA SER E 209 73.67 -14.09 38.66
C SER E 209 73.92 -15.57 38.94
N SER E 210 72.95 -16.22 39.56
CA SER E 210 73.12 -17.63 39.86
C SER E 210 73.36 -18.43 38.56
N SER E 211 72.78 -17.98 37.47
CA SER E 211 72.95 -18.71 36.21
C SER E 211 74.38 -18.55 35.66
N VAL E 212 74.89 -17.32 35.57
CA VAL E 212 76.30 -17.13 35.23
C VAL E 212 77.25 -17.94 36.14
N SER E 213 77.11 -17.77 37.46
CA SER E 213 78.04 -18.33 38.43
C SER E 213 77.89 -19.82 38.57
N TYR E 214 76.67 -20.27 38.73
CA TYR E 214 76.40 -21.66 39.05
C TYR E 214 76.14 -22.52 37.83
N ILE E 215 75.59 -21.94 36.78
CA ILE E 215 75.07 -22.77 35.69
C ILE E 215 75.85 -22.78 34.39
N HIS E 216 76.27 -21.61 33.90
CA HIS E 216 76.99 -21.55 32.63
C HIS E 216 78.18 -22.50 32.53
N PRO E 217 79.05 -22.57 33.57
CA PRO E 217 80.22 -23.42 33.48
C PRO E 217 79.92 -24.91 33.49
N ILE E 218 78.76 -25.32 34.02
CA ILE E 218 78.40 -26.75 34.15
C ILE E 218 77.28 -27.23 33.21
N VAL E 219 76.90 -26.40 32.24
CA VAL E 219 75.83 -26.72 31.29
C VAL E 219 76.02 -28.05 30.53
N GLU E 220 77.25 -28.36 30.13
CA GLU E 220 77.51 -29.54 29.30
C GLU E 220 77.84 -30.80 30.10
N GLN E 221 77.71 -30.70 31.41
CA GLN E 221 78.11 -31.73 32.35
C GLN E 221 77.21 -32.96 32.21
N GLU E 222 77.82 -34.15 32.26
CA GLU E 222 77.14 -35.44 31.98
C GLU E 222 75.81 -35.67 32.72
N ASN E 223 75.79 -35.38 34.02
CA ASN E 223 74.64 -35.66 34.92
C ASN E 223 73.65 -34.50 35.10
N PHE E 224 73.86 -33.43 34.35
CA PHE E 224 73.07 -32.23 34.51
C PHE E 224 72.27 -31.95 33.24
N THR E 225 71.01 -31.56 33.43
CA THR E 225 70.15 -31.20 32.32
C THR E 225 69.48 -29.84 32.57
N LEU E 226 69.62 -28.93 31.61
CA LEU E 226 68.97 -27.63 31.73
C LEU E 226 67.76 -27.54 30.80
N LEU E 227 66.59 -27.33 31.39
CA LEU E 227 65.33 -27.18 30.66
C LEU E 227 64.81 -25.76 30.75
N THR E 228 65.02 -24.98 29.70
CA THR E 228 64.49 -23.63 29.68
C THR E 228 63.21 -23.54 28.85
N GLY E 229 62.58 -22.38 28.83
CA GLY E 229 61.33 -22.16 28.12
C GLY E 229 60.16 -23.08 28.50
N LEU E 230 60.27 -23.76 29.65
CA LEU E 230 59.23 -24.69 30.13
C LEU E 230 58.68 -24.33 31.49
N ARG E 231 57.37 -24.26 31.59
CA ARG E 231 56.75 -23.69 32.76
C ARG E 231 55.96 -24.77 33.51
N ALA E 232 56.18 -24.86 34.82
CA ALA E 232 55.49 -25.84 35.67
C ALA E 232 54.06 -25.40 35.98
N ARG E 233 53.17 -26.38 36.09
CA ARG E 233 51.75 -26.15 36.38
C ARG E 233 51.22 -26.90 37.59
N GLN E 234 51.89 -27.99 37.98
CA GLN E 234 51.37 -28.83 39.05
C GLN E 234 52.44 -29.79 39.56
N LEU E 235 52.36 -30.12 40.84
CA LEU E 235 53.22 -31.11 41.42
C LEU E 235 52.49 -32.45 41.48
N VAL E 236 53.25 -33.53 41.33
CA VAL E 236 52.68 -34.85 41.25
C VAL E 236 53.07 -35.64 42.47
N PHE E 237 52.08 -36.30 43.05
CA PHE E 237 52.22 -37.08 44.28
C PHE E 237 51.77 -38.54 44.13
N ASP E 238 52.21 -39.37 45.06
CA ASP E 238 51.80 -40.76 45.19
C ASP E 238 50.38 -40.84 45.70
N ALA E 239 49.88 -42.08 45.76
CA ALA E 239 48.77 -42.41 46.65
C ALA E 239 49.29 -42.29 48.08
N ASP E 240 50.58 -42.57 48.25
CA ASP E 240 51.25 -42.52 49.56
C ASP E 240 51.46 -41.07 50.04
N ARG E 241 51.34 -40.11 49.12
CA ARG E 241 51.57 -38.68 49.36
C ARG E 241 53.03 -38.31 49.08
N ARG E 242 53.74 -39.23 48.45
CA ARG E 242 55.14 -39.03 48.10
C ARG E 242 55.23 -38.32 46.74
N CYS E 243 55.72 -37.09 46.75
CA CYS E 243 55.94 -36.34 45.50
C CYS E 243 56.72 -37.20 44.53
N THR E 244 56.31 -37.21 43.26
CA THR E 244 56.97 -38.05 42.24
C THR E 244 57.51 -37.26 41.06
N GLY E 245 57.02 -36.03 40.90
CA GLY E 245 57.43 -35.19 39.78
C GLY E 245 56.61 -33.94 39.63
N VAL E 246 56.61 -33.43 38.40
CA VAL E 246 56.00 -32.14 38.10
C VAL E 246 55.45 -32.12 36.67
N ASP E 247 54.29 -31.49 36.46
CA ASP E 247 53.78 -31.28 35.11
C ASP E 247 54.12 -29.88 34.57
N ILE E 248 54.61 -29.82 33.33
CA ILE E 248 55.16 -28.57 32.74
C ILE E 248 54.59 -28.25 31.34
N VAL E 249 54.86 -27.04 30.80
CA VAL E 249 54.30 -26.60 29.50
C VAL E 249 55.23 -25.77 28.55
N ASP E 250 55.20 -26.14 27.26
CA ASP E 250 56.04 -25.61 26.15
C ASP E 250 55.81 -24.14 25.84
N SER E 251 54.67 -23.64 26.29
CA SER E 251 54.07 -22.40 25.80
C SER E 251 52.82 -22.19 26.64
N ALA E 252 52.42 -20.93 26.83
CA ALA E 252 51.24 -20.61 27.66
C ALA E 252 49.93 -21.28 27.19
N PHE E 253 49.89 -21.76 25.93
CA PHE E 253 48.71 -22.47 25.41
C PHE E 253 49.07 -23.79 24.75
N GLY E 254 50.33 -24.19 24.94
CA GLY E 254 50.92 -25.41 24.37
C GLY E 254 50.44 -26.72 24.94
N HIS E 255 51.33 -27.43 25.64
CA HIS E 255 51.13 -28.84 25.94
C HIS E 255 51.74 -29.32 27.25
N THR E 256 51.19 -30.41 27.81
CA THR E 256 51.49 -30.83 29.16
C THR E 256 52.29 -32.16 29.30
N HIS E 257 53.56 -32.06 29.68
CA HIS E 257 54.40 -33.24 29.82
C HIS E 257 54.91 -33.45 31.25
N ARG E 258 55.08 -34.70 31.65
CA ARG E 258 55.58 -35.04 32.99
C ARG E 258 57.09 -35.26 33.05
N LEU E 259 57.71 -34.78 34.12
CA LEU E 259 59.06 -35.21 34.52
C LEU E 259 58.88 -35.99 35.81
N THR E 260 59.66 -37.04 36.00
CA THR E 260 59.57 -37.83 37.23
C THR E 260 60.89 -37.74 38.00
N ALA E 261 60.80 -37.72 39.32
CA ALA E 261 62.00 -37.62 40.16
C ALA E 261 62.10 -38.77 41.13
N ARG E 262 63.27 -39.42 41.16
CA ARG E 262 63.43 -40.62 41.96
C ARG E 262 63.70 -40.28 43.42
N ASN E 263 64.59 -39.33 43.64
CA ASN E 263 64.97 -38.98 45.00
C ASN E 263 64.08 -37.93 45.65
N GLU E 264 64.13 -36.69 45.13
CA GLU E 264 63.38 -35.55 45.69
C GLU E 264 63.08 -34.47 44.67
N VAL E 265 61.98 -33.73 44.87
CA VAL E 265 61.73 -32.47 44.13
C VAL E 265 62.00 -31.25 45.02
N VAL E 266 62.76 -30.30 44.50
CA VAL E 266 62.93 -29.02 45.18
C VAL E 266 62.34 -27.86 44.39
N LEU E 267 61.49 -27.11 45.08
CA LEU E 267 60.75 -25.96 44.56
C LEU E 267 61.47 -24.65 44.83
N SER E 268 61.76 -23.90 43.78
CA SER E 268 62.56 -22.67 43.88
C SER E 268 62.05 -21.57 42.99
N THR E 269 60.72 -21.45 42.92
CA THR E 269 60.09 -20.50 42.00
C THR E 269 59.90 -19.10 42.59
N GLY E 270 60.32 -18.92 43.85
CA GLY E 270 60.25 -17.62 44.50
C GLY E 270 59.04 -17.47 45.37
N ALA E 271 58.93 -16.31 46.02
CA ALA E 271 57.96 -16.07 47.07
C ALA E 271 56.59 -15.77 46.52
N ILE E 272 56.47 -15.71 45.20
CA ILE E 272 55.17 -15.48 44.61
C ILE E 272 54.74 -16.74 43.89
N ASP E 273 55.65 -17.34 43.11
CA ASP E 273 55.32 -18.49 42.28
C ASP E 273 55.29 -19.79 43.10
N THR E 274 56.01 -19.83 44.22
CA THR E 274 56.01 -21.01 45.06
C THR E 274 54.67 -21.24 45.79
N PRO E 275 54.16 -20.26 46.54
CA PRO E 275 52.86 -20.58 47.16
C PRO E 275 51.79 -20.91 46.13
N LYS E 276 51.76 -20.15 45.04
CA LYS E 276 50.83 -20.36 43.96
C LYS E 276 50.90 -21.82 43.55
N LEU E 277 52.12 -22.29 43.28
CA LEU E 277 52.32 -23.63 42.73
C LEU E 277 51.91 -24.73 43.73
N LEU E 278 52.34 -24.60 45.00
CA LEU E 278 51.86 -25.48 46.06
C LEU E 278 50.32 -25.54 46.11
N MET E 279 49.67 -24.39 45.99
CA MET E 279 48.21 -24.31 46.12
C MET E 279 47.50 -25.02 44.94
N LEU E 280 47.95 -24.76 43.73
CA LEU E 280 47.48 -25.50 42.57
C LEU E 280 47.69 -27.01 42.72
N SER E 281 48.74 -27.39 43.44
CA SER E 281 49.06 -28.79 43.64
C SER E 281 48.37 -29.39 44.87
N GLY E 282 47.50 -28.63 45.53
CA GLY E 282 46.75 -29.16 46.68
C GLY E 282 47.31 -28.96 48.08
N ILE E 283 48.32 -28.07 48.22
CA ILE E 283 48.94 -27.77 49.49
C ILE E 283 48.79 -26.28 49.81
N GLY E 284 47.98 -25.95 50.81
CA GLY E 284 47.70 -24.56 51.14
C GLY E 284 46.52 -24.44 52.07
N PRO E 285 46.00 -23.22 52.25
CA PRO E 285 44.84 -23.05 53.13
C PRO E 285 43.58 -23.73 52.59
N ALA E 286 43.09 -24.73 53.33
CA ALA E 286 41.95 -25.55 52.92
C ALA E 286 40.79 -24.79 52.34
N ALA E 287 40.30 -23.77 53.03
CA ALA E 287 39.09 -23.09 52.57
C ALA E 287 39.40 -22.30 51.31
N HIS E 288 40.63 -21.80 51.21
CA HIS E 288 41.04 -21.13 49.98
C HIS E 288 41.11 -22.09 48.77
N LEU E 289 41.52 -23.34 48.97
CA LEU E 289 41.67 -24.24 47.82
C LEU E 289 40.30 -24.68 47.31
N ALA E 290 39.44 -25.01 48.27
CA ALA E 290 38.09 -25.46 47.98
C ALA E 290 37.28 -24.36 47.29
N GLU E 291 37.71 -23.12 47.47
CA GLU E 291 37.06 -21.96 46.88
C GLU E 291 37.21 -21.97 45.36
N HIS E 292 38.34 -22.48 44.89
CA HIS E 292 38.64 -22.58 43.47
C HIS E 292 38.58 -24.06 43.04
N GLY E 293 37.66 -24.81 43.64
CA GLY E 293 37.44 -26.20 43.28
C GLY E 293 38.63 -27.15 43.36
N ILE E 294 39.65 -26.76 44.12
CA ILE E 294 40.87 -27.57 44.25
C ILE E 294 40.79 -28.52 45.43
N GLU E 295 41.17 -29.77 45.15
CA GLU E 295 41.07 -30.83 46.12
C GLU E 295 42.23 -30.65 47.08
N VAL E 296 41.92 -30.64 48.36
CA VAL E 296 42.94 -30.45 49.38
C VAL E 296 43.80 -31.73 49.55
N LEU E 297 45.11 -31.57 49.47
CA LEU E 297 46.00 -32.66 49.80
C LEU E 297 46.57 -32.46 51.21
N VAL E 298 47.08 -31.26 51.49
CA VAL E 298 47.55 -30.89 52.82
C VAL E 298 46.88 -29.56 53.20
N ASP E 299 46.09 -29.54 54.28
CA ASP E 299 45.61 -28.27 54.82
C ASP E 299 46.79 -27.56 55.51
N SER E 300 47.43 -26.65 54.76
CA SER E 300 48.61 -25.89 55.20
C SER E 300 48.37 -24.38 55.22
N PRO E 301 47.76 -23.88 56.32
CA PRO E 301 47.16 -22.55 56.38
C PRO E 301 48.17 -21.42 56.19
N GLY E 302 49.45 -21.77 56.08
CA GLY E 302 50.51 -20.79 56.05
C GLY E 302 51.06 -20.49 54.68
N VAL E 303 50.63 -21.25 53.67
CA VAL E 303 51.05 -21.07 52.27
C VAL E 303 50.48 -19.78 51.71
N GLY E 304 51.31 -18.76 51.49
CA GLY E 304 50.79 -17.49 50.97
C GLY E 304 50.54 -16.52 52.10
N GLU E 305 50.88 -16.92 53.32
CA GLU E 305 50.74 -16.04 54.45
C GLU E 305 52.09 -15.52 54.79
N HIS E 306 52.13 -14.42 55.53
CA HIS E 306 53.36 -13.84 56.00
C HIS E 306 54.22 -13.21 54.90
N LEU E 307 53.60 -12.71 53.82
CA LEU E 307 54.38 -12.03 52.79
C LEU E 307 54.94 -10.72 53.34
N GLN E 308 56.24 -10.53 53.18
CA GLN E 308 56.92 -9.37 53.73
C GLN E 308 57.69 -8.73 52.61
N ASP E 309 58.06 -7.47 52.81
CA ASP E 309 58.81 -6.75 51.83
C ASP E 309 59.50 -5.60 52.50
N HIS E 310 60.37 -4.95 51.73
CA HIS E 310 60.94 -3.66 52.08
C HIS E 310 60.24 -2.52 51.33
N PRO E 311 59.25 -1.88 51.97
CA PRO E 311 58.58 -0.76 51.30
C PRO E 311 59.51 0.45 51.20
N GLU E 312 59.29 1.26 50.16
CA GLU E 312 60.27 2.24 49.65
C GLU E 312 59.57 3.55 49.30
N GLY E 313 60.11 4.63 49.81
CA GLY E 313 59.64 5.93 49.43
C GLY E 313 60.73 6.51 48.60
N VAL E 314 60.49 7.68 48.05
CA VAL E 314 61.55 8.32 47.31
C VAL E 314 61.54 9.78 47.64
N VAL E 315 62.72 10.38 47.50
CA VAL E 315 62.91 11.79 47.62
C VAL E 315 63.73 12.19 46.42
N GLN E 316 63.20 13.04 45.55
CA GLN E 316 63.89 13.38 44.29
C GLN E 316 64.43 14.78 44.23
N PHE E 317 65.63 14.92 43.65
CA PHE E 317 66.33 16.22 43.50
C PHE E 317 66.85 16.52 42.09
N GLU E 318 66.74 17.80 41.70
CA GLU E 318 67.49 18.35 40.54
C GLU E 318 68.96 18.48 40.94
N ALA E 319 69.86 18.06 40.05
CA ALA E 319 71.27 18.29 40.25
C ALA E 319 71.65 19.71 39.81
N LYS E 320 72.76 20.22 40.33
CA LYS E 320 73.27 21.51 39.88
C LYS E 320 74.45 21.37 38.91
N GLN E 321 74.88 20.14 38.65
CA GLN E 321 76.01 19.87 37.73
C GLN E 321 75.69 18.61 36.98
N PRO E 322 76.32 18.39 35.81
CA PRO E 322 75.97 17.19 35.05
C PRO E 322 76.19 15.96 35.90
N MET E 323 75.20 15.09 35.99
CA MET E 323 75.39 13.86 36.73
C MET E 323 76.20 12.89 35.88
N VAL E 324 76.86 11.93 36.52
CA VAL E 324 77.61 10.92 35.80
C VAL E 324 76.73 10.29 34.73
N ALA E 325 77.30 10.01 33.57
CA ALA E 325 76.52 9.45 32.47
C ALA E 325 76.71 7.94 32.35
N GLU E 326 77.68 7.41 33.10
CA GLU E 326 77.89 5.97 33.20
C GLU E 326 77.96 5.61 34.69
N SER E 327 77.73 4.33 35.02
CA SER E 327 77.67 3.85 36.41
C SER E 327 77.85 2.34 36.48
N THR E 328 77.96 1.79 37.69
CA THR E 328 78.00 0.35 37.82
C THR E 328 76.61 -0.21 37.64
N GLN E 329 75.65 0.37 38.37
CA GLN E 329 74.24 -0.04 38.26
C GLN E 329 73.30 1.04 38.75
N TRP E 330 73.75 2.29 38.72
CA TRP E 330 72.92 3.49 39.00
C TRP E 330 72.50 3.71 40.46
N TRP E 331 72.79 2.74 41.32
CA TRP E 331 72.37 2.82 42.72
C TRP E 331 73.52 2.34 43.60
N GLU E 332 74.60 3.11 43.58
CA GLU E 332 75.86 2.62 44.09
C GLU E 332 76.05 2.71 45.62
N ILE E 333 75.26 3.56 46.29
CA ILE E 333 75.41 3.76 47.73
C ILE E 333 74.23 3.37 48.56
N GLY E 334 74.49 2.80 49.73
CA GLY E 334 73.48 2.66 50.76
C GLY E 334 73.92 3.31 52.07
N ILE E 335 72.93 3.75 52.85
CA ILE E 335 73.08 4.51 54.05
C ILE E 335 72.23 3.76 55.11
N PHE E 336 72.81 3.52 56.29
CA PHE E 336 72.08 2.78 57.30
C PHE E 336 71.94 3.64 58.51
N THR E 337 70.74 3.68 59.07
CA THR E 337 70.57 4.52 60.23
C THR E 337 69.43 4.07 61.14
N PRO E 338 69.70 4.04 62.45
CA PRO E 338 68.61 3.74 63.39
C PRO E 338 67.80 5.01 63.65
N THR E 339 66.52 4.87 63.93
CA THR E 339 65.66 6.01 64.19
C THR E 339 65.21 6.04 65.65
N GLU E 340 65.70 5.06 66.42
CA GLU E 340 65.47 4.94 67.85
C GLU E 340 66.73 4.35 68.47
N ASP E 341 66.96 4.70 69.74
CA ASP E 341 68.09 4.20 70.52
C ASP E 341 68.10 2.68 70.65
N GLY E 342 69.29 2.12 70.87
CA GLY E 342 69.45 0.70 71.24
C GLY E 342 68.89 -0.35 70.29
N LEU E 343 69.09 -0.16 69.00
CA LEU E 343 68.80 -1.20 68.05
C LEU E 343 70.07 -1.95 67.80
N ASP E 344 69.98 -3.21 67.46
CA ASP E 344 71.16 -3.93 67.01
C ASP E 344 71.20 -4.08 65.49
N ARG E 345 70.18 -3.55 64.83
CA ARG E 345 70.05 -3.49 63.39
C ARG E 345 69.31 -2.22 63.11
N PRO E 346 69.72 -1.49 62.07
CA PRO E 346 68.99 -0.29 61.76
C PRO E 346 67.60 -0.63 61.23
N ASP E 347 66.68 0.29 61.43
CA ASP E 347 65.34 0.04 61.04
C ASP E 347 65.06 0.80 59.73
N LEU E 348 66.04 1.57 59.28
CA LEU E 348 65.90 2.38 58.09
C LEU E 348 67.17 2.30 57.26
N MET E 349 66.98 2.11 55.95
CA MET E 349 68.04 2.15 54.96
C MET E 349 67.60 3.12 53.84
N MET E 350 68.58 3.71 53.16
CA MET E 350 68.28 4.50 51.99
C MET E 350 69.24 4.04 50.98
N HIS E 351 68.79 3.97 49.73
CA HIS E 351 69.66 3.88 48.58
C HIS E 351 69.81 5.27 47.97
N TYR E 352 70.91 5.49 47.26
CA TYR E 352 71.08 6.71 46.50
C TYR E 352 71.22 6.36 45.02
N GLY E 353 70.52 7.09 44.16
CA GLY E 353 70.55 6.81 42.73
C GLY E 353 71.01 8.00 41.91
N SER E 354 71.96 7.79 41.01
CA SER E 354 72.46 8.88 40.18
C SER E 354 71.47 9.29 39.06
N VAL E 355 70.18 9.00 39.26
CA VAL E 355 69.11 9.27 38.30
C VAL E 355 67.84 9.72 39.04
N PRO E 356 66.87 10.30 38.31
CA PRO E 356 65.57 10.51 38.93
C PRO E 356 64.83 9.18 38.99
N PHE E 357 63.71 9.15 39.69
CA PHE E 357 63.01 7.90 39.83
C PHE E 357 61.56 8.26 40.01
N ASP E 358 60.91 8.57 38.87
CA ASP E 358 59.60 9.19 38.83
C ASP E 358 58.48 8.21 38.44
N MET E 359 58.81 6.93 38.44
CA MET E 359 57.84 5.84 38.25
C MET E 359 56.56 5.94 39.06
N ASN E 360 56.63 6.44 40.27
CA ASN E 360 55.42 6.61 41.07
C ASN E 360 55.00 8.06 41.32
N THR E 361 55.83 9.01 40.85
CA THR E 361 55.58 10.43 41.04
C THR E 361 55.00 11.09 39.79
N LEU E 362 55.42 10.65 38.62
CA LEU E 362 54.92 11.31 37.41
C LEU E 362 53.39 11.31 37.33
N ARG E 363 52.76 10.18 37.60
CA ARG E 363 51.32 10.06 37.46
C ARG E 363 50.57 10.98 38.45
N HIS E 364 51.32 11.54 39.39
CA HIS E 364 50.76 12.47 40.37
C HIS E 364 51.12 13.94 40.14
N GLY E 365 51.79 14.22 39.03
CA GLY E 365 51.98 15.58 38.59
C GLY E 365 53.22 16.17 39.23
N TYR E 366 54.04 15.30 39.81
CA TYR E 366 55.34 15.76 40.27
C TYR E 366 56.27 16.04 39.10
N PRO E 367 56.89 17.22 39.13
CA PRO E 367 57.82 17.65 38.12
C PRO E 367 58.98 16.68 38.03
N THR E 368 59.68 16.71 36.91
CA THR E 368 60.77 15.78 36.65
C THR E 368 61.97 16.51 36.08
N THR E 369 63.07 15.78 35.96
CA THR E 369 64.25 16.29 35.34
C THR E 369 64.88 15.16 34.57
N GLU E 370 65.85 15.49 33.73
CA GLU E 370 66.73 14.47 33.18
C GLU E 370 68.14 14.61 33.77
N ASN E 371 68.28 15.47 34.78
CA ASN E 371 69.54 15.60 35.48
C ASN E 371 69.32 15.75 37.00
N GLY E 372 69.43 14.64 37.72
CA GLY E 372 69.13 14.65 39.14
C GLY E 372 69.42 13.33 39.84
N PHE E 373 69.01 13.24 41.09
CA PHE E 373 69.25 12.04 41.87
C PHE E 373 68.12 11.74 42.86
N SER E 374 68.13 10.51 43.38
CA SER E 374 67.03 10.04 44.24
C SER E 374 67.52 9.45 45.54
N LEU E 375 66.82 9.76 46.62
CA LEU E 375 67.06 9.09 47.88
C LEU E 375 65.86 8.22 48.24
N THR E 376 66.08 6.93 48.38
CA THR E 376 64.96 6.02 48.60
C THR E 376 64.98 5.28 49.93
N PRO E 377 64.34 5.86 50.95
CA PRO E 377 64.24 5.18 52.23
C PRO E 377 63.34 3.93 52.18
N ASN E 378 63.80 2.86 52.84
CA ASN E 378 62.99 1.69 53.01
C ASN E 378 62.95 1.25 54.47
N VAL E 379 61.84 0.60 54.84
CA VAL E 379 61.68 0.05 56.19
C VAL E 379 62.23 -1.38 56.19
N THR E 380 63.31 -1.62 56.93
CA THR E 380 64.12 -2.86 56.84
C THR E 380 63.47 -4.09 57.52
N HIS E 381 62.68 -3.83 58.55
CA HIS E 381 61.92 -4.87 59.20
CA HIS E 381 61.92 -4.87 59.19
C HIS E 381 60.51 -4.37 59.37
N ALA E 382 59.78 -4.39 58.26
CA ALA E 382 58.43 -3.88 58.19
C ALA E 382 57.57 -4.85 58.90
N ARG E 383 56.55 -4.30 59.57
CA ARG E 383 55.72 -5.10 60.44
C ARG E 383 54.44 -5.45 59.78
N SER E 384 54.11 -4.74 58.72
CA SER E 384 53.04 -5.16 57.82
C SER E 384 53.28 -6.57 57.23
N ARG E 385 52.18 -7.30 57.06
CA ARG E 385 52.20 -8.66 56.56
CA ARG E 385 52.25 -8.63 56.49
C ARG E 385 51.07 -8.82 55.55
N GLY E 386 51.34 -9.42 54.38
CA GLY E 386 50.31 -9.57 53.36
C GLY E 386 50.10 -11.01 52.92
N THR E 387 49.43 -11.15 51.78
CA THR E 387 49.07 -12.47 51.28
C THR E 387 49.50 -12.69 49.82
N VAL E 388 49.61 -13.96 49.46
CA VAL E 388 49.71 -14.35 48.08
C VAL E 388 48.63 -15.39 47.88
N ARG E 389 47.74 -15.12 46.92
CA ARG E 389 46.58 -15.98 46.75
C ARG E 389 46.30 -16.32 45.29
N LEU E 390 45.55 -17.39 45.09
CA LEU E 390 45.16 -17.80 43.79
C LEU E 390 44.05 -16.91 43.34
N ARG E 391 44.20 -16.42 42.13
CA ARG E 391 43.16 -15.69 41.45
C ARG E 391 42.10 -16.66 40.89
N SER E 392 42.55 -17.83 40.44
CA SER E 392 41.69 -18.91 39.91
C SER E 392 42.40 -20.22 40.04
N ARG E 393 41.78 -21.29 39.52
CA ARG E 393 42.43 -22.62 39.41
C ARG E 393 43.29 -22.74 38.15
N ASP E 394 43.41 -21.64 37.40
CA ASP E 394 44.13 -21.64 36.13
C ASP E 394 45.60 -21.19 36.29
N PHE E 395 46.54 -22.12 36.26
CA PHE E 395 47.96 -21.75 36.39
C PHE E 395 48.44 -20.55 35.55
N ARG E 396 47.71 -20.15 34.52
CA ARG E 396 48.13 -19.01 33.70
C ARG E 396 47.69 -17.70 34.32
N ASP E 397 46.72 -17.79 35.21
CA ASP E 397 46.23 -16.58 35.85
C ASP E 397 47.23 -16.11 36.88
N LYS E 398 47.54 -14.81 36.83
CA LYS E 398 48.43 -14.17 37.79
C LYS E 398 47.87 -14.23 39.18
N PRO E 399 48.66 -14.72 40.14
CA PRO E 399 48.24 -14.85 41.53
C PRO E 399 47.89 -13.47 42.07
N MET E 400 47.16 -13.41 43.19
CA MET E 400 46.82 -12.11 43.80
C MET E 400 47.82 -11.78 44.88
N VAL E 401 48.59 -10.75 44.64
CA VAL E 401 49.64 -10.38 45.55
C VAL E 401 49.11 -9.16 46.29
N ASP E 402 48.91 -9.30 47.61
CA ASP E 402 48.45 -8.20 48.45
C ASP E 402 49.42 -8.01 49.59
N PRO E 403 50.37 -7.05 49.47
CA PRO E 403 51.34 -7.00 50.56
C PRO E 403 50.79 -6.26 51.76
N ARG E 404 49.68 -5.55 51.59
CA ARG E 404 49.05 -4.73 52.64
C ARG E 404 50.08 -3.79 53.29
N TYR E 405 50.70 -2.95 52.47
CA TYR E 405 51.62 -1.90 52.88
C TYR E 405 51.07 -0.98 53.98
N PHE E 406 51.91 -0.67 54.96
CA PHE E 406 51.61 0.33 55.98
C PHE E 406 50.27 0.08 56.61
N THR E 407 50.02 -1.19 56.96
CA THR E 407 48.78 -1.57 57.63
C THR E 407 48.99 -2.03 59.07
N ASP E 408 50.24 -2.04 59.52
CA ASP E 408 50.51 -2.51 60.87
C ASP E 408 49.81 -1.58 61.87
N PRO E 409 49.25 -2.18 62.93
CA PRO E 409 48.34 -1.42 63.81
C PRO E 409 49.09 -0.35 64.64
N GLU E 410 50.31 -0.68 65.05
CA GLU E 410 51.13 0.27 65.75
C GLU E 410 51.72 1.36 64.81
N GLY E 411 51.47 1.27 63.49
CA GLY E 411 51.94 2.30 62.53
C GLY E 411 53.45 2.49 62.39
N HIS E 412 54.20 1.43 62.69
CA HIS E 412 55.66 1.40 62.65
C HIS E 412 56.20 1.80 61.28
N ASP E 413 55.77 1.09 60.23
CA ASP E 413 56.33 1.26 58.88
C ASP E 413 56.13 2.66 58.34
N MET E 414 54.97 3.26 58.58
CA MET E 414 54.77 4.65 58.16
C MET E 414 55.71 5.56 58.94
N ARG E 415 55.75 5.35 60.27
CA ARG E 415 56.60 6.14 61.15
CA ARG E 415 56.59 6.17 61.13
C ARG E 415 58.06 6.05 60.67
N VAL E 416 58.53 4.84 60.43
CA VAL E 416 59.87 4.68 59.90
C VAL E 416 60.03 5.43 58.56
N MET E 417 59.02 5.36 57.70
CA MET E 417 59.13 5.97 56.37
C MET E 417 59.12 7.49 56.44
N VAL E 418 58.21 8.03 57.24
CA VAL E 418 58.22 9.45 57.52
C VAL E 418 59.62 9.95 57.93
N ALA E 419 60.21 9.34 58.95
CA ALA E 419 61.52 9.75 59.43
C ALA E 419 62.54 9.58 58.33
N GLY E 420 62.35 8.53 57.53
CA GLY E 420 63.25 8.23 56.45
C GLY E 420 63.21 9.30 55.38
N ILE E 421 62.04 9.88 55.15
CA ILE E 421 61.99 11.03 54.25
C ILE E 421 62.74 12.24 54.83
N ARG E 422 62.41 12.62 56.08
CA ARG E 422 63.11 13.68 56.80
C ARG E 422 64.63 13.55 56.80
N LYS E 423 65.05 12.32 57.01
CA LYS E 423 66.46 11.97 57.10
C LYS E 423 67.16 12.13 55.75
N ALA E 424 66.44 11.81 54.67
CA ALA E 424 66.95 11.99 53.32
C ALA E 424 67.19 13.48 53.03
N ARG E 425 66.19 14.31 53.29
CA ARG E 425 66.32 15.76 53.18
C ARG E 425 67.46 16.32 53.99
N GLU E 426 67.56 15.86 55.23
CA GLU E 426 68.59 16.33 56.16
C GLU E 426 69.98 16.10 55.56
N ILE E 427 70.20 14.95 54.93
CA ILE E 427 71.50 14.63 54.36
C ILE E 427 71.74 15.50 53.12
N ALA E 428 70.71 15.61 52.30
CA ALA E 428 70.72 16.43 51.09
C ALA E 428 71.09 17.87 51.39
N ALA E 429 70.68 18.33 52.58
CA ALA E 429 70.81 19.72 52.98
C ALA E 429 72.20 20.07 53.52
N GLN E 430 73.00 19.06 53.83
CA GLN E 430 74.36 19.24 54.33
C GLN E 430 75.30 19.94 53.32
N PRO E 431 76.26 20.76 53.84
CA PRO E 431 77.31 21.50 53.09
C PRO E 431 78.16 20.67 52.12
N ALA E 432 78.47 19.43 52.48
CA ALA E 432 79.30 18.61 51.61
C ALA E 432 78.61 18.40 50.27
N MET E 433 77.28 18.52 50.26
CA MET E 433 76.44 18.36 49.06
C MET E 433 75.94 19.69 48.47
N ALA E 434 76.36 20.81 49.05
CA ALA E 434 75.72 22.10 48.74
C ALA E 434 75.75 22.49 47.25
N GLU E 435 76.81 22.07 46.56
CA GLU E 435 76.98 22.42 45.16
C GLU E 435 76.41 21.36 44.23
N TRP E 436 75.70 20.41 44.83
CA TRP E 436 75.11 19.29 44.11
C TRP E 436 73.61 19.29 44.23
N THR E 437 73.11 19.57 45.42
CA THR E 437 71.69 19.49 45.73
C THR E 437 70.90 20.69 45.24
N GLY E 438 70.14 20.50 44.17
CA GLY E 438 69.26 21.57 43.71
C GLY E 438 67.85 21.47 44.30
N ARG E 439 66.88 21.99 43.55
CA ARG E 439 65.48 21.93 43.94
C ARG E 439 64.98 20.50 44.24
N GLU E 440 64.28 20.35 45.36
CA GLU E 440 63.61 19.09 45.66
C GLU E 440 62.39 18.92 44.76
N LEU E 441 62.38 17.86 43.97
CA LEU E 441 61.29 17.57 43.04
C LEU E 441 60.08 16.87 43.66
N SER E 442 60.31 15.87 44.50
CA SER E 442 59.27 15.16 45.25
C SER E 442 59.80 14.63 46.59
N PRO E 443 58.99 14.72 47.66
CA PRO E 443 57.62 15.23 47.77
C PRO E 443 57.45 16.72 47.50
N GLY E 444 58.56 17.45 47.40
CA GLY E 444 58.50 18.89 47.25
C GLY E 444 58.54 19.53 48.62
N VAL E 445 59.40 20.53 48.75
CA VAL E 445 59.63 21.21 50.02
C VAL E 445 58.35 21.66 50.71
N GLU E 446 57.30 21.96 49.95
CA GLU E 446 55.97 22.28 50.50
C GLU E 446 55.42 21.25 51.52
N ALA E 447 55.64 19.97 51.27
CA ALA E 447 55.13 18.95 52.18
C ALA E 447 56.04 18.85 53.40
N GLN E 448 55.45 19.07 54.58
CA GLN E 448 56.23 19.19 55.82
C GLN E 448 55.61 18.57 57.06
N THR E 449 54.29 18.60 57.19
CA THR E 449 53.63 17.90 58.30
C THR E 449 53.74 16.38 58.12
N ASP E 450 53.72 15.66 59.23
CA ASP E 450 53.59 14.20 59.21
C ASP E 450 52.44 13.80 58.25
N GLU E 451 51.29 14.47 58.35
CA GLU E 451 50.12 14.17 57.51
C GLU E 451 50.40 14.30 56.02
N GLU E 452 50.94 15.45 55.61
CA GLU E 452 51.29 15.68 54.20
C GLU E 452 52.31 14.66 53.67
N LEU E 453 53.30 14.32 54.49
CA LEU E 453 54.29 13.30 54.14
C LEU E 453 53.70 11.87 54.14
N GLN E 454 52.76 11.62 55.06
CA GLN E 454 52.00 10.39 55.06
C GLN E 454 51.15 10.15 53.79
N ASP E 455 50.44 11.16 53.30
CA ASP E 455 49.66 11.02 52.07
C ASP E 455 50.56 10.83 50.86
N TYR E 456 51.69 11.54 50.84
CA TYR E 456 52.73 11.39 49.84
C TYR E 456 53.29 9.95 49.75
N ILE E 457 53.61 9.36 50.90
CA ILE E 457 54.07 7.98 50.93
C ILE E 457 53.05 6.97 50.39
N ARG E 458 51.78 7.09 50.83
CA ARG E 458 50.64 6.26 50.37
C ARG E 458 50.41 6.33 48.86
N LYS E 459 50.62 7.51 48.29
CA LYS E 459 50.47 7.72 46.86
C LYS E 459 51.67 7.23 46.06
N THR E 460 52.89 7.37 46.57
CA THR E 460 54.02 7.27 45.64
C THR E 460 55.07 6.25 45.93
N HIS E 461 54.81 5.38 46.90
CA HIS E 461 55.87 4.52 47.37
C HIS E 461 56.11 3.41 46.37
N ASN E 462 57.27 2.76 46.47
CA ASN E 462 57.57 1.57 45.71
C ASN E 462 58.02 0.41 46.60
N THR E 463 58.87 -0.43 46.02
CA THR E 463 59.25 -1.61 46.68
C THR E 463 60.71 -1.68 46.37
N VAL E 464 61.47 -2.41 47.17
CA VAL E 464 62.86 -2.56 46.84
C VAL E 464 62.97 -3.87 46.07
N TYR E 465 61.80 -4.44 45.79
CA TYR E 465 61.62 -5.68 45.07
C TYR E 465 62.14 -6.85 45.84
N HIS E 466 61.91 -6.83 47.16
CA HIS E 466 62.36 -7.94 48.03
C HIS E 466 61.21 -8.62 48.77
N PRO E 467 60.26 -9.21 48.03
CA PRO E 467 59.20 -10.03 48.66
C PRO E 467 59.69 -11.36 49.24
N VAL E 468 59.24 -11.73 50.44
CA VAL E 468 59.64 -12.96 51.12
C VAL E 468 58.57 -13.44 52.09
N GLY E 469 58.73 -14.68 52.59
CA GLY E 469 58.05 -15.21 53.76
C GLY E 469 56.79 -16.02 53.54
N THR E 470 56.45 -16.22 52.28
CA THR E 470 55.17 -16.81 51.95
C THR E 470 55.07 -18.32 52.12
N VAL E 471 56.20 -18.98 52.35
CA VAL E 471 56.20 -20.43 52.64
C VAL E 471 57.31 -20.67 53.67
N ARG E 472 57.06 -20.17 54.88
CA ARG E 472 58.14 -20.07 55.89
C ARG E 472 58.56 -21.39 56.56
N MET E 473 59.84 -21.47 56.87
CA MET E 473 60.34 -22.56 57.67
C MET E 473 60.01 -22.15 59.08
N GLY E 474 59.73 -23.13 59.93
CA GLY E 474 59.37 -22.86 61.31
C GLY E 474 59.57 -24.08 62.14
N ALA E 475 59.13 -24.01 63.38
CA ALA E 475 59.14 -25.17 64.26
C ALA E 475 58.29 -26.29 63.60
N VAL E 476 58.60 -27.54 63.91
CA VAL E 476 57.85 -28.68 63.37
C VAL E 476 56.37 -28.68 63.80
N GLU E 477 56.10 -28.20 65.02
CA GLU E 477 54.76 -28.20 65.60
C GLU E 477 53.96 -26.93 65.27
N ASP E 478 54.54 -26.06 64.45
CA ASP E 478 53.91 -24.79 64.09
C ASP E 478 53.01 -24.97 62.84
N GLU E 479 51.70 -25.08 63.10
CA GLU E 479 50.69 -25.20 62.04
C GLU E 479 50.92 -24.15 60.95
N MET E 480 51.35 -22.96 61.38
CA MET E 480 51.46 -21.78 60.52
C MET E 480 52.79 -21.70 59.75
N SER E 481 53.68 -22.67 59.94
CA SER E 481 54.92 -22.75 59.15
C SER E 481 54.85 -23.90 58.16
N PRO E 482 54.71 -23.60 56.88
CA PRO E 482 54.48 -24.73 55.99
C PRO E 482 55.62 -25.74 55.95
N LEU E 483 56.86 -25.30 56.20
CA LEU E 483 58.02 -26.19 56.19
C LEU E 483 58.64 -26.40 57.56
N ASP E 484 59.27 -27.56 57.75
CA ASP E 484 60.09 -27.80 58.94
C ASP E 484 61.48 -27.13 58.77
N PRO E 485 62.35 -27.15 59.81
CA PRO E 485 63.71 -26.60 59.73
C PRO E 485 64.61 -27.21 58.62
N GLU E 486 64.18 -28.32 58.04
CA GLU E 486 64.97 -28.98 57.02
C GLU E 486 64.47 -28.61 55.62
N LEU E 487 63.55 -27.64 55.56
CA LEU E 487 62.98 -27.14 54.29
C LEU E 487 62.12 -28.17 53.54
N ARG E 488 61.77 -29.28 54.17
CA ARG E 488 60.77 -30.22 53.62
C ARG E 488 59.37 -29.69 53.91
N VAL E 489 58.50 -29.78 52.91
CA VAL E 489 57.08 -29.41 53.03
C VAL E 489 56.35 -30.42 53.90
N LYS E 490 55.60 -29.93 54.89
CA LYS E 490 54.90 -30.77 55.85
C LYS E 490 53.64 -31.37 55.23
N GLY E 491 53.25 -32.55 55.72
CA GLY E 491 52.08 -33.29 55.25
C GLY E 491 52.33 -34.06 53.96
N VAL E 492 53.59 -34.04 53.51
CA VAL E 492 53.99 -34.62 52.23
C VAL E 492 55.38 -35.21 52.44
N THR E 493 55.85 -36.09 51.54
CA THR E 493 57.27 -36.51 51.58
C THR E 493 57.95 -36.16 50.26
N GLY E 494 59.28 -36.04 50.28
CA GLY E 494 60.07 -35.88 49.04
C GLY E 494 59.99 -34.55 48.31
N LEU E 495 59.38 -33.57 48.99
CA LEU E 495 59.24 -32.21 48.47
C LEU E 495 59.80 -31.17 49.46
N ARG E 496 60.74 -30.37 48.96
CA ARG E 496 61.28 -29.22 49.69
C ARG E 496 61.06 -27.91 48.93
N VAL E 497 61.12 -26.79 49.66
CA VAL E 497 61.05 -25.46 49.06
C VAL E 497 62.26 -24.68 49.51
N ALA E 498 62.98 -24.12 48.55
CA ALA E 498 64.13 -23.31 48.86
C ALA E 498 64.20 -22.06 47.96
N ASP E 499 63.92 -20.90 48.59
CA ASP E 499 63.96 -19.58 47.96
C ASP E 499 63.52 -18.52 48.97
N ALA E 500 63.18 -17.33 48.48
CA ALA E 500 62.85 -16.22 49.37
C ALA E 500 61.64 -16.49 50.27
N SER E 501 60.81 -17.43 49.85
CA SER E 501 59.58 -17.72 50.58
C SER E 501 59.84 -18.45 51.92
N VAL E 502 61.04 -18.96 52.13
CA VAL E 502 61.31 -19.70 53.38
C VAL E 502 61.56 -18.81 54.60
N MET E 503 62.13 -17.62 54.41
CA MET E 503 62.42 -16.68 55.51
C MET E 503 61.27 -16.54 56.53
N PRO E 504 61.55 -16.72 57.82
CA PRO E 504 60.46 -16.44 58.76
C PRO E 504 60.36 -14.95 59.09
N GLU E 505 61.39 -14.17 58.79
CA GLU E 505 61.37 -12.74 59.07
C GLU E 505 62.36 -12.11 58.11
N HIS E 506 61.99 -11.00 57.49
CA HIS E 506 62.84 -10.43 56.45
C HIS E 506 64.26 -10.21 57.00
N VAL E 507 65.24 -10.17 56.12
CA VAL E 507 66.58 -9.74 56.50
C VAL E 507 66.65 -8.21 56.36
N THR E 508 67.59 -7.62 57.08
CA THR E 508 67.78 -6.16 57.17
C THR E 508 68.14 -5.55 55.83
N VAL E 509 68.76 -6.36 54.98
CA VAL E 509 69.48 -5.86 53.82
C VAL E 509 68.88 -6.53 52.59
N ASN E 510 69.27 -6.03 51.43
CA ASN E 510 69.01 -6.68 50.15
C ASN E 510 69.34 -8.18 50.23
N PRO E 511 68.35 -9.05 49.93
CA PRO E 511 68.44 -10.46 50.26
C PRO E 511 69.04 -11.40 49.23
N ASN E 512 69.45 -10.91 48.04
CA ASN E 512 69.91 -11.80 46.97
C ASN E 512 70.92 -12.79 47.53
N ILE E 513 72.02 -12.27 48.07
CA ILE E 513 73.09 -13.14 48.46
C ILE E 513 72.57 -14.14 49.48
N THR E 514 71.63 -13.71 50.32
CA THR E 514 71.11 -14.58 51.38
C THR E 514 70.31 -15.73 50.80
N VAL E 515 69.66 -15.50 49.65
CA VAL E 515 68.85 -16.52 49.02
C VAL E 515 69.76 -17.53 48.33
N MET E 516 70.83 -17.03 47.73
CA MET E 516 71.92 -17.92 47.29
C MET E 516 72.52 -18.80 48.39
N MET E 517 72.64 -18.25 49.59
CA MET E 517 73.04 -19.06 50.73
C MET E 517 71.98 -20.11 51.08
N ILE E 518 70.71 -19.74 50.92
CA ILE E 518 69.60 -20.64 51.24
C ILE E 518 69.69 -21.89 50.39
N GLY E 519 69.91 -21.68 49.10
CA GLY E 519 70.14 -22.78 48.13
C GLY E 519 71.37 -23.65 48.38
N GLU E 520 72.51 -23.00 48.62
CA GLU E 520 73.71 -23.70 49.12
C GLU E 520 73.32 -24.61 50.26
N ARG E 521 72.48 -24.12 51.15
CA ARG E 521 72.12 -24.88 52.37
C ARG E 521 71.16 -26.00 52.04
N CYS E 522 70.32 -25.77 51.03
CA CYS E 522 69.37 -26.81 50.68
C CYS E 522 70.23 -27.95 50.18
N ALA E 523 71.11 -27.66 49.21
CA ALA E 523 72.06 -28.69 48.75
C ALA E 523 72.56 -29.54 49.90
N ASP E 524 73.08 -28.87 50.95
CA ASP E 524 73.72 -29.56 52.07
C ASP E 524 72.75 -30.33 52.94
N LEU E 525 71.47 -29.96 52.96
CA LEU E 525 70.51 -30.73 53.75
C LEU E 525 70.13 -32.03 53.07
N ILE E 526 70.04 -31.98 51.74
CA ILE E 526 69.63 -33.12 50.90
C ILE E 526 70.72 -34.21 50.79
N ARG E 527 71.97 -33.79 50.49
CA ARG E 527 73.11 -34.70 50.57
C ARG E 527 73.63 -34.59 51.98
N SER E 528 73.24 -35.56 52.78
CA SER E 528 73.28 -35.49 54.23
C SER E 528 72.02 -36.20 54.69
N ALA E 529 71.01 -36.21 53.81
CA ALA E 529 69.79 -36.99 53.98
C ALA E 529 70.09 -38.47 53.74
N ARG E 530 70.77 -38.76 52.63
CA ARG E 530 71.65 -39.93 52.52
C ARG E 530 72.46 -39.99 51.23
N MET F 1 68.48 2.53 6.21
CA MET F 1 69.22 1.88 7.34
C MET F 1 68.30 1.37 8.45
N HIS F 2 68.71 0.32 9.14
CA HIS F 2 68.11 -0.08 10.39
C HIS F 2 68.90 0.36 11.63
N ILE F 3 68.35 1.33 12.37
CA ILE F 3 68.96 1.87 13.61
C ILE F 3 68.31 1.27 14.86
N ASP F 4 69.06 0.52 15.66
CA ASP F 4 68.50 0.03 16.94
C ASP F 4 69.15 0.65 18.19
N ASN F 5 69.62 1.88 18.07
CA ASN F 5 70.34 2.58 19.12
C ASN F 5 70.35 4.02 18.68
N ILE F 6 69.53 4.83 19.35
CA ILE F 6 69.23 6.19 18.92
C ILE F 6 70.50 7.05 18.87
N GLU F 7 71.39 6.80 19.83
CA GLU F 7 72.71 7.44 19.89
C GLU F 7 73.37 7.44 18.51
N ASN F 8 73.39 6.28 17.84
CA ASN F 8 74.03 6.16 16.51
C ASN F 8 73.20 6.68 15.35
N LEU F 9 72.35 7.66 15.62
CA LEU F 9 71.66 8.36 14.56
C LEU F 9 71.91 9.86 14.70
N SER F 10 72.90 10.35 13.95
CA SER F 10 73.21 11.77 13.96
C SER F 10 72.03 12.55 13.42
N ASP F 11 71.48 12.10 12.30
CA ASP F 11 70.49 12.90 11.64
C ASP F 11 69.05 12.53 12.06
N ARG F 12 68.33 13.50 12.62
CA ARG F 12 67.02 13.24 13.22
C ARG F 12 65.90 14.03 12.53
N GLU F 13 66.07 14.31 11.24
CA GLU F 13 65.03 15.02 10.50
C GLU F 13 64.58 14.26 9.28
N PHE F 14 63.28 14.21 9.09
CA PHE F 14 62.70 13.35 8.06
C PHE F 14 61.57 14.11 7.42
N ASP F 15 61.21 13.71 6.22
CA ASP F 15 60.03 14.32 5.59
C ASP F 15 58.77 13.80 6.23
N TYR F 16 58.81 12.51 6.56
CA TYR F 16 57.63 11.84 7.06
C TYR F 16 57.99 10.96 8.26
N ILE F 17 57.20 11.07 9.32
CA ILE F 17 57.34 10.16 10.45
C ILE F 17 56.13 9.26 10.63
N VAL F 18 56.39 7.96 10.60
CA VAL F 18 55.34 7.01 10.84
C VAL F 18 55.59 6.23 12.13
N VAL F 19 54.61 6.26 13.01
CA VAL F 19 54.79 5.69 14.34
C VAL F 19 54.03 4.40 14.51
N GLY F 20 54.77 3.31 14.65
CA GLY F 20 54.21 1.96 14.76
C GLY F 20 54.18 1.25 13.42
N GLY F 21 55.05 0.26 13.29
CA GLY F 21 55.08 -0.53 12.06
C GLY F 21 54.18 -1.75 12.16
N GLY F 22 52.89 -1.49 12.35
CA GLY F 22 51.92 -2.53 12.40
C GLY F 22 51.47 -2.84 11.01
N SER F 23 50.21 -3.23 10.87
CA SER F 23 49.65 -3.64 9.58
C SER F 23 49.54 -2.44 8.65
N ALA F 24 48.99 -1.35 9.17
CA ALA F 24 48.88 -0.10 8.39
C ALA F 24 50.22 0.64 8.25
N GLY F 25 51.01 0.60 9.32
CA GLY F 25 52.11 1.53 9.47
C GLY F 25 53.25 1.12 8.60
N ALA F 26 53.50 -0.19 8.53
CA ALA F 26 54.59 -0.71 7.72
C ALA F 26 54.23 -0.45 6.27
N ALA F 27 52.96 -0.56 5.93
CA ALA F 27 52.50 -0.31 4.58
C ALA F 27 52.59 1.18 4.13
N VAL F 28 52.14 2.11 4.96
CA VAL F 28 52.26 3.48 4.56
C VAL F 28 53.75 3.91 4.54
N ALA F 29 54.59 3.34 5.40
CA ALA F 29 55.99 3.70 5.34
C ALA F 29 56.72 3.14 4.10
N ALA F 30 56.38 1.93 3.69
CA ALA F 30 57.05 1.31 2.57
C ALA F 30 56.64 2.01 1.29
N ARG F 31 55.38 2.46 1.21
CA ARG F 31 54.86 3.16 0.01
C ARG F 31 55.31 4.62 -0.15
N LEU F 32 55.38 5.36 0.95
CA LEU F 32 55.84 6.72 0.83
C LEU F 32 57.28 6.66 0.35
N SER F 33 58.04 5.71 0.87
CA SER F 33 59.44 5.62 0.51
C SER F 33 59.63 5.21 -0.94
N GLU F 34 58.54 5.03 -1.67
CA GLU F 34 58.66 4.60 -3.05
C GLU F 34 59.12 5.75 -3.92
N ASP F 35 58.92 6.95 -3.41
CA ASP F 35 59.45 8.13 -4.01
C ASP F 35 60.87 8.35 -3.47
N PRO F 36 61.88 8.42 -4.36
CA PRO F 36 63.25 8.59 -3.84
C PRO F 36 63.48 10.00 -3.30
N ALA F 37 62.58 10.93 -3.61
CA ALA F 37 62.68 12.35 -3.23
C ALA F 37 62.36 12.58 -1.75
N VAL F 38 61.51 11.69 -1.24
CA VAL F 38 60.85 11.83 0.05
C VAL F 38 61.66 11.03 1.11
N SER F 39 61.51 11.43 2.37
CA SER F 39 62.35 10.93 3.42
C SER F 39 61.47 10.28 4.53
N VAL F 40 61.71 9.01 4.87
CA VAL F 40 60.78 8.23 5.66
C VAL F 40 61.38 7.65 6.95
N ALA F 41 60.88 8.09 8.10
CA ALA F 41 61.16 7.39 9.35
C ALA F 41 59.98 6.48 9.78
N LEU F 42 60.28 5.22 10.12
CA LEU F 42 59.29 4.28 10.70
C LEU F 42 59.73 3.98 12.10
N VAL F 43 58.92 4.40 13.07
CA VAL F 43 59.25 4.29 14.49
C VAL F 43 58.35 3.28 15.18
N GLU F 44 58.97 2.19 15.65
CA GLU F 44 58.27 1.08 16.31
C GLU F 44 58.78 0.85 17.75
N ALA F 45 57.86 0.57 18.68
CA ALA F 45 58.29 0.38 20.08
C ALA F 45 58.97 -0.96 20.32
N GLY F 46 58.59 -2.01 19.59
CA GLY F 46 59.15 -3.36 19.73
C GLY F 46 60.45 -3.62 18.98
N PRO F 47 60.95 -4.86 19.01
CA PRO F 47 62.13 -5.24 18.21
C PRO F 47 61.82 -5.66 16.76
N ASP F 48 62.89 -5.93 16.03
CA ASP F 48 62.84 -6.26 14.64
C ASP F 48 62.50 -7.75 14.61
N ASP F 49 61.80 -8.19 13.56
CA ASP F 49 61.33 -9.58 13.49
C ASP F 49 62.32 -10.49 12.81
N ARG F 50 63.03 -9.95 11.83
CA ARG F 50 64.08 -10.73 11.13
C ARG F 50 64.91 -11.51 12.14
N GLY F 51 65.05 -12.80 11.89
CA GLY F 51 65.73 -13.71 12.80
C GLY F 51 64.92 -14.18 14.00
N VAL F 52 63.63 -13.88 14.04
CA VAL F 52 62.83 -14.22 15.22
C VAL F 52 61.79 -15.32 14.89
N PRO F 53 62.22 -16.58 15.03
CA PRO F 53 61.46 -17.75 14.52
C PRO F 53 60.02 -17.84 15.05
N GLU F 54 59.82 -17.62 16.34
CA GLU F 54 58.47 -17.66 16.90
C GLU F 54 57.52 -16.59 16.27
N VAL F 55 58.09 -15.49 15.81
CA VAL F 55 57.31 -14.50 15.07
C VAL F 55 57.16 -14.95 13.60
N LEU F 56 58.27 -15.26 12.92
CA LEU F 56 58.20 -15.47 11.48
C LEU F 56 57.45 -16.76 11.04
N GLN F 57 57.44 -17.77 11.89
CA GLN F 57 56.75 -19.02 11.61
C GLN F 57 55.31 -18.95 12.07
N LEU F 58 54.41 -18.83 11.09
CA LEU F 58 52.99 -18.72 11.35
C LEU F 58 52.45 -19.83 12.26
N ASP F 59 52.84 -21.09 12.05
CA ASP F 59 52.31 -22.18 12.91
C ASP F 59 52.61 -22.04 14.43
N ARG F 60 53.46 -21.08 14.76
CA ARG F 60 53.84 -20.79 16.14
C ARG F 60 53.18 -19.54 16.71
N TRP F 61 52.16 -18.97 16.07
CA TRP F 61 51.62 -17.69 16.52
C TRP F 61 51.06 -17.71 17.95
N MET F 62 50.35 -18.80 18.28
CA MET F 62 49.74 -18.96 19.62
C MET F 62 50.72 -18.90 20.77
N GLU F 63 51.99 -19.12 20.48
CA GLU F 63 53.01 -19.03 21.50
C GLU F 63 53.32 -17.60 21.86
N LEU F 64 52.81 -16.62 21.11
CA LEU F 64 53.24 -15.22 21.34
C LEU F 64 52.36 -14.41 22.29
N LEU F 65 51.26 -15.01 22.73
CA LEU F 65 50.27 -14.33 23.56
C LEU F 65 50.84 -14.30 24.92
N GLU F 66 50.83 -13.10 25.55
CA GLU F 66 51.43 -12.91 26.90
C GLU F 66 52.92 -13.31 26.91
N SER F 67 53.59 -13.07 25.79
CA SER F 67 55.02 -13.30 25.70
C SER F 67 55.69 -11.96 25.89
N GLY F 68 56.97 -11.85 25.60
CA GLY F 68 57.68 -10.57 25.66
C GLY F 68 57.34 -9.71 24.46
N TYR F 69 56.76 -10.36 23.45
CA TYR F 69 56.13 -9.68 22.28
C TYR F 69 54.68 -9.19 22.40
N ASP F 70 54.10 -9.21 23.61
CA ASP F 70 52.70 -8.76 23.80
C ASP F 70 52.70 -7.58 24.73
N TRP F 71 52.11 -6.47 24.30
CA TRP F 71 51.83 -5.39 25.26
C TRP F 71 51.00 -5.87 26.44
N ASP F 72 50.05 -6.78 26.16
CA ASP F 72 49.20 -7.45 27.18
C ASP F 72 48.23 -6.47 27.84
N TYR F 73 47.14 -6.16 27.16
CA TYR F 73 46.22 -5.15 27.71
C TYR F 73 45.02 -5.83 28.34
N PRO F 74 44.96 -5.84 29.69
CA PRO F 74 43.78 -6.32 30.40
C PRO F 74 42.61 -5.37 30.27
N ILE F 75 41.40 -5.90 30.16
CA ILE F 75 40.29 -4.97 30.09
C ILE F 75 39.84 -4.57 31.48
N GLU F 76 39.05 -3.51 31.49
CA GLU F 76 38.36 -2.99 32.65
C GLU F 76 37.23 -3.96 33.01
N PRO F 77 36.91 -4.07 34.32
CA PRO F 77 35.87 -5.03 34.69
C PRO F 77 34.63 -4.86 33.83
N GLN F 78 33.97 -5.97 33.52
CA GLN F 78 32.89 -5.96 32.58
C GLN F 78 31.50 -6.05 33.21
N GLU F 79 30.60 -5.22 32.67
CA GLU F 79 29.24 -5.13 33.12
C GLU F 79 28.48 -6.42 32.78
N ASN F 80 28.54 -6.80 31.51
CA ASN F 80 27.92 -8.02 31.06
C ASN F 80 28.90 -8.98 30.36
N GLY F 81 30.14 -9.03 30.85
CA GLY F 81 31.21 -9.80 30.20
C GLY F 81 32.17 -10.55 31.11
N ASN F 82 33.30 -10.95 30.52
CA ASN F 82 34.38 -11.73 31.13
C ASN F 82 35.58 -10.85 31.40
N SER F 83 35.61 -10.37 32.62
CA SER F 83 36.63 -9.46 33.13
C SER F 83 38.04 -9.99 33.21
N PHE F 84 38.26 -11.24 32.76
CA PHE F 84 39.60 -11.87 32.74
C PHE F 84 40.13 -11.86 31.31
N MET F 85 39.33 -11.38 30.39
CA MET F 85 39.74 -11.35 29.02
C MET F 85 40.88 -10.33 28.84
N ARG F 86 41.80 -10.65 27.95
CA ARG F 86 42.99 -9.82 27.80
C ARG F 86 43.07 -9.42 26.35
N HIS F 87 43.42 -8.16 26.09
CA HIS F 87 43.59 -7.74 24.71
C HIS F 87 45.06 -7.85 24.33
N ALA F 88 45.41 -9.01 23.79
CA ALA F 88 46.78 -9.29 23.32
C ALA F 88 47.16 -8.43 22.09
N ARG F 89 48.29 -7.74 22.18
CA ARG F 89 48.71 -6.78 21.11
C ARG F 89 50.17 -6.99 20.91
N ALA F 90 50.55 -7.19 19.64
CA ALA F 90 51.92 -7.50 19.27
C ALA F 90 52.84 -6.27 19.46
N LYS F 91 54.03 -6.51 19.97
CA LYS F 91 54.98 -5.44 20.18
C LYS F 91 56.26 -5.85 19.51
N VAL F 92 56.40 -5.51 18.24
CA VAL F 92 57.40 -6.10 17.38
C VAL F 92 57.09 -5.59 15.99
N MET F 93 58.11 -5.46 15.14
CA MET F 93 57.90 -5.01 13.76
C MET F 93 56.86 -5.89 13.10
N GLY F 94 55.95 -5.25 12.39
CA GLY F 94 54.81 -5.95 11.83
C GLY F 94 53.52 -5.77 12.63
N GLY F 95 53.62 -5.40 13.92
CA GLY F 95 52.39 -5.14 14.68
C GLY F 95 51.59 -6.42 14.89
N CYS F 96 50.26 -6.40 14.90
CA CYS F 96 49.54 -7.68 15.10
C CYS F 96 49.62 -8.61 13.87
N SER F 97 49.89 -8.00 12.72
CA SER F 97 50.28 -8.71 11.51
C SER F 97 51.42 -9.72 11.84
N SER F 98 52.18 -9.45 12.90
CA SER F 98 53.23 -10.39 13.31
C SER F 98 52.85 -11.41 14.36
N HIS F 99 51.68 -11.28 15.00
CA HIS F 99 51.24 -12.29 16.00
C HIS F 99 49.95 -13.10 15.64
N ASN F 100 49.30 -12.68 14.58
CA ASN F 100 47.98 -13.15 14.21
C ASN F 100 47.92 -14.47 13.41
N ALA F 101 46.76 -14.87 12.92
CA ALA F 101 46.62 -16.22 12.33
C ALA F 101 46.63 -16.18 10.81
N CYS F 102 46.88 -15.00 10.27
CA CYS F 102 47.02 -14.85 8.86
C CYS F 102 45.80 -15.29 8.11
N ILE F 103 44.63 -15.21 8.73
CA ILE F 103 43.38 -15.33 7.98
C ILE F 103 43.19 -14.05 7.21
N ALA F 104 42.96 -14.19 5.90
CA ALA F 104 43.03 -13.04 4.95
C ALA F 104 41.80 -12.86 4.14
N PHE F 105 41.05 -11.80 4.46
CA PHE F 105 39.86 -11.46 3.72
C PHE F 105 39.87 -10.09 3.12
N TRP F 106 39.29 -10.02 1.93
CA TRP F 106 38.83 -8.79 1.35
C TRP F 106 37.56 -8.48 2.14
N ALA F 107 37.40 -7.27 2.63
CA ALA F 107 36.16 -6.80 3.26
C ALA F 107 35.01 -6.68 2.27
N PRO F 108 33.84 -7.18 2.69
CA PRO F 108 32.66 -7.11 1.85
C PRO F 108 32.48 -5.72 1.27
N ARG F 109 32.06 -5.67 0.00
CA ARG F 109 31.79 -4.41 -0.68
C ARG F 109 30.72 -3.68 0.08
N GLU F 110 29.76 -4.42 0.63
CA GLU F 110 28.68 -3.71 1.34
C GLU F 110 29.14 -3.03 2.64
N ASP F 111 30.22 -3.56 3.26
CA ASP F 111 30.82 -2.86 4.40
C ASP F 111 31.47 -1.58 3.94
N LEU F 112 32.22 -1.68 2.84
CA LEU F 112 33.04 -0.58 2.44
C LEU F 112 32.23 0.59 1.88
N ASP F 113 31.22 0.30 1.09
CA ASP F 113 30.36 1.36 0.54
C ASP F 113 29.62 2.17 1.59
N GLU F 114 29.37 1.56 2.75
CA GLU F 114 28.67 2.26 3.81
C GLU F 114 29.54 3.30 4.48
N TRP F 115 30.85 3.17 4.39
CA TRP F 115 31.67 4.16 5.05
C TRP F 115 31.32 5.55 4.47
N GLU F 116 31.26 5.63 3.16
CA GLU F 116 30.90 6.88 2.54
C GLU F 116 29.42 7.08 2.77
N ALA F 117 28.65 6.06 2.43
CA ALA F 117 27.23 6.23 2.23
C ALA F 117 26.44 6.42 3.52
N LYS F 118 26.89 5.78 4.59
CA LYS F 118 26.20 5.89 5.86
C LYS F 118 26.97 6.68 6.89
N TYR F 119 28.29 6.73 6.74
CA TYR F 119 29.07 7.25 7.83
C TYR F 119 29.99 8.43 7.50
N GLY F 120 29.68 9.17 6.42
CA GLY F 120 30.17 10.53 6.24
C GLY F 120 31.54 10.58 5.62
N ALA F 121 32.07 9.40 5.33
CA ALA F 121 33.44 9.26 4.87
C ALA F 121 33.57 9.42 3.36
N THR F 122 33.57 10.66 2.89
CA THR F 122 33.74 10.92 1.45
C THR F 122 34.92 10.11 0.91
N GLY F 123 34.68 9.38 -0.17
CA GLY F 123 35.76 8.73 -0.93
C GLY F 123 36.05 7.29 -0.51
N TRP F 124 35.39 6.82 0.54
CA TRP F 124 35.66 5.48 1.08
C TRP F 124 34.54 4.47 0.72
N ASN F 125 34.87 3.59 -0.19
CA ASN F 125 33.88 2.76 -0.73
C ASN F 125 34.67 1.71 -1.43
N ALA F 126 33.99 0.66 -1.88
CA ALA F 126 34.66 -0.43 -2.61
C ALA F 126 35.55 0.00 -3.84
N GLU F 127 35.05 0.88 -4.71
CA GLU F 127 35.86 1.37 -5.85
C GLU F 127 37.27 1.84 -5.40
N ALA F 128 37.35 2.69 -4.38
CA ALA F 128 38.64 3.00 -3.73
C ALA F 128 39.42 1.73 -3.30
N ALA F 129 38.81 0.87 -2.46
CA ALA F 129 39.52 -0.26 -1.81
C ALA F 129 40.04 -1.37 -2.71
N TRP F 130 39.27 -1.71 -3.75
CA TRP F 130 39.49 -2.87 -4.60
C TRP F 130 40.80 -2.85 -5.40
N PRO F 131 41.08 -1.73 -6.10
CA PRO F 131 42.40 -1.55 -6.75
C PRO F 131 43.57 -1.67 -5.73
N LEU F 132 43.36 -1.20 -4.49
CA LEU F 132 44.41 -1.33 -3.47
C LEU F 132 44.60 -2.77 -2.98
N TYR F 133 43.48 -3.49 -2.79
CA TYR F 133 43.55 -4.90 -2.43
C TYR F 133 44.36 -5.68 -3.45
N LYS F 134 44.05 -5.43 -4.72
CA LYS F 134 44.79 -5.96 -5.85
C LYS F 134 46.30 -5.62 -5.73
N ARG F 135 46.59 -4.36 -5.42
CA ARG F 135 47.96 -3.85 -5.36
C ARG F 135 48.79 -4.55 -4.28
N LEU F 136 48.20 -4.66 -3.09
CA LEU F 136 48.87 -5.28 -1.97
C LEU F 136 49.13 -6.80 -2.11
N GLU F 137 48.35 -7.51 -2.91
CA GLU F 137 48.43 -8.97 -2.92
C GLU F 137 49.12 -9.63 -4.11
N THR F 138 49.80 -10.73 -3.81
CA THR F 138 50.05 -11.82 -4.75
C THR F 138 49.09 -12.96 -4.30
N ASN F 139 47.93 -13.06 -4.96
CA ASN F 139 46.93 -14.09 -4.65
C ASN F 139 46.99 -15.34 -5.51
N GLU F 140 47.02 -16.51 -4.87
CA GLU F 140 46.94 -17.77 -5.61
C GLU F 140 45.75 -17.90 -6.59
N ASP F 141 44.63 -17.22 -6.35
CA ASP F 141 43.46 -17.37 -7.22
C ASP F 141 43.43 -16.42 -8.45
N ALA F 142 44.47 -15.57 -8.58
CA ALA F 142 44.59 -14.68 -9.75
C ALA F 142 44.73 -15.43 -11.08
N GLY F 143 44.38 -14.71 -12.12
CA GLY F 143 44.30 -15.27 -13.43
C GLY F 143 43.13 -14.57 -14.08
N PRO F 144 42.99 -14.76 -15.41
CA PRO F 144 41.96 -14.11 -16.22
C PRO F 144 40.56 -14.37 -15.71
N ASP F 145 40.29 -15.53 -15.09
CA ASP F 145 38.91 -15.79 -14.58
C ASP F 145 38.57 -15.15 -13.21
N ALA F 146 39.49 -14.34 -12.68
CA ALA F 146 39.30 -13.59 -11.44
C ALA F 146 40.11 -12.29 -11.46
N PRO F 147 39.87 -11.43 -12.47
CA PRO F 147 40.78 -10.30 -12.72
C PRO F 147 40.87 -9.28 -11.60
N HIS F 148 40.01 -9.38 -10.59
CA HIS F 148 40.15 -8.47 -9.45
C HIS F 148 41.40 -8.70 -8.58
N HIS F 149 41.99 -9.88 -8.68
CA HIS F 149 43.02 -10.32 -7.79
C HIS F 149 44.40 -9.90 -8.27
N GLY F 150 45.35 -9.84 -7.33
CA GLY F 150 46.72 -9.41 -7.62
C GLY F 150 47.63 -10.60 -7.85
N ASP F 151 48.61 -10.41 -8.73
CA ASP F 151 49.60 -11.46 -9.03
C ASP F 151 51.05 -11.05 -8.73
N SER F 152 51.25 -9.90 -8.11
CA SER F 152 52.59 -9.41 -7.89
C SER F 152 52.72 -8.42 -6.74
N GLY F 153 51.76 -8.42 -5.80
CA GLY F 153 51.79 -7.53 -4.64
C GLY F 153 52.71 -8.12 -3.58
N PRO F 154 53.16 -7.28 -2.62
CA PRO F 154 54.13 -7.73 -1.61
C PRO F 154 53.59 -8.81 -0.63
N VAL F 155 52.27 -8.79 -0.36
CA VAL F 155 51.60 -9.70 0.59
C VAL F 155 51.07 -10.98 -0.09
N HIS F 156 51.62 -12.14 0.27
CA HIS F 156 51.27 -13.39 -0.40
C HIS F 156 50.05 -14.03 0.22
N LEU F 157 49.00 -14.23 -0.57
CA LEU F 157 47.85 -15.02 -0.09
C LEU F 157 47.86 -16.30 -0.83
N MET F 158 47.52 -17.36 -0.08
CA MET F 158 47.46 -18.73 -0.57
C MET F 158 46.24 -19.39 0.03
N ASN F 159 45.70 -20.36 -0.69
CA ASN F 159 44.64 -21.22 -0.18
C ASN F 159 45.14 -22.24 0.81
N VAL F 160 44.51 -22.31 1.99
CA VAL F 160 44.80 -23.38 2.94
C VAL F 160 44.47 -24.76 2.33
N PRO F 161 45.47 -25.61 2.13
CA PRO F 161 45.20 -26.91 1.51
C PRO F 161 44.25 -27.80 2.35
N PRO F 162 43.28 -28.44 1.70
CA PRO F 162 42.31 -29.23 2.50
C PRO F 162 42.83 -30.56 3.06
N LYS F 163 43.91 -30.56 3.85
CA LYS F 163 44.47 -31.83 4.32
C LYS F 163 43.83 -32.38 5.62
N ASP F 164 43.27 -31.51 6.45
CA ASP F 164 42.70 -31.93 7.73
C ASP F 164 41.37 -32.72 7.54
N PRO F 165 41.36 -34.02 7.86
CA PRO F 165 40.12 -34.78 7.60
C PRO F 165 38.92 -34.33 8.42
N THR F 166 39.16 -33.78 9.61
CA THR F 166 38.10 -33.29 10.48
C THR F 166 37.47 -32.04 9.86
N GLY F 167 38.33 -31.19 9.28
CA GLY F 167 37.91 -29.98 8.59
C GLY F 167 37.10 -30.28 7.34
N VAL F 168 37.63 -31.15 6.51
CA VAL F 168 36.85 -31.73 5.41
C VAL F 168 35.49 -32.28 5.88
N ALA F 169 35.49 -32.94 7.04
CA ALA F 169 34.27 -33.54 7.57
C ALA F 169 33.35 -32.47 8.09
N LEU F 170 33.92 -31.45 8.73
CA LEU F 170 33.11 -30.32 9.21
C LEU F 170 32.49 -29.58 8.04
N LEU F 171 33.24 -29.48 6.96
CA LEU F 171 32.69 -28.88 5.76
C LEU F 171 31.50 -29.72 5.25
N ASP F 172 31.67 -31.04 5.13
CA ASP F 172 30.53 -31.86 4.67
C ASP F 172 29.34 -31.75 5.60
N ALA F 173 29.62 -31.63 6.90
CA ALA F 173 28.61 -31.41 7.92
C ALA F 173 27.87 -30.08 7.69
N CYS F 174 28.64 -29.04 7.35
CA CYS F 174 28.10 -27.75 7.03
C CYS F 174 27.09 -27.84 5.90
N GLU F 175 27.37 -28.66 4.88
CA GLU F 175 26.40 -28.83 3.77
C GLU F 175 25.10 -29.51 4.25
N GLN F 176 25.24 -30.57 5.03
CA GLN F 176 24.07 -31.19 5.62
C GLN F 176 23.36 -30.14 6.46
N ALA F 177 24.11 -29.22 7.06
CA ALA F 177 23.45 -28.22 7.92
C ALA F 177 22.74 -27.08 7.15
N GLY F 178 22.85 -27.09 5.83
CA GLY F 178 22.29 -26.01 5.01
C GLY F 178 23.33 -24.94 4.69
N ILE F 179 24.58 -25.18 5.10
CA ILE F 179 25.69 -24.24 4.78
C ILE F 179 26.64 -24.75 3.69
N PRO F 180 26.60 -24.08 2.54
CA PRO F 180 27.35 -24.54 1.38
C PRO F 180 28.84 -24.18 1.44
N ARG F 181 29.66 -24.99 0.77
CA ARG F 181 31.01 -24.61 0.42
C ARG F 181 30.95 -23.37 -0.47
N ALA F 182 31.76 -22.38 -0.10
CA ALA F 182 31.81 -21.08 -0.78
C ALA F 182 33.26 -20.71 -0.97
N LYS F 183 33.56 -20.07 -2.09
CA LYS F 183 34.91 -19.59 -2.36
C LYS F 183 35.14 -18.22 -1.70
N PHE F 184 36.31 -17.99 -1.11
CA PHE F 184 36.54 -16.73 -0.36
C PHE F 184 37.28 -15.71 -1.25
N ASN F 185 37.04 -14.42 -1.01
CA ASN F 185 37.68 -13.31 -1.73
C ASN F 185 37.46 -13.27 -3.26
N THR F 186 36.26 -13.66 -3.69
CA THR F 186 35.91 -13.66 -5.10
C THR F 186 35.41 -12.31 -5.52
N GLY F 187 35.07 -11.44 -4.58
CA GLY F 187 34.45 -10.20 -5.00
C GLY F 187 33.03 -10.10 -4.52
N THR F 188 32.46 -11.22 -4.14
CA THR F 188 31.05 -11.26 -3.85
C THR F 188 30.99 -11.81 -2.47
N THR F 189 30.18 -11.16 -1.65
CA THR F 189 30.17 -11.43 -0.25
C THR F 189 29.48 -12.75 0.03
N VAL F 190 30.11 -13.54 0.90
CA VAL F 190 29.56 -14.81 1.40
C VAL F 190 28.66 -14.59 2.66
N VAL F 191 27.37 -14.84 2.51
CA VAL F 191 26.39 -14.64 3.58
C VAL F 191 26.13 -15.99 4.26
N ASN F 192 26.21 -17.06 3.50
CA ASN F 192 25.91 -18.35 3.99
C ASN F 192 26.86 -19.28 3.31
N GLY F 193 27.95 -19.66 3.96
CA GLY F 193 28.88 -20.56 3.31
C GLY F 193 30.12 -20.76 4.11
N ALA F 194 30.83 -21.85 3.80
CA ALA F 194 31.97 -22.23 4.57
C ALA F 194 33.17 -22.70 3.73
N ASN F 195 34.38 -22.48 4.23
CA ASN F 195 35.54 -23.12 3.63
C ASN F 195 36.86 -23.00 4.39
N PHE F 196 37.87 -23.71 3.88
CA PHE F 196 39.25 -23.47 4.22
C PHE F 196 39.59 -22.07 3.77
N PHE F 197 40.34 -21.38 4.61
CA PHE F 197 40.64 -19.97 4.43
C PHE F 197 41.63 -19.70 3.29
N GLN F 198 41.58 -18.47 2.78
CA GLN F 198 42.81 -17.86 2.25
C GLN F 198 43.65 -17.38 3.44
N ILE F 199 44.92 -17.80 3.47
CA ILE F 199 45.84 -17.25 4.47
C ILE F 199 46.98 -16.46 3.83
N ASN F 200 47.36 -15.34 4.44
CA ASN F 200 48.52 -14.61 3.97
C ASN F 200 49.81 -15.16 4.55
N ARG F 201 50.38 -16.15 3.88
CA ARG F 201 51.60 -16.80 4.31
C ARG F 201 52.41 -17.20 3.10
N ARG F 202 53.74 -17.18 3.23
CA ARG F 202 54.63 -17.53 2.11
C ARG F 202 54.64 -19.05 1.97
N ALA F 203 55.37 -19.56 0.97
CA ALA F 203 55.48 -21.00 0.67
C ALA F 203 56.35 -21.76 1.64
N ASP F 204 57.19 -21.04 2.39
CA ASP F 204 58.03 -21.74 3.33
C ASP F 204 57.66 -21.53 4.80
N GLY F 205 56.39 -21.28 5.07
CA GLY F 205 55.86 -21.19 6.43
C GLY F 205 56.10 -19.86 7.15
N THR F 206 56.55 -18.84 6.42
CA THR F 206 56.78 -17.52 6.99
C THR F 206 55.52 -16.69 6.87
N ARG F 207 55.04 -16.18 8.00
CA ARG F 207 53.87 -15.32 7.96
C ARG F 207 54.12 -14.25 6.93
N SER F 208 53.09 -13.94 6.16
CA SER F 208 53.26 -12.88 5.20
C SER F 208 52.93 -11.51 5.82
N SER F 209 53.48 -11.24 7.01
CA SER F 209 53.26 -9.97 7.72
C SER F 209 53.66 -8.70 6.95
N SER F 210 53.27 -7.56 7.49
CA SER F 210 53.49 -6.31 6.83
C SER F 210 55.00 -5.93 6.85
N SER F 211 55.72 -6.35 7.91
CA SER F 211 57.16 -6.17 7.97
C SER F 211 57.83 -7.01 6.93
N VAL F 212 57.58 -8.31 6.92
CA VAL F 212 58.14 -9.21 5.91
C VAL F 212 57.80 -8.81 4.47
N SER F 213 56.60 -8.27 4.28
CA SER F 213 56.07 -7.95 2.97
C SER F 213 56.56 -6.58 2.49
N TYR F 214 56.43 -5.59 3.35
CA TYR F 214 56.73 -4.27 2.92
C TYR F 214 58.15 -3.82 3.28
N ILE F 215 58.69 -4.36 4.37
CA ILE F 215 59.82 -3.72 5.04
C ILE F 215 61.21 -4.33 4.85
N HIS F 216 61.30 -5.65 5.00
CA HIS F 216 62.57 -6.35 4.86
C HIS F 216 63.27 -6.08 3.55
N PRO F 217 62.51 -6.03 2.42
CA PRO F 217 63.15 -5.78 1.14
C PRO F 217 63.60 -4.31 0.96
N ILE F 218 63.21 -3.40 1.85
CA ILE F 218 63.58 -1.98 1.71
C ILE F 218 64.50 -1.44 2.80
N VAL F 219 65.04 -2.32 3.63
CA VAL F 219 65.82 -1.90 4.82
C VAL F 219 66.92 -0.87 4.49
N GLU F 220 67.76 -1.20 3.50
CA GLU F 220 68.93 -0.37 3.09
C GLU F 220 68.62 0.67 1.97
N GLN F 221 67.34 0.91 1.73
CA GLN F 221 66.94 1.96 0.80
C GLN F 221 67.40 3.29 1.40
N GLU F 222 67.88 4.19 0.56
CA GLU F 222 68.65 5.31 1.08
C GLU F 222 67.79 6.33 1.85
N ASN F 223 66.51 6.46 1.47
CA ASN F 223 65.59 7.45 2.05
C ASN F 223 64.69 6.85 3.16
N PHE F 224 65.09 5.70 3.67
CA PHE F 224 64.22 4.99 4.60
C PHE F 224 64.95 4.51 5.86
N THR F 225 64.48 5.02 7.00
CA THR F 225 65.07 4.68 8.28
C THR F 225 64.12 3.84 9.13
N LEU F 226 64.59 2.65 9.52
CA LEU F 226 63.88 1.80 10.48
C LEU F 226 64.44 1.96 11.89
N LEU F 227 63.65 2.61 12.76
CA LEU F 227 63.99 2.81 14.19
C LEU F 227 63.18 1.91 15.12
N THR F 228 63.78 0.85 15.61
CA THR F 228 63.09 -0.06 16.49
C THR F 228 63.60 0.02 17.94
N GLY F 229 62.75 -0.45 18.88
CA GLY F 229 62.97 -0.28 20.31
C GLY F 229 62.79 1.18 20.72
N LEU F 230 62.00 1.92 19.98
CA LEU F 230 61.77 3.33 20.33
C LEU F 230 60.27 3.63 20.47
N ARG F 231 59.93 4.14 21.66
CA ARG F 231 58.57 4.21 22.15
C ARG F 231 58.02 5.64 22.18
N ALA F 232 57.00 5.95 21.39
CA ALA F 232 56.42 7.29 21.39
C ALA F 232 55.76 7.62 22.72
N ARG F 233 55.87 8.88 23.16
CA ARG F 233 55.24 9.34 24.43
C ARG F 233 54.30 10.54 24.23
N GLN F 234 54.53 11.27 23.14
CA GLN F 234 53.84 12.54 22.95
C GLN F 234 54.14 13.06 21.56
N LEU F 235 53.14 13.58 20.88
CA LEU F 235 53.33 14.33 19.65
C LEU F 235 53.64 15.79 19.95
N VAL F 236 54.65 16.34 19.27
CA VAL F 236 55.07 17.70 19.51
C VAL F 236 54.44 18.66 18.49
N PHE F 237 53.86 19.74 19.00
CA PHE F 237 53.23 20.74 18.14
C PHE F 237 53.90 22.13 18.11
N ASP F 238 53.53 22.92 17.08
CA ASP F 238 53.98 24.30 16.81
C ASP F 238 53.24 25.27 17.65
N ALA F 239 53.68 26.52 17.60
CA ALA F 239 52.90 27.62 18.11
C ALA F 239 51.68 27.69 17.22
N ASP F 240 51.90 27.37 15.94
CA ASP F 240 50.87 27.40 14.88
C ASP F 240 49.89 26.20 14.82
N ARG F 241 50.14 25.17 15.62
CA ARG F 241 49.32 23.94 15.59
C ARG F 241 49.73 22.94 14.51
N ARG F 242 50.91 23.15 13.95
CA ARG F 242 51.48 22.21 12.99
C ARG F 242 52.22 21.16 13.81
N CYS F 243 52.08 19.91 13.40
CA CYS F 243 52.76 18.83 14.09
C CYS F 243 54.17 18.70 13.56
N THR F 244 55.12 19.02 14.40
CA THR F 244 56.51 19.03 13.98
C THR F 244 57.27 17.75 14.35
N GLY F 245 56.61 16.80 15.02
CA GLY F 245 57.25 15.49 15.27
C GLY F 245 56.98 14.76 16.58
N VAL F 246 58.02 14.20 17.16
CA VAL F 246 57.73 13.20 18.14
C VAL F 246 58.86 12.85 19.11
N ASP F 247 58.48 12.86 20.38
CA ASP F 247 59.33 12.46 21.47
C ASP F 247 59.26 10.98 21.75
N ILE F 248 60.39 10.29 21.72
CA ILE F 248 60.43 8.83 21.88
C ILE F 248 61.32 8.42 23.05
N VAL F 249 61.20 7.18 23.54
CA VAL F 249 62.13 6.66 24.54
C VAL F 249 62.66 5.30 24.12
N ASP F 250 63.94 5.06 24.42
CA ASP F 250 64.58 3.73 24.25
C ASP F 250 64.26 2.73 25.38
N SER F 251 63.77 3.25 26.52
CA SER F 251 63.34 2.42 27.67
C SER F 251 62.22 3.11 28.50
N ALA F 252 61.65 2.41 29.48
CA ALA F 252 60.69 3.06 30.40
C ALA F 252 61.36 4.10 31.34
N PHE F 253 62.70 4.14 31.31
CA PHE F 253 63.52 5.21 31.94
C PHE F 253 64.59 5.79 31.04
N GLY F 254 64.57 5.40 29.78
CA GLY F 254 65.33 6.12 28.78
C GLY F 254 64.96 7.60 28.81
N HIS F 255 65.75 8.35 28.09
CA HIS F 255 65.70 9.80 28.07
C HIS F 255 64.79 10.13 26.89
N THR F 256 64.30 11.36 26.80
CA THR F 256 63.37 11.68 25.72
C THR F 256 64.09 12.34 24.54
N HIS F 257 64.12 11.67 23.40
CA HIS F 257 64.76 12.18 22.20
C HIS F 257 63.72 12.65 21.20
N ARG F 258 63.79 13.91 20.78
CA ARG F 258 62.85 14.42 19.79
C ARG F 258 63.24 13.96 18.41
N LEU F 259 62.21 13.63 17.61
CA LEU F 259 62.33 13.45 16.17
C LEU F 259 61.45 14.48 15.50
N THR F 260 61.86 14.88 14.30
CA THR F 260 61.29 16.02 13.62
C THR F 260 60.82 15.62 12.23
N ALA F 261 59.65 16.15 11.87
CA ALA F 261 59.04 15.91 10.57
C ALA F 261 58.82 17.21 9.81
N ARG F 262 59.32 17.27 8.57
CA ARG F 262 59.14 18.49 7.75
C ARG F 262 57.75 18.52 7.17
N ASN F 263 57.20 17.34 6.88
CA ASN F 263 55.92 17.26 6.18
C ASN F 263 54.76 16.85 7.05
N GLU F 264 54.71 15.57 7.35
CA GLU F 264 53.57 14.99 8.10
C GLU F 264 54.02 13.88 9.03
N VAL F 265 53.38 13.83 10.19
CA VAL F 265 53.46 12.65 11.04
C VAL F 265 52.22 11.79 10.83
N VAL F 266 52.45 10.51 10.69
CA VAL F 266 51.36 9.54 10.56
C VAL F 266 51.23 8.64 11.83
N LEU F 267 50.14 8.76 12.55
CA LEU F 267 49.86 7.81 13.65
C LEU F 267 49.38 6.40 13.27
N SER F 268 50.15 5.37 13.58
CA SER F 268 49.75 4.02 13.18
C SER F 268 49.91 2.95 14.26
N THR F 269 49.80 3.39 15.51
CA THR F 269 50.08 2.57 16.68
C THR F 269 48.88 1.67 17.06
N GLY F 270 47.83 1.67 16.23
CA GLY F 270 46.65 0.80 16.38
C GLY F 270 45.46 1.37 17.17
N ALA F 271 44.53 0.52 17.55
CA ALA F 271 43.25 1.00 18.05
C ALA F 271 43.20 1.22 19.56
N ILE F 272 44.12 0.64 20.30
CA ILE F 272 44.27 0.95 21.69
C ILE F 272 45.30 2.06 21.86
N ASP F 273 46.47 1.89 21.28
CA ASP F 273 47.55 2.88 21.44
C ASP F 273 47.44 4.25 20.71
N THR F 274 46.88 4.26 19.49
CA THR F 274 46.67 5.52 18.76
C THR F 274 45.87 6.56 19.54
N PRO F 275 44.68 6.25 20.03
CA PRO F 275 44.03 7.31 20.84
C PRO F 275 44.74 7.62 22.16
N LYS F 276 45.40 6.62 22.75
CA LYS F 276 46.19 6.90 23.95
C LYS F 276 47.23 7.99 23.67
N LEU F 277 48.02 7.84 22.60
CA LEU F 277 49.05 8.84 22.24
C LEU F 277 48.47 10.18 21.89
N LEU F 278 47.25 10.22 21.34
CA LEU F 278 46.66 11.50 20.95
C LEU F 278 46.29 12.28 22.20
N MET F 279 45.71 11.55 23.14
CA MET F 279 45.19 12.09 24.35
C MET F 279 46.33 12.62 25.16
N LEU F 280 47.48 11.97 25.07
CA LEU F 280 48.66 12.42 25.83
C LEU F 280 49.28 13.67 25.23
N SER F 281 49.05 13.85 23.93
CA SER F 281 49.52 14.97 23.15
C SER F 281 48.52 16.09 23.21
N GLY F 282 47.59 15.96 24.12
CA GLY F 282 46.52 16.93 24.24
C GLY F 282 45.34 16.85 23.27
N ILE F 283 45.26 15.84 22.42
CA ILE F 283 44.06 15.77 21.58
C ILE F 283 43.05 14.75 22.08
N GLY F 284 41.84 15.20 22.39
CA GLY F 284 40.84 14.32 22.99
C GLY F 284 39.75 15.04 23.76
N PRO F 285 38.86 14.29 24.44
CA PRO F 285 37.72 14.89 25.12
C PRO F 285 38.23 15.73 26.26
N ALA F 286 37.85 17.01 26.30
CA ALA F 286 38.47 17.96 27.23
C ALA F 286 38.35 17.56 28.69
N ALA F 287 37.16 17.11 29.10
CA ALA F 287 36.89 16.75 30.50
C ALA F 287 37.77 15.59 30.93
N HIS F 288 38.01 14.64 30.02
CA HIS F 288 38.88 13.53 30.34
C HIS F 288 40.35 13.94 30.47
N LEU F 289 40.83 14.77 29.55
CA LEU F 289 42.21 15.24 29.66
C LEU F 289 42.39 16.10 30.91
N ALA F 290 41.40 16.94 31.23
CA ALA F 290 41.41 17.78 32.44
C ALA F 290 41.43 16.97 33.75
N GLU F 291 40.54 15.98 33.83
CA GLU F 291 40.57 14.91 34.85
C GLU F 291 42.01 14.41 35.14
N HIS F 292 42.88 14.42 34.13
CA HIS F 292 44.29 14.00 34.30
C HIS F 292 45.34 15.09 34.11
N GLY F 293 44.93 16.35 34.20
CA GLY F 293 45.89 17.48 34.18
C GLY F 293 46.67 17.70 32.90
N ILE F 294 46.16 17.21 31.78
CA ILE F 294 46.77 17.46 30.50
C ILE F 294 46.14 18.69 29.93
N GLU F 295 46.95 19.66 29.55
CA GLU F 295 46.42 20.82 28.86
C GLU F 295 45.68 20.38 27.56
N VAL F 296 44.58 21.02 27.24
CA VAL F 296 43.80 20.63 26.06
C VAL F 296 44.29 21.35 24.80
N LEU F 297 44.92 20.63 23.88
CA LEU F 297 45.24 21.22 22.58
C LEU F 297 44.03 21.21 21.65
N VAL F 298 43.33 20.08 21.53
CA VAL F 298 42.06 20.04 20.79
C VAL F 298 41.09 19.22 21.60
N ASP F 299 39.91 19.78 21.80
CA ASP F 299 38.77 19.06 22.30
C ASP F 299 38.23 18.18 21.16
N SER F 300 38.69 16.95 21.11
CA SER F 300 38.16 16.00 20.15
C SER F 300 37.44 14.87 20.93
N PRO F 301 36.12 14.99 21.15
CA PRO F 301 35.37 14.04 21.98
C PRO F 301 35.19 12.58 21.44
N GLY F 302 35.44 12.35 20.16
CA GLY F 302 35.33 11.01 19.62
C GLY F 302 36.60 10.18 19.82
N VAL F 303 37.62 10.81 20.38
CA VAL F 303 38.88 10.14 20.66
C VAL F 303 38.75 9.17 21.83
N GLY F 304 39.08 7.91 21.59
CA GLY F 304 38.83 6.86 22.56
C GLY F 304 37.40 6.37 22.67
N GLU F 305 36.49 7.04 21.99
CA GLU F 305 35.11 6.52 21.83
C GLU F 305 34.97 5.45 20.73
N HIS F 306 33.75 4.91 20.62
CA HIS F 306 33.32 4.03 19.54
C HIS F 306 34.09 2.74 19.39
N LEU F 307 34.68 2.27 20.48
CA LEU F 307 35.42 1.01 20.46
C LEU F 307 34.53 -0.17 20.03
N GLN F 308 34.90 -0.83 18.92
CA GLN F 308 34.20 -1.99 18.36
C GLN F 308 35.13 -3.20 18.32
N ASP F 309 34.56 -4.40 18.37
CA ASP F 309 35.32 -5.62 18.37
C ASP F 309 34.41 -6.68 17.79
N HIS F 310 34.95 -7.85 17.50
CA HIS F 310 34.11 -9.03 17.30
C HIS F 310 34.18 -9.90 18.55
N PRO F 311 33.16 -9.87 19.40
CA PRO F 311 33.34 -10.75 20.58
C PRO F 311 33.16 -12.20 20.19
N GLU F 312 33.71 -13.07 21.02
CA GLU F 312 33.86 -14.47 20.66
C GLU F 312 33.39 -15.45 21.77
N GLY F 313 32.60 -16.46 21.35
CA GLY F 313 32.27 -17.61 22.19
C GLY F 313 33.08 -18.85 21.76
N VAL F 314 33.00 -19.90 22.56
CA VAL F 314 33.69 -21.14 22.23
C VAL F 314 32.78 -22.34 22.58
N VAL F 315 32.90 -23.39 21.76
CA VAL F 315 32.27 -24.65 22.03
C VAL F 315 33.35 -25.68 21.75
N GLN F 316 33.76 -26.40 22.79
CA GLN F 316 34.81 -27.37 22.65
C GLN F 316 34.25 -28.79 22.75
N PHE F 317 34.99 -29.72 22.17
CA PHE F 317 34.58 -31.10 21.96
C PHE F 317 35.83 -31.92 22.05
N GLU F 318 35.73 -33.11 22.65
CA GLU F 318 36.79 -34.10 22.51
C GLU F 318 36.73 -34.76 21.16
N ALA F 319 37.89 -35.01 20.55
CA ALA F 319 37.81 -35.72 19.28
C ALA F 319 37.84 -37.23 19.55
N LYS F 320 36.93 -37.97 18.91
CA LYS F 320 36.92 -39.42 19.04
C LYS F 320 38.21 -40.03 18.51
N GLN F 321 38.82 -39.38 17.51
CA GLN F 321 40.12 -39.83 16.99
C GLN F 321 41.20 -38.76 17.12
N PRO F 322 42.49 -39.19 17.10
CA PRO F 322 43.57 -38.22 17.11
C PRO F 322 43.44 -37.15 16.02
N MET F 323 43.81 -35.93 16.38
CA MET F 323 43.63 -34.76 15.55
C MET F 323 44.95 -34.51 14.91
N VAL F 324 44.99 -33.66 13.91
CA VAL F 324 46.23 -33.36 13.21
C VAL F 324 47.31 -32.85 14.15
N ALA F 325 48.52 -33.35 13.92
CA ALA F 325 49.72 -32.82 14.54
C ALA F 325 50.24 -31.60 13.76
N GLU F 326 49.95 -31.56 12.44
CA GLU F 326 50.49 -30.50 11.56
C GLU F 326 49.37 -29.57 11.13
N SER F 327 49.65 -28.26 11.20
CA SER F 327 48.68 -27.27 10.68
C SER F 327 49.39 -26.04 10.09
N THR F 328 48.72 -25.33 9.16
CA THR F 328 49.21 -24.03 8.75
C THR F 328 49.16 -23.07 9.96
N GLN F 329 48.00 -22.96 10.63
CA GLN F 329 47.85 -22.04 11.80
C GLN F 329 46.75 -22.40 12.84
N TRP F 330 46.32 -23.66 12.79
CA TRP F 330 45.39 -24.28 13.78
C TRP F 330 43.94 -23.79 13.69
N TRP F 331 43.69 -22.76 12.89
CA TRP F 331 42.33 -22.26 12.77
C TRP F 331 42.09 -22.06 11.31
N GLU F 332 41.81 -23.16 10.60
CA GLU F 332 41.88 -23.21 9.14
C GLU F 332 40.56 -22.99 8.41
N ILE F 333 39.45 -23.09 9.12
CA ILE F 333 38.15 -23.00 8.45
C ILE F 333 37.31 -21.88 9.00
N GLY F 334 36.61 -21.19 8.09
CA GLY F 334 35.62 -20.19 8.50
C GLY F 334 34.21 -20.52 8.00
N ILE F 335 33.21 -20.22 8.83
CA ILE F 335 31.82 -20.50 8.51
C ILE F 335 30.99 -19.25 8.72
N PHE F 336 30.27 -18.86 7.69
CA PHE F 336 29.39 -17.70 7.74
C PHE F 336 27.94 -18.12 7.57
N THR F 337 27.05 -17.57 8.38
CA THR F 337 25.66 -17.99 8.38
C THR F 337 24.82 -16.87 8.98
N PRO F 338 23.72 -16.45 8.29
CA PRO F 338 22.82 -15.44 8.88
C PRO F 338 21.79 -16.03 9.87
N THR F 339 21.44 -15.24 10.87
CA THR F 339 20.52 -15.72 11.88
C THR F 339 19.12 -15.14 11.65
N GLU F 340 19.04 -14.11 10.78
CA GLU F 340 17.78 -13.65 10.21
C GLU F 340 17.80 -13.61 8.69
N ASP F 341 16.61 -13.43 8.11
CA ASP F 341 16.42 -13.30 6.67
C ASP F 341 16.73 -11.86 6.32
N GLY F 342 16.98 -11.61 5.03
CA GLY F 342 17.18 -10.27 4.52
C GLY F 342 18.52 -9.61 4.84
N LEU F 343 19.61 -10.36 4.91
CA LEU F 343 20.89 -9.71 5.26
C LEU F 343 21.91 -9.74 4.13
N ASP F 344 22.42 -8.57 3.74
CA ASP F 344 23.49 -8.51 2.75
C ASP F 344 24.88 -8.98 3.23
N ARG F 345 25.06 -9.13 4.55
CA ARG F 345 26.30 -9.73 5.12
C ARG F 345 25.96 -10.69 6.26
N PRO F 346 26.77 -11.73 6.49
CA PRO F 346 26.40 -12.53 7.66
C PRO F 346 26.51 -11.73 8.94
N ASP F 347 25.64 -12.05 9.88
CA ASP F 347 25.69 -11.45 11.20
C ASP F 347 26.51 -12.29 12.21
N LEU F 348 27.10 -13.38 11.74
CA LEU F 348 27.69 -14.42 12.60
C LEU F 348 28.74 -15.18 11.83
N MET F 349 29.85 -15.48 12.48
CA MET F 349 30.90 -16.25 11.83
C MET F 349 31.43 -17.20 12.86
N MET F 350 31.77 -18.41 12.45
CA MET F 350 32.55 -19.27 13.33
C MET F 350 33.85 -19.68 12.66
N HIS F 351 34.89 -19.79 13.49
CA HIS F 351 36.12 -20.40 13.09
C HIS F 351 36.12 -21.82 13.61
N TYR F 352 36.90 -22.65 12.95
CA TYR F 352 37.09 -23.99 13.40
C TYR F 352 38.56 -24.15 13.73
N GLY F 353 38.81 -24.51 15.01
CA GLY F 353 40.14 -24.82 15.51
C GLY F 353 40.34 -26.30 15.77
N SER F 354 41.44 -26.82 15.25
CA SER F 354 41.77 -28.19 15.40
C SER F 354 42.39 -28.46 16.79
N VAL F 355 42.32 -27.44 17.65
CA VAL F 355 42.80 -27.54 19.00
C VAL F 355 41.68 -27.20 19.96
N PRO F 356 41.80 -27.65 21.21
CA PRO F 356 40.90 -27.14 22.25
C PRO F 356 41.29 -25.71 22.61
N PHE F 357 40.35 -24.90 23.08
CA PHE F 357 40.62 -23.50 23.40
C PHE F 357 40.06 -23.18 24.79
N ASP F 358 40.87 -23.52 25.79
CA ASP F 358 40.42 -23.49 27.15
C ASP F 358 40.89 -22.24 27.90
N MET F 359 41.23 -21.21 27.14
CA MET F 359 41.73 -19.98 27.71
C MET F 359 40.75 -19.51 28.79
N ASN F 360 39.47 -19.45 28.44
CA ASN F 360 38.51 -18.82 29.33
C ASN F 360 37.65 -19.83 30.09
N THR F 361 37.88 -21.13 29.86
CA THR F 361 37.01 -22.14 30.46
C THR F 361 37.66 -22.82 31.67
N LEU F 362 38.96 -23.09 31.57
CA LEU F 362 39.71 -23.69 32.69
C LEU F 362 39.36 -23.04 34.04
N ARG F 363 39.48 -21.72 34.15
CA ARG F 363 39.26 -21.08 35.42
C ARG F 363 37.81 -21.17 35.89
N HIS F 364 36.93 -21.73 35.08
CA HIS F 364 35.56 -21.83 35.54
C HIS F 364 35.12 -23.29 35.84
N GLY F 365 36.07 -24.23 35.79
CA GLY F 365 35.86 -25.66 36.08
C GLY F 365 35.48 -26.59 34.94
N TYR F 366 35.45 -26.09 33.70
CA TYR F 366 35.18 -26.94 32.54
C TYR F 366 36.31 -27.92 32.27
N PRO F 367 35.98 -29.18 31.97
CA PRO F 367 37.02 -30.17 31.74
C PRO F 367 37.75 -29.93 30.43
N THR F 368 38.99 -30.41 30.34
CA THR F 368 39.91 -30.08 29.27
C THR F 368 40.27 -31.33 28.49
N THR F 369 40.92 -31.17 27.33
CA THR F 369 41.47 -32.33 26.62
C THR F 369 42.78 -31.96 25.92
N GLU F 370 43.63 -32.94 25.70
CA GLU F 370 44.78 -32.73 24.83
C GLU F 370 44.41 -33.13 23.40
N ASN F 371 43.18 -33.60 23.22
CA ASN F 371 42.69 -34.00 21.89
C ASN F 371 41.28 -33.53 21.50
N GLY F 372 41.21 -32.41 20.81
CA GLY F 372 39.91 -31.89 20.42
C GLY F 372 39.95 -30.76 19.41
N PHE F 373 38.76 -30.23 19.15
CA PHE F 373 38.57 -29.10 18.30
C PHE F 373 37.61 -28.12 18.95
N SER F 374 37.51 -26.93 18.33
CA SER F 374 36.73 -25.85 18.89
C SER F 374 35.95 -25.15 17.80
N LEU F 375 34.78 -24.62 18.15
CA LEU F 375 34.00 -23.83 17.23
C LEU F 375 33.79 -22.49 17.88
N THR F 376 34.29 -21.42 17.25
CA THR F 376 34.29 -20.12 17.88
C THR F 376 33.35 -19.11 17.19
N PRO F 377 32.05 -19.10 17.56
CA PRO F 377 31.11 -18.08 17.05
C PRO F 377 31.54 -16.67 17.38
N ASN F 378 31.34 -15.76 16.44
CA ASN F 378 31.53 -14.34 16.74
C ASN F 378 30.44 -13.51 16.07
N VAL F 379 30.16 -12.35 16.66
CA VAL F 379 29.18 -11.36 16.21
C VAL F 379 29.90 -10.40 15.26
N THR F 380 29.65 -10.52 13.95
CA THR F 380 30.37 -9.79 12.91
C THR F 380 30.13 -8.28 12.94
N HIS F 381 28.97 -7.87 13.45
CA HIS F 381 28.62 -6.48 13.59
CA HIS F 381 28.61 -6.48 13.60
C HIS F 381 28.00 -6.23 14.97
N ALA F 382 28.82 -6.27 16.01
CA ALA F 382 28.37 -6.03 17.35
C ALA F 382 27.89 -4.58 17.57
N ARG F 383 26.78 -4.42 18.27
CA ARG F 383 26.28 -3.05 18.46
C ARG F 383 26.82 -2.47 19.76
N SER F 384 27.42 -3.33 20.58
CA SER F 384 28.07 -2.83 21.75
C SER F 384 29.12 -1.79 21.34
N ARG F 385 29.29 -0.78 22.16
CA ARG F 385 30.27 0.28 21.89
C ARG F 385 31.10 0.52 23.10
N GLY F 386 32.40 0.74 22.97
CA GLY F 386 33.26 0.85 24.17
C GLY F 386 34.17 2.08 24.18
N THR F 387 35.17 2.07 25.08
CA THR F 387 36.03 3.23 25.21
C THR F 387 37.44 2.80 25.44
N VAL F 388 38.37 3.70 25.10
CA VAL F 388 39.74 3.55 25.52
C VAL F 388 40.09 4.86 26.17
N ARG F 389 40.50 4.86 27.43
CA ARG F 389 40.74 6.07 28.15
C ARG F 389 42.10 6.00 28.78
N LEU F 390 42.66 7.17 29.09
CA LEU F 390 43.94 7.19 29.78
C LEU F 390 43.75 6.71 31.23
N ARG F 391 44.70 5.95 31.73
CA ARG F 391 44.73 5.64 33.13
C ARG F 391 45.23 6.84 33.91
N SER F 392 46.30 7.46 33.43
CA SER F 392 46.87 8.62 34.09
C SER F 392 47.61 9.46 33.07
N ARG F 393 48.47 10.35 33.54
CA ARG F 393 49.18 11.21 32.64
C ARG F 393 50.56 10.65 32.37
N ASP F 394 50.83 9.40 32.76
CA ASP F 394 52.12 8.75 32.52
C ASP F 394 52.04 7.65 31.44
N PHE F 395 52.85 7.81 30.39
CA PHE F 395 52.70 7.05 29.18
C PHE F 395 52.89 5.57 29.44
N ARG F 396 53.47 5.27 30.60
CA ARG F 396 53.83 3.91 30.92
C ARG F 396 52.66 3.18 31.51
N ASP F 397 51.66 3.92 31.95
CA ASP F 397 50.55 3.23 32.56
C ASP F 397 49.75 2.65 31.43
N LYS F 398 49.38 1.37 31.55
CA LYS F 398 48.51 0.80 30.52
C LYS F 398 47.18 1.53 30.55
N PRO F 399 46.68 1.90 29.37
CA PRO F 399 45.42 2.58 29.12
C PRO F 399 44.22 1.72 29.62
N MET F 400 43.08 2.34 29.89
CA MET F 400 41.90 1.62 30.34
C MET F 400 41.14 1.24 29.09
N VAL F 401 40.97 -0.07 28.85
CA VAL F 401 40.26 -0.54 27.69
C VAL F 401 38.93 -1.10 28.17
N ASP F 402 37.82 -0.50 27.75
CA ASP F 402 36.51 -1.01 28.20
C ASP F 402 35.56 -1.23 27.03
N PRO F 403 35.57 -2.43 26.46
CA PRO F 403 34.79 -2.64 25.23
C PRO F 403 33.29 -2.72 25.52
N ARG F 404 32.94 -2.90 26.79
CA ARG F 404 31.53 -2.92 27.22
C ARG F 404 30.69 -4.01 26.55
N TYR F 405 31.27 -5.19 26.45
CA TYR F 405 30.69 -6.35 25.82
C TYR F 405 29.24 -6.65 26.25
N PHE F 406 28.43 -6.97 25.25
CA PHE F 406 27.06 -7.46 25.44
C PHE F 406 26.24 -6.45 26.25
N THR F 407 26.35 -5.20 25.85
CA THR F 407 25.63 -4.12 26.51
C THR F 407 24.77 -3.28 25.55
N ASP F 408 24.72 -3.62 24.27
CA ASP F 408 23.76 -2.91 23.40
C ASP F 408 22.31 -3.09 23.92
N PRO F 409 21.50 -2.05 23.86
CA PRO F 409 20.11 -2.03 24.32
C PRO F 409 19.19 -3.15 23.78
N GLU F 410 19.41 -3.59 22.54
CA GLU F 410 18.52 -4.60 21.99
C GLU F 410 18.93 -6.01 22.31
N GLY F 411 20.01 -6.19 23.08
CA GLY F 411 20.56 -7.53 23.36
C GLY F 411 21.00 -8.30 22.12
N HIS F 412 21.44 -7.59 21.08
CA HIS F 412 21.82 -8.17 19.79
C HIS F 412 23.05 -9.07 19.86
N ASP F 413 24.10 -8.64 20.54
CA ASP F 413 25.33 -9.40 20.46
C ASP F 413 25.15 -10.69 21.21
N MET F 414 24.47 -10.62 22.34
CA MET F 414 24.09 -11.80 23.11
C MET F 414 23.18 -12.71 22.26
N ARG F 415 22.13 -12.18 21.65
CA ARG F 415 21.21 -13.00 20.85
CA ARG F 415 21.19 -12.97 20.80
C ARG F 415 21.94 -13.75 19.75
N VAL F 416 22.83 -13.06 19.04
CA VAL F 416 23.65 -13.67 17.99
C VAL F 416 24.56 -14.79 18.50
N MET F 417 25.16 -14.55 19.67
CA MET F 417 26.15 -15.48 20.19
C MET F 417 25.45 -16.69 20.74
N VAL F 418 24.32 -16.47 21.40
CA VAL F 418 23.52 -17.65 21.81
C VAL F 418 23.19 -18.47 20.56
N ALA F 419 22.70 -17.84 19.49
CA ALA F 419 22.47 -18.57 18.21
C ALA F 419 23.70 -19.26 17.61
N GLY F 420 24.88 -18.64 17.80
CA GLY F 420 26.12 -19.20 17.29
C GLY F 420 26.47 -20.49 18.00
N ILE F 421 26.28 -20.53 19.31
CA ILE F 421 26.46 -21.79 20.03
C ILE F 421 25.48 -22.87 19.53
N ARG F 422 24.20 -22.51 19.40
CA ARG F 422 23.21 -23.50 18.89
C ARG F 422 23.58 -24.03 17.54
N LYS F 423 24.09 -23.15 16.69
CA LYS F 423 24.42 -23.51 15.35
C LYS F 423 25.63 -24.38 15.29
N ALA F 424 26.62 -24.03 16.15
CA ALA F 424 27.83 -24.81 16.26
C ALA F 424 27.49 -26.24 16.63
N ARG F 425 26.73 -26.42 17.69
CA ARG F 425 26.23 -27.73 18.03
C ARG F 425 25.57 -28.38 16.85
N GLU F 426 24.66 -27.68 16.20
CA GLU F 426 23.97 -28.26 15.09
C GLU F 426 24.95 -28.81 14.05
N ILE F 427 25.99 -28.05 13.67
CA ILE F 427 26.94 -28.55 12.66
C ILE F 427 27.70 -29.74 13.18
N ALA F 428 28.35 -29.58 14.33
CA ALA F 428 29.00 -30.69 15.04
C ALA F 428 28.20 -31.98 15.14
N ALA F 429 26.88 -31.88 15.24
CA ALA F 429 26.02 -33.06 15.39
C ALA F 429 25.69 -33.83 14.07
N GLN F 430 25.95 -33.20 12.91
CA GLN F 430 25.65 -33.79 11.60
C GLN F 430 26.33 -35.13 11.37
N PRO F 431 25.73 -35.99 10.49
CA PRO F 431 26.24 -37.34 10.23
C PRO F 431 27.66 -37.39 9.70
N ALA F 432 28.08 -36.41 8.92
CA ALA F 432 29.47 -36.45 8.42
C ALA F 432 30.51 -36.16 9.51
N MET F 433 30.10 -35.61 10.65
CA MET F 433 31.08 -35.42 11.76
C MET F 433 31.08 -36.55 12.82
N ALA F 434 30.30 -37.61 12.56
CA ALA F 434 30.00 -38.66 13.59
C ALA F 434 31.20 -39.44 14.06
N GLU F 435 32.22 -39.59 13.21
CA GLU F 435 33.42 -40.28 13.64
C GLU F 435 34.42 -39.29 14.29
N TRP F 436 33.99 -38.02 14.45
CA TRP F 436 34.85 -36.97 15.09
C TRP F 436 34.27 -36.43 16.41
N THR F 437 33.04 -35.95 16.36
CA THR F 437 32.49 -35.22 17.48
C THR F 437 32.31 -36.13 18.70
N GLY F 438 33.08 -35.84 19.73
CA GLY F 438 32.97 -36.56 20.97
C GLY F 438 32.12 -35.76 21.89
N ARG F 439 32.43 -35.86 23.16
CA ARG F 439 31.71 -35.15 24.19
C ARG F 439 31.96 -33.63 24.13
N GLU F 440 30.89 -32.86 24.31
CA GLU F 440 30.97 -31.42 24.42
C GLU F 440 31.55 -30.94 25.75
N LEU F 441 32.81 -30.55 25.75
CA LEU F 441 33.46 -30.04 26.99
C LEU F 441 32.93 -28.70 27.53
N SER F 442 32.64 -27.76 26.63
CA SER F 442 32.11 -26.48 27.05
C SER F 442 31.19 -25.91 25.99
N PRO F 443 30.02 -25.42 26.40
CA PRO F 443 29.50 -25.41 27.77
C PRO F 443 28.95 -26.76 28.29
N GLY F 444 28.86 -27.76 27.42
CA GLY F 444 28.31 -29.06 27.76
C GLY F 444 26.80 -29.10 27.63
N VAL F 445 26.30 -30.31 27.42
CA VAL F 445 24.86 -30.55 27.21
C VAL F 445 23.96 -29.98 28.30
N GLU F 446 24.47 -29.86 29.52
CA GLU F 446 23.71 -29.31 30.66
C GLU F 446 23.28 -27.86 30.51
N ALA F 447 23.95 -27.13 29.62
CA ALA F 447 23.59 -25.76 29.29
C ALA F 447 22.72 -25.74 28.04
N GLN F 448 21.46 -25.34 28.20
CA GLN F 448 20.44 -25.44 27.14
C GLN F 448 19.53 -24.20 27.04
N THR F 449 19.10 -23.63 28.15
CA THR F 449 18.25 -22.44 28.04
C THR F 449 19.08 -21.24 27.61
N ASP F 450 18.40 -20.24 27.05
CA ASP F 450 19.02 -18.99 26.75
C ASP F 450 19.77 -18.51 27.99
N GLU F 451 19.03 -18.36 29.10
CA GLU F 451 19.60 -18.01 30.41
C GLU F 451 20.95 -18.70 30.62
N GLU F 452 20.98 -20.03 30.53
CA GLU F 452 22.23 -20.77 30.79
C GLU F 452 23.33 -20.40 29.80
N LEU F 453 22.96 -20.17 28.55
CA LEU F 453 23.91 -19.86 27.51
C LEU F 453 24.43 -18.43 27.64
N GLN F 454 23.58 -17.56 28.14
CA GLN F 454 24.02 -16.22 28.42
C GLN F 454 25.00 -16.21 29.59
N ASP F 455 24.71 -17.03 30.61
CA ASP F 455 25.50 -17.02 31.82
CA ASP F 455 25.51 -17.10 31.83
C ASP F 455 26.93 -17.45 31.50
N TYR F 456 27.06 -18.50 30.71
CA TYR F 456 28.29 -19.05 30.22
C TYR F 456 29.04 -18.07 29.24
N ILE F 457 28.29 -17.44 28.33
CA ILE F 457 28.90 -16.51 27.40
C ILE F 457 29.52 -15.38 28.23
N ARG F 458 28.84 -15.04 29.30
CA ARG F 458 29.24 -13.96 30.17
C ARG F 458 30.51 -14.37 30.88
N LYS F 459 30.60 -15.64 31.29
CA LYS F 459 31.82 -16.06 32.00
C LYS F 459 33.02 -16.37 31.11
N THR F 460 32.79 -16.86 29.90
CA THR F 460 33.84 -17.50 29.13
C THR F 460 34.13 -16.93 27.73
N HIS F 461 33.60 -15.76 27.41
CA HIS F 461 33.85 -15.26 26.07
C HIS F 461 35.28 -14.69 25.92
N ASN F 462 35.67 -14.48 24.68
CA ASN F 462 36.96 -13.91 24.35
C ASN F 462 36.74 -12.92 23.24
N THR F 463 37.75 -12.76 22.42
CA THR F 463 37.69 -11.81 21.34
C THR F 463 38.29 -12.54 20.12
N VAL F 464 37.98 -12.11 18.90
CA VAL F 464 38.77 -12.60 17.75
C VAL F 464 40.09 -11.87 17.62
N TYR F 465 40.28 -10.82 18.45
CA TYR F 465 41.48 -9.90 18.53
C TYR F 465 41.46 -8.77 17.53
N HIS F 466 40.30 -8.15 17.42
CA HIS F 466 39.96 -7.29 16.32
C HIS F 466 39.45 -5.92 16.83
N PRO F 467 40.21 -5.23 17.70
CA PRO F 467 39.69 -3.92 18.15
C PRO F 467 39.81 -2.88 17.06
N VAL F 468 38.83 -2.00 16.94
CA VAL F 468 38.82 -1.05 15.85
C VAL F 468 38.03 0.18 16.24
N GLY F 469 38.22 1.26 15.50
CA GLY F 469 37.23 2.36 15.54
C GLY F 469 37.37 3.48 16.55
N THR F 470 38.50 3.54 17.25
CA THR F 470 38.68 4.46 18.37
C THR F 470 39.13 5.85 17.99
N VAL F 471 39.51 6.05 16.72
CA VAL F 471 39.81 7.39 16.18
C VAL F 471 39.24 7.52 14.77
N ARG F 472 37.92 7.63 14.69
CA ARG F 472 37.22 7.42 13.44
C ARG F 472 37.28 8.56 12.40
N MET F 473 37.32 8.15 11.15
CA MET F 473 36.96 9.04 10.06
C MET F 473 35.43 9.33 10.03
N GLY F 474 35.10 10.52 9.56
CA GLY F 474 33.70 10.89 9.43
C GLY F 474 33.62 12.18 8.66
N ALA F 475 32.41 12.69 8.61
CA ALA F 475 32.11 13.94 7.94
C ALA F 475 32.94 15.06 8.60
N VAL F 476 33.44 15.99 7.77
CA VAL F 476 34.23 17.15 8.22
C VAL F 476 33.54 17.96 9.31
N GLU F 477 32.22 17.78 9.40
CA GLU F 477 31.42 18.53 10.33
C GLU F 477 30.85 17.63 11.45
N ASP F 478 31.14 16.32 11.39
CA ASP F 478 30.90 15.44 12.53
C ASP F 478 31.96 15.61 13.60
N GLU F 479 31.61 16.32 14.67
CA GLU F 479 32.54 16.61 15.75
C GLU F 479 32.95 15.37 16.53
N MET F 480 32.18 14.29 16.38
CA MET F 480 32.44 13.02 17.06
C MET F 480 33.41 12.16 16.25
N SER F 481 33.89 12.70 15.14
CA SER F 481 34.79 12.00 14.29
C SER F 481 36.09 12.77 14.35
N PRO F 482 37.08 12.21 15.06
CA PRO F 482 38.36 12.86 15.15
C PRO F 482 39.00 13.16 13.79
N LEU F 483 38.77 12.28 12.80
CA LEU F 483 39.40 12.41 11.48
C LEU F 483 38.46 12.86 10.38
N ASP F 484 39.00 13.64 9.44
CA ASP F 484 38.26 13.89 8.21
C ASP F 484 38.50 12.75 7.21
N PRO F 485 37.82 12.81 6.05
CA PRO F 485 37.87 11.75 5.06
C PRO F 485 39.24 11.48 4.46
N GLU F 486 40.19 12.37 4.64
CA GLU F 486 41.54 12.04 4.21
C GLU F 486 42.43 11.71 5.41
N LEU F 487 41.76 11.34 6.50
CA LEU F 487 42.41 10.71 7.64
C LEU F 487 43.19 11.69 8.47
N ARG F 488 42.96 12.98 8.25
CA ARG F 488 43.75 14.00 8.95
C ARG F 488 43.06 14.33 10.26
N VAL F 489 43.87 14.38 11.33
CA VAL F 489 43.39 14.80 12.63
C VAL F 489 42.87 16.26 12.57
N LYS F 490 41.57 16.41 12.77
CA LYS F 490 40.97 17.71 12.87
C LYS F 490 41.52 18.48 14.03
N GLY F 491 41.74 19.76 13.76
CA GLY F 491 41.97 20.74 14.80
C GLY F 491 43.42 21.10 14.88
N VAL F 492 44.22 20.36 14.11
CA VAL F 492 45.68 20.43 14.11
C VAL F 492 46.12 20.34 12.64
N THR F 493 47.38 20.53 12.30
CA THR F 493 47.78 20.24 10.90
C THR F 493 49.01 19.34 10.90
N GLY F 494 49.24 18.69 9.76
CA GLY F 494 50.36 17.77 9.67
C GLY F 494 50.23 16.43 10.41
N LEU F 495 49.04 16.10 10.91
CA LEU F 495 48.90 14.82 11.59
C LEU F 495 47.83 13.96 10.96
N ARG F 496 48.21 12.75 10.57
CA ARG F 496 47.23 11.72 10.18
C ARG F 496 47.23 10.45 11.06
N VAL F 497 46.11 9.77 11.02
CA VAL F 497 45.98 8.44 11.61
C VAL F 497 45.72 7.46 10.48
N ALA F 498 46.57 6.45 10.41
CA ALA F 498 46.26 5.31 9.55
C ALA F 498 46.50 3.99 10.22
N ASP F 499 45.45 3.47 10.87
CA ASP F 499 45.43 2.11 11.49
C ASP F 499 43.97 1.63 11.67
N ALA F 500 43.72 0.59 12.48
CA ALA F 500 42.34 0.08 12.60
C ALA F 500 41.42 1.05 13.33
N SER F 501 42.05 2.07 13.93
CA SER F 501 41.38 3.16 14.65
C SER F 501 40.32 3.84 13.82
N VAL F 502 40.60 3.99 12.52
CA VAL F 502 39.82 4.90 11.66
C VAL F 502 38.46 4.37 11.25
N MET F 503 38.22 3.05 11.38
CA MET F 503 36.97 2.47 10.85
C MET F 503 35.73 3.10 11.51
N PRO F 504 34.81 3.70 10.74
CA PRO F 504 33.58 4.15 11.43
C PRO F 504 32.71 2.96 11.83
N GLU F 505 32.96 1.81 11.20
CA GLU F 505 32.16 0.61 11.37
C GLU F 505 33.06 -0.60 11.13
N HIS F 506 32.93 -1.59 11.99
CA HIS F 506 33.73 -2.77 11.85
C HIS F 506 33.36 -3.44 10.51
N VAL F 507 34.27 -4.24 9.99
CA VAL F 507 33.99 -5.02 8.82
C VAL F 507 33.50 -6.40 9.29
N THR F 508 32.80 -7.09 8.40
CA THR F 508 32.23 -8.41 8.66
C THR F 508 33.30 -9.42 8.94
N VAL F 509 34.48 -9.19 8.38
CA VAL F 509 35.48 -10.22 8.34
C VAL F 509 36.72 -9.93 9.23
N ASN F 510 37.71 -10.82 9.21
CA ASN F 510 38.97 -10.58 9.91
C ASN F 510 39.64 -9.35 9.24
N PRO F 511 40.06 -8.35 10.04
CA PRO F 511 40.34 -7.02 9.56
C PRO F 511 41.77 -6.74 9.00
N ASN F 512 42.71 -7.66 9.15
CA ASN F 512 44.12 -7.43 8.82
C ASN F 512 44.39 -6.94 7.40
N ILE F 513 43.86 -7.68 6.42
CA ILE F 513 44.03 -7.29 5.04
C ILE F 513 43.52 -5.89 4.87
N THR F 514 42.30 -5.61 5.35
CA THR F 514 41.70 -4.29 5.25
C THR F 514 42.48 -3.15 5.94
N VAL F 515 43.25 -3.50 6.97
CA VAL F 515 43.96 -2.47 7.66
C VAL F 515 45.17 -2.17 6.83
N MET F 516 45.68 -3.18 6.14
CA MET F 516 46.84 -2.99 5.28
C MET F 516 46.45 -2.06 4.09
N MET F 517 45.22 -2.23 3.61
CA MET F 517 44.65 -1.34 2.60
C MET F 517 44.40 0.09 3.11
N ILE F 518 43.89 0.22 4.34
CA ILE F 518 43.79 1.55 4.92
C ILE F 518 45.18 2.23 4.84
N GLY F 519 46.25 1.49 5.09
CA GLY F 519 47.60 2.02 4.98
C GLY F 519 47.95 2.41 3.56
N GLU F 520 47.61 1.54 2.61
CA GLU F 520 47.88 1.77 1.20
C GLU F 520 47.28 3.10 0.74
N ARG F 521 46.06 3.36 1.21
CA ARG F 521 45.28 4.50 0.75
C ARG F 521 45.81 5.78 1.33
N CYS F 522 46.28 5.69 2.58
CA CYS F 522 46.74 6.86 3.30
C CYS F 522 47.98 7.35 2.59
N ALA F 523 48.75 6.42 2.06
CA ALA F 523 49.98 6.69 1.38
C ALA F 523 49.74 7.43 0.09
N ASP F 524 48.61 7.13 -0.57
CA ASP F 524 48.12 7.76 -1.81
C ASP F 524 47.54 9.15 -1.60
N LEU F 525 46.84 9.31 -0.48
CA LEU F 525 46.24 10.58 -0.13
C LEU F 525 47.32 11.60 0.21
N ILE F 526 48.36 11.12 0.88
CA ILE F 526 49.52 11.91 1.18
C ILE F 526 50.28 12.22 -0.11
N ARG F 527 50.48 11.20 -0.93
CA ARG F 527 51.16 11.36 -2.21
C ARG F 527 50.34 12.24 -3.16
N SER F 528 49.10 12.50 -2.76
CA SER F 528 48.17 13.30 -3.55
C SER F 528 48.39 14.80 -3.31
N ALA F 529 48.02 15.29 -2.14
CA ALA F 529 48.41 16.65 -1.75
C ALA F 529 49.97 16.84 -1.81
N ARG F 530 50.69 15.78 -2.19
CA ARG F 530 52.10 15.82 -2.67
C ARG F 530 53.24 15.93 -1.64
N MET G 1 30.28 -1.95 -47.62
CA MET G 1 28.98 -1.62 -48.28
C MET G 1 27.92 -2.68 -47.97
N HIS G 2 26.65 -2.25 -47.89
CA HIS G 2 25.52 -3.18 -47.79
C HIS G 2 24.90 -3.44 -49.15
N ILE G 3 24.99 -4.69 -49.59
CA ILE G 3 24.31 -5.10 -50.80
C ILE G 3 23.03 -5.89 -50.53
N ASP G 4 21.92 -5.44 -51.09
CA ASP G 4 20.64 -6.14 -50.97
C ASP G 4 20.20 -6.73 -52.32
N ASN G 5 20.98 -6.45 -53.36
CA ASN G 5 20.75 -7.05 -54.68
C ASN G 5 22.06 -7.64 -55.17
N ILE G 6 22.22 -8.96 -55.05
CA ILE G 6 23.41 -9.68 -55.49
C ILE G 6 23.88 -9.27 -56.89
N GLU G 7 22.93 -8.92 -57.75
CA GLU G 7 23.19 -8.53 -59.14
C GLU G 7 24.01 -7.24 -59.18
N ASN G 8 24.33 -6.70 -58.01
CA ASN G 8 25.14 -5.49 -57.86
C ASN G 8 26.57 -5.79 -57.49
N LEU G 9 26.79 -6.97 -56.93
CA LEU G 9 28.08 -7.38 -56.44
C LEU G 9 28.88 -7.89 -57.62
N SER G 10 30.05 -7.29 -57.84
CA SER G 10 30.92 -7.74 -58.94
C SER G 10 31.84 -8.83 -58.44
N ASP G 11 32.71 -8.49 -57.51
CA ASP G 11 33.64 -9.46 -56.96
C ASP G 11 32.90 -10.24 -55.90
N ARG G 12 32.86 -11.55 -56.10
CA ARG G 12 32.14 -12.45 -55.21
C ARG G 12 33.14 -13.33 -54.47
N GLU G 13 34.36 -12.83 -54.36
CA GLU G 13 35.46 -13.53 -53.68
C GLU G 13 35.94 -12.70 -52.50
N PHE G 14 35.98 -13.32 -51.32
CA PHE G 14 36.45 -12.66 -50.09
C PHE G 14 37.37 -13.59 -49.37
N ASP G 15 38.16 -13.04 -48.45
CA ASP G 15 38.94 -13.86 -47.55
C ASP G 15 38.04 -14.65 -46.56
N TYR G 16 36.92 -14.05 -46.16
CA TYR G 16 36.10 -14.69 -45.17
C TYR G 16 34.65 -14.45 -45.47
N ILE G 17 33.90 -15.54 -45.37
CA ILE G 17 32.47 -15.47 -45.45
C ILE G 17 31.99 -16.10 -44.16
N VAL G 18 31.09 -15.36 -43.49
CA VAL G 18 30.46 -15.83 -42.29
C VAL G 18 29.02 -15.92 -42.69
N VAL G 19 28.39 -17.05 -42.38
CA VAL G 19 27.07 -17.36 -42.91
C VAL G 19 26.05 -17.32 -41.80
N GLY G 20 25.23 -16.28 -41.80
CA GLY G 20 24.24 -16.07 -40.75
C GLY G 20 24.65 -14.92 -39.85
N GLY G 21 23.99 -13.76 -39.98
CA GLY G 21 24.30 -12.61 -39.16
C GLY G 21 23.67 -12.59 -37.77
N GLY G 22 23.65 -13.75 -37.09
CA GLY G 22 23.04 -13.83 -35.76
C GLY G 22 23.94 -13.40 -34.60
N SER G 23 23.70 -13.99 -33.44
CA SER G 23 24.46 -13.61 -32.26
C SER G 23 25.97 -13.86 -32.42
N ALA G 24 26.34 -15.09 -32.75
CA ALA G 24 27.73 -15.43 -33.05
C ALA G 24 28.24 -14.91 -34.39
N GLY G 25 27.44 -15.06 -35.45
CA GLY G 25 27.85 -14.67 -36.79
C GLY G 25 28.25 -13.20 -36.94
N ALA G 26 27.45 -12.31 -36.38
CA ALA G 26 27.78 -10.91 -36.51
C ALA G 26 29.14 -10.65 -35.82
N ALA G 27 29.33 -11.26 -34.67
CA ALA G 27 30.50 -10.99 -33.88
C ALA G 27 31.74 -11.47 -34.61
N VAL G 28 31.65 -12.67 -35.18
CA VAL G 28 32.79 -13.26 -35.85
C VAL G 28 33.18 -12.34 -37.02
N ALA G 29 32.20 -12.02 -37.86
CA ALA G 29 32.39 -11.16 -38.99
C ALA G 29 33.02 -9.85 -38.52
N ALA G 30 32.37 -9.20 -37.57
CA ALA G 30 32.87 -7.91 -37.15
C ALA G 30 34.31 -7.97 -36.60
N ARG G 31 34.68 -9.00 -35.86
CA ARG G 31 36.03 -9.06 -35.35
C ARG G 31 37.04 -9.37 -36.44
N LEU G 32 36.66 -10.26 -37.34
CA LEU G 32 37.50 -10.56 -38.46
C LEU G 32 37.77 -9.29 -39.26
N SER G 33 36.77 -8.44 -39.36
CA SER G 33 36.94 -7.22 -40.14
C SER G 33 37.91 -6.23 -39.51
N GLU G 34 38.35 -6.50 -38.30
CA GLU G 34 39.17 -5.50 -37.64
C GLU G 34 40.54 -5.40 -38.26
N ASP G 35 40.90 -6.42 -39.02
CA ASP G 35 42.14 -6.40 -39.74
C ASP G 35 41.91 -5.84 -41.15
N PRO G 36 42.49 -4.64 -41.47
CA PRO G 36 42.21 -3.98 -42.78
C PRO G 36 42.76 -4.72 -44.02
N ALA G 37 43.79 -5.55 -43.84
CA ALA G 37 44.35 -6.38 -44.92
C ALA G 37 43.41 -7.49 -45.44
N VAL G 38 42.28 -7.71 -44.78
CA VAL G 38 41.45 -8.86 -45.06
C VAL G 38 40.01 -8.45 -45.46
N SER G 39 39.42 -9.13 -46.43
CA SER G 39 38.03 -8.84 -46.75
C SER G 39 37.09 -9.84 -46.07
N VAL G 40 35.90 -9.36 -45.73
CA VAL G 40 34.96 -10.13 -44.95
C VAL G 40 33.60 -9.88 -45.52
N ALA G 41 32.89 -10.97 -45.82
CA ALA G 41 31.48 -10.90 -46.15
C ALA G 41 30.66 -11.60 -45.08
N LEU G 42 29.55 -10.99 -44.71
CA LEU G 42 28.58 -11.61 -43.84
C LEU G 42 27.30 -11.81 -44.61
N VAL G 43 26.83 -13.05 -44.68
CA VAL G 43 25.59 -13.37 -45.38
C VAL G 43 24.38 -13.70 -44.48
N GLU G 44 23.25 -13.07 -44.75
CA GLU G 44 22.09 -13.23 -43.89
C GLU G 44 20.86 -13.38 -44.79
N ALA G 45 20.01 -14.35 -44.47
CA ALA G 45 18.87 -14.68 -45.31
C ALA G 45 17.71 -13.67 -45.20
N GLY G 46 17.49 -13.15 -43.99
CA GLY G 46 16.42 -12.18 -43.73
C GLY G 46 16.88 -10.76 -44.05
N PRO G 47 15.99 -9.76 -43.85
CA PRO G 47 16.30 -8.38 -44.21
C PRO G 47 17.23 -7.65 -43.24
N ASP G 48 17.69 -6.45 -43.64
CA ASP G 48 18.37 -5.54 -42.72
C ASP G 48 17.40 -5.23 -41.58
N ASP G 49 17.95 -4.83 -40.42
CA ASP G 49 17.12 -4.50 -39.26
C ASP G 49 17.03 -2.99 -39.01
N ARG G 50 18.02 -2.26 -39.53
CA ARG G 50 17.97 -0.83 -39.55
C ARG G 50 16.59 -0.41 -40.04
N GLY G 51 16.02 0.59 -39.38
CA GLY G 51 14.67 1.07 -39.71
C GLY G 51 13.53 0.06 -39.52
N VAL G 52 13.79 -1.08 -38.86
CA VAL G 52 12.69 -1.99 -38.54
C VAL G 52 12.34 -1.86 -37.06
N PRO G 53 11.30 -1.06 -36.76
CA PRO G 53 11.08 -0.67 -35.38
C PRO G 53 10.53 -1.80 -34.54
N GLU G 54 9.82 -2.75 -35.16
CA GLU G 54 9.36 -3.97 -34.45
C GLU G 54 10.52 -4.86 -33.99
N VAL G 55 11.66 -4.79 -34.68
CA VAL G 55 12.88 -5.49 -34.28
C VAL G 55 13.74 -4.60 -33.37
N LEU G 56 14.00 -3.36 -33.79
CA LEU G 56 14.78 -2.43 -32.97
C LEU G 56 14.28 -2.14 -31.55
N GLN G 57 12.98 -1.85 -31.39
CA GLN G 57 12.40 -1.58 -30.07
C GLN G 57 12.22 -2.88 -29.32
N LEU G 58 12.96 -3.06 -28.22
CA LEU G 58 12.96 -4.33 -27.50
C LEU G 58 11.60 -4.69 -26.94
N ASP G 59 10.88 -3.69 -26.43
CA ASP G 59 9.61 -3.97 -25.73
C ASP G 59 8.47 -4.49 -26.64
N ARG G 60 8.73 -4.43 -27.96
CA ARG G 60 7.88 -4.97 -29.02
C ARG G 60 8.16 -6.45 -29.37
N TRP G 61 9.06 -7.11 -28.64
CA TRP G 61 9.64 -8.38 -29.13
C TRP G 61 8.61 -9.49 -29.30
N MET G 62 7.55 -9.43 -28.50
CA MET G 62 6.50 -10.47 -28.56
C MET G 62 5.69 -10.43 -29.87
N GLU G 63 5.60 -9.25 -30.47
CA GLU G 63 4.97 -9.08 -31.78
C GLU G 63 5.66 -9.87 -32.88
N LEU G 64 6.93 -10.22 -32.62
CA LEU G 64 7.81 -10.86 -33.59
C LEU G 64 7.56 -12.35 -33.79
N LEU G 65 6.97 -12.98 -32.80
CA LEU G 65 6.74 -14.42 -32.88
C LEU G 65 5.68 -14.71 -33.94
N GLU G 66 5.89 -15.78 -34.70
CA GLU G 66 5.00 -16.16 -35.79
C GLU G 66 4.84 -15.11 -36.91
N SER G 67 5.48 -13.95 -36.75
CA SER G 67 5.51 -12.88 -37.76
C SER G 67 6.40 -13.17 -38.95
N GLY G 68 6.70 -12.12 -39.71
CA GLY G 68 7.49 -12.29 -40.94
C GLY G 68 8.98 -12.25 -40.70
N TYR G 69 9.35 -12.12 -39.43
CA TYR G 69 10.76 -12.22 -39.06
C TYR G 69 11.12 -13.56 -38.39
N ASP G 70 10.20 -14.53 -38.49
CA ASP G 70 10.33 -15.85 -37.85
C ASP G 70 10.39 -17.01 -38.90
N TRP G 71 11.38 -17.89 -38.82
CA TRP G 71 11.39 -19.10 -39.66
C TRP G 71 10.20 -20.00 -39.27
N ASP G 72 9.94 -20.13 -37.96
CA ASP G 72 8.77 -20.81 -37.40
C ASP G 72 8.81 -22.36 -37.51
N TYR G 73 9.71 -23.01 -36.77
CA TYR G 73 9.88 -24.46 -36.90
C TYR G 73 9.02 -25.25 -35.95
N PRO G 74 7.94 -25.89 -36.47
CA PRO G 74 7.16 -26.79 -35.66
C PRO G 74 7.99 -28.01 -35.28
N ILE G 75 7.67 -28.62 -34.16
CA ILE G 75 8.42 -29.81 -33.78
C ILE G 75 7.71 -31.10 -34.21
N GLU G 76 8.49 -32.17 -34.30
CA GLU G 76 7.99 -33.53 -34.48
C GLU G 76 7.06 -33.96 -33.33
N PRO G 77 6.22 -35.00 -33.60
CA PRO G 77 5.33 -35.47 -32.55
C PRO G 77 6.10 -35.88 -31.29
N GLN G 78 5.72 -35.31 -30.17
CA GLN G 78 6.40 -35.58 -28.90
C GLN G 78 5.82 -36.78 -28.18
N GLU G 79 6.69 -37.74 -27.92
CA GLU G 79 6.31 -38.96 -27.26
C GLU G 79 5.97 -38.79 -25.77
N ASN G 80 6.36 -37.65 -25.20
CA ASN G 80 6.05 -37.30 -23.81
C ASN G 80 6.04 -35.76 -23.65
N GLY G 81 5.64 -35.06 -24.70
CA GLY G 81 5.64 -33.62 -24.66
C GLY G 81 4.55 -32.98 -25.50
N ASN G 82 4.62 -31.66 -25.64
CA ASN G 82 3.60 -30.89 -26.35
C ASN G 82 3.81 -30.71 -27.88
N SER G 83 2.94 -31.33 -28.66
CA SER G 83 3.20 -31.45 -30.11
C SER G 83 2.82 -30.20 -30.88
N PHE G 84 2.21 -29.25 -30.17
CA PHE G 84 1.88 -27.93 -30.73
C PHE G 84 3.00 -26.97 -30.43
N MET G 85 4.06 -27.48 -29.81
CA MET G 85 5.14 -26.65 -29.41
C MET G 85 5.82 -26.18 -30.66
N ARG G 86 6.26 -24.91 -30.66
CA ARG G 86 6.84 -24.28 -31.87
C ARG G 86 8.10 -23.50 -31.61
N HIS G 87 9.18 -23.82 -32.31
CA HIS G 87 10.46 -23.15 -32.14
C HIS G 87 10.59 -21.85 -32.95
N ALA G 88 10.13 -20.75 -32.38
CA ALA G 88 10.27 -19.47 -33.04
C ALA G 88 11.75 -19.19 -33.34
N ARG G 89 12.07 -18.67 -34.53
CA ARG G 89 13.46 -18.33 -34.87
C ARG G 89 13.56 -17.06 -35.70
N ALA G 90 14.33 -16.07 -35.22
CA ALA G 90 14.51 -14.84 -36.00
C ALA G 90 15.17 -15.03 -37.38
N LYS G 91 14.60 -14.37 -38.39
CA LYS G 91 15.14 -14.30 -39.76
C LYS G 91 15.25 -12.83 -40.16
N VAL G 92 16.43 -12.27 -39.94
CA VAL G 92 16.67 -10.81 -39.92
C VAL G 92 18.00 -10.64 -39.23
N MET G 93 18.71 -9.58 -39.60
CA MET G 93 20.06 -9.30 -39.13
C MET G 93 20.10 -9.27 -37.62
N GLY G 94 21.18 -9.78 -37.05
CA GLY G 94 21.24 -9.87 -35.61
C GLY G 94 20.59 -11.14 -35.07
N GLY G 95 19.95 -11.90 -35.95
CA GLY G 95 19.47 -13.22 -35.59
C GLY G 95 18.51 -13.24 -34.41
N CYS G 96 18.50 -14.33 -33.65
CA CYS G 96 17.55 -14.43 -32.54
C CYS G 96 17.92 -13.35 -31.52
N SER G 97 19.13 -12.82 -31.65
CA SER G 97 19.51 -11.63 -30.91
C SER G 97 18.58 -10.45 -31.32
N SER G 98 18.09 -10.48 -32.53
CA SER G 98 17.17 -9.47 -32.94
C SER G 98 15.68 -9.76 -32.62
N HIS G 99 15.33 -10.96 -32.14
CA HIS G 99 13.92 -11.26 -31.69
C HIS G 99 13.71 -11.54 -30.16
N ASN G 100 14.81 -11.65 -29.41
CA ASN G 100 14.80 -12.17 -28.02
C ASN G 100 14.49 -11.17 -26.88
N ALA G 101 14.39 -11.67 -25.66
CA ALA G 101 13.94 -10.82 -24.55
C ALA G 101 15.09 -10.00 -23.95
N CYS G 102 16.27 -10.12 -24.55
CA CYS G 102 17.50 -9.38 -24.18
C CYS G 102 17.98 -9.56 -22.74
N ILE G 103 17.62 -10.67 -22.09
CA ILE G 103 18.11 -10.99 -20.75
C ILE G 103 19.51 -11.48 -20.88
N ALA G 104 20.42 -10.90 -20.10
CA ALA G 104 21.87 -11.07 -20.34
C ALA G 104 22.62 -11.60 -19.15
N PHE G 105 23.10 -12.82 -19.31
CA PHE G 105 23.89 -13.52 -18.34
C PHE G 105 25.23 -13.96 -18.84
N TRP G 106 26.27 -13.72 -18.04
CA TRP G 106 27.52 -14.46 -18.16
C TRP G 106 27.19 -15.88 -17.75
N ALA G 107 27.79 -16.86 -18.41
CA ALA G 107 27.66 -18.24 -17.97
C ALA G 107 28.54 -18.49 -16.76
N PRO G 108 28.08 -19.39 -15.89
CA PRO G 108 28.78 -19.89 -14.71
C PRO G 108 30.14 -20.50 -15.06
N ARG G 109 31.12 -20.13 -14.23
CA ARG G 109 32.47 -20.63 -14.42
C ARG G 109 32.45 -22.16 -14.46
N GLU G 110 31.50 -22.74 -13.75
CA GLU G 110 31.37 -24.20 -13.63
C GLU G 110 30.91 -24.87 -14.92
N ASP G 111 29.92 -24.28 -15.57
CA ASP G 111 29.48 -24.77 -16.85
C ASP G 111 30.69 -24.81 -17.77
N LEU G 112 31.33 -23.64 -17.96
CA LEU G 112 32.35 -23.47 -18.96
C LEU G 112 33.61 -24.23 -18.66
N ASP G 113 34.00 -24.34 -17.39
CA ASP G 113 35.16 -25.17 -17.02
C ASP G 113 34.93 -26.63 -17.32
N GLU G 114 33.67 -27.09 -17.30
CA GLU G 114 33.37 -28.46 -17.68
C GLU G 114 33.61 -28.69 -19.16
N TRP G 115 33.41 -27.65 -19.98
CA TRP G 115 33.48 -27.88 -21.43
C TRP G 115 34.79 -28.51 -21.76
N GLU G 116 35.81 -28.12 -21.00
CA GLU G 116 37.14 -28.68 -21.15
C GLU G 116 37.44 -29.93 -20.27
N ALA G 117 37.11 -29.84 -18.99
CA ALA G 117 37.56 -30.84 -18.04
C ALA G 117 36.69 -32.06 -18.16
N LYS G 118 35.42 -31.83 -18.50
CA LYS G 118 34.48 -32.94 -18.63
C LYS G 118 34.09 -33.28 -20.07
N TYR G 119 34.03 -32.30 -20.97
CA TYR G 119 33.55 -32.60 -22.34
C TYR G 119 34.62 -32.67 -23.41
N GLY G 120 35.88 -32.56 -22.99
CA GLY G 120 37.04 -32.74 -23.87
C GLY G 120 37.27 -31.62 -24.86
N ALA G 121 36.71 -30.44 -24.62
CA ALA G 121 36.91 -29.28 -25.48
C ALA G 121 38.11 -28.45 -25.01
N THR G 122 39.33 -28.84 -25.37
CA THR G 122 40.55 -28.14 -24.91
C THR G 122 40.41 -26.60 -25.03
N GLY G 123 40.82 -25.85 -24.02
CA GLY G 123 40.84 -24.38 -24.11
C GLY G 123 39.54 -23.62 -23.83
N TRP G 124 38.42 -24.31 -23.74
CA TRP G 124 37.17 -23.68 -23.46
C TRP G 124 36.90 -23.80 -21.97
N ASN G 125 37.16 -22.71 -21.24
CA ASN G 125 36.93 -22.64 -19.79
C ASN G 125 36.65 -21.21 -19.43
N ALA G 126 36.36 -20.98 -18.16
CA ALA G 126 36.26 -19.61 -17.66
C ALA G 126 37.51 -18.68 -17.95
N GLU G 127 38.74 -19.24 -17.96
CA GLU G 127 39.94 -18.39 -18.25
C GLU G 127 39.98 -17.90 -19.69
N ALA G 128 39.34 -18.64 -20.58
CA ALA G 128 39.23 -18.19 -21.99
C ALA G 128 38.14 -17.11 -22.15
N ALA G 129 37.04 -17.37 -21.45
CA ALA G 129 35.73 -16.77 -21.68
C ALA G 129 35.54 -15.48 -20.95
N TRP G 130 36.01 -15.43 -19.72
CA TRP G 130 36.00 -14.19 -18.92
C TRP G 130 36.61 -12.97 -19.68
N PRO G 131 37.81 -13.11 -20.27
CA PRO G 131 38.25 -11.89 -20.94
C PRO G 131 37.38 -11.53 -22.19
N LEU G 132 36.73 -12.51 -22.78
CA LEU G 132 35.89 -12.24 -23.94
C LEU G 132 34.56 -11.60 -23.60
N TYR G 133 33.92 -12.06 -22.50
CA TYR G 133 32.72 -11.42 -21.97
C TYR G 133 32.91 -9.94 -21.69
N LYS G 134 34.02 -9.61 -21.03
CA LYS G 134 34.48 -8.22 -20.82
C LYS G 134 34.71 -7.45 -22.15
N ARG G 135 35.26 -8.10 -23.16
CA ARG G 135 35.54 -7.39 -24.39
C ARG G 135 34.21 -7.01 -25.08
N LEU G 136 33.19 -7.87 -24.94
CA LEU G 136 31.97 -7.63 -25.73
C LEU G 136 31.07 -6.61 -25.11
N GLU G 137 31.18 -6.39 -23.81
CA GLU G 137 30.15 -5.63 -23.10
C GLU G 137 30.58 -4.23 -22.77
N THR G 138 29.64 -3.32 -22.77
CA THR G 138 29.74 -2.16 -21.96
C THR G 138 28.62 -2.31 -20.93
N ASN G 139 29.02 -2.76 -19.73
CA ASN G 139 28.12 -3.07 -18.63
C ASN G 139 27.91 -1.89 -17.68
N GLU G 140 26.66 -1.62 -17.35
CA GLU G 140 26.36 -0.56 -16.42
C GLU G 140 27.13 -0.73 -15.11
N ASP G 141 27.30 -1.96 -14.64
CA ASP G 141 28.03 -2.22 -13.39
C ASP G 141 29.55 -2.08 -13.55
N ALA G 142 30.06 -1.72 -14.73
CA ALA G 142 31.51 -1.61 -14.83
C ALA G 142 32.11 -0.60 -13.84
N GLY G 143 33.30 -0.93 -13.38
CA GLY G 143 34.07 0.01 -12.58
C GLY G 143 35.23 -0.64 -11.87
N PRO G 144 35.97 0.18 -11.15
CA PRO G 144 37.04 -0.38 -10.33
C PRO G 144 36.56 -1.36 -9.24
N ASP G 145 35.33 -1.23 -8.73
CA ASP G 145 34.82 -2.28 -7.78
C ASP G 145 34.27 -3.56 -8.40
N ALA G 146 34.13 -3.60 -9.72
CA ALA G 146 33.81 -4.84 -10.40
C ALA G 146 34.67 -4.96 -11.67
N PRO G 147 35.99 -5.11 -11.47
CA PRO G 147 36.88 -4.91 -12.59
C PRO G 147 36.68 -5.95 -13.68
N HIS G 148 35.92 -7.00 -13.40
CA HIS G 148 35.71 -8.06 -14.37
C HIS G 148 34.79 -7.58 -15.52
N HIS G 149 34.00 -6.54 -15.27
CA HIS G 149 33.08 -6.04 -16.29
CA HIS G 149 33.08 -6.04 -16.29
C HIS G 149 33.74 -5.21 -17.41
N GLY G 150 33.12 -5.24 -18.59
CA GLY G 150 33.56 -4.43 -19.74
C GLY G 150 32.89 -3.08 -19.73
N ASP G 151 33.65 -2.02 -20.01
CA ASP G 151 33.11 -0.67 -20.11
C ASP G 151 33.19 -0.04 -21.52
N SER G 152 33.72 -0.78 -22.50
CA SER G 152 34.05 -0.26 -23.84
C SER G 152 33.44 -1.05 -25.01
N GLY G 153 32.80 -2.18 -24.66
CA GLY G 153 32.42 -3.21 -25.61
C GLY G 153 31.19 -2.86 -26.40
N PRO G 154 30.97 -3.55 -27.50
CA PRO G 154 29.94 -3.14 -28.44
C PRO G 154 28.53 -3.27 -27.90
N VAL G 155 28.31 -4.28 -27.07
CA VAL G 155 26.99 -4.61 -26.55
C VAL G 155 26.76 -3.97 -25.18
N HIS G 156 25.64 -3.26 -25.06
CA HIS G 156 25.28 -2.48 -23.88
C HIS G 156 24.37 -3.29 -22.98
N LEU G 157 24.82 -3.57 -21.76
CA LEU G 157 23.93 -4.19 -20.79
C LEU G 157 23.53 -3.20 -19.70
N MET G 158 22.25 -3.17 -19.41
CA MET G 158 21.79 -2.33 -18.35
C MET G 158 21.08 -3.11 -17.26
N ASN G 159 21.01 -2.51 -16.07
CA ASN G 159 20.07 -2.95 -15.05
C ASN G 159 18.67 -2.43 -15.37
N VAL G 160 17.75 -3.37 -15.41
CA VAL G 160 16.33 -3.06 -15.43
C VAL G 160 15.99 -2.32 -14.15
N PRO G 161 15.49 -1.08 -14.27
CA PRO G 161 15.00 -0.32 -13.11
C PRO G 161 13.85 -1.07 -12.39
N PRO G 162 13.95 -1.18 -11.04
CA PRO G 162 13.01 -1.94 -10.16
C PRO G 162 11.62 -1.28 -9.95
N LYS G 163 11.06 -0.76 -11.04
CA LYS G 163 9.83 0.03 -11.08
C LYS G 163 8.51 -0.77 -10.94
N ASP G 164 8.55 -2.09 -11.08
CA ASP G 164 7.32 -2.93 -11.11
C ASP G 164 6.95 -3.40 -9.71
N PRO G 165 5.90 -2.79 -9.11
CA PRO G 165 5.45 -3.11 -7.74
C PRO G 165 5.28 -4.61 -7.54
N THR G 166 4.66 -5.26 -8.53
CA THR G 166 4.42 -6.71 -8.48
C THR G 166 5.75 -7.45 -8.48
N GLY G 167 6.70 -6.93 -9.26
CA GLY G 167 8.03 -7.51 -9.32
C GLY G 167 8.76 -7.39 -8.00
N VAL G 168 8.69 -6.19 -7.39
CA VAL G 168 9.31 -5.98 -6.06
C VAL G 168 8.80 -6.99 -5.02
N ALA G 169 7.47 -7.02 -4.85
CA ALA G 169 6.80 -7.88 -3.90
C ALA G 169 7.18 -9.36 -4.11
N LEU G 170 7.46 -9.72 -5.37
CA LEU G 170 7.78 -11.10 -5.73
C LEU G 170 9.17 -11.48 -5.27
N LEU G 171 10.06 -10.50 -5.35
CA LEU G 171 11.38 -10.66 -4.84
C LEU G 171 11.25 -10.68 -3.31
N ASP G 172 10.43 -9.81 -2.73
CA ASP G 172 10.12 -9.88 -1.28
C ASP G 172 9.59 -11.26 -0.87
N ALA G 173 8.61 -11.77 -1.62
CA ALA G 173 8.13 -13.13 -1.42
C ALA G 173 9.18 -14.21 -1.67
N CYS G 174 10.22 -13.87 -2.46
CA CYS G 174 11.32 -14.81 -2.64
C CYS G 174 12.18 -14.92 -1.37
N GLU G 175 12.44 -13.80 -0.68
CA GLU G 175 13.10 -13.81 0.62
C GLU G 175 12.28 -14.67 1.59
N GLN G 176 10.96 -14.46 1.62
CA GLN G 176 10.11 -15.26 2.52
C GLN G 176 10.21 -16.76 2.30
N ALA G 177 10.46 -17.17 1.05
CA ALA G 177 10.58 -18.59 0.71
C ALA G 177 12.02 -19.06 0.85
N GLY G 178 12.90 -18.17 1.27
CA GLY G 178 14.27 -18.59 1.57
C GLY G 178 15.13 -18.63 0.32
N ILE G 179 14.84 -17.67 -0.57
CA ILE G 179 15.62 -17.35 -1.78
C ILE G 179 16.02 -15.87 -1.72
N PRO G 180 17.28 -15.58 -1.46
CA PRO G 180 17.64 -14.19 -1.24
C PRO G 180 17.75 -13.37 -2.55
N ARG G 181 17.73 -12.06 -2.43
CA ARG G 181 18.05 -11.19 -3.57
C ARG G 181 19.50 -11.39 -3.92
N ALA G 182 19.76 -11.76 -5.17
CA ALA G 182 21.13 -11.92 -5.61
C ALA G 182 21.46 -10.91 -6.71
N LYS G 183 22.74 -10.81 -7.00
CA LYS G 183 23.23 -9.83 -8.00
C LYS G 183 23.74 -10.59 -9.17
N PHE G 184 23.33 -10.17 -10.36
CA PHE G 184 23.72 -10.93 -11.53
C PHE G 184 25.03 -10.51 -12.16
N ASN G 185 25.70 -11.49 -12.75
CA ASN G 185 26.91 -11.26 -13.52
C ASN G 185 28.16 -10.77 -12.71
N THR G 186 28.26 -11.22 -11.44
CA THR G 186 29.30 -10.76 -10.53
C THR G 186 30.62 -11.45 -10.73
N GLY G 187 30.61 -12.61 -11.39
CA GLY G 187 31.71 -13.52 -11.32
C GLY G 187 31.31 -14.74 -10.51
N THR G 188 30.33 -14.60 -9.61
CA THR G 188 29.90 -15.72 -8.72
C THR G 188 28.55 -16.37 -9.14
N THR G 189 28.61 -17.66 -9.43
CA THR G 189 27.42 -18.41 -9.83
C THR G 189 26.35 -18.27 -8.76
N VAL G 190 25.14 -17.91 -9.17
CA VAL G 190 24.04 -17.82 -8.21
C VAL G 190 23.35 -19.17 -8.21
N VAL G 191 23.30 -19.83 -7.05
CA VAL G 191 22.61 -21.11 -6.98
C VAL G 191 21.23 -20.88 -6.38
N ASN G 192 21.21 -20.17 -5.26
CA ASN G 192 19.97 -19.80 -4.63
C ASN G 192 19.82 -18.31 -4.53
N GLY G 193 18.97 -17.74 -5.38
CA GLY G 193 18.84 -16.28 -5.44
C GLY G 193 18.03 -15.76 -6.62
N ALA G 194 17.58 -14.50 -6.50
CA ALA G 194 16.67 -13.85 -7.46
C ALA G 194 16.90 -12.34 -7.59
N ASN G 195 16.52 -11.80 -8.73
CA ASN G 195 16.48 -10.33 -8.87
C ASN G 195 15.98 -9.92 -10.25
N PHE G 196 15.64 -8.63 -10.38
CA PHE G 196 15.59 -7.97 -11.69
C PHE G 196 16.82 -8.30 -12.56
N PHE G 197 16.64 -8.33 -13.89
CA PHE G 197 17.71 -8.78 -14.78
C PHE G 197 18.69 -7.69 -15.16
N GLN G 198 19.88 -8.12 -15.58
CA GLN G 198 20.61 -7.37 -16.56
C GLN G 198 20.09 -7.75 -17.98
N ILE G 199 19.98 -6.72 -18.82
CA ILE G 199 19.50 -6.91 -20.17
C ILE G 199 20.40 -6.18 -21.15
N ASN G 200 20.40 -6.61 -22.40
CA ASN G 200 21.29 -5.96 -23.33
C ASN G 200 20.55 -4.97 -24.22
N ARG G 201 20.18 -3.87 -23.58
CA ARG G 201 19.41 -2.83 -24.16
C ARG G 201 20.22 -1.54 -24.08
N ARG G 202 20.02 -0.66 -25.05
CA ARG G 202 20.60 0.68 -25.00
C ARG G 202 19.68 1.58 -24.17
N ALA G 203 20.17 2.78 -23.85
CA ALA G 203 19.39 3.83 -23.18
C ALA G 203 18.10 4.18 -23.90
N ASP G 204 18.14 4.23 -25.23
CA ASP G 204 17.03 4.75 -26.02
C ASP G 204 15.94 3.69 -26.27
N GLY G 205 16.05 2.55 -25.58
CA GLY G 205 15.09 1.46 -25.74
C GLY G 205 15.41 0.50 -26.88
N THR G 206 16.51 0.76 -27.59
CA THR G 206 16.93 -0.12 -28.66
C THR G 206 17.73 -1.32 -28.10
N ARG G 207 17.40 -2.52 -28.58
CA ARG G 207 18.04 -3.71 -28.09
C ARG G 207 19.49 -3.69 -28.56
N SER G 208 20.42 -4.10 -27.72
CA SER G 208 21.79 -4.21 -28.15
C SER G 208 21.96 -5.59 -28.77
N SER G 209 21.33 -5.80 -29.91
CA SER G 209 21.51 -7.04 -30.66
C SER G 209 22.92 -7.09 -31.23
N SER G 210 23.29 -8.23 -31.80
CA SER G 210 24.61 -8.36 -32.44
C SER G 210 24.73 -7.55 -33.72
N SER G 211 23.61 -7.20 -34.35
CA SER G 211 23.66 -6.35 -35.56
C SER G 211 23.81 -4.90 -35.17
N VAL G 212 23.01 -4.48 -34.21
CA VAL G 212 23.04 -3.13 -33.71
C VAL G 212 24.38 -2.80 -33.06
N SER G 213 24.94 -3.72 -32.28
CA SER G 213 26.21 -3.47 -31.55
C SER G 213 27.47 -3.68 -32.44
N TYR G 214 27.52 -4.79 -33.18
CA TYR G 214 28.71 -5.14 -33.97
C TYR G 214 28.69 -4.72 -35.44
N ILE G 215 27.52 -4.62 -36.05
CA ILE G 215 27.43 -4.50 -37.50
C ILE G 215 27.11 -3.08 -37.98
N HIS G 216 26.14 -2.45 -37.33
CA HIS G 216 25.78 -1.10 -37.73
C HIS G 216 26.98 -0.13 -37.89
N PRO G 217 27.87 -0.04 -36.89
CA PRO G 217 28.90 0.99 -37.06
C PRO G 217 29.96 0.64 -38.12
N ILE G 218 30.01 -0.61 -38.57
CA ILE G 218 30.99 -0.99 -39.61
C ILE G 218 30.40 -1.20 -41.01
N VAL G 219 29.16 -0.76 -41.24
CA VAL G 219 28.53 -1.05 -42.53
C VAL G 219 29.25 -0.47 -43.74
N GLU G 220 29.77 0.74 -43.62
CA GLU G 220 30.42 1.35 -44.78
C GLU G 220 31.92 1.15 -44.70
N GLN G 221 32.35 0.20 -43.86
CA GLN G 221 33.78 -0.07 -43.72
C GLN G 221 34.37 -0.72 -44.98
N GLU G 222 35.57 -0.30 -45.32
CA GLU G 222 36.20 -0.59 -46.61
C GLU G 222 36.30 -2.08 -46.98
N ASN G 223 36.58 -2.92 -45.98
CA ASN G 223 36.84 -4.35 -46.19
C ASN G 223 35.64 -5.27 -45.83
N PHE G 224 34.48 -4.65 -45.60
CA PHE G 224 33.32 -5.38 -45.12
C PHE G 224 32.13 -5.25 -46.06
N THR G 225 31.57 -6.41 -46.44
CA THR G 225 30.41 -6.51 -47.34
C THR G 225 29.22 -7.19 -46.67
N LEU G 226 28.13 -6.45 -46.46
CA LEU G 226 26.96 -7.01 -45.81
C LEU G 226 25.93 -7.47 -46.80
N LEU G 227 25.58 -8.76 -46.75
CA LEU G 227 24.64 -9.30 -47.71
C LEU G 227 23.34 -9.78 -47.06
N THR G 228 22.23 -9.17 -47.44
CA THR G 228 20.97 -9.52 -46.86
C THR G 228 20.06 -10.09 -47.92
N GLY G 229 19.00 -10.79 -47.49
CA GLY G 229 18.00 -11.33 -48.41
C GLY G 229 18.58 -12.49 -49.20
N LEU G 230 19.68 -13.05 -48.68
CA LEU G 230 20.46 -14.10 -49.31
C LEU G 230 20.58 -15.34 -48.50
N ARG G 231 20.12 -16.44 -49.07
CA ARG G 231 19.93 -17.64 -48.29
C ARG G 231 20.93 -18.67 -48.77
N ALA G 232 21.63 -19.34 -47.84
CA ALA G 232 22.64 -20.34 -48.22
C ALA G 232 21.97 -21.70 -48.35
N ARG G 233 22.40 -22.50 -49.32
CA ARG G 233 21.74 -23.78 -49.58
C ARG G 233 22.72 -24.93 -49.53
N GLN G 234 24.01 -24.60 -49.63
CA GLN G 234 25.01 -25.61 -49.71
C GLN G 234 26.34 -24.97 -49.46
N LEU G 235 27.22 -25.72 -48.82
CA LEU G 235 28.61 -25.35 -48.72
C LEU G 235 29.32 -26.14 -49.78
N VAL G 236 30.29 -25.53 -50.44
CA VAL G 236 30.97 -26.21 -51.54
C VAL G 236 32.41 -26.56 -51.20
N PHE G 237 32.83 -27.74 -51.66
CA PHE G 237 34.13 -28.29 -51.38
C PHE G 237 34.90 -28.74 -52.61
N ASP G 238 36.18 -28.36 -52.63
CA ASP G 238 37.25 -28.89 -53.47
C ASP G 238 37.33 -30.36 -53.52
N ALA G 239 38.11 -30.80 -54.47
CA ALA G 239 38.59 -32.15 -54.52
C ALA G 239 39.71 -32.38 -53.49
N ASP G 240 40.36 -31.31 -53.04
CA ASP G 240 41.27 -31.34 -51.89
C ASP G 240 40.45 -31.47 -50.60
N ARG G 241 39.12 -31.42 -50.74
CA ARG G 241 38.24 -31.32 -49.59
C ARG G 241 38.51 -30.08 -48.73
N ARG G 242 38.87 -28.98 -49.40
CA ARG G 242 38.85 -27.66 -48.82
C ARG G 242 37.49 -27.06 -49.13
N CYS G 243 36.98 -26.22 -48.22
CA CYS G 243 35.70 -25.56 -48.41
C CYS G 243 35.93 -24.21 -49.07
N THR G 244 35.30 -24.00 -50.22
CA THR G 244 35.59 -22.86 -51.07
C THR G 244 34.51 -21.79 -51.06
N GLY G 245 33.33 -22.17 -50.54
CA GLY G 245 32.36 -21.16 -50.17
C GLY G 245 30.97 -21.70 -50.14
N VAL G 246 30.06 -20.92 -50.69
CA VAL G 246 28.68 -21.23 -50.50
C VAL G 246 27.81 -20.81 -51.67
N ASP G 247 26.78 -21.61 -51.92
CA ASP G 247 25.79 -21.30 -52.91
C ASP G 247 24.62 -20.61 -52.21
N ILE G 248 24.22 -19.45 -52.71
CA ILE G 248 23.17 -18.69 -52.08
C ILE G 248 22.04 -18.48 -53.07
N VAL G 249 20.83 -18.15 -52.58
CA VAL G 249 19.72 -17.78 -53.48
C VAL G 249 19.02 -16.46 -53.13
N ASP G 250 18.67 -15.68 -54.17
CA ASP G 250 18.02 -14.39 -53.95
C ASP G 250 16.57 -14.52 -53.48
N SER G 251 15.99 -15.70 -53.64
CA SER G 251 14.67 -15.99 -53.09
C SER G 251 14.44 -17.51 -53.13
N ALA G 252 13.54 -18.01 -52.28
CA ALA G 252 13.29 -19.47 -52.15
C ALA G 252 13.21 -20.18 -53.49
N PHE G 253 12.72 -19.47 -54.50
CA PHE G 253 12.81 -19.93 -55.87
C PHE G 253 13.34 -18.78 -56.72
N GLY G 254 14.67 -18.57 -56.65
CA GLY G 254 15.44 -17.62 -57.48
C GLY G 254 16.67 -18.35 -58.01
N HIS G 255 17.56 -17.65 -58.75
CA HIS G 255 18.81 -18.27 -59.24
C HIS G 255 19.84 -18.49 -58.12
N THR G 256 20.74 -19.45 -58.31
CA THR G 256 21.76 -19.78 -57.35
C THR G 256 23.06 -19.07 -57.74
N HIS G 257 23.82 -18.60 -56.75
CA HIS G 257 25.08 -17.88 -57.03
C HIS G 257 26.14 -18.41 -56.14
N ARG G 258 27.42 -18.32 -56.54
CA ARG G 258 28.48 -18.68 -55.64
C ARG G 258 29.25 -17.49 -55.04
N LEU G 259 29.37 -17.50 -53.72
CA LEU G 259 30.30 -16.65 -53.03
C LEU G 259 31.50 -17.51 -52.58
N THR G 260 32.71 -17.05 -52.86
CA THR G 260 33.83 -17.91 -52.62
C THR G 260 34.77 -17.32 -51.62
N ALA G 261 35.35 -18.19 -50.80
CA ALA G 261 36.27 -17.76 -49.76
C ALA G 261 37.68 -18.27 -50.02
N ARG G 262 38.64 -17.37 -49.86
CA ARG G 262 40.04 -17.72 -49.98
C ARG G 262 40.61 -18.34 -48.71
N ASN G 263 40.14 -17.92 -47.53
CA ASN G 263 40.76 -18.41 -46.30
C ASN G 263 39.95 -19.48 -45.59
N GLU G 264 38.83 -19.07 -44.99
CA GLU G 264 37.90 -19.98 -44.37
C GLU G 264 36.48 -19.42 -44.47
N VAL G 265 35.50 -20.33 -44.34
CA VAL G 265 34.11 -20.00 -44.12
C VAL G 265 33.66 -20.37 -42.71
N VAL G 266 32.86 -19.49 -42.09
CA VAL G 266 32.30 -19.73 -40.79
C VAL G 266 30.82 -19.89 -40.97
N LEU G 267 30.33 -21.08 -40.60
CA LEU G 267 28.93 -21.36 -40.56
C LEU G 267 28.33 -20.98 -39.18
N SER G 268 27.33 -20.12 -39.23
CA SER G 268 26.80 -19.50 -38.03
C SER G 268 25.30 -19.38 -38.15
N THR G 269 24.68 -20.39 -38.73
CA THR G 269 23.26 -20.29 -38.97
C THR G 269 22.43 -20.75 -37.76
N GLY G 270 23.12 -21.14 -36.70
CA GLY G 270 22.47 -21.51 -35.45
C GLY G 270 22.09 -22.96 -35.34
N ALA G 271 21.70 -23.34 -34.13
CA ALA G 271 21.41 -24.72 -33.76
C ALA G 271 20.45 -25.50 -34.66
N ILE G 272 19.49 -24.85 -35.28
CA ILE G 272 18.54 -25.60 -36.12
C ILE G 272 19.04 -25.66 -37.54
N ASP G 273 19.52 -24.52 -38.05
CA ASP G 273 19.87 -24.40 -39.47
C ASP G 273 21.32 -24.80 -39.82
N THR G 274 22.20 -24.81 -38.82
CA THR G 274 23.60 -25.21 -39.10
C THR G 274 23.68 -26.69 -39.46
N PRO G 275 23.10 -27.57 -38.64
CA PRO G 275 23.13 -29.01 -38.99
C PRO G 275 22.40 -29.35 -40.32
N LYS G 276 21.29 -28.69 -40.58
CA LYS G 276 20.60 -28.87 -41.84
C LYS G 276 21.59 -28.61 -42.99
N LEU G 277 22.26 -27.47 -42.91
CA LEU G 277 23.14 -26.99 -43.96
C LEU G 277 24.33 -27.91 -44.15
N LEU G 278 24.84 -28.44 -43.05
CA LEU G 278 25.98 -29.33 -43.12
C LEU G 278 25.55 -30.60 -43.80
N MET G 279 24.33 -31.01 -43.49
CA MET G 279 23.80 -32.25 -44.03
C MET G 279 23.48 -32.09 -45.49
N LEU G 280 22.66 -31.11 -45.86
CA LEU G 280 22.57 -30.69 -47.26
C LEU G 280 23.92 -30.56 -47.99
N SER G 281 25.03 -30.41 -47.26
CA SER G 281 26.31 -30.28 -47.94
C SER G 281 27.13 -31.56 -47.97
N GLY G 282 26.54 -32.62 -47.41
CA GLY G 282 27.14 -33.92 -47.41
C GLY G 282 27.89 -34.24 -46.14
N ILE G 283 27.62 -33.48 -45.08
CA ILE G 283 28.32 -33.71 -43.83
C ILE G 283 27.34 -34.00 -42.71
N GLY G 284 27.25 -35.28 -42.34
CA GLY G 284 26.35 -35.73 -41.27
C GLY G 284 26.31 -37.26 -41.19
N PRO G 285 25.39 -37.81 -40.39
CA PRO G 285 25.34 -39.27 -40.31
C PRO G 285 25.11 -39.89 -41.69
N ALA G 286 26.03 -40.77 -42.07
CA ALA G 286 26.04 -41.40 -43.40
C ALA G 286 24.67 -41.96 -43.81
N ALA G 287 24.10 -42.78 -42.94
CA ALA G 287 22.85 -43.42 -43.24
C ALA G 287 21.74 -42.42 -43.48
N HIS G 288 21.75 -41.32 -42.76
CA HIS G 288 20.66 -40.39 -42.89
C HIS G 288 20.70 -39.65 -44.25
N LEU G 289 21.88 -39.35 -44.73
CA LEU G 289 21.96 -38.56 -45.95
C LEU G 289 21.56 -39.49 -47.08
N ALA G 290 21.97 -40.76 -46.90
CA ALA G 290 21.81 -41.83 -47.86
C ALA G 290 20.36 -41.99 -48.17
N GLU G 291 19.53 -41.80 -47.14
CA GLU G 291 18.10 -41.95 -47.28
C GLU G 291 17.44 -40.75 -47.95
N HIS G 292 18.20 -39.69 -48.19
CA HIS G 292 17.65 -38.50 -48.87
C HIS G 292 18.35 -38.22 -50.17
N GLY G 293 19.28 -39.12 -50.51
CA GLY G 293 19.94 -39.10 -51.79
C GLY G 293 21.18 -38.21 -51.84
N ILE G 294 21.66 -37.82 -50.68
CA ILE G 294 22.82 -36.95 -50.63
C ILE G 294 24.08 -37.81 -50.56
N GLU G 295 25.09 -37.46 -51.37
CA GLU G 295 26.37 -38.15 -51.28
C GLU G 295 27.03 -37.83 -49.94
N VAL G 296 27.65 -38.84 -49.32
CA VAL G 296 28.37 -38.60 -48.09
C VAL G 296 29.78 -38.18 -48.43
N LEU G 297 30.16 -36.99 -47.95
CA LEU G 297 31.53 -36.49 -47.99
C LEU G 297 32.24 -36.85 -46.68
N VAL G 298 31.58 -36.51 -45.57
CA VAL G 298 32.06 -36.83 -44.24
C VAL G 298 30.98 -37.56 -43.47
N ASP G 299 31.27 -38.78 -43.04
CA ASP G 299 30.33 -39.50 -42.22
C ASP G 299 30.58 -38.97 -40.85
N SER G 300 29.71 -38.07 -40.44
CA SER G 300 29.89 -37.35 -39.21
C SER G 300 28.64 -37.54 -38.35
N PRO G 301 28.60 -38.64 -37.58
CA PRO G 301 27.42 -39.17 -36.87
C PRO G 301 26.80 -38.23 -35.85
N GLY G 302 27.60 -37.35 -35.25
CA GLY G 302 27.10 -36.42 -34.23
C GLY G 302 26.38 -35.15 -34.67
N VAL G 303 26.39 -34.87 -35.99
CA VAL G 303 25.70 -33.72 -36.60
C VAL G 303 24.19 -33.94 -36.55
N GLY G 304 23.49 -33.00 -35.94
CA GLY G 304 22.06 -33.15 -35.72
C GLY G 304 21.69 -33.90 -34.45
N GLU G 305 22.67 -34.56 -33.82
CA GLU G 305 22.46 -35.21 -32.54
C GLU G 305 22.68 -34.22 -31.39
N HIS G 306 22.28 -34.62 -30.19
CA HIS G 306 22.54 -33.87 -28.94
C HIS G 306 21.80 -32.56 -28.84
N LEU G 307 20.66 -32.45 -29.51
CA LEU G 307 19.83 -31.27 -29.33
C LEU G 307 19.40 -31.09 -27.88
N GLN G 308 19.78 -29.97 -27.29
CA GLN G 308 19.40 -29.65 -25.93
C GLN G 308 18.71 -28.31 -25.90
N ASP G 309 17.92 -28.09 -24.85
CA ASP G 309 17.17 -26.88 -24.69
C ASP G 309 16.75 -26.79 -23.22
N HIS G 310 16.31 -25.60 -22.79
CA HIS G 310 15.68 -25.44 -21.51
C HIS G 310 14.17 -25.59 -21.68
N PRO G 311 13.60 -26.78 -21.37
CA PRO G 311 12.15 -26.90 -21.50
C PRO G 311 11.45 -26.04 -20.46
N GLU G 312 10.25 -25.56 -20.77
CA GLU G 312 9.58 -24.61 -19.89
C GLU G 312 8.16 -25.07 -19.52
N GLY G 313 7.82 -24.84 -18.25
CA GLY G 313 6.45 -24.85 -17.79
C GLY G 313 5.98 -23.43 -17.57
N VAL G 314 4.68 -23.30 -17.26
CA VAL G 314 4.08 -22.03 -16.86
C VAL G 314 3.11 -22.27 -15.71
N VAL G 315 3.08 -21.31 -14.80
CA VAL G 315 2.03 -21.21 -13.81
C VAL G 315 1.42 -19.81 -13.96
N GLN G 316 0.12 -19.74 -14.14
CA GLN G 316 -0.57 -18.50 -14.48
C GLN G 316 -1.59 -18.08 -13.44
N PHE G 317 -1.54 -16.79 -13.10
CA PHE G 317 -2.33 -16.24 -12.02
C PHE G 317 -3.05 -15.02 -12.48
N GLU G 318 -4.24 -14.82 -11.93
CA GLU G 318 -5.00 -13.58 -12.09
C GLU G 318 -4.44 -12.65 -11.03
N ALA G 319 -4.29 -11.37 -11.35
CA ALA G 319 -3.82 -10.38 -10.38
C ALA G 319 -4.93 -9.56 -9.70
N LYS G 320 -4.81 -9.43 -8.37
CA LYS G 320 -5.77 -8.70 -7.53
C LYS G 320 -5.77 -7.20 -7.78
N GLN G 321 -4.68 -6.69 -8.33
CA GLN G 321 -4.65 -5.29 -8.76
C GLN G 321 -4.23 -5.18 -10.23
N PRO G 322 -4.32 -3.95 -10.77
CA PRO G 322 -3.83 -3.65 -12.14
C PRO G 322 -2.31 -3.75 -12.32
N MET G 323 -1.90 -4.62 -13.24
CA MET G 323 -0.49 -4.78 -13.64
C MET G 323 0.09 -3.54 -14.36
N VAL G 324 1.41 -3.43 -14.36
CA VAL G 324 2.11 -2.39 -15.12
C VAL G 324 1.72 -2.39 -16.60
N ALA G 325 1.60 -1.19 -17.18
CA ALA G 325 1.22 -1.06 -18.57
C ALA G 325 2.45 -0.94 -19.50
N GLU G 326 3.62 -0.70 -18.90
CA GLU G 326 4.85 -0.68 -19.66
C GLU G 326 5.94 -1.41 -18.95
N SER G 327 6.96 -1.81 -19.72
CA SER G 327 8.07 -2.59 -19.24
C SER G 327 9.27 -2.39 -20.15
N THR G 328 10.37 -3.05 -19.80
CA THR G 328 11.49 -3.17 -20.73
C THR G 328 11.31 -4.33 -21.74
N GLN G 329 10.69 -5.42 -21.28
CA GLN G 329 10.50 -6.62 -22.09
C GLN G 329 9.55 -7.67 -21.46
N TRP G 330 8.86 -7.30 -20.39
CA TRP G 330 7.71 -8.05 -19.86
C TRP G 330 8.11 -9.28 -19.05
N TRP G 331 9.40 -9.53 -19.00
CA TRP G 331 9.94 -10.64 -18.24
C TRP G 331 11.19 -10.14 -17.52
N GLU G 332 10.98 -9.33 -16.51
CA GLU G 332 12.09 -8.62 -15.89
C GLU G 332 12.84 -9.34 -14.80
N ILE G 333 12.26 -10.41 -14.24
CA ILE G 333 12.91 -11.06 -13.08
C ILE G 333 13.24 -12.50 -13.33
N GLY G 334 14.42 -12.93 -12.85
CA GLY G 334 14.79 -14.36 -12.86
C GLY G 334 15.01 -14.92 -11.46
N ILE G 335 14.75 -16.22 -11.29
CA ILE G 335 14.79 -16.86 -9.99
C ILE G 335 15.55 -18.18 -10.03
N PHE G 336 16.61 -18.31 -9.23
CA PHE G 336 17.43 -19.53 -9.24
C PHE G 336 17.35 -20.30 -7.91
N THR G 337 17.22 -21.62 -7.98
CA THR G 337 16.93 -22.38 -6.76
C THR G 337 17.16 -23.89 -6.91
N PRO G 338 17.98 -24.50 -6.02
CA PRO G 338 18.27 -25.92 -5.99
C PRO G 338 17.01 -26.78 -5.75
N THR G 339 16.95 -27.98 -6.32
CA THR G 339 15.90 -28.92 -5.95
C THR G 339 16.43 -30.04 -5.05
N GLU G 340 17.72 -30.34 -5.22
CA GLU G 340 18.38 -31.23 -4.29
CA GLU G 340 18.50 -31.30 -4.43
C GLU G 340 19.60 -30.49 -3.73
N ASP G 341 20.37 -31.13 -2.87
CA ASP G 341 21.48 -30.39 -2.24
C ASP G 341 22.77 -30.77 -2.91
N GLY G 342 23.85 -30.06 -2.53
CA GLY G 342 25.19 -30.34 -3.05
C GLY G 342 25.45 -29.83 -4.47
N LEU G 343 24.65 -28.86 -4.92
CA LEU G 343 24.81 -28.32 -6.29
C LEU G 343 25.63 -27.05 -6.31
N ASP G 344 26.58 -26.99 -7.24
CA ASP G 344 27.22 -25.72 -7.58
C ASP G 344 26.46 -24.91 -8.64
N ARG G 345 25.40 -25.47 -9.18
CA ARG G 345 24.50 -24.71 -10.05
C ARG G 345 23.03 -25.00 -9.77
N PRO G 346 22.16 -23.99 -9.91
CA PRO G 346 20.74 -24.22 -9.87
C PRO G 346 20.33 -25.12 -11.04
N ASP G 347 19.61 -26.19 -10.71
CA ASP G 347 19.05 -27.11 -11.66
C ASP G 347 17.69 -26.61 -12.16
N LEU G 348 17.21 -25.52 -11.55
CA LEU G 348 15.87 -24.99 -11.83
C LEU G 348 15.87 -23.47 -11.89
N MET G 349 15.25 -22.92 -12.94
CA MET G 349 15.11 -21.47 -13.04
C MET G 349 13.65 -21.12 -13.25
N MET G 350 13.22 -19.96 -12.78
CA MET G 350 11.92 -19.45 -13.17
C MET G 350 12.10 -18.02 -13.64
N HIS G 351 11.42 -17.64 -14.73
CA HIS G 351 11.25 -16.22 -15.13
C HIS G 351 9.95 -15.66 -14.57
N TYR G 352 9.87 -14.34 -14.40
CA TYR G 352 8.64 -13.68 -13.97
C TYR G 352 8.16 -12.78 -15.08
N GLY G 353 7.00 -13.11 -15.63
CA GLY G 353 6.35 -12.29 -16.62
C GLY G 353 5.19 -11.52 -16.03
N SER G 354 5.15 -10.20 -16.28
CA SER G 354 4.06 -9.33 -15.88
C SER G 354 2.86 -9.37 -16.84
N VAL G 355 2.63 -10.53 -17.43
CA VAL G 355 1.49 -10.72 -18.28
C VAL G 355 1.07 -12.20 -18.25
N PRO G 356 -0.15 -12.48 -18.79
CA PRO G 356 -0.60 -13.85 -19.03
C PRO G 356 0.31 -14.46 -20.05
N PHE G 357 0.15 -15.75 -20.29
CA PHE G 357 0.92 -16.45 -21.28
C PHE G 357 0.15 -17.68 -21.71
N ASP G 358 -0.83 -17.47 -22.57
CA ASP G 358 -1.73 -18.55 -22.87
C ASP G 358 -1.33 -19.31 -24.13
N MET G 359 -0.10 -19.08 -24.60
CA MET G 359 0.35 -19.67 -25.88
C MET G 359 0.13 -21.16 -25.91
N ASN G 360 0.34 -21.83 -24.79
CA ASN G 360 0.09 -23.26 -24.77
C ASN G 360 -1.13 -23.72 -23.94
N THR G 361 -1.89 -22.78 -23.38
CA THR G 361 -2.98 -23.11 -22.45
C THR G 361 -4.37 -22.86 -23.00
N LEU G 362 -4.51 -21.79 -23.78
CA LEU G 362 -5.72 -21.55 -24.53
C LEU G 362 -6.28 -22.82 -25.18
N ARG G 363 -5.41 -23.66 -25.78
CA ARG G 363 -5.93 -24.82 -26.55
C ARG G 363 -6.46 -26.01 -25.74
N HIS G 364 -6.16 -26.05 -24.45
CA HIS G 364 -6.65 -27.13 -23.62
C HIS G 364 -7.79 -26.67 -22.74
N GLY G 365 -8.23 -25.43 -22.93
CA GLY G 365 -9.44 -24.90 -22.29
C GLY G 365 -9.22 -24.14 -20.98
N TYR G 366 -7.98 -23.89 -20.58
CA TYR G 366 -7.72 -23.09 -19.38
C TYR G 366 -8.16 -21.63 -19.62
N PRO G 367 -8.49 -20.92 -18.54
CA PRO G 367 -9.06 -19.59 -18.69
C PRO G 367 -7.97 -18.54 -18.65
N THR G 368 -8.30 -17.35 -19.13
CA THR G 368 -7.36 -16.33 -19.47
C THR G 368 -7.81 -15.13 -18.70
N THR G 369 -7.19 -13.99 -18.99
CA THR G 369 -7.33 -12.78 -18.21
C THR G 369 -6.59 -11.74 -19.02
N GLU G 370 -6.93 -10.48 -18.85
CA GLU G 370 -6.11 -9.42 -19.43
C GLU G 370 -5.33 -8.63 -18.35
N ASN G 371 -5.39 -9.13 -17.12
CA ASN G 371 -4.59 -8.60 -16.02
C ASN G 371 -4.13 -9.81 -15.23
N GLY G 372 -2.86 -10.11 -15.29
CA GLY G 372 -2.36 -11.29 -14.62
C GLY G 372 -0.87 -11.20 -14.72
N PHE G 373 -0.21 -12.20 -14.16
CA PHE G 373 1.23 -12.38 -14.31
C PHE G 373 1.52 -13.88 -14.43
N SER G 374 2.79 -14.19 -14.69
CA SER G 374 3.18 -15.57 -14.99
C SER G 374 4.52 -15.87 -14.40
N LEU G 375 4.69 -17.15 -14.06
CA LEU G 375 5.94 -17.66 -13.55
C LEU G 375 6.25 -18.87 -14.38
N THR G 376 7.46 -18.94 -14.93
CA THR G 376 7.75 -20.03 -15.85
C THR G 376 8.99 -20.80 -15.49
N PRO G 377 8.85 -21.90 -14.74
CA PRO G 377 10.02 -22.75 -14.41
C PRO G 377 10.57 -23.44 -15.64
N ASN G 378 11.89 -23.62 -15.68
CA ASN G 378 12.55 -24.33 -16.77
C ASN G 378 13.61 -25.17 -16.13
N VAL G 379 14.08 -26.18 -16.86
CA VAL G 379 15.08 -27.12 -16.37
C VAL G 379 16.44 -26.76 -17.00
N THR G 380 17.36 -26.32 -16.15
CA THR G 380 18.55 -25.60 -16.56
C THR G 380 19.61 -26.49 -17.24
N HIS G 381 19.59 -27.80 -16.91
CA HIS G 381 20.43 -28.80 -17.57
CA HIS G 381 20.43 -28.80 -17.57
C HIS G 381 19.62 -30.08 -17.81
N ALA G 382 18.69 -30.02 -18.75
CA ALA G 382 17.80 -31.13 -19.08
C ALA G 382 18.59 -32.27 -19.66
N ARG G 383 18.18 -33.48 -19.30
CA ARG G 383 18.92 -34.66 -19.71
C ARG G 383 18.35 -35.30 -20.96
N SER G 384 17.19 -34.80 -21.39
CA SER G 384 16.69 -35.16 -22.71
C SER G 384 17.69 -34.75 -23.81
N ARG G 385 17.83 -35.63 -24.79
CA ARG G 385 18.57 -35.33 -25.98
C ARG G 385 17.68 -35.62 -27.19
N GLY G 386 17.48 -34.62 -28.06
CA GLY G 386 16.68 -34.81 -29.26
C GLY G 386 17.47 -34.71 -30.56
N THR G 387 16.78 -34.53 -31.68
CA THR G 387 17.46 -34.49 -32.97
C THR G 387 17.07 -33.29 -33.81
N VAL G 388 17.98 -32.89 -34.68
CA VAL G 388 17.64 -32.11 -35.87
C VAL G 388 18.04 -32.93 -37.07
N ARG G 389 17.12 -33.09 -38.01
CA ARG G 389 17.35 -33.87 -39.22
C ARG G 389 16.65 -33.23 -40.45
N LEU G 390 17.10 -33.63 -41.64
CA LEU G 390 16.47 -33.21 -42.89
C LEU G 390 15.14 -33.90 -43.14
N ARG G 391 14.16 -33.11 -43.58
CA ARG G 391 12.88 -33.61 -44.06
C ARG G 391 13.02 -34.18 -45.48
N SER G 392 13.89 -33.54 -46.27
CA SER G 392 14.24 -33.94 -47.63
C SER G 392 15.51 -33.27 -48.09
N ARG G 393 15.89 -33.49 -49.34
CA ARG G 393 17.14 -32.94 -49.89
C ARG G 393 16.94 -31.52 -50.47
N ASP G 394 15.73 -30.94 -50.30
CA ASP G 394 15.40 -29.62 -50.83
C ASP G 394 15.49 -28.63 -49.68
N PHE G 395 16.43 -27.69 -49.79
CA PHE G 395 16.73 -26.70 -48.75
C PHE G 395 15.52 -25.91 -48.34
N ARG G 396 14.44 -25.97 -49.10
CA ARG G 396 13.32 -25.09 -48.78
C ARG G 396 12.46 -25.71 -47.71
N ASP G 397 12.55 -27.03 -47.61
CA ASP G 397 11.77 -27.76 -46.62
C ASP G 397 12.32 -27.59 -45.20
N LYS G 398 11.48 -27.09 -44.31
CA LYS G 398 11.82 -26.94 -42.90
C LYS G 398 12.42 -28.23 -42.32
N PRO G 399 13.53 -28.11 -41.55
CA PRO G 399 14.16 -29.30 -41.00
C PRO G 399 13.21 -29.98 -40.03
N MET G 400 13.58 -31.20 -39.62
CA MET G 400 12.79 -31.98 -38.67
C MET G 400 13.36 -31.90 -37.25
N VAL G 401 12.74 -31.06 -36.44
CA VAL G 401 13.26 -30.73 -35.11
C VAL G 401 12.56 -31.61 -34.08
N ASP G 402 13.30 -32.55 -33.49
CA ASP G 402 12.74 -33.41 -32.43
C ASP G 402 13.52 -33.34 -31.12
N PRO G 403 13.10 -32.50 -30.18
CA PRO G 403 13.86 -32.29 -28.93
C PRO G 403 13.71 -33.43 -27.93
N ARG G 404 12.66 -34.22 -28.10
CA ARG G 404 12.31 -35.38 -27.24
C ARG G 404 12.17 -34.99 -25.79
N TYR G 405 11.44 -33.91 -25.56
CA TYR G 405 11.16 -33.42 -24.22
C TYR G 405 10.71 -34.48 -23.24
N PHE G 406 11.33 -34.47 -22.06
CA PHE G 406 10.90 -35.28 -20.91
C PHE G 406 10.95 -36.77 -21.18
N THR G 407 12.07 -37.22 -21.73
CA THR G 407 12.27 -38.62 -22.10
C THR G 407 13.55 -39.12 -21.48
N ASP G 408 14.15 -38.34 -20.60
CA ASP G 408 15.38 -38.83 -19.98
C ASP G 408 15.02 -40.03 -19.09
N PRO G 409 15.86 -41.10 -19.11
CA PRO G 409 15.46 -42.38 -18.52
C PRO G 409 15.09 -42.27 -17.05
N GLU G 410 15.86 -41.48 -16.28
CA GLU G 410 15.62 -41.32 -14.83
C GLU G 410 14.57 -40.28 -14.53
N GLY G 411 13.93 -39.75 -15.57
CA GLY G 411 12.83 -38.79 -15.40
C GLY G 411 13.21 -37.52 -14.64
N HIS G 412 14.47 -37.11 -14.78
CA HIS G 412 15.00 -35.87 -14.21
C HIS G 412 14.20 -34.62 -14.59
N ASP G 413 13.99 -34.44 -15.88
CA ASP G 413 13.47 -33.19 -16.35
C ASP G 413 12.07 -32.98 -15.80
N MET G 414 11.23 -34.02 -15.91
CA MET G 414 9.86 -34.00 -15.36
C MET G 414 9.84 -33.84 -13.85
N ARG G 415 10.85 -34.38 -13.19
CA ARG G 415 10.97 -34.24 -11.72
C ARG G 415 11.18 -32.77 -11.35
N VAL G 416 12.19 -32.15 -11.97
CA VAL G 416 12.46 -30.74 -11.69
C VAL G 416 11.28 -29.86 -12.11
N MET G 417 10.75 -30.11 -13.30
CA MET G 417 9.68 -29.26 -13.83
C MET G 417 8.53 -29.21 -12.86
N VAL G 418 8.11 -30.40 -12.40
CA VAL G 418 7.07 -30.58 -11.38
C VAL G 418 7.44 -29.89 -10.08
N ALA G 419 8.68 -30.04 -9.63
CA ALA G 419 9.15 -29.24 -8.48
C ALA G 419 9.11 -27.76 -8.76
N GLY G 420 9.35 -27.37 -10.01
CA GLY G 420 9.30 -25.96 -10.39
C GLY G 420 7.92 -25.36 -10.23
N ILE G 421 6.91 -26.07 -10.72
CA ILE G 421 5.51 -25.68 -10.52
C ILE G 421 5.16 -25.52 -9.05
N ARG G 422 5.64 -26.45 -8.22
CA ARG G 422 5.37 -26.38 -6.77
C ARG G 422 5.99 -25.15 -6.14
N LYS G 423 7.25 -24.90 -6.50
CA LYS G 423 7.99 -23.76 -5.97
C LYS G 423 7.38 -22.45 -6.49
N ALA G 424 6.98 -22.43 -7.75
CA ALA G 424 6.19 -21.32 -8.28
C ALA G 424 5.00 -20.97 -7.36
N ARG G 425 4.13 -21.95 -7.13
CA ARG G 425 3.01 -21.82 -6.19
C ARG G 425 3.44 -21.45 -4.79
N GLU G 426 4.55 -22.00 -4.32
CA GLU G 426 4.98 -21.66 -3.00
C GLU G 426 5.33 -20.18 -2.97
N ILE G 427 6.04 -19.68 -3.98
CA ILE G 427 6.43 -18.27 -3.93
C ILE G 427 5.21 -17.36 -4.00
N ALA G 428 4.30 -17.64 -4.93
CA ALA G 428 3.15 -16.78 -5.14
C ALA G 428 2.16 -16.78 -3.95
N ALA G 429 2.30 -17.80 -3.09
CA ALA G 429 1.44 -17.88 -1.92
C ALA G 429 2.13 -17.35 -0.68
N GLN G 430 3.21 -16.57 -0.84
CA GLN G 430 3.89 -15.96 0.33
C GLN G 430 3.20 -14.67 0.79
N PRO G 431 3.33 -14.34 2.11
CA PRO G 431 2.60 -13.17 2.63
C PRO G 431 2.90 -11.93 1.82
N ALA G 432 4.15 -11.75 1.41
CA ALA G 432 4.53 -10.54 0.67
C ALA G 432 3.76 -10.37 -0.67
N MET G 433 3.31 -11.48 -1.26
CA MET G 433 2.61 -11.47 -2.55
C MET G 433 1.11 -11.35 -2.37
N ALA G 434 0.67 -11.40 -1.11
CA ALA G 434 -0.76 -11.41 -0.75
C ALA G 434 -1.60 -10.42 -1.54
N GLU G 435 -1.12 -9.18 -1.71
CA GLU G 435 -1.95 -8.19 -2.39
C GLU G 435 -1.97 -8.31 -3.93
N TRP G 436 -1.16 -9.22 -4.50
CA TRP G 436 -1.17 -9.39 -5.94
C TRP G 436 -1.76 -10.73 -6.38
N THR G 437 -1.29 -11.80 -5.77
CA THR G 437 -1.68 -13.15 -6.20
C THR G 437 -3.21 -13.40 -6.10
N GLY G 438 -3.86 -13.54 -7.25
CA GLY G 438 -5.28 -13.89 -7.34
C GLY G 438 -5.46 -15.37 -7.68
N ARG G 439 -6.55 -15.70 -8.34
CA ARG G 439 -6.85 -17.09 -8.66
C ARG G 439 -5.74 -17.71 -9.51
N GLU G 440 -5.41 -18.97 -9.25
CA GLU G 440 -4.47 -19.68 -10.14
C GLU G 440 -5.21 -20.12 -11.41
N LEU G 441 -4.77 -19.68 -12.59
CA LEU G 441 -5.51 -19.98 -13.83
C LEU G 441 -5.05 -21.30 -14.48
N SER G 442 -3.75 -21.48 -14.63
CA SER G 442 -3.21 -22.75 -15.03
C SER G 442 -2.00 -23.10 -14.15
N PRO G 443 -1.90 -24.35 -13.72
CA PRO G 443 -2.78 -25.47 -14.02
C PRO G 443 -4.10 -25.48 -13.25
N GLY G 444 -4.22 -24.63 -12.24
CA GLY G 444 -5.39 -24.66 -11.34
C GLY G 444 -5.11 -25.43 -10.06
N VAL G 445 -5.71 -24.97 -8.96
CA VAL G 445 -5.57 -25.63 -7.65
C VAL G 445 -6.09 -27.06 -7.62
N GLU G 446 -6.93 -27.39 -8.59
CA GLU G 446 -7.40 -28.76 -8.73
C GLU G 446 -6.24 -29.70 -9.05
N ALA G 447 -5.22 -29.19 -9.73
CA ALA G 447 -4.04 -30.02 -10.07
C ALA G 447 -3.07 -30.04 -8.90
N GLN G 448 -2.96 -31.20 -8.25
CA GLN G 448 -2.18 -31.27 -7.03
C GLN G 448 -1.19 -32.43 -6.95
N THR G 449 -1.53 -33.59 -7.52
CA THR G 449 -0.58 -34.70 -7.52
C THR G 449 0.47 -34.58 -8.62
N ASP G 450 1.47 -35.45 -8.53
CA ASP G 450 2.52 -35.53 -9.51
C ASP G 450 1.98 -35.93 -10.86
N GLU G 451 1.12 -36.96 -10.88
CA GLU G 451 0.62 -37.53 -12.13
C GLU G 451 -0.26 -36.51 -12.82
N GLU G 452 -0.94 -35.71 -12.01
CA GLU G 452 -1.75 -34.61 -12.51
C GLU G 452 -0.91 -33.49 -13.11
N LEU G 453 0.14 -33.08 -12.40
CA LEU G 453 1.02 -32.01 -12.85
C LEU G 453 1.86 -32.47 -14.05
N GLN G 454 2.27 -33.73 -14.01
CA GLN G 454 2.97 -34.36 -15.13
C GLN G 454 2.11 -34.43 -16.38
N ASP G 455 0.79 -34.34 -16.20
CA ASP G 455 -0.14 -34.45 -17.32
C ASP G 455 -0.32 -33.06 -17.90
N TYR G 456 -0.28 -32.06 -17.03
CA TYR G 456 -0.40 -30.66 -17.42
C TYR G 456 0.85 -30.19 -18.14
N ILE G 457 1.98 -30.78 -17.77
CA ILE G 457 3.25 -30.39 -18.38
C ILE G 457 3.29 -30.87 -19.83
N ARG G 458 3.06 -32.18 -20.05
CA ARG G 458 2.99 -32.79 -21.42
C ARG G 458 2.15 -31.94 -22.36
N LYS G 459 1.07 -31.40 -21.84
CA LYS G 459 0.07 -30.68 -22.60
C LYS G 459 0.45 -29.24 -22.89
N THR G 460 1.13 -28.58 -21.97
CA THR G 460 1.10 -27.13 -21.97
C THR G 460 2.45 -26.49 -21.89
N HIS G 461 3.50 -27.29 -22.04
CA HIS G 461 4.81 -26.74 -21.80
C HIS G 461 5.35 -26.03 -23.05
N ASN G 462 6.25 -25.05 -22.84
CA ASN G 462 6.93 -24.37 -23.92
C ASN G 462 8.42 -24.70 -23.94
N THR G 463 9.18 -23.75 -24.44
CA THR G 463 10.61 -23.74 -24.32
C THR G 463 10.94 -22.31 -23.94
N VAL G 464 12.09 -22.13 -23.32
CA VAL G 464 12.63 -20.80 -23.07
C VAL G 464 13.21 -20.20 -24.34
N TYR G 465 13.30 -21.04 -25.38
CA TYR G 465 13.83 -20.75 -26.73
C TYR G 465 15.33 -20.86 -26.83
N HIS G 466 15.91 -21.87 -26.17
CA HIS G 466 17.36 -22.03 -26.09
C HIS G 466 17.88 -23.36 -26.71
N PRO G 467 17.55 -23.63 -27.99
CA PRO G 467 18.15 -24.87 -28.51
C PRO G 467 19.65 -24.68 -28.79
N VAL G 468 20.43 -25.74 -28.63
CA VAL G 468 21.86 -25.68 -28.47
C VAL G 468 22.39 -27.09 -28.77
N GLY G 469 23.67 -27.22 -29.12
CA GLY G 469 24.35 -28.52 -29.10
C GLY G 469 24.36 -29.44 -30.32
N THR G 470 23.83 -28.98 -31.46
CA THR G 470 23.56 -29.91 -32.55
C THR G 470 24.76 -30.29 -33.41
N VAL G 471 25.82 -29.50 -33.32
CA VAL G 471 27.06 -29.77 -34.06
C VAL G 471 28.18 -29.48 -33.03
N ARG G 472 28.38 -30.39 -32.08
CA ARG G 472 29.14 -30.02 -30.88
C ARG G 472 30.67 -29.97 -31.07
N MET G 473 31.33 -29.19 -30.22
CA MET G 473 32.80 -29.27 -30.13
C MET G 473 33.18 -30.38 -29.15
N GLY G 474 34.39 -30.90 -29.29
CA GLY G 474 34.82 -32.07 -28.50
C GLY G 474 36.23 -32.56 -28.80
N ALA G 475 36.56 -33.75 -28.33
CA ALA G 475 37.93 -34.24 -28.45
C ALA G 475 38.26 -34.61 -29.92
N VAL G 476 39.48 -34.37 -30.37
CA VAL G 476 39.85 -34.73 -31.77
C VAL G 476 39.52 -36.19 -32.08
N GLU G 477 39.58 -37.03 -31.05
CA GLU G 477 39.42 -38.47 -31.20
C GLU G 477 37.96 -38.95 -30.99
N ASP G 478 37.08 -38.06 -30.57
CA ASP G 478 35.67 -38.39 -30.38
C ASP G 478 34.94 -38.33 -31.72
N GLU G 479 34.41 -39.46 -32.18
CA GLU G 479 33.68 -39.44 -33.45
C GLU G 479 32.29 -38.83 -33.33
N MET G 480 31.73 -38.78 -32.13
CA MET G 480 30.39 -38.17 -31.98
C MET G 480 30.40 -36.64 -31.91
N SER G 481 31.60 -36.08 -31.91
CA SER G 481 31.77 -34.62 -31.91
C SER G 481 32.21 -34.11 -33.32
N PRO G 482 31.25 -33.53 -34.09
CA PRO G 482 31.54 -33.03 -35.43
C PRO G 482 32.75 -32.07 -35.45
N LEU G 483 32.89 -31.25 -34.41
CA LEU G 483 33.95 -30.22 -34.38
C LEU G 483 35.10 -30.56 -33.45
N ASP G 484 36.29 -30.08 -33.82
CA ASP G 484 37.42 -30.06 -32.89
C ASP G 484 37.36 -28.84 -31.97
N PRO G 485 38.25 -28.79 -30.96
CA PRO G 485 38.24 -27.70 -30.01
C PRO G 485 38.51 -26.34 -30.63
N GLU G 486 38.80 -26.27 -31.92
CA GLU G 486 39.05 -24.99 -32.59
C GLU G 486 37.90 -24.59 -33.54
N LEU G 487 36.79 -25.33 -33.38
CA LEU G 487 35.50 -25.09 -34.06
C LEU G 487 35.56 -25.45 -35.53
N ARG G 488 36.58 -26.25 -35.86
CA ARG G 488 36.80 -26.72 -37.21
C ARG G 488 36.02 -27.98 -37.45
N VAL G 489 35.23 -28.00 -38.54
CA VAL G 489 34.47 -29.20 -38.93
C VAL G 489 35.47 -30.29 -39.28
N LYS G 490 35.42 -31.41 -38.57
CA LYS G 490 36.37 -32.48 -38.86
C LYS G 490 36.15 -33.24 -40.19
N GLY G 491 37.24 -33.60 -40.85
CA GLY G 491 37.18 -34.40 -42.06
C GLY G 491 37.13 -33.50 -43.27
N VAL G 492 37.24 -32.19 -43.00
CA VAL G 492 37.23 -31.13 -44.02
C VAL G 492 38.18 -30.02 -43.56
N THR G 493 38.60 -29.12 -44.45
CA THR G 493 39.43 -28.00 -44.05
C THR G 493 38.79 -26.71 -44.49
N GLY G 494 39.10 -25.60 -43.81
CA GLY G 494 38.57 -24.27 -44.16
C GLY G 494 37.14 -23.94 -43.73
N LEU G 495 36.63 -24.64 -42.72
CA LEU G 495 35.27 -24.44 -42.31
C LEU G 495 35.20 -24.52 -40.81
N ARG G 496 34.66 -23.48 -40.20
CA ARG G 496 34.37 -23.53 -38.78
C ARG G 496 32.89 -23.32 -38.57
N VAL G 497 32.38 -23.88 -37.48
CA VAL G 497 31.00 -23.58 -37.05
C VAL G 497 31.12 -22.65 -35.86
N ALA G 498 30.26 -21.65 -35.76
CA ALA G 498 30.26 -20.83 -34.55
C ALA G 498 28.94 -20.15 -34.30
N ASP G 499 28.22 -20.72 -33.33
CA ASP G 499 26.83 -20.41 -32.96
C ASP G 499 26.41 -21.38 -31.86
N ALA G 500 25.17 -21.28 -31.39
CA ALA G 500 24.73 -22.19 -30.31
C ALA G 500 24.95 -23.70 -30.56
N SER G 501 25.23 -24.13 -31.78
CA SER G 501 25.35 -25.56 -32.05
C SER G 501 26.53 -26.19 -31.36
N VAL G 502 27.53 -25.38 -31.06
CA VAL G 502 28.82 -25.93 -30.68
C VAL G 502 28.86 -26.41 -29.23
N MET G 503 27.97 -25.89 -28.38
CA MET G 503 27.91 -26.29 -26.96
C MET G 503 27.88 -27.82 -26.69
N PRO G 504 28.87 -28.34 -25.96
CA PRO G 504 28.78 -29.75 -25.66
C PRO G 504 27.75 -29.97 -24.55
N GLU G 505 27.53 -28.95 -23.74
CA GLU G 505 26.49 -28.97 -22.73
C GLU G 505 25.90 -27.58 -22.58
N HIS G 506 24.60 -27.54 -22.35
CA HIS G 506 23.87 -26.33 -22.20
C HIS G 506 24.36 -25.60 -20.98
N VAL G 507 24.18 -24.29 -21.00
CA VAL G 507 24.52 -23.43 -19.86
C VAL G 507 23.24 -23.18 -19.07
N THR G 508 23.39 -22.85 -17.80
CA THR G 508 22.31 -22.81 -16.81
C THR G 508 21.36 -21.67 -17.06
N VAL G 509 21.91 -20.62 -17.67
CA VAL G 509 21.31 -19.29 -17.79
C VAL G 509 20.92 -19.09 -19.24
N ASN G 510 20.27 -17.97 -19.54
CA ASN G 510 19.86 -17.69 -20.91
C ASN G 510 21.18 -17.53 -21.73
N PRO G 511 21.31 -18.21 -22.87
CA PRO G 511 22.60 -18.38 -23.55
C PRO G 511 23.06 -17.28 -24.50
N ASN G 512 22.22 -16.29 -24.79
CA ASN G 512 22.61 -15.30 -25.82
C ASN G 512 24.04 -14.74 -25.70
N ILE G 513 24.37 -14.24 -24.52
CA ILE G 513 25.66 -13.54 -24.32
C ILE G 513 26.83 -14.51 -24.40
N THR G 514 26.61 -15.75 -23.98
CA THR G 514 27.59 -16.82 -24.20
C THR G 514 27.75 -17.14 -25.67
N VAL G 515 26.72 -16.87 -26.44
CA VAL G 515 26.78 -17.19 -27.86
C VAL G 515 27.60 -16.13 -28.58
N MET G 516 27.35 -14.87 -28.26
CA MET G 516 28.26 -13.79 -28.70
C MET G 516 29.72 -14.09 -28.34
N MET G 517 29.92 -14.67 -27.15
CA MET G 517 31.28 -14.91 -26.68
C MET G 517 31.95 -15.99 -27.54
N ILE G 518 31.25 -17.11 -27.72
CA ILE G 518 31.54 -18.01 -28.80
C ILE G 518 31.94 -17.30 -30.13
N GLY G 519 31.30 -16.22 -30.52
CA GLY G 519 31.62 -15.59 -31.80
C GLY G 519 32.97 -14.88 -31.66
N GLU G 520 33.20 -14.34 -30.46
CA GLU G 520 34.42 -13.59 -30.19
C GLU G 520 35.60 -14.57 -30.14
N ARG G 521 35.38 -15.74 -29.58
CA ARG G 521 36.45 -16.70 -29.44
C ARG G 521 36.83 -17.25 -30.82
N CYS G 522 35.79 -17.55 -31.62
CA CYS G 522 35.99 -18.06 -32.95
C CYS G 522 36.93 -17.13 -33.73
N ALA G 523 36.70 -15.84 -33.64
CA ALA G 523 37.52 -14.88 -34.37
C ALA G 523 38.97 -14.95 -33.89
N ASP G 524 39.16 -15.03 -32.58
CA ASP G 524 40.53 -15.19 -32.02
C ASP G 524 41.23 -16.50 -32.45
N LEU G 525 40.47 -17.60 -32.55
CA LEU G 525 41.05 -18.83 -33.09
C LEU G 525 41.57 -18.67 -34.54
N ILE G 526 40.98 -17.68 -35.24
CA ILE G 526 41.27 -17.40 -36.64
C ILE G 526 42.37 -16.33 -36.78
N ARG G 527 42.13 -15.09 -36.30
CA ARG G 527 43.15 -14.02 -36.34
C ARG G 527 44.35 -14.25 -35.40
N SER G 528 44.49 -15.46 -34.88
CA SER G 528 45.72 -15.83 -34.16
C SER G 528 45.85 -17.36 -33.88
N ALA G 529 45.77 -18.15 -34.97
CA ALA G 529 46.03 -19.63 -35.06
C ALA G 529 45.30 -20.37 -36.25
N MET H 1 -9.48 7.37 -43.43
CA MET H 1 -8.22 7.42 -42.62
C MET H 1 -7.57 6.04 -42.42
N HIS H 2 -6.23 6.04 -42.43
CA HIS H 2 -5.44 4.82 -42.28
CA HIS H 2 -5.44 4.81 -42.27
C HIS H 2 -4.73 4.82 -40.93
N ILE H 3 -4.76 3.70 -40.23
CA ILE H 3 -4.11 3.59 -38.92
C ILE H 3 -3.52 2.20 -38.63
N ASP H 4 -2.22 2.14 -38.43
CA ASP H 4 -1.61 0.88 -38.02
C ASP H 4 -1.78 0.61 -36.52
N ASN H 5 -1.78 1.68 -35.72
CA ASN H 5 -2.02 1.61 -34.27
C ASN H 5 -3.52 1.68 -33.97
N ILE H 6 -4.05 0.74 -33.19
CA ILE H 6 -5.42 0.90 -32.64
C ILE H 6 -5.41 1.74 -31.34
N GLU H 7 -4.21 2.07 -30.86
CA GLU H 7 -4.04 3.06 -29.81
C GLU H 7 -4.59 4.41 -30.24
N ASN H 8 -4.53 4.67 -31.55
CA ASN H 8 -4.94 5.94 -32.14
C ASN H 8 -6.39 5.99 -32.61
N LEU H 9 -7.25 5.14 -32.05
CA LEU H 9 -8.63 5.10 -32.47
C LEU H 9 -9.60 5.46 -31.34
N SER H 10 -10.51 6.40 -31.61
CA SER H 10 -11.47 6.92 -30.61
C SER H 10 -12.89 6.28 -30.65
N ASP H 11 -13.48 6.15 -31.84
CA ASP H 11 -14.72 5.35 -31.97
C ASP H 11 -14.41 3.96 -32.52
N ARG H 12 -15.23 2.99 -32.16
CA ARG H 12 -14.98 1.61 -32.54
C ARG H 12 -16.26 0.90 -32.95
N GLU H 13 -17.34 1.66 -33.07
CA GLU H 13 -18.50 1.18 -33.83
C GLU H 13 -18.62 1.86 -35.19
N PHE H 14 -18.98 1.07 -36.20
CA PHE H 14 -19.29 1.60 -37.53
C PHE H 14 -20.61 1.04 -38.00
N ASP H 15 -21.09 1.61 -39.10
CA ASP H 15 -22.24 1.07 -39.82
C ASP H 15 -21.88 -0.33 -40.33
N TYR H 16 -20.70 -0.43 -40.96
CA TYR H 16 -20.26 -1.64 -41.66
C TYR H 16 -18.81 -1.97 -41.39
N ILE H 17 -18.59 -3.22 -41.05
CA ILE H 17 -17.28 -3.75 -40.85
C ILE H 17 -17.06 -4.93 -41.78
N VAL H 18 -15.97 -4.91 -42.51
CA VAL H 18 -15.64 -6.04 -43.34
C VAL H 18 -14.26 -6.57 -42.93
N VAL H 19 -14.16 -7.88 -42.70
CA VAL H 19 -12.92 -8.43 -42.19
C VAL H 19 -12.20 -9.09 -43.34
N GLY H 20 -10.97 -8.65 -43.59
CA GLY H 20 -10.15 -9.22 -44.66
C GLY H 20 -10.15 -8.29 -45.85
N GLY H 21 -8.96 -7.78 -46.19
CA GLY H 21 -8.87 -6.78 -47.25
C GLY H 21 -8.43 -7.36 -48.57
N GLY H 22 -8.89 -8.56 -48.90
CA GLY H 22 -8.43 -9.24 -50.10
C GLY H 22 -9.23 -8.87 -51.33
N SER H 23 -9.27 -9.77 -52.30
CA SER H 23 -9.97 -9.50 -53.56
C SER H 23 -11.35 -8.87 -53.35
N ALA H 24 -12.24 -9.63 -52.71
CA ALA H 24 -13.61 -9.20 -52.49
C ALA H 24 -13.72 -8.14 -51.42
N GLY H 25 -13.30 -8.46 -50.20
CA GLY H 25 -13.36 -7.50 -49.09
C GLY H 25 -13.07 -6.08 -49.47
N ALA H 26 -11.95 -5.85 -50.13
CA ALA H 26 -11.60 -4.48 -50.57
C ALA H 26 -12.67 -3.84 -51.43
N ALA H 27 -13.15 -4.55 -52.47
CA ALA H 27 -14.32 -4.10 -53.23
C ALA H 27 -15.56 -3.98 -52.34
N VAL H 28 -15.82 -5.02 -51.55
CA VAL H 28 -17.00 -5.06 -50.70
C VAL H 28 -17.06 -3.75 -49.90
N ALA H 29 -15.90 -3.37 -49.36
CA ALA H 29 -15.78 -2.20 -48.48
C ALA H 29 -15.76 -0.89 -49.27
N ALA H 30 -14.84 -0.79 -50.24
CA ALA H 30 -14.72 0.41 -51.08
C ALA H 30 -16.04 0.85 -51.70
N ARG H 31 -16.84 -0.13 -52.12
CA ARG H 31 -18.17 0.14 -52.65
C ARG H 31 -19.13 0.58 -51.55
N LEU H 32 -19.27 -0.23 -50.49
CA LEU H 32 -20.22 0.10 -49.41
C LEU H 32 -20.05 1.54 -48.95
N SER H 33 -18.81 2.02 -48.93
CA SER H 33 -18.51 3.41 -48.59
C SER H 33 -18.56 4.37 -49.78
N GLU H 34 -19.45 4.14 -50.74
CA GLU H 34 -19.65 5.12 -51.82
C GLU H 34 -20.83 6.00 -51.44
N ASP H 35 -21.63 5.51 -50.47
CA ASP H 35 -22.64 6.35 -49.82
C ASP H 35 -22.10 6.94 -48.52
N PRO H 36 -21.72 8.23 -48.55
CA PRO H 36 -21.01 8.89 -47.45
C PRO H 36 -21.89 9.18 -46.22
N ALA H 37 -23.17 8.78 -46.31
CA ALA H 37 -24.12 8.75 -45.18
C ALA H 37 -24.02 7.41 -44.48
N VAL H 38 -22.88 6.75 -44.70
CA VAL H 38 -22.55 5.50 -44.03
C VAL H 38 -21.02 5.50 -43.78
N SER H 39 -20.59 4.80 -42.73
CA SER H 39 -19.17 4.68 -42.39
C SER H 39 -18.75 3.23 -42.54
N VAL H 40 -17.50 3.03 -42.94
CA VAL H 40 -17.01 1.69 -43.20
C VAL H 40 -15.58 1.46 -42.67
N ALA H 41 -15.40 0.35 -41.95
CA ALA H 41 -14.06 -0.15 -41.64
C ALA H 41 -13.63 -1.41 -42.41
N LEU H 42 -12.41 -1.38 -42.89
CA LEU H 42 -11.80 -2.57 -43.46
C LEU H 42 -10.63 -3.05 -42.55
N VAL H 43 -10.84 -4.18 -41.88
CA VAL H 43 -9.84 -4.77 -41.01
C VAL H 43 -9.03 -5.82 -41.77
N GLU H 44 -7.75 -5.55 -41.97
CA GLU H 44 -6.90 -6.53 -42.63
C GLU H 44 -5.75 -6.96 -41.73
N ALA H 45 -5.67 -8.25 -41.42
CA ALA H 45 -4.64 -8.71 -40.48
C ALA H 45 -3.21 -8.42 -40.88
N GLY H 46 -2.98 -8.29 -42.19
CA GLY H 46 -1.63 -8.04 -42.71
C GLY H 46 -1.26 -6.56 -42.71
N PRO H 47 0.01 -6.26 -43.07
CA PRO H 47 0.52 -4.89 -43.27
C PRO H 47 -0.12 -4.18 -44.47
N ASP H 48 0.29 -2.93 -44.71
CA ASP H 48 -0.19 -2.12 -45.83
C ASP H 48 0.69 -2.33 -47.03
N ASP H 49 0.10 -2.29 -48.23
CA ASP H 49 0.89 -2.51 -49.45
C ASP H 49 1.72 -1.33 -50.00
N ARG H 50 1.24 -0.10 -49.80
CA ARG H 50 1.99 1.11 -50.14
C ARG H 50 3.39 1.08 -49.53
N GLY H 51 4.41 1.35 -50.33
CA GLY H 51 5.81 1.38 -49.85
C GLY H 51 6.46 0.00 -49.79
N VAL H 52 5.69 -1.03 -50.15
CA VAL H 52 6.25 -2.36 -50.23
C VAL H 52 6.56 -2.62 -51.68
N PRO H 53 7.85 -2.59 -52.06
CA PRO H 53 8.13 -2.79 -53.50
C PRO H 53 7.76 -4.20 -53.98
N GLU H 54 7.96 -5.21 -53.13
CA GLU H 54 7.74 -6.60 -53.53
C GLU H 54 6.27 -7.04 -53.68
N VAL H 55 5.30 -6.31 -53.15
CA VAL H 55 3.94 -6.71 -53.50
C VAL H 55 3.44 -5.96 -54.74
N LEU H 56 3.86 -4.69 -54.84
CA LEU H 56 3.38 -3.77 -55.87
C LEU H 56 3.88 -4.12 -57.27
N GLN H 57 5.18 -4.37 -57.39
CA GLN H 57 5.75 -4.87 -58.63
C GLN H 57 5.28 -6.30 -58.91
N LEU H 58 4.40 -6.45 -59.88
CA LEU H 58 3.91 -7.76 -60.25
C LEU H 58 5.02 -8.74 -60.66
N ASP H 59 6.05 -8.30 -61.36
CA ASP H 59 7.03 -9.28 -61.84
C ASP H 59 7.91 -9.91 -60.75
N ARG H 60 7.67 -9.54 -59.51
CA ARG H 60 8.39 -10.10 -58.38
C ARG H 60 7.59 -11.17 -57.60
N TRP H 61 6.31 -11.31 -57.96
CA TRP H 61 5.28 -11.99 -57.15
C TRP H 61 5.69 -13.34 -56.58
N MET H 62 6.66 -13.96 -57.22
CA MET H 62 7.07 -15.27 -56.80
C MET H 62 7.89 -15.26 -55.52
N GLU H 63 8.53 -14.11 -55.24
CA GLU H 63 9.37 -13.91 -54.04
C GLU H 63 8.49 -13.86 -52.83
N LEU H 64 7.19 -13.79 -53.05
CA LEU H 64 6.26 -13.70 -51.94
C LEU H 64 5.87 -15.08 -51.41
N LEU H 65 6.12 -16.11 -52.20
CA LEU H 65 5.80 -17.48 -51.80
C LEU H 65 6.73 -17.86 -50.66
N GLU H 66 6.15 -17.93 -49.45
CA GLU H 66 6.88 -18.36 -48.23
C GLU H 66 7.68 -17.22 -47.52
N SER H 67 7.65 -16.01 -48.07
CA SER H 67 8.15 -14.82 -47.38
C SER H 67 7.25 -14.52 -46.16
N GLY H 68 7.40 -13.34 -45.57
CA GLY H 68 6.58 -12.94 -44.44
C GLY H 68 5.25 -12.31 -44.79
N TYR H 69 4.88 -12.42 -46.06
CA TYR H 69 3.59 -11.94 -46.56
C TYR H 69 2.64 -13.12 -46.79
N ASP H 70 3.15 -14.30 -46.47
CA ASP H 70 2.51 -15.56 -46.80
C ASP H 70 2.10 -16.22 -45.48
N TRP H 71 0.79 -16.53 -45.33
CA TRP H 71 0.32 -17.24 -44.14
C TRP H 71 0.95 -18.63 -44.08
N ASP H 72 1.31 -19.12 -45.27
CA ASP H 72 1.86 -20.45 -45.50
C ASP H 72 1.03 -21.52 -44.77
N TYR H 73 -0.01 -22.02 -45.42
CA TYR H 73 -0.77 -23.12 -44.85
C TYR H 73 -0.38 -24.45 -45.52
N PRO H 74 0.22 -25.39 -44.76
CA PRO H 74 0.52 -26.70 -45.31
C PRO H 74 -0.69 -27.61 -45.20
N ILE H 75 -0.67 -28.70 -45.96
CA ILE H 75 -1.84 -29.56 -46.08
C ILE H 75 -1.70 -30.76 -45.19
N GLU H 76 -2.83 -31.45 -44.97
CA GLU H 76 -2.85 -32.70 -44.23
C GLU H 76 -2.38 -33.83 -45.14
N PRO H 77 -1.73 -34.86 -44.58
CA PRO H 77 -1.16 -35.89 -45.46
C PRO H 77 -2.13 -36.32 -46.56
N GLN H 78 -1.61 -36.51 -47.78
CA GLN H 78 -2.48 -36.77 -48.90
C GLN H 78 -2.38 -38.19 -49.34
N GLU H 79 -3.53 -38.86 -49.40
CA GLU H 79 -3.57 -40.28 -49.70
C GLU H 79 -3.32 -40.59 -51.16
N ASN H 80 -3.77 -39.71 -52.05
CA ASN H 80 -3.49 -39.89 -53.47
C ASN H 80 -2.86 -38.65 -54.15
N GLY H 81 -1.94 -38.01 -53.42
CA GLY H 81 -1.31 -36.75 -53.84
C GLY H 81 -0.14 -36.36 -52.94
N ASN H 82 0.24 -35.08 -53.00
CA ASN H 82 1.54 -34.64 -52.51
C ASN H 82 1.48 -33.99 -51.16
N SER H 83 2.02 -34.69 -50.16
CA SER H 83 1.96 -34.25 -48.75
C SER H 83 2.83 -33.02 -48.37
N PHE H 84 3.88 -32.77 -49.17
CA PHE H 84 4.78 -31.59 -49.06
C PHE H 84 4.25 -30.30 -49.72
N MET H 85 3.03 -30.31 -50.25
CA MET H 85 2.54 -29.18 -50.99
C MET H 85 1.97 -28.23 -49.98
N ARG H 86 2.05 -26.94 -50.27
CA ARG H 86 1.69 -25.96 -49.27
C ARG H 86 0.72 -24.99 -49.88
N HIS H 87 -0.08 -24.31 -49.05
CA HIS H 87 -1.13 -23.44 -49.59
C HIS H 87 -0.89 -22.00 -49.29
N ALA H 88 -0.02 -21.42 -50.10
CA ALA H 88 0.32 -20.01 -50.00
C ALA H 88 -0.93 -19.14 -49.94
N ARG H 89 -0.97 -18.19 -49.01
CA ARG H 89 -2.07 -17.25 -48.83
C ARG H 89 -1.48 -15.92 -48.37
N ALA H 90 -1.76 -14.87 -49.13
CA ALA H 90 -1.18 -13.57 -48.86
C ALA H 90 -1.72 -12.93 -47.57
N LYS H 91 -0.81 -12.32 -46.81
CA LYS H 91 -1.16 -11.59 -45.58
C LYS H 91 -0.78 -10.09 -45.69
N VAL H 92 -1.76 -9.27 -46.09
CA VAL H 92 -1.53 -7.88 -46.52
C VAL H 92 -2.77 -7.24 -47.15
N MET H 93 -2.81 -5.90 -47.21
CA MET H 93 -3.77 -5.18 -48.08
C MET H 93 -3.84 -5.72 -49.51
N GLY H 94 -5.06 -5.99 -49.97
CA GLY H 94 -5.26 -6.59 -51.29
C GLY H 94 -5.22 -8.10 -51.31
N GLY H 95 -5.00 -8.72 -50.15
CA GLY H 95 -5.11 -10.17 -50.00
C GLY H 95 -4.34 -10.89 -51.05
N CYS H 96 -4.85 -12.01 -51.51
CA CYS H 96 -4.15 -12.80 -52.52
C CYS H 96 -4.01 -12.09 -53.89
N SER H 97 -4.65 -10.95 -54.03
CA SER H 97 -4.47 -10.15 -55.24
C SER H 97 -3.15 -9.40 -55.21
N SER H 98 -2.56 -9.31 -54.03
CA SER H 98 -1.27 -8.64 -53.90
C SER H 98 -0.14 -9.65 -53.98
N HIS H 99 -0.49 -10.94 -54.07
CA HIS H 99 0.55 -11.95 -54.25
C HIS H 99 0.44 -12.79 -55.51
N ASN H 100 -0.65 -12.63 -56.26
CA ASN H 100 -0.89 -13.47 -57.47
C ASN H 100 -0.38 -12.92 -58.81
N ALA H 101 -0.48 -13.73 -59.86
CA ALA H 101 0.18 -13.43 -61.12
C ALA H 101 -0.61 -12.52 -62.01
N CYS H 102 -1.62 -11.85 -61.45
CA CYS H 102 -2.51 -11.00 -62.25
C CYS H 102 -3.12 -11.57 -63.56
N ILE H 103 -3.20 -12.91 -63.71
CA ILE H 103 -3.93 -13.47 -64.83
C ILE H 103 -5.37 -13.13 -64.56
N ALA H 104 -6.00 -12.51 -65.55
CA ALA H 104 -7.31 -11.90 -65.36
C ALA H 104 -8.34 -12.44 -66.35
N PHE H 105 -9.42 -12.98 -65.82
CA PHE H 105 -10.45 -13.65 -66.62
C PHE H 105 -11.85 -13.28 -66.16
N TRP H 106 -12.77 -13.21 -67.11
CA TRP H 106 -14.20 -13.30 -66.82
C TRP H 106 -14.46 -14.79 -66.82
N ALA H 107 -15.30 -15.23 -65.91
CA ALA H 107 -15.69 -16.63 -65.95
C ALA H 107 -16.66 -16.86 -67.11
N PRO H 108 -16.58 -18.04 -67.72
CA PRO H 108 -17.57 -18.55 -68.62
C PRO H 108 -19.00 -18.29 -68.17
N ARG H 109 -19.83 -17.78 -69.09
CA ARG H 109 -21.25 -17.65 -68.86
C ARG H 109 -21.89 -18.94 -68.31
N GLU H 110 -21.37 -20.09 -68.74
CA GLU H 110 -21.91 -21.38 -68.34
C GLU H 110 -21.51 -21.79 -66.91
N ASP H 111 -20.46 -21.18 -66.36
CA ASP H 111 -20.15 -21.37 -64.97
C ASP H 111 -21.19 -20.61 -64.17
N LEU H 112 -21.26 -19.30 -64.34
CA LEU H 112 -22.13 -18.49 -63.52
C LEU H 112 -23.60 -18.84 -63.69
N ASP H 113 -24.05 -19.06 -64.93
CA ASP H 113 -25.43 -19.50 -65.17
C ASP H 113 -25.76 -20.76 -64.39
N GLU H 114 -24.78 -21.67 -64.26
CA GLU H 114 -24.98 -22.91 -63.51
C GLU H 114 -25.18 -22.71 -62.01
N TRP H 115 -24.76 -21.56 -61.48
CA TRP H 115 -24.86 -21.33 -60.05
C TRP H 115 -26.33 -21.29 -59.68
N GLU H 116 -27.06 -20.35 -60.28
CA GLU H 116 -28.51 -20.28 -60.09
C GLU H 116 -29.23 -21.54 -60.54
N ALA H 117 -28.86 -22.07 -61.72
CA ALA H 117 -29.68 -23.13 -62.36
C ALA H 117 -29.41 -24.58 -61.95
N LYS H 118 -28.16 -24.91 -61.64
CA LYS H 118 -27.84 -26.25 -61.19
C LYS H 118 -27.61 -26.30 -59.66
N TYR H 119 -27.43 -25.15 -59.02
CA TYR H 119 -27.07 -25.14 -57.59
C TYR H 119 -27.90 -24.20 -56.70
N GLY H 120 -29.13 -23.89 -57.11
CA GLY H 120 -30.04 -23.14 -56.24
C GLY H 120 -29.66 -21.72 -55.85
N ALA H 121 -28.65 -21.13 -56.47
CA ALA H 121 -28.22 -19.79 -56.07
C ALA H 121 -28.97 -18.69 -56.83
N THR H 122 -30.26 -18.54 -56.51
CA THR H 122 -31.14 -17.53 -57.12
C THR H 122 -30.45 -16.16 -57.27
N GLY H 123 -30.62 -15.55 -58.46
CA GLY H 123 -29.96 -14.31 -58.83
C GLY H 123 -28.48 -14.41 -59.20
N TRP H 124 -27.93 -15.62 -59.17
CA TRP H 124 -26.49 -15.81 -59.52
C TRP H 124 -26.27 -16.45 -60.92
N ASN H 125 -26.20 -15.58 -61.93
CA ASN H 125 -26.13 -16.00 -63.33
C ASN H 125 -25.36 -14.98 -64.13
N ALA H 126 -25.11 -15.31 -65.39
CA ALA H 126 -24.27 -14.44 -66.20
C ALA H 126 -24.89 -13.06 -66.52
N GLU H 127 -26.22 -12.92 -66.42
CA GLU H 127 -26.87 -11.60 -66.46
C GLU H 127 -26.50 -10.75 -65.22
N ALA H 128 -26.42 -11.39 -64.05
CA ALA H 128 -25.96 -10.68 -62.86
C ALA H 128 -24.51 -10.27 -63.01
N ALA H 129 -23.66 -11.21 -63.44
CA ALA H 129 -22.22 -10.98 -63.37
C ALA H 129 -21.67 -10.00 -64.41
N TRP H 130 -22.27 -9.98 -65.60
CA TRP H 130 -21.74 -9.22 -66.72
C TRP H 130 -21.64 -7.71 -66.47
N PRO H 131 -22.68 -7.11 -65.85
CA PRO H 131 -22.66 -5.68 -65.55
C PRO H 131 -21.57 -5.33 -64.53
N LEU H 132 -21.38 -6.21 -63.55
CA LEU H 132 -20.36 -6.05 -62.52
C LEU H 132 -18.96 -6.24 -63.08
N TYR H 133 -18.77 -7.24 -63.94
CA TYR H 133 -17.51 -7.40 -64.64
C TYR H 133 -17.14 -6.11 -65.38
N LYS H 134 -18.13 -5.44 -65.95
CA LYS H 134 -17.92 -4.25 -66.80
C LYS H 134 -17.58 -3.02 -65.95
N ARG H 135 -18.26 -2.94 -64.81
CA ARG H 135 -18.15 -1.82 -63.90
C ARG H 135 -16.78 -1.80 -63.18
N LEU H 136 -16.18 -2.97 -62.98
CA LEU H 136 -14.96 -3.05 -62.19
C LEU H 136 -13.69 -2.90 -63.01
N GLU H 137 -13.79 -3.12 -64.32
CA GLU H 137 -12.59 -3.08 -65.19
C GLU H 137 -12.50 -1.82 -66.00
N THR H 138 -11.27 -1.35 -66.20
CA THR H 138 -10.89 -0.54 -67.35
C THR H 138 -10.12 -1.50 -68.27
N ASN H 139 -10.80 -2.05 -69.27
CA ASN H 139 -10.18 -3.04 -70.19
C ASN H 139 -9.57 -2.44 -71.46
N GLU H 140 -8.40 -2.93 -71.83
CA GLU H 140 -7.63 -2.38 -72.95
C GLU H 140 -8.36 -2.58 -74.28
N ASP H 141 -9.42 -3.39 -74.25
CA ASP H 141 -10.15 -3.79 -75.44
C ASP H 141 -11.53 -3.17 -75.52
N ALA H 142 -11.89 -2.34 -74.54
CA ALA H 142 -13.16 -1.65 -74.56
C ALA H 142 -13.42 -0.90 -75.89
N GLY H 143 -14.68 -0.85 -76.29
CA GLY H 143 -15.06 -0.07 -77.45
C GLY H 143 -16.33 -0.53 -78.13
N PRO H 144 -16.69 0.15 -79.24
CA PRO H 144 -17.89 -0.18 -79.98
C PRO H 144 -17.89 -1.58 -80.50
N ASP H 145 -16.74 -2.13 -80.89
CA ASP H 145 -16.70 -3.53 -81.37
C ASP H 145 -16.55 -4.63 -80.27
N ALA H 146 -16.57 -4.20 -79.01
CA ALA H 146 -16.54 -5.07 -77.82
C ALA H 146 -17.24 -4.34 -76.65
N PRO H 147 -18.56 -4.18 -76.75
CA PRO H 147 -19.34 -3.30 -75.83
C PRO H 147 -19.62 -3.89 -74.43
N HIS H 148 -19.23 -5.14 -74.20
CA HIS H 148 -19.45 -5.76 -72.90
C HIS H 148 -18.33 -5.31 -71.91
N HIS H 149 -17.21 -4.86 -72.47
CA HIS H 149 -16.05 -4.46 -71.72
C HIS H 149 -16.29 -3.11 -71.09
N GLY H 150 -15.82 -2.94 -69.85
CA GLY H 150 -15.87 -1.64 -69.21
C GLY H 150 -14.60 -0.87 -69.49
N ASP H 151 -14.71 0.44 -69.67
CA ASP H 151 -13.51 1.30 -69.80
C ASP H 151 -13.39 2.34 -68.70
N SER H 152 -14.04 2.08 -67.55
CA SER H 152 -14.10 3.03 -66.43
C SER H 152 -13.78 2.46 -65.04
N GLY H 153 -13.69 1.13 -64.94
CA GLY H 153 -13.42 0.45 -63.66
C GLY H 153 -12.08 0.74 -62.97
N PRO H 154 -12.02 0.53 -61.64
CA PRO H 154 -10.78 0.71 -60.87
C PRO H 154 -9.67 -0.31 -61.24
N VAL H 155 -10.09 -1.51 -61.64
CA VAL H 155 -9.19 -2.59 -62.01
C VAL H 155 -8.78 -2.52 -63.49
N HIS H 156 -7.47 -2.37 -63.72
CA HIS H 156 -6.95 -2.16 -65.04
C HIS H 156 -6.54 -3.48 -65.65
N LEU H 157 -7.15 -3.86 -66.78
CA LEU H 157 -6.76 -5.07 -67.55
C LEU H 157 -6.11 -4.74 -68.90
N MET H 158 -4.92 -5.30 -69.13
CA MET H 158 -4.12 -5.01 -70.33
C MET H 158 -3.65 -6.29 -71.06
N ASN H 159 -3.43 -6.21 -72.37
CA ASN H 159 -2.97 -7.39 -73.09
C ASN H 159 -1.46 -7.49 -73.00
N VAL H 160 -1.01 -8.60 -72.45
CA VAL H 160 0.40 -8.96 -72.45
C VAL H 160 1.03 -8.79 -73.84
N PRO H 161 1.99 -7.86 -73.98
CA PRO H 161 2.67 -7.78 -75.28
C PRO H 161 3.35 -9.11 -75.58
N PRO H 162 3.05 -9.68 -76.76
CA PRO H 162 3.64 -10.94 -77.26
C PRO H 162 5.14 -10.80 -77.61
N LYS H 163 6.00 -10.60 -76.62
CA LYS H 163 7.40 -10.34 -76.91
C LYS H 163 8.30 -11.54 -76.69
N ASP H 164 7.94 -12.42 -75.76
CA ASP H 164 8.70 -13.64 -75.45
C ASP H 164 8.63 -14.61 -76.65
N PRO H 165 9.74 -14.74 -77.40
CA PRO H 165 9.70 -15.57 -78.61
C PRO H 165 9.40 -17.04 -78.35
N THR H 166 9.72 -17.52 -77.16
CA THR H 166 9.45 -18.90 -76.80
C THR H 166 7.95 -19.06 -76.70
N GLY H 167 7.28 -17.99 -76.29
CA GLY H 167 5.84 -17.96 -76.27
C GLY H 167 5.20 -17.97 -77.65
N VAL H 168 5.52 -16.96 -78.46
CA VAL H 168 5.05 -16.93 -79.84
C VAL H 168 5.21 -18.30 -80.43
N ALA H 169 6.38 -18.89 -80.20
CA ALA H 169 6.67 -20.23 -80.74
C ALA H 169 5.77 -21.35 -80.17
N LEU H 170 5.35 -21.24 -78.92
CA LEU H 170 4.52 -22.26 -78.28
C LEU H 170 3.10 -22.19 -78.82
N LEU H 171 2.64 -20.96 -78.97
CA LEU H 171 1.41 -20.64 -79.62
C LEU H 171 1.32 -21.24 -81.01
N ASP H 172 2.39 -21.09 -81.79
CA ASP H 172 2.50 -21.74 -83.11
C ASP H 172 2.59 -23.25 -83.02
N ALA H 173 3.23 -23.75 -81.97
CA ALA H 173 3.21 -25.19 -81.73
C ALA H 173 1.78 -25.66 -81.38
N CYS H 174 0.97 -24.77 -80.79
CA CYS H 174 -0.37 -25.12 -80.42
C CYS H 174 -1.27 -25.36 -81.66
N GLU H 175 -1.11 -24.51 -82.67
CA GLU H 175 -1.90 -24.66 -83.86
C GLU H 175 -1.57 -25.91 -84.62
N GLN H 176 -0.32 -26.37 -84.48
CA GLN H 176 0.06 -27.62 -85.12
C GLN H 176 -0.62 -28.79 -84.42
N ALA H 177 -0.99 -28.58 -83.18
CA ALA H 177 -1.61 -29.63 -82.41
C ALA H 177 -3.13 -29.42 -82.31
N GLY H 178 -3.63 -28.47 -83.11
CA GLY H 178 -5.06 -28.27 -83.26
C GLY H 178 -5.64 -27.48 -82.12
N ILE H 179 -4.84 -26.59 -81.56
CA ILE H 179 -5.34 -25.57 -80.66
C ILE H 179 -5.08 -24.27 -81.38
N PRO H 180 -6.13 -23.57 -81.79
CA PRO H 180 -5.91 -22.25 -82.42
C PRO H 180 -5.59 -21.14 -81.42
N ARG H 181 -5.10 -20.00 -81.90
CA ARG H 181 -4.97 -18.81 -81.09
C ARG H 181 -6.39 -18.26 -80.89
N ALA H 182 -6.84 -18.14 -79.64
CA ALA H 182 -8.16 -17.54 -79.36
C ALA H 182 -7.96 -16.28 -78.56
N LYS H 183 -8.91 -15.36 -78.62
CA LYS H 183 -8.82 -14.17 -77.74
C LYS H 183 -9.63 -14.34 -76.43
N PHE H 184 -9.21 -13.68 -75.36
CA PHE H 184 -9.73 -14.00 -74.03
C PHE H 184 -10.65 -12.87 -73.53
N ASN H 185 -11.65 -13.27 -72.76
CA ASN H 185 -12.59 -12.33 -72.21
C ASN H 185 -13.40 -11.61 -73.28
N THR H 186 -13.99 -12.34 -74.21
CA THR H 186 -14.88 -11.72 -75.23
C THR H 186 -16.35 -11.98 -74.96
N GLY H 187 -16.65 -12.99 -74.16
CA GLY H 187 -18.01 -13.22 -73.70
C GLY H 187 -18.33 -14.63 -74.08
N THR H 188 -17.51 -15.12 -75.00
CA THR H 188 -17.69 -16.44 -75.53
C THR H 188 -16.51 -17.22 -75.02
N THR H 189 -16.86 -18.22 -74.24
CA THR H 189 -15.96 -19.13 -73.61
C THR H 189 -15.01 -19.84 -74.59
N VAL H 190 -13.72 -19.91 -74.22
CA VAL H 190 -12.74 -20.67 -75.01
C VAL H 190 -12.63 -22.10 -74.52
N VAL H 191 -13.14 -23.01 -75.34
CA VAL H 191 -13.01 -24.42 -75.06
C VAL H 191 -11.72 -24.96 -75.66
N ASN H 192 -11.21 -24.35 -76.74
CA ASN H 192 -10.01 -24.91 -77.43
C ASN H 192 -9.15 -23.82 -78.04
N GLY H 193 -8.26 -23.26 -77.24
CA GLY H 193 -7.51 -22.09 -77.70
C GLY H 193 -6.44 -21.67 -76.71
N ALA H 194 -5.37 -21.08 -77.23
CA ALA H 194 -4.25 -20.62 -76.46
C ALA H 194 -3.89 -19.18 -76.86
N ASN H 195 -3.34 -18.43 -75.92
CA ASN H 195 -2.89 -17.04 -76.18
C ASN H 195 -2.20 -16.46 -74.92
N PHE H 196 -1.50 -15.34 -75.10
CA PHE H 196 -1.08 -14.50 -74.02
C PHE H 196 -2.33 -14.04 -73.27
N PHE H 197 -2.24 -14.06 -71.93
CA PHE H 197 -3.32 -13.71 -71.05
C PHE H 197 -3.66 -12.24 -71.13
N GLN H 198 -4.82 -11.87 -70.61
CA GLN H 198 -5.06 -10.51 -70.13
C GLN H 198 -4.63 -10.48 -68.66
N ILE H 199 -4.12 -9.33 -68.22
CA ILE H 199 -3.66 -9.22 -66.85
C ILE H 199 -4.15 -7.97 -66.18
N ASN H 200 -4.55 -8.11 -64.94
CA ASN H 200 -4.88 -6.92 -64.15
C ASN H 200 -3.63 -6.27 -63.63
N ARG H 201 -2.96 -5.51 -64.51
CA ARG H 201 -1.78 -4.70 -64.15
C ARG H 201 -1.91 -3.27 -64.67
N ARG H 202 -1.46 -2.27 -63.91
CA ARG H 202 -1.40 -0.90 -64.45
C ARG H 202 -0.25 -0.80 -65.45
N ALA H 203 -0.18 0.35 -66.11
CA ALA H 203 0.85 0.61 -67.11
C ALA H 203 2.30 0.65 -66.56
N ASP H 204 2.50 1.15 -65.35
CA ASP H 204 3.87 1.24 -64.80
C ASP H 204 4.52 -0.04 -64.19
N GLY H 205 3.73 -1.11 -64.05
CA GLY H 205 4.24 -2.37 -63.50
C GLY H 205 3.55 -2.78 -62.20
N THR H 206 2.69 -1.89 -61.71
CA THR H 206 2.00 -2.05 -60.46
C THR H 206 0.79 -2.94 -60.64
N ARG H 207 0.66 -3.99 -59.83
CA ARG H 207 -0.46 -4.90 -59.92
C ARG H 207 -1.70 -4.09 -59.71
N SER H 208 -2.76 -4.45 -60.41
CA SER H 208 -4.04 -3.79 -60.23
C SER H 208 -4.84 -4.58 -59.19
N SER H 209 -4.15 -4.82 -58.07
CA SER H 209 -4.75 -5.43 -56.89
C SER H 209 -5.99 -4.69 -56.45
N SER H 210 -6.79 -5.34 -55.64
CA SER H 210 -8.01 -4.75 -55.18
C SER H 210 -7.62 -3.52 -54.38
N SER H 211 -6.56 -3.64 -53.59
CA SER H 211 -6.15 -2.52 -52.72
C SER H 211 -5.78 -1.31 -53.54
N VAL H 212 -4.87 -1.55 -54.49
CA VAL H 212 -4.39 -0.52 -55.41
C VAL H 212 -5.57 0.09 -56.20
N SER H 213 -6.56 -0.74 -56.56
CA SER H 213 -7.68 -0.34 -57.41
C SER H 213 -8.84 0.23 -56.62
N TYR H 214 -9.12 -0.36 -55.47
CA TYR H 214 -10.31 0.01 -54.70
C TYR H 214 -10.03 0.91 -53.50
N ILE H 215 -8.82 0.79 -52.94
CA ILE H 215 -8.54 1.30 -51.60
C ILE H 215 -7.62 2.55 -51.58
N HIS H 216 -6.45 2.44 -52.22
CA HIS H 216 -5.48 3.55 -52.27
C HIS H 216 -6.05 4.92 -52.60
N PRO H 217 -6.95 5.01 -53.62
CA PRO H 217 -7.35 6.36 -53.97
C PRO H 217 -8.51 6.89 -53.12
N ILE H 218 -9.02 6.10 -52.17
CA ILE H 218 -10.08 6.56 -51.25
C ILE H 218 -9.67 6.44 -49.78
N VAL H 219 -8.40 6.15 -49.56
CA VAL H 219 -7.91 5.82 -48.21
C VAL H 219 -7.93 7.01 -47.21
N GLU H 220 -7.98 8.22 -47.75
CA GLU H 220 -8.07 9.42 -46.94
C GLU H 220 -9.49 9.97 -46.93
N GLN H 221 -10.44 9.14 -47.36
CA GLN H 221 -11.84 9.53 -47.53
C GLN H 221 -12.57 9.66 -46.20
N GLU H 222 -13.31 10.77 -46.06
CA GLU H 222 -14.03 11.08 -44.82
C GLU H 222 -14.60 9.89 -44.03
N ASN H 223 -15.36 9.00 -44.70
CA ASN H 223 -16.17 7.98 -44.01
C ASN H 223 -15.57 6.56 -43.94
N PHE H 224 -14.27 6.44 -44.13
CA PHE H 224 -13.67 5.12 -44.29
C PHE H 224 -12.41 4.92 -43.45
N THR H 225 -12.40 3.84 -42.66
CA THR H 225 -11.24 3.50 -41.85
C THR H 225 -10.58 2.18 -42.28
N LEU H 226 -9.27 2.27 -42.48
CA LEU H 226 -8.40 1.12 -42.78
C LEU H 226 -7.61 0.70 -41.52
N LEU H 227 -7.59 -0.60 -41.25
CA LEU H 227 -7.08 -1.15 -40.00
C LEU H 227 -6.20 -2.32 -40.31
N THR H 228 -4.90 -2.02 -40.31
CA THR H 228 -3.83 -2.92 -40.72
C THR H 228 -3.15 -3.58 -39.49
N GLY H 229 -2.46 -4.70 -39.72
CA GLY H 229 -1.82 -5.47 -38.62
C GLY H 229 -2.77 -5.94 -37.51
N LEU H 230 -4.04 -6.09 -37.89
CA LEU H 230 -5.16 -6.22 -37.00
C LEU H 230 -5.93 -7.51 -37.36
N ARG H 231 -5.87 -8.50 -36.49
CA ARG H 231 -6.31 -9.84 -36.84
C ARG H 231 -7.51 -10.19 -36.01
N ALA H 232 -8.56 -10.72 -36.64
CA ALA H 232 -9.82 -10.99 -35.96
C ALA H 232 -9.83 -12.39 -35.38
N ARG H 233 -10.19 -12.48 -34.10
CA ARG H 233 -10.12 -13.78 -33.42
C ARG H 233 -11.44 -14.53 -33.32
N GLN H 234 -12.54 -13.78 -33.23
CA GLN H 234 -13.88 -14.34 -33.07
C GLN H 234 -14.83 -13.23 -33.51
N LEU H 235 -15.98 -13.65 -34.06
CA LEU H 235 -17.09 -12.74 -34.34
C LEU H 235 -17.97 -12.77 -33.12
N VAL H 236 -18.94 -11.84 -33.02
CA VAL H 236 -19.68 -11.61 -31.76
C VAL H 236 -21.18 -11.38 -31.94
N PHE H 237 -21.99 -12.14 -31.19
CA PHE H 237 -23.45 -12.12 -31.38
C PHE H 237 -24.29 -11.70 -30.17
N ASP H 238 -25.36 -10.97 -30.46
CA ASP H 238 -26.43 -10.61 -29.53
C ASP H 238 -26.91 -11.83 -28.81
N ALA H 239 -27.65 -11.60 -27.74
CA ALA H 239 -28.53 -12.62 -27.21
C ALA H 239 -29.47 -13.11 -28.34
N ASP H 240 -29.95 -12.17 -29.15
CA ASP H 240 -30.84 -12.46 -30.27
C ASP H 240 -30.14 -13.10 -31.44
N ARG H 241 -28.81 -13.08 -31.39
CA ARG H 241 -27.91 -13.63 -32.43
C ARG H 241 -27.71 -12.68 -33.61
N ARG H 242 -28.22 -11.46 -33.50
CA ARG H 242 -27.81 -10.36 -34.37
C ARG H 242 -26.29 -10.20 -34.20
N CYS H 243 -25.55 -10.30 -35.30
CA CYS H 243 -24.08 -10.19 -35.27
C CYS H 243 -23.60 -8.75 -35.08
N THR H 244 -22.90 -8.46 -33.99
CA THR H 244 -22.68 -7.07 -33.53
C THR H 244 -21.30 -6.47 -33.74
N GLY H 245 -20.31 -7.29 -34.08
CA GLY H 245 -18.95 -6.80 -34.25
C GLY H 245 -17.92 -7.91 -34.26
N VAL H 246 -16.66 -7.56 -34.01
CA VAL H 246 -15.57 -8.52 -34.11
C VAL H 246 -14.48 -8.17 -33.13
N ASP H 247 -13.98 -9.21 -32.48
CA ASP H 247 -12.88 -9.06 -31.55
C ASP H 247 -11.58 -9.29 -32.32
N ILE H 248 -10.66 -8.32 -32.21
CA ILE H 248 -9.39 -8.36 -32.94
C ILE H 248 -8.17 -8.42 -32.01
N VAL H 249 -6.96 -8.40 -32.58
CA VAL H 249 -5.70 -8.34 -31.83
C VAL H 249 -4.56 -7.65 -32.61
N ASP H 250 -3.75 -6.88 -31.87
CA ASP H 250 -2.64 -6.08 -32.41
C ASP H 250 -1.39 -6.92 -32.76
N SER H 251 -1.50 -8.24 -32.52
CA SER H 251 -0.54 -9.31 -32.88
C SER H 251 -0.96 -10.49 -32.01
N ALA H 252 -0.64 -11.71 -32.44
CA ALA H 252 -0.90 -12.91 -31.66
C ALA H 252 -1.01 -12.62 -30.16
N PHE H 253 -0.12 -11.76 -29.65
CA PHE H 253 0.14 -11.52 -28.21
C PHE H 253 -0.26 -10.17 -27.65
N GLY H 254 -0.81 -9.30 -28.51
CA GLY H 254 -1.41 -8.05 -28.04
C GLY H 254 -2.70 -8.29 -27.25
N HIS H 255 -3.53 -7.26 -27.14
CA HIS H 255 -4.79 -7.38 -26.42
C HIS H 255 -5.99 -7.36 -27.39
N THR H 256 -7.06 -8.02 -26.96
CA THR H 256 -8.30 -8.14 -27.71
C THR H 256 -9.19 -6.89 -27.58
N HIS H 257 -9.35 -6.14 -28.67
CA HIS H 257 -10.23 -4.97 -28.68
C HIS H 257 -11.60 -5.35 -29.28
N ARG H 258 -12.62 -4.51 -29.12
CA ARG H 258 -13.92 -4.83 -29.71
C ARG H 258 -14.48 -3.76 -30.64
N LEU H 259 -14.55 -4.11 -31.92
CA LEU H 259 -15.06 -3.22 -32.95
C LEU H 259 -16.55 -3.51 -33.12
N THR H 260 -17.37 -2.47 -33.06
CA THR H 260 -18.82 -2.65 -33.13
C THR H 260 -19.30 -2.29 -34.52
N ALA H 261 -20.21 -3.09 -35.06
CA ALA H 261 -20.87 -2.70 -36.30
C ALA H 261 -22.35 -2.49 -36.08
N ARG H 262 -22.86 -1.41 -36.66
CA ARG H 262 -24.26 -1.08 -36.51
C ARG H 262 -25.15 -1.94 -37.40
N ASN H 263 -25.01 -1.79 -38.73
CA ASN H 263 -25.89 -2.48 -39.71
C ASN H 263 -25.57 -3.96 -39.98
N GLU H 264 -24.32 -4.22 -40.38
CA GLU H 264 -23.87 -5.53 -40.88
C GLU H 264 -22.35 -5.66 -40.85
N VAL H 265 -21.91 -6.91 -40.73
CA VAL H 265 -20.53 -7.32 -40.90
C VAL H 265 -20.46 -8.25 -42.12
N VAL H 266 -19.50 -8.01 -43.01
CA VAL H 266 -19.19 -9.06 -43.98
C VAL H 266 -17.81 -9.66 -43.74
N LEU H 267 -17.76 -10.98 -43.63
CA LEU H 267 -16.51 -11.71 -43.66
C LEU H 267 -15.91 -11.69 -45.04
N SER H 268 -14.62 -11.47 -45.12
CA SER H 268 -13.90 -11.59 -46.41
C SER H 268 -12.49 -12.19 -46.30
N THR H 269 -12.27 -13.05 -45.32
CA THR H 269 -10.96 -13.68 -45.10
C THR H 269 -10.69 -14.87 -46.00
N GLY H 270 -11.56 -15.12 -46.96
CA GLY H 270 -11.26 -16.13 -47.94
C GLY H 270 -11.48 -17.58 -47.54
N ALA H 271 -11.10 -18.46 -48.46
CA ALA H 271 -11.63 -19.80 -48.47
C ALA H 271 -11.06 -20.70 -47.38
N ILE H 272 -9.99 -20.25 -46.73
CA ILE H 272 -9.41 -20.99 -45.67
C ILE H 272 -9.74 -20.39 -44.31
N ASP H 273 -9.55 -19.10 -44.18
CA ASP H 273 -9.73 -18.42 -42.91
C ASP H 273 -11.16 -18.10 -42.55
N THR H 274 -11.98 -17.69 -43.52
CA THR H 274 -13.44 -17.53 -43.31
C THR H 274 -14.14 -18.72 -42.67
N PRO H 275 -14.01 -19.92 -43.25
CA PRO H 275 -14.66 -21.00 -42.56
C PRO H 275 -13.98 -21.28 -41.21
N LYS H 276 -12.75 -20.80 -41.01
CA LYS H 276 -12.10 -21.04 -39.71
C LYS H 276 -12.61 -20.04 -38.67
N LEU H 277 -12.63 -18.76 -39.02
CA LEU H 277 -13.24 -17.72 -38.21
C LEU H 277 -14.64 -18.03 -37.75
N LEU H 278 -15.43 -18.60 -38.64
CA LEU H 278 -16.84 -18.89 -38.38
C LEU H 278 -17.04 -20.02 -37.38
N MET H 279 -16.29 -21.11 -37.57
CA MET H 279 -16.24 -22.27 -36.66
C MET H 279 -15.78 -21.88 -35.25
N LEU H 280 -14.80 -20.97 -35.15
CA LEU H 280 -14.41 -20.38 -33.87
C LEU H 280 -15.49 -19.51 -33.21
N SER H 281 -16.46 -19.06 -34.01
CA SER H 281 -17.50 -18.16 -33.49
C SER H 281 -18.79 -18.91 -33.23
N GLY H 282 -18.77 -20.24 -33.38
CA GLY H 282 -19.97 -21.05 -33.05
C GLY H 282 -20.82 -21.64 -34.18
N ILE H 283 -20.50 -21.31 -35.43
CA ILE H 283 -21.28 -21.72 -36.60
C ILE H 283 -20.53 -22.79 -37.41
N GLY H 284 -20.95 -24.04 -37.30
CA GLY H 284 -20.33 -25.09 -38.10
C GLY H 284 -20.88 -26.48 -37.80
N PRO H 285 -20.17 -27.53 -38.24
CA PRO H 285 -20.66 -28.87 -37.96
C PRO H 285 -20.61 -29.04 -36.46
N ALA H 286 -21.66 -29.62 -35.86
CA ALA H 286 -21.80 -29.62 -34.38
C ALA H 286 -20.87 -30.58 -33.65
N ALA H 287 -20.66 -31.77 -34.19
CA ALA H 287 -19.71 -32.75 -33.63
C ALA H 287 -18.25 -32.28 -33.69
N HIS H 288 -17.95 -31.35 -34.60
CA HIS H 288 -16.59 -30.87 -34.80
C HIS H 288 -16.31 -29.67 -33.90
N LEU H 289 -17.23 -28.70 -33.87
CA LEU H 289 -17.14 -27.57 -32.93
C LEU H 289 -17.08 -28.01 -31.47
N ALA H 290 -17.96 -28.93 -31.07
CA ALA H 290 -18.04 -29.44 -29.69
C ALA H 290 -16.78 -30.21 -29.30
N GLU H 291 -16.17 -30.88 -30.27
CA GLU H 291 -14.90 -31.62 -30.08
C GLU H 291 -13.73 -30.71 -29.64
N HIS H 292 -13.80 -29.43 -29.97
CA HIS H 292 -12.75 -28.50 -29.58
C HIS H 292 -13.34 -27.56 -28.57
N GLY H 293 -14.33 -28.08 -27.85
CA GLY H 293 -14.92 -27.38 -26.70
C GLY H 293 -15.58 -26.06 -27.06
N ILE H 294 -15.93 -25.89 -28.34
CA ILE H 294 -16.56 -24.65 -28.82
C ILE H 294 -18.07 -24.72 -28.66
N GLU H 295 -18.66 -23.57 -28.33
CA GLU H 295 -20.07 -23.50 -28.00
C GLU H 295 -20.92 -23.29 -29.26
N VAL H 296 -21.80 -24.25 -29.54
CA VAL H 296 -22.53 -24.28 -30.82
C VAL H 296 -23.65 -23.24 -30.93
N LEU H 297 -23.40 -22.19 -31.70
CA LEU H 297 -24.38 -21.14 -31.92
C LEU H 297 -25.34 -21.60 -33.01
N VAL H 298 -24.79 -22.01 -34.15
CA VAL H 298 -25.57 -22.62 -35.23
C VAL H 298 -24.91 -23.87 -35.77
N ASP H 299 -25.70 -24.92 -35.88
CA ASP H 299 -25.31 -26.15 -36.56
C ASP H 299 -25.41 -25.90 -38.08
N SER H 300 -24.26 -25.75 -38.72
CA SER H 300 -24.16 -25.35 -40.12
C SER H 300 -23.15 -26.28 -40.80
N PRO H 301 -23.55 -27.55 -41.04
CA PRO H 301 -22.64 -28.64 -41.41
C PRO H 301 -21.89 -28.46 -42.75
N GLY H 302 -22.15 -27.36 -43.44
CA GLY H 302 -21.48 -27.07 -44.71
C GLY H 302 -20.23 -26.19 -44.58
N VAL H 303 -20.12 -25.50 -43.46
CA VAL H 303 -18.98 -24.65 -43.18
C VAL H 303 -17.71 -25.47 -43.21
N GLY H 304 -16.87 -25.17 -44.20
CA GLY H 304 -15.54 -25.74 -44.28
C GLY H 304 -15.52 -27.05 -45.01
N GLU H 305 -16.71 -27.47 -45.46
CA GLU H 305 -16.93 -28.60 -46.38
C GLU H 305 -16.83 -28.15 -47.85
N HIS H 306 -16.72 -29.09 -48.78
CA HIS H 306 -16.77 -28.81 -50.22
CA HIS H 306 -16.77 -28.80 -50.22
C HIS H 306 -15.52 -28.12 -50.76
N LEU H 307 -14.41 -28.20 -50.04
CA LEU H 307 -13.21 -27.52 -50.50
C LEU H 307 -12.87 -27.86 -51.96
N GLN H 308 -12.77 -26.84 -52.81
CA GLN H 308 -12.42 -27.08 -54.22
C GLN H 308 -11.15 -26.35 -54.64
N ASP H 309 -10.45 -26.96 -55.60
CA ASP H 309 -9.18 -26.47 -56.10
C ASP H 309 -8.92 -26.87 -57.54
N HIS H 310 -8.12 -26.04 -58.22
CA HIS H 310 -7.48 -26.42 -59.46
C HIS H 310 -6.16 -27.08 -59.09
N PRO H 311 -6.11 -28.43 -59.14
CA PRO H 311 -4.86 -29.13 -58.88
C PRO H 311 -3.93 -29.12 -60.10
N GLU H 312 -2.64 -28.90 -59.88
CA GLU H 312 -1.76 -28.53 -60.99
C GLU H 312 -0.59 -29.51 -61.15
N GLY H 313 -0.18 -29.76 -62.38
CA GLY H 313 0.93 -30.67 -62.65
C GLY H 313 2.05 -29.85 -63.26
N VAL H 314 3.13 -30.51 -63.63
CA VAL H 314 4.19 -29.78 -64.34
C VAL H 314 4.99 -30.69 -65.30
N VAL H 315 5.31 -30.15 -66.47
CA VAL H 315 6.36 -30.73 -67.29
C VAL H 315 7.39 -29.64 -67.47
N GLN H 316 8.67 -29.98 -67.31
CA GLN H 316 9.75 -28.99 -67.39
C GLN H 316 10.80 -29.39 -68.42
N PHE H 317 11.33 -28.41 -69.13
CA PHE H 317 12.28 -28.62 -70.22
C PHE H 317 13.49 -27.70 -70.11
N GLU H 318 14.64 -28.17 -70.54
CA GLU H 318 15.77 -27.27 -70.76
C GLU H 318 15.42 -26.53 -72.03
N ALA H 319 15.68 -25.22 -72.07
CA ALA H 319 15.53 -24.41 -73.28
C ALA H 319 16.80 -24.52 -74.08
N LYS H 320 16.67 -24.68 -75.40
CA LYS H 320 17.82 -24.77 -76.29
C LYS H 320 18.44 -23.41 -76.53
N GLN H 321 17.82 -22.37 -75.99
CA GLN H 321 18.19 -21.01 -76.27
C GLN H 321 17.91 -20.11 -75.05
N PRO H 322 18.57 -18.94 -74.94
CA PRO H 322 18.41 -18.10 -73.75
C PRO H 322 16.98 -17.57 -73.57
N MET H 323 16.32 -17.95 -72.47
CA MET H 323 14.94 -17.54 -72.23
C MET H 323 14.93 -16.06 -71.98
N VAL H 324 13.75 -15.48 -72.04
CA VAL H 324 13.56 -14.10 -71.69
C VAL H 324 14.07 -13.87 -70.28
N ALA H 325 14.86 -12.82 -70.11
CA ALA H 325 15.39 -12.44 -68.81
C ALA H 325 14.54 -11.34 -68.14
N GLU H 326 13.38 -11.02 -68.75
CA GLU H 326 12.46 -9.95 -68.34
C GLU H 326 11.03 -10.38 -68.73
N SER H 327 10.03 -10.00 -67.95
CA SER H 327 8.66 -10.46 -68.20
C SER H 327 7.65 -9.61 -67.48
N THR H 328 6.37 -9.88 -67.74
CA THR H 328 5.31 -9.26 -66.93
C THR H 328 5.03 -9.95 -65.59
N GLN H 329 5.18 -11.29 -65.56
CA GLN H 329 4.91 -12.17 -64.39
C GLN H 329 5.27 -13.66 -64.66
N TRP H 330 6.07 -13.92 -65.70
CA TRP H 330 6.64 -15.25 -65.95
C TRP H 330 5.63 -16.35 -66.32
N TRP H 331 4.36 -16.05 -66.18
CA TRP H 331 3.32 -17.03 -66.54
C TRP H 331 2.29 -16.35 -67.46
N GLU H 332 2.63 -16.33 -68.75
CA GLU H 332 2.08 -15.35 -69.73
C GLU H 332 1.12 -15.97 -70.73
N ILE H 333 1.21 -17.28 -70.89
CA ILE H 333 0.32 -17.95 -71.80
C ILE H 333 -0.45 -18.96 -71.03
N GLY H 334 -1.70 -19.14 -71.43
CA GLY H 334 -2.61 -20.18 -70.95
C GLY H 334 -3.23 -20.86 -72.14
N ILE H 335 -3.50 -22.15 -72.01
CA ILE H 335 -3.91 -23.00 -73.12
C ILE H 335 -5.03 -23.87 -72.64
N PHE H 336 -6.17 -23.80 -73.33
CA PHE H 336 -7.31 -24.65 -72.99
C PHE H 336 -7.58 -25.68 -74.05
N THR H 337 -7.87 -26.89 -73.64
CA THR H 337 -8.31 -27.91 -74.58
C THR H 337 -9.25 -28.97 -73.93
N PRO H 338 -10.19 -29.53 -74.71
CA PRO H 338 -11.05 -30.52 -74.10
C PRO H 338 -10.52 -31.93 -74.25
N THR H 339 -10.70 -32.77 -73.23
CA THR H 339 -10.25 -34.18 -73.29
C THR H 339 -11.34 -35.16 -73.76
N GLU H 340 -12.58 -34.67 -73.85
CA GLU H 340 -13.71 -35.46 -74.32
C GLU H 340 -14.55 -34.58 -75.23
N ASP H 341 -15.40 -35.20 -76.04
CA ASP H 341 -16.39 -34.47 -76.85
C ASP H 341 -17.54 -33.96 -76.01
N GLY H 342 -18.27 -33.01 -76.56
CA GLY H 342 -19.57 -32.63 -76.02
C GLY H 342 -19.52 -31.68 -74.88
N LEU H 343 -18.33 -31.15 -74.60
CA LEU H 343 -18.16 -30.22 -73.49
C LEU H 343 -18.38 -28.79 -73.93
N ASP H 344 -18.88 -27.96 -73.01
CA ASP H 344 -19.07 -26.52 -73.20
C ASP H 344 -18.01 -25.70 -72.44
N ARG H 345 -17.18 -26.41 -71.70
CA ARG H 345 -16.05 -25.81 -71.00
C ARG H 345 -14.85 -26.73 -71.11
N PRO H 346 -13.63 -26.16 -71.14
CA PRO H 346 -12.44 -27.01 -71.16
C PRO H 346 -12.30 -27.72 -69.81
N ASP H 347 -12.02 -29.01 -69.84
CA ASP H 347 -11.71 -29.71 -68.60
C ASP H 347 -10.20 -29.74 -68.31
N LEU H 348 -9.41 -29.05 -69.13
CA LEU H 348 -7.96 -28.98 -69.01
C LEU H 348 -7.45 -27.57 -69.37
N MET H 349 -6.47 -27.09 -68.60
CA MET H 349 -5.79 -25.81 -68.85
C MET H 349 -4.29 -26.01 -68.61
N MET H 350 -3.44 -25.27 -69.31
CA MET H 350 -2.03 -25.20 -68.95
C MET H 350 -1.60 -23.76 -68.98
N HIS H 351 -0.70 -23.40 -68.07
CA HIS H 351 -0.02 -22.15 -68.13
C HIS H 351 1.30 -22.54 -68.77
N TYR H 352 1.97 -21.56 -69.38
CA TYR H 352 3.34 -21.78 -69.83
C TYR H 352 4.17 -20.80 -69.05
N GLY H 353 5.29 -21.29 -68.52
CA GLY H 353 6.22 -20.44 -67.75
C GLY H 353 7.57 -20.42 -68.41
N SER H 354 8.22 -19.25 -68.46
CA SER H 354 9.54 -19.16 -69.12
C SER H 354 10.65 -19.33 -68.11
N VAL H 355 10.39 -20.28 -67.22
CA VAL H 355 11.23 -20.60 -66.08
C VAL H 355 10.95 -22.04 -65.64
N PRO H 356 11.98 -22.73 -65.16
CA PRO H 356 11.69 -24.04 -64.54
C PRO H 356 10.75 -23.81 -63.36
N PHE H 357 10.21 -24.86 -62.82
CA PHE H 357 9.40 -24.73 -61.64
C PHE H 357 9.62 -25.98 -60.79
N ASP H 358 10.66 -25.96 -59.95
CA ASP H 358 11.08 -27.19 -59.26
C ASP H 358 10.56 -27.33 -57.81
N MET H 359 9.65 -26.45 -57.43
CA MET H 359 9.10 -26.40 -56.07
C MET H 359 8.77 -27.82 -55.51
N ASN H 360 8.22 -28.68 -56.37
CA ASN H 360 7.82 -30.02 -55.96
C ASN H 360 8.62 -31.16 -56.55
N THR H 361 9.59 -30.85 -57.41
CA THR H 361 10.38 -31.88 -58.02
C THR H 361 11.76 -31.98 -57.41
N LEU H 362 12.30 -30.84 -56.95
CA LEU H 362 13.62 -30.89 -56.28
C LEU H 362 13.76 -32.03 -55.22
N ARG H 363 12.80 -32.14 -54.32
CA ARG H 363 12.88 -33.16 -53.27
C ARG H 363 12.77 -34.60 -53.80
N HIS H 364 12.50 -34.76 -55.09
CA HIS H 364 12.43 -36.10 -55.64
C HIS H 364 13.56 -36.40 -56.58
N GLY H 365 14.41 -35.40 -56.80
CA GLY H 365 15.70 -35.60 -57.43
C GLY H 365 15.69 -35.35 -58.93
N TYR H 366 14.75 -34.55 -59.40
CA TYR H 366 14.69 -34.35 -60.81
C TYR H 366 15.72 -33.29 -61.19
N PRO H 367 16.42 -33.49 -62.32
CA PRO H 367 17.39 -32.56 -62.82
C PRO H 367 16.80 -31.18 -62.75
N THR H 368 17.68 -30.19 -62.68
CA THR H 368 17.25 -28.82 -62.54
C THR H 368 17.92 -28.03 -63.63
N THR H 369 17.49 -26.78 -63.79
CA THR H 369 18.19 -25.87 -64.68
C THR H 369 18.03 -24.41 -64.30
N GLU H 370 18.94 -23.55 -64.79
CA GLU H 370 18.81 -22.11 -64.61
C GLU H 370 18.14 -21.50 -65.86
N ASN H 371 17.90 -22.35 -66.87
CA ASN H 371 17.40 -21.92 -68.19
C ASN H 371 16.48 -22.92 -68.91
N GLY H 372 15.18 -22.66 -68.80
CA GLY H 372 14.13 -23.58 -69.23
C GLY H 372 12.75 -23.02 -68.97
N PHE H 373 11.73 -23.84 -69.20
CA PHE H 373 10.33 -23.39 -69.22
C PHE H 373 9.43 -24.54 -68.80
N SER H 374 8.22 -24.25 -68.33
CA SER H 374 7.33 -25.28 -67.78
C SER H 374 5.89 -25.18 -68.28
N LEU H 375 5.26 -26.32 -68.52
CA LEU H 375 3.84 -26.30 -68.79
C LEU H 375 3.11 -26.92 -67.61
N THR H 376 2.08 -26.22 -67.14
CA THR H 376 1.39 -26.65 -65.95
C THR H 376 -0.11 -27.06 -66.18
N PRO H 377 -0.34 -28.34 -66.54
CA PRO H 377 -1.73 -28.77 -66.69
C PRO H 377 -2.46 -28.74 -65.35
N ASN H 378 -3.69 -28.25 -65.38
CA ASN H 378 -4.56 -28.30 -64.23
C ASN H 378 -5.95 -28.77 -64.65
N VAL H 379 -6.74 -29.16 -63.66
CA VAL H 379 -8.05 -29.74 -63.89
C VAL H 379 -9.10 -28.66 -63.58
N THR H 380 -9.60 -27.98 -64.62
CA THR H 380 -10.52 -26.83 -64.44
C THR H 380 -11.72 -27.06 -63.49
N HIS H 381 -12.32 -28.26 -63.53
CA HIS H 381 -13.45 -28.63 -62.66
C HIS H 381 -13.23 -29.95 -61.97
N ALA H 382 -12.29 -29.96 -61.03
CA ALA H 382 -12.01 -31.17 -60.28
C ALA H 382 -13.25 -31.60 -59.50
N ARG H 383 -13.29 -32.89 -59.19
CA ARG H 383 -14.44 -33.51 -58.59
C ARG H 383 -14.10 -34.01 -57.18
N SER H 384 -12.81 -33.95 -56.80
CA SER H 384 -12.39 -34.29 -55.44
C SER H 384 -12.88 -33.17 -54.57
N ARG H 385 -13.40 -33.53 -53.40
CA ARG H 385 -13.77 -32.53 -52.39
C ARG H 385 -12.96 -32.75 -51.12
N GLY H 386 -12.50 -31.66 -50.49
CA GLY H 386 -11.77 -31.74 -49.24
C GLY H 386 -12.47 -30.96 -48.16
N THR H 387 -11.77 -30.69 -47.06
CA THR H 387 -12.30 -29.86 -45.95
C THR H 387 -11.27 -28.93 -45.36
N VAL H 388 -11.78 -27.95 -44.63
CA VAL H 388 -10.98 -27.09 -43.83
C VAL H 388 -11.54 -27.30 -42.43
N ARG H 389 -10.66 -27.64 -41.49
CA ARG H 389 -11.06 -27.89 -40.11
C ARG H 389 -10.19 -27.18 -39.07
N LEU H 390 -10.75 -26.93 -37.89
CA LEU H 390 -10.07 -26.32 -36.74
C LEU H 390 -8.95 -27.19 -36.18
N ARG H 391 -7.79 -26.61 -35.83
CA ARG H 391 -6.79 -27.43 -35.16
C ARG H 391 -7.17 -27.60 -33.67
N SER H 392 -7.92 -26.60 -33.18
CA SER H 392 -8.21 -26.44 -31.77
C SER H 392 -9.10 -25.21 -31.61
N ARG H 393 -9.44 -24.89 -30.37
CA ARG H 393 -10.24 -23.71 -30.12
C ARG H 393 -9.38 -22.45 -30.16
N ASP H 394 -8.13 -22.62 -30.55
CA ASP H 394 -7.16 -21.53 -30.51
C ASP H 394 -6.77 -20.99 -31.88
N PHE H 395 -7.09 -19.73 -32.12
CA PHE H 395 -6.95 -19.12 -33.43
C PHE H 395 -5.54 -19.00 -34.04
N ARG H 396 -4.47 -19.13 -33.28
CA ARG H 396 -3.15 -18.97 -33.90
C ARG H 396 -2.78 -20.31 -34.43
N ASP H 397 -3.68 -21.26 -34.18
CA ASP H 397 -3.49 -22.60 -34.68
C ASP H 397 -3.97 -22.59 -36.12
N LYS H 398 -3.02 -22.74 -37.04
CA LYS H 398 -3.39 -22.92 -38.44
C LYS H 398 -4.50 -23.96 -38.58
N PRO H 399 -5.43 -23.73 -39.52
CA PRO H 399 -6.52 -24.67 -39.79
C PRO H 399 -6.02 -25.96 -40.41
N MET H 400 -6.82 -27.02 -40.37
CA MET H 400 -6.45 -28.23 -41.10
C MET H 400 -7.06 -28.21 -42.47
N VAL H 401 -6.17 -28.18 -43.46
CA VAL H 401 -6.54 -28.09 -44.87
C VAL H 401 -6.36 -29.47 -45.49
N ASP H 402 -7.48 -30.07 -45.91
CA ASP H 402 -7.45 -31.38 -46.55
C ASP H 402 -8.29 -31.39 -47.82
N PRO H 403 -7.66 -31.04 -48.96
CA PRO H 403 -8.31 -30.95 -50.29
C PRO H 403 -8.63 -32.34 -50.81
N ARG H 404 -7.93 -33.34 -50.30
CA ARG H 404 -8.10 -34.73 -50.69
CA ARG H 404 -8.11 -34.73 -50.70
C ARG H 404 -7.83 -34.86 -52.18
N TYR H 405 -6.64 -34.45 -52.60
CA TYR H 405 -6.36 -34.39 -54.04
C TYR H 405 -6.52 -35.77 -54.70
N PHE H 406 -6.99 -35.74 -55.94
CA PHE H 406 -7.21 -36.93 -56.75
C PHE H 406 -7.93 -38.11 -56.03
N THR H 407 -9.07 -37.83 -55.38
CA THR H 407 -9.81 -38.88 -54.62
C THR H 407 -11.25 -39.16 -55.13
N ASP H 408 -11.64 -38.42 -56.17
CA ASP H 408 -12.94 -38.57 -56.79
C ASP H 408 -13.09 -40.00 -57.31
N PRO H 409 -14.25 -40.61 -57.03
CA PRO H 409 -14.62 -41.98 -57.42
C PRO H 409 -14.40 -42.35 -58.91
N GLU H 410 -14.72 -41.44 -59.83
CA GLU H 410 -14.56 -41.78 -61.24
C GLU H 410 -13.12 -41.73 -61.72
N GLY H 411 -12.22 -41.24 -60.86
CA GLY H 411 -10.80 -41.13 -61.20
C GLY H 411 -10.61 -40.03 -62.23
N HIS H 412 -11.53 -39.07 -62.22
CA HIS H 412 -11.54 -37.96 -63.18
C HIS H 412 -10.33 -37.02 -63.04
N ASP H 413 -10.13 -36.48 -61.85
CA ASP H 413 -9.01 -35.57 -61.58
C ASP H 413 -7.69 -36.18 -62.08
N MET H 414 -7.47 -37.45 -61.79
CA MET H 414 -6.20 -38.09 -62.18
C MET H 414 -6.10 -38.17 -63.70
N ARG H 415 -7.20 -38.61 -64.31
CA ARG H 415 -7.28 -38.87 -65.75
C ARG H 415 -7.02 -37.62 -66.56
N VAL H 416 -7.66 -36.52 -66.17
CA VAL H 416 -7.44 -35.28 -66.86
C VAL H 416 -5.99 -34.80 -66.72
N MET H 417 -5.38 -35.12 -65.59
CA MET H 417 -4.00 -34.74 -65.33
C MET H 417 -3.07 -35.56 -66.20
N VAL H 418 -3.33 -36.85 -66.31
CA VAL H 418 -2.43 -37.64 -67.10
C VAL H 418 -2.50 -37.17 -68.53
N ALA H 419 -3.72 -36.82 -68.97
CA ALA H 419 -3.92 -36.40 -70.35
C ALA H 419 -3.22 -35.08 -70.59
N GLY H 420 -3.21 -34.25 -69.54
CA GLY H 420 -2.58 -32.95 -69.53
C GLY H 420 -1.09 -33.07 -69.69
N ILE H 421 -0.47 -34.09 -69.10
CA ILE H 421 0.97 -34.23 -69.28
C ILE H 421 1.27 -34.63 -70.73
N ARG H 422 0.46 -35.53 -71.27
CA ARG H 422 0.66 -35.96 -72.64
C ARG H 422 0.41 -34.85 -73.67
N LYS H 423 -0.58 -34.01 -73.38
CA LYS H 423 -0.87 -32.87 -74.22
C LYS H 423 0.31 -31.86 -74.21
N ALA H 424 0.76 -31.46 -73.02
CA ALA H 424 2.01 -30.72 -72.85
C ALA H 424 3.16 -31.31 -73.68
N ARG H 425 3.40 -32.61 -73.57
CA ARG H 425 4.43 -33.23 -74.42
C ARG H 425 4.09 -33.05 -75.90
N GLU H 426 2.81 -33.15 -76.24
CA GLU H 426 2.46 -33.14 -77.65
C GLU H 426 2.75 -31.77 -78.25
N ILE H 427 2.39 -30.73 -77.51
CA ILE H 427 2.66 -29.35 -77.92
C ILE H 427 4.17 -29.02 -78.06
N ALA H 428 4.92 -29.28 -76.99
CA ALA H 428 6.35 -28.95 -76.98
C ALA H 428 7.13 -29.68 -78.07
N ALA H 429 6.60 -30.79 -78.56
CA ALA H 429 7.27 -31.57 -79.60
C ALA H 429 7.04 -31.05 -81.04
N GLN H 430 6.04 -30.18 -81.22
CA GLN H 430 5.68 -29.62 -82.51
C GLN H 430 6.81 -28.80 -83.14
N PRO H 431 7.06 -29.01 -84.45
CA PRO H 431 8.09 -28.30 -85.23
C PRO H 431 8.24 -26.81 -84.97
N ALA H 432 7.18 -26.09 -84.62
CA ALA H 432 7.42 -24.68 -84.32
C ALA H 432 8.27 -24.52 -83.05
N MET H 433 8.44 -25.60 -82.28
CA MET H 433 9.18 -25.55 -81.00
C MET H 433 10.54 -26.26 -81.09
N ALA H 434 10.86 -26.82 -82.24
CA ALA H 434 12.12 -27.56 -82.39
C ALA H 434 13.38 -26.78 -81.99
N GLU H 435 13.37 -25.46 -82.16
CA GLU H 435 14.53 -24.67 -81.76
C GLU H 435 14.43 -24.21 -80.29
N TRP H 436 13.33 -24.58 -79.65
CA TRP H 436 13.17 -24.24 -78.23
C TRP H 436 13.19 -25.41 -77.25
N THR H 437 12.55 -26.51 -77.61
CA THR H 437 12.41 -27.65 -76.71
C THR H 437 13.66 -28.49 -76.57
N GLY H 438 14.31 -28.35 -75.41
CA GLY H 438 15.43 -29.22 -75.06
C GLY H 438 14.99 -30.49 -74.37
N ARG H 439 15.80 -30.96 -73.45
CA ARG H 439 15.50 -32.19 -72.73
C ARG H 439 14.36 -31.98 -71.76
N GLU H 440 13.60 -33.05 -71.53
CA GLU H 440 12.49 -33.00 -70.57
C GLU H 440 13.04 -33.36 -69.20
N LEU H 441 12.99 -32.42 -68.27
CA LEU H 441 13.61 -32.62 -66.95
C LEU H 441 12.65 -33.44 -66.12
N SER H 442 11.40 -33.02 -66.11
CA SER H 442 10.37 -33.80 -65.44
C SER H 442 9.06 -33.87 -66.27
N PRO H 443 8.42 -35.04 -66.28
CA PRO H 443 8.78 -36.21 -65.45
C PRO H 443 9.98 -36.99 -65.99
N GLY H 444 10.47 -36.58 -67.17
CA GLY H 444 11.54 -37.29 -67.87
C GLY H 444 11.04 -38.31 -68.89
N VAL H 445 11.79 -38.46 -69.98
CA VAL H 445 11.37 -39.31 -71.11
C VAL H 445 11.10 -40.78 -70.74
N GLU H 446 11.64 -41.23 -69.62
CA GLU H 446 11.41 -42.58 -69.14
C GLU H 446 9.99 -42.82 -68.57
N ALA H 447 9.32 -41.74 -68.12
CA ALA H 447 7.96 -41.86 -67.61
C ALA H 447 6.96 -41.80 -68.77
N GLN H 448 6.51 -42.97 -69.21
CA GLN H 448 5.63 -43.09 -70.40
C GLN H 448 4.25 -43.71 -70.15
N THR H 449 4.18 -44.76 -69.32
CA THR H 449 2.90 -45.44 -69.03
C THR H 449 1.98 -44.59 -68.19
N ASP H 450 0.73 -45.03 -68.08
CA ASP H 450 -0.22 -44.32 -67.24
C ASP H 450 0.17 -44.44 -65.77
N GLU H 451 0.62 -45.61 -65.35
CA GLU H 451 1.01 -45.78 -63.95
C GLU H 451 2.16 -44.85 -63.58
N GLU H 452 3.14 -44.77 -64.49
CA GLU H 452 4.37 -44.02 -64.26
C GLU H 452 4.07 -42.56 -64.08
N LEU H 453 3.10 -42.10 -64.87
CA LEU H 453 2.65 -40.73 -64.84
C LEU H 453 1.75 -40.46 -63.66
N GLN H 454 1.12 -41.49 -63.12
CA GLN H 454 0.25 -41.31 -61.98
C GLN H 454 1.15 -41.21 -60.78
N ASP H 455 2.19 -42.02 -60.82
CA ASP H 455 3.17 -42.00 -59.76
C ASP H 455 3.80 -40.64 -59.63
N TYR H 456 4.10 -39.98 -60.77
CA TYR H 456 4.81 -38.70 -60.72
C TYR H 456 3.86 -37.63 -60.30
N ILE H 457 2.62 -37.75 -60.77
CA ILE H 457 1.60 -36.77 -60.42
C ILE H 457 1.37 -36.78 -58.93
N ARG H 458 1.33 -37.99 -58.37
CA ARG H 458 1.13 -38.26 -56.95
C ARG H 458 2.26 -37.64 -56.12
N LYS H 459 3.48 -37.68 -56.63
CA LYS H 459 4.66 -37.20 -55.91
C LYS H 459 4.94 -35.70 -56.08
N THR H 460 4.62 -35.16 -57.24
CA THR H 460 5.17 -33.85 -57.61
C THR H 460 4.15 -32.78 -57.90
N HIS H 461 2.86 -33.06 -57.77
CA HIS H 461 1.84 -32.08 -58.14
C HIS H 461 1.80 -30.89 -57.21
N ASN H 462 1.11 -29.83 -57.64
CA ASN H 462 0.97 -28.58 -56.88
C ASN H 462 -0.48 -28.18 -56.92
N THR H 463 -0.71 -26.88 -56.78
CA THR H 463 -2.00 -26.26 -56.99
C THR H 463 -1.79 -24.98 -57.80
N VAL H 464 -2.79 -24.55 -58.54
CA VAL H 464 -2.78 -23.24 -59.15
C VAL H 464 -3.17 -22.14 -58.16
N TYR H 465 -3.43 -22.52 -56.91
CA TYR H 465 -3.65 -21.57 -55.80
C TYR H 465 -5.03 -20.94 -55.78
N HIS H 466 -6.05 -21.77 -55.99
CA HIS H 466 -7.44 -21.31 -56.04
C HIS H 466 -8.31 -22.23 -55.20
N PRO H 467 -8.16 -22.15 -53.87
CA PRO H 467 -9.16 -22.68 -52.95
C PRO H 467 -10.46 -21.90 -53.04
N VAL H 468 -11.54 -22.61 -53.28
CA VAL H 468 -12.84 -21.98 -53.23
C VAL H 468 -13.80 -22.91 -52.51
N GLY H 469 -14.93 -22.37 -52.06
CA GLY H 469 -16.13 -23.19 -51.88
C GLY H 469 -16.50 -23.54 -50.47
N THR H 470 -15.62 -23.21 -49.53
CA THR H 470 -15.75 -23.76 -48.17
C THR H 470 -16.99 -23.28 -47.41
N VAL H 471 -17.58 -22.16 -47.82
CA VAL H 471 -18.79 -21.59 -47.22
C VAL H 471 -19.76 -21.25 -48.33
N ARG H 472 -20.24 -22.27 -49.02
CA ARG H 472 -20.96 -22.10 -50.26
C ARG H 472 -22.36 -21.52 -50.07
N MET H 473 -22.75 -20.68 -51.04
CA MET H 473 -24.14 -20.26 -51.27
C MET H 473 -24.95 -21.36 -51.95
N GLY H 474 -26.16 -21.59 -51.45
CA GLY H 474 -27.10 -22.51 -52.06
C GLY H 474 -28.49 -21.95 -51.82
N ALA H 475 -29.51 -22.78 -51.97
CA ALA H 475 -30.89 -22.33 -51.87
C ALA H 475 -31.33 -22.30 -50.41
N VAL H 476 -32.10 -21.28 -50.04
CA VAL H 476 -32.63 -21.10 -48.65
C VAL H 476 -32.69 -22.37 -47.76
N GLU H 477 -33.34 -23.42 -48.25
CA GLU H 477 -33.60 -24.62 -47.46
C GLU H 477 -32.52 -25.72 -47.58
N ASP H 478 -31.41 -25.40 -48.26
CA ASP H 478 -30.28 -26.34 -48.38
C ASP H 478 -29.45 -26.30 -47.09
N GLU H 479 -29.37 -27.45 -46.40
CA GLU H 479 -28.70 -27.51 -45.10
C GLU H 479 -27.18 -27.53 -45.22
N MET H 480 -26.68 -28.26 -46.21
CA MET H 480 -25.24 -28.35 -46.44
C MET H 480 -24.69 -27.08 -47.11
N SER H 481 -25.53 -26.08 -47.36
CA SER H 481 -25.06 -24.77 -47.84
C SER H 481 -25.12 -23.73 -46.72
N PRO H 482 -23.96 -23.34 -46.17
CA PRO H 482 -23.94 -22.30 -45.12
C PRO H 482 -24.63 -20.97 -45.49
N LEU H 483 -24.52 -20.57 -46.75
CA LEU H 483 -25.06 -19.27 -47.20
C LEU H 483 -26.38 -19.39 -47.98
N ASP H 484 -27.19 -18.36 -47.91
CA ASP H 484 -28.32 -18.30 -48.78
C ASP H 484 -27.93 -17.46 -49.99
N PRO H 485 -28.74 -17.47 -51.05
CA PRO H 485 -28.34 -16.84 -52.31
C PRO H 485 -28.00 -15.36 -52.16
N GLU H 486 -28.19 -14.83 -50.97
CA GLU H 486 -27.99 -13.40 -50.75
C GLU H 486 -26.74 -13.14 -49.90
N LEU H 487 -25.93 -14.18 -49.76
CA LEU H 487 -24.66 -14.17 -49.01
C LEU H 487 -24.81 -14.02 -47.50
N ARG H 488 -26.05 -14.00 -47.01
CA ARG H 488 -26.31 -14.02 -45.59
C ARG H 488 -26.04 -15.41 -45.00
N VAL H 489 -25.21 -15.44 -43.96
CA VAL H 489 -24.98 -16.64 -43.19
C VAL H 489 -26.31 -16.98 -42.54
N LYS H 490 -26.77 -18.18 -42.86
CA LYS H 490 -28.06 -18.65 -42.41
C LYS H 490 -28.07 -18.76 -40.90
N GLY H 491 -29.22 -18.40 -40.33
CA GLY H 491 -29.50 -18.69 -38.93
C GLY H 491 -28.86 -17.71 -37.99
N VAL H 492 -28.72 -16.47 -38.45
CA VAL H 492 -28.13 -15.36 -37.72
C VAL H 492 -28.34 -14.12 -38.59
N THR H 493 -28.90 -13.05 -38.02
CA THR H 493 -29.06 -11.85 -38.81
C THR H 493 -27.77 -11.04 -38.81
N GLY H 494 -27.59 -10.23 -39.85
CA GLY H 494 -26.57 -9.17 -39.90
C GLY H 494 -25.18 -9.56 -40.38
N LEU H 495 -25.08 -10.74 -41.02
CA LEU H 495 -23.76 -11.29 -41.44
C LEU H 495 -23.74 -12.08 -42.77
N ARG H 496 -22.81 -11.70 -43.62
CA ARG H 496 -22.69 -12.22 -44.97
C ARG H 496 -21.23 -12.54 -45.21
N VAL H 497 -20.97 -13.41 -46.21
CA VAL H 497 -19.61 -13.72 -46.61
C VAL H 497 -19.46 -13.29 -48.05
N ALA H 498 -18.33 -12.64 -48.35
CA ALA H 498 -17.96 -12.31 -49.72
C ALA H 498 -16.51 -12.62 -50.01
N ASP H 499 -16.26 -13.78 -50.60
CA ASP H 499 -14.91 -14.15 -51.05
C ASP H 499 -15.00 -15.49 -51.76
N ALA H 500 -13.86 -16.09 -52.11
CA ALA H 500 -13.82 -17.39 -52.85
C ALA H 500 -14.50 -18.59 -52.13
N SER H 501 -14.98 -18.36 -50.89
CA SER H 501 -15.69 -19.39 -50.09
C SER H 501 -17.09 -19.64 -50.59
N VAL H 502 -17.73 -18.59 -51.11
CA VAL H 502 -19.14 -18.72 -51.52
C VAL H 502 -19.41 -19.58 -52.77
N MET H 503 -18.45 -19.72 -53.69
CA MET H 503 -18.72 -20.44 -54.93
C MET H 503 -19.27 -21.85 -54.65
N PRO H 504 -20.47 -22.17 -55.19
CA PRO H 504 -21.05 -23.52 -55.04
C PRO H 504 -20.32 -24.51 -55.93
N GLU H 505 -19.54 -23.98 -56.86
CA GLU H 505 -18.82 -24.77 -57.86
C GLU H 505 -17.73 -23.92 -58.43
N HIS H 506 -16.51 -24.44 -58.46
CA HIS H 506 -15.36 -23.71 -58.91
C HIS H 506 -15.57 -23.26 -60.34
N VAL H 507 -14.86 -22.21 -60.70
CA VAL H 507 -14.91 -21.69 -62.04
C VAL H 507 -13.87 -22.36 -62.90
N THR H 508 -14.12 -22.32 -64.20
CA THR H 508 -13.21 -22.88 -65.20
C THR H 508 -11.82 -22.25 -65.16
N VAL H 509 -11.73 -20.98 -64.79
CA VAL H 509 -10.50 -20.22 -64.94
C VAL H 509 -9.97 -19.61 -63.63
N ASN H 510 -8.77 -19.05 -63.68
CA ASN H 510 -8.19 -18.27 -62.60
C ASN H 510 -9.28 -17.37 -62.01
N PRO H 511 -9.62 -17.53 -60.71
CA PRO H 511 -10.82 -16.91 -60.17
C PRO H 511 -10.73 -15.46 -59.71
N ASN H 512 -9.56 -14.84 -59.75
CA ASN H 512 -9.44 -13.55 -59.12
C ASN H 512 -10.49 -12.54 -59.56
N ILE H 513 -10.65 -12.32 -60.85
CA ILE H 513 -11.67 -11.36 -61.27
C ILE H 513 -13.06 -11.77 -60.80
N THR H 514 -13.38 -13.04 -60.95
CA THR H 514 -14.69 -13.48 -60.51
C THR H 514 -14.89 -13.08 -59.06
N VAL H 515 -13.89 -13.38 -58.22
CA VAL H 515 -13.93 -13.04 -56.79
C VAL H 515 -14.16 -11.52 -56.49
N MET H 516 -13.50 -10.60 -57.22
CA MET H 516 -13.84 -9.18 -57.05
C MET H 516 -15.29 -8.94 -57.48
N MET H 517 -15.75 -9.72 -58.45
CA MET H 517 -17.13 -9.59 -58.91
C MET H 517 -18.12 -9.95 -57.77
N ILE H 518 -17.85 -11.05 -57.07
CA ILE H 518 -18.58 -11.37 -55.86
C ILE H 518 -18.45 -10.17 -54.91
N GLY H 519 -17.23 -9.63 -54.83
CA GLY H 519 -17.00 -8.40 -54.12
C GLY H 519 -18.05 -7.39 -54.52
N GLU H 520 -18.03 -7.02 -55.79
CA GLU H 520 -18.92 -6.00 -56.35
C GLU H 520 -20.40 -6.26 -56.05
N ARG H 521 -20.83 -7.52 -56.20
CA ARG H 521 -22.27 -7.82 -56.13
C ARG H 521 -22.77 -7.68 -54.71
N CYS H 522 -21.96 -8.13 -53.75
CA CYS H 522 -22.35 -8.11 -52.33
C CYS H 522 -22.60 -6.68 -51.92
N ALA H 523 -21.71 -5.80 -52.31
CA ALA H 523 -21.91 -4.38 -52.10
C ALA H 523 -23.29 -4.01 -52.62
N ASP H 524 -23.63 -4.52 -53.80
CA ASP H 524 -24.90 -4.17 -54.44
C ASP H 524 -26.09 -4.70 -53.68
N LEU H 525 -25.97 -5.95 -53.24
CA LEU H 525 -27.01 -6.56 -52.41
C LEU H 525 -27.30 -5.77 -51.15
N ILE H 526 -26.26 -5.28 -50.48
CA ILE H 526 -26.46 -4.64 -49.17
C ILE H 526 -27.15 -3.29 -49.36
N ARG H 527 -26.61 -2.46 -50.27
CA ARG H 527 -27.24 -1.19 -50.67
C ARG H 527 -28.65 -1.38 -51.23
N SER H 528 -29.00 -2.64 -51.46
CA SER H 528 -30.32 -3.03 -51.98
C SER H 528 -31.31 -3.18 -50.82
N ALA H 529 -30.99 -4.03 -49.84
CA ALA H 529 -31.79 -4.10 -48.60
C ALA H 529 -31.85 -2.73 -47.87
N ARG H 530 -30.81 -1.91 -48.05
CA ARG H 530 -30.73 -0.49 -47.64
C ARG H 530 -30.44 -0.27 -46.15
#